data_8AXV
#
_entry.id   8AXV
#
_cell.length_a   1.00
_cell.length_b   1.00
_cell.length_c   1.00
_cell.angle_alpha   90.00
_cell.angle_beta   90.00
_cell.angle_gamma   90.00
#
_symmetry.space_group_name_H-M   'P 1'
#
loop_
_entity.id
_entity.type
_entity.pdbx_description
1 polymer 'mRNA-capping enzyme nsP1'
2 non-polymer 'ZINC ION'
3 non-polymer 2-amino-7-methyl-1,7-dihydro-6H-purin-6-one
#
_entity_poly.entity_id   1
_entity_poly.type   'polypeptide(L)'
_entity_poly.pdbx_seq_one_letter_code
;MDPVYVDIDADSAFLKALQRAYPMFEVEPRQVTPNDHANARAFSHLAIKLIEQEIDPDSTILDIGSAPARRMMSDRKYHC
VCPMRSAEDPERLANYARKLASAAGKVLDRNISGKIGDLQAVMAVPDTETPTFCLHTDVSCRQRADVAIYQDVYAVHAPT
SLYHQAIKGVRLAYWVGFDTTPFMYNAMAGAYPSYSTNWADEQVLKAKNIGLCSTDLTEGRRGKLSIMRGKKLEPCDRVL
FSVGSTLYPESRKLLKSWHLPSVFHLKGKLSFTCRCDTVVSCEGYVVKRITMSPGLYGKTTGYAVTHHADGFLMCKTTDT
VDGERVSFSVCTYVPATICDQMTGILATEVTPEDAQKLLVGLNQRIVVNGRTQRNTNTMKNYMIPVVAQAFSKWAKECRK
DMEDEKLLGVRERTLTCCCLWAFKKQKTHTVYKRPDTQSIQKVQAEFDSFVVPSLWSSGLSIPLRTRIKWLLSKVPKTDL
TPYSGDAQEARDAEKEAEEEREAELTLEALPPLQAAQEDVQVEIDVEQLEDRAGA
;
_entity_poly.pdbx_strand_id   A,B,C,D,E,F,G,H,I,J,K,L
#
# COMPACT_ATOMS: atom_id res chain seq x y z
N PRO A 3 -47.57 -13.87 -36.93
CA PRO A 3 -46.52 -13.30 -37.79
C PRO A 3 -46.98 -12.06 -38.54
N VAL A 4 -46.48 -10.90 -38.14
CA VAL A 4 -46.82 -9.62 -38.76
C VAL A 4 -45.53 -8.90 -39.11
N TYR A 5 -45.56 -8.15 -40.21
CA TYR A 5 -44.38 -7.47 -40.74
C TYR A 5 -44.62 -5.97 -40.74
N VAL A 6 -43.67 -5.22 -40.17
CA VAL A 6 -43.79 -3.77 -40.09
C VAL A 6 -42.65 -3.14 -40.90
N ASP A 7 -42.79 -1.84 -41.14
CA ASP A 7 -41.87 -1.08 -41.99
C ASP A 7 -40.93 -0.20 -41.16
N ILE A 8 -40.48 -0.70 -40.02
CA ILE A 8 -39.60 0.04 -39.12
C ILE A 8 -38.35 -0.79 -38.85
N ASP A 9 -37.21 -0.13 -38.77
CA ASP A 9 -35.96 -0.82 -38.46
C ASP A 9 -36.02 -1.40 -37.06
N ALA A 10 -35.37 -2.54 -36.88
CA ALA A 10 -35.45 -3.29 -35.62
C ALA A 10 -34.83 -2.55 -34.44
N ASP A 11 -34.03 -1.52 -34.68
CA ASP A 11 -33.39 -0.78 -33.61
C ASP A 11 -34.26 0.36 -33.06
N SER A 12 -35.47 0.54 -33.59
CA SER A 12 -36.33 1.63 -33.18
C SER A 12 -37.23 1.22 -32.02
N ALA A 13 -37.39 2.12 -31.06
CA ALA A 13 -38.25 1.84 -29.90
C ALA A 13 -39.71 1.66 -30.31
N PHE A 14 -40.14 2.33 -31.38
CA PHE A 14 -41.54 2.23 -31.78
C PHE A 14 -41.92 0.80 -32.15
N LEU A 15 -40.96 -0.03 -32.55
CA LEU A 15 -41.28 -1.44 -32.77
C LEU A 15 -41.70 -2.12 -31.47
N LYS A 16 -40.98 -1.84 -30.37
CA LYS A 16 -41.39 -2.33 -29.06
C LYS A 16 -42.74 -1.75 -28.67
N ALA A 17 -42.95 -0.46 -28.93
CA ALA A 17 -44.23 0.15 -28.60
C ALA A 17 -45.37 -0.53 -29.34
N LEU A 18 -45.16 -0.84 -30.62
CA LEU A 18 -46.18 -1.54 -31.40
C LEU A 18 -46.42 -2.93 -30.85
N GLN A 19 -45.36 -3.68 -30.54
CA GLN A 19 -45.54 -4.99 -29.93
C GLN A 19 -46.40 -4.89 -28.68
N ARG A 20 -46.11 -3.92 -27.81
CA ARG A 20 -46.90 -3.75 -26.61
C ARG A 20 -48.36 -3.42 -26.95
N ALA A 21 -48.57 -2.58 -27.97
CA ALA A 21 -49.92 -2.15 -28.32
C ALA A 21 -50.68 -3.18 -29.15
N TYR A 22 -50.00 -4.19 -29.70
CA TYR A 22 -50.63 -5.22 -30.51
C TYR A 22 -50.19 -6.59 -30.03
N PRO A 23 -50.68 -7.02 -28.86
CA PRO A 23 -50.31 -8.35 -28.35
C PRO A 23 -50.72 -9.50 -29.27
N MET A 24 -51.86 -9.39 -29.94
CA MET A 24 -52.37 -10.51 -30.73
C MET A 24 -51.53 -10.79 -31.97
N PHE A 25 -50.60 -9.90 -32.32
CA PHE A 25 -49.77 -10.06 -33.51
C PHE A 25 -48.32 -10.15 -33.12
N GLU A 26 -47.58 -11.04 -33.78
CA GLU A 26 -46.13 -11.09 -33.67
C GLU A 26 -45.55 -10.16 -34.74
N VAL A 27 -44.99 -9.04 -34.31
CA VAL A 27 -44.55 -7.98 -35.18
C VAL A 27 -43.03 -8.03 -35.31
N GLU A 28 -42.55 -8.03 -36.55
CA GLU A 28 -41.11 -8.02 -36.82
C GLU A 28 -40.78 -6.89 -37.78
N PRO A 29 -39.62 -6.28 -37.64
CA PRO A 29 -39.26 -5.15 -38.50
C PRO A 29 -39.07 -5.57 -39.96
N ARG A 30 -39.46 -4.66 -40.87
CA ARG A 30 -39.06 -4.75 -42.28
C ARG A 30 -39.05 -3.33 -42.83
N GLN A 31 -37.89 -2.70 -42.85
CA GLN A 31 -37.74 -1.33 -43.31
C GLN A 31 -36.93 -1.28 -44.59
N VAL A 32 -37.44 -0.58 -45.60
CA VAL A 32 -36.65 -0.28 -46.78
C VAL A 32 -36.62 1.21 -47.04
N THR A 33 -37.78 1.79 -47.37
CA THR A 33 -37.86 3.19 -47.81
C THR A 33 -37.93 4.20 -46.67
N PRO A 34 -38.86 4.05 -45.74
CA PRO A 34 -39.20 5.15 -44.83
C PRO A 34 -38.37 5.21 -43.56
N ASN A 35 -38.20 6.44 -43.06
CA ASN A 35 -37.70 6.65 -41.71
C ASN A 35 -38.43 7.73 -40.94
N ASP A 36 -39.31 8.52 -41.57
CA ASP A 36 -40.04 9.59 -40.90
C ASP A 36 -41.46 9.18 -40.52
N HIS A 37 -42.27 8.78 -41.50
CA HIS A 37 -43.65 8.39 -41.27
C HIS A 37 -43.83 6.89 -41.10
N ALA A 38 -42.76 6.18 -40.74
CA ALA A 38 -42.88 4.74 -40.55
C ALA A 38 -43.79 4.39 -39.39
N ASN A 39 -43.75 5.19 -38.31
CA ASN A 39 -44.55 4.88 -37.13
C ASN A 39 -46.04 4.91 -37.45
N ALA A 40 -46.51 6.01 -38.04
CA ALA A 40 -47.93 6.14 -38.35
C ALA A 40 -48.37 5.10 -39.36
N ARG A 41 -47.55 4.86 -40.39
CA ARG A 41 -47.90 3.86 -41.39
C ARG A 41 -48.01 2.47 -40.77
N ALA A 42 -47.05 2.12 -39.89
CA ALA A 42 -47.08 0.82 -39.24
C ALA A 42 -48.32 0.68 -38.35
N PHE A 43 -48.63 1.72 -37.57
CA PHE A 43 -49.81 1.65 -36.71
C PHE A 43 -51.08 1.50 -37.54
N SER A 44 -51.19 2.26 -38.63
CA SER A 44 -52.38 2.15 -39.48
C SER A 44 -52.48 0.76 -40.12
N HIS A 45 -51.34 0.21 -40.57
CA HIS A 45 -51.36 -1.12 -41.17
C HIS A 45 -51.76 -2.18 -40.16
N LEU A 46 -51.22 -2.10 -38.94
CA LEU A 46 -51.59 -3.08 -37.92
C LEU A 46 -53.06 -2.95 -37.54
N ALA A 47 -53.56 -1.72 -37.44
CA ALA A 47 -54.98 -1.54 -37.16
C ALA A 47 -55.83 -2.12 -38.28
N ILE A 48 -55.43 -1.91 -39.53
CA ILE A 48 -56.18 -2.45 -40.66
C ILE A 48 -56.18 -3.97 -40.61
N LYS A 49 -55.03 -4.58 -40.30
CA LYS A 49 -54.95 -6.03 -40.21
C LYS A 49 -55.83 -6.56 -39.10
N LEU A 50 -55.80 -5.92 -37.93
CA LEU A 50 -56.62 -6.38 -36.82
C LEU A 50 -58.11 -6.26 -37.15
N ILE A 51 -58.50 -5.15 -37.80
CA ILE A 51 -59.89 -4.97 -38.20
C ILE A 51 -60.30 -6.05 -39.20
N GLU A 52 -59.44 -6.32 -40.18
CA GLU A 52 -59.75 -7.34 -41.17
C GLU A 52 -59.92 -8.70 -40.53
N GLN A 53 -59.03 -9.06 -39.60
CA GLN A 53 -59.10 -10.37 -38.98
C GLN A 53 -60.36 -10.54 -38.13
N GLU A 54 -60.96 -9.43 -37.70
CA GLU A 54 -62.12 -9.46 -36.82
C GLU A 54 -63.41 -9.02 -37.50
N ILE A 55 -63.56 -9.32 -38.79
CA ILE A 55 -64.77 -8.99 -39.53
C ILE A 55 -65.15 -10.17 -40.41
N ASP A 56 -66.39 -10.15 -40.89
CA ASP A 56 -66.86 -11.19 -41.80
C ASP A 56 -66.19 -11.04 -43.15
N PRO A 57 -65.48 -12.06 -43.65
CA PRO A 57 -64.83 -11.91 -44.96
C PRO A 57 -65.78 -11.63 -46.09
N ASP A 58 -67.05 -12.01 -45.95
CA ASP A 58 -68.06 -11.80 -46.98
C ASP A 58 -69.01 -10.66 -46.63
N SER A 59 -68.50 -9.62 -45.98
CA SER A 59 -69.29 -8.46 -45.59
C SER A 59 -68.75 -7.21 -46.28
N THR A 60 -69.63 -6.47 -46.92
CA THR A 60 -69.22 -5.23 -47.57
C THR A 60 -68.89 -4.16 -46.53
N ILE A 61 -67.75 -3.50 -46.70
CA ILE A 61 -67.22 -2.57 -45.73
C ILE A 61 -66.91 -1.24 -46.41
N LEU A 62 -67.36 -0.14 -45.80
CA LEU A 62 -67.01 1.18 -46.29
C LEU A 62 -65.58 1.53 -45.90
N ASP A 63 -65.03 2.54 -46.58
CA ASP A 63 -63.66 2.99 -46.35
C ASP A 63 -63.62 4.51 -46.29
N ILE A 64 -64.50 5.09 -45.46
CA ILE A 64 -64.67 6.54 -45.36
C ILE A 64 -63.32 7.25 -45.37
N GLY A 65 -62.35 6.71 -44.62
CA GLY A 65 -61.00 7.23 -44.70
C GLY A 65 -60.35 6.81 -45.99
N SER A 66 -60.87 7.31 -47.10
CA SER A 66 -60.55 6.78 -48.41
C SER A 66 -59.13 7.14 -48.83
N ALA A 67 -58.31 6.12 -49.00
CA ALA A 67 -57.00 6.23 -49.66
C ALA A 67 -56.92 5.11 -50.69
N PRO A 68 -57.69 5.23 -51.78
CA PRO A 68 -57.83 4.07 -52.69
C PRO A 68 -56.52 3.55 -53.23
N ALA A 69 -55.50 4.41 -53.35
CA ALA A 69 -54.20 3.93 -53.78
C ALA A 69 -53.68 2.82 -52.87
N ARG A 70 -53.94 2.95 -51.56
CA ARG A 70 -53.50 1.92 -50.62
C ARG A 70 -54.18 0.58 -50.89
N ARG A 71 -55.50 0.60 -51.11
CA ARG A 71 -56.28 -0.63 -51.27
C ARG A 71 -56.02 -1.22 -52.65
N MET A 72 -54.92 -1.95 -52.76
CA MET A 72 -54.58 -2.68 -53.97
C MET A 72 -54.36 -4.16 -53.67
N MET A 73 -54.10 -4.48 -52.40
CA MET A 73 -53.93 -5.86 -51.97
C MET A 73 -55.10 -6.39 -51.16
N SER A 74 -55.88 -5.51 -50.55
CA SER A 74 -57.04 -5.94 -49.78
C SER A 74 -58.06 -6.63 -50.69
N ASP A 75 -58.24 -7.93 -50.49
CA ASP A 75 -59.17 -8.71 -51.29
C ASP A 75 -60.60 -8.61 -50.80
N ARG A 76 -60.83 -7.91 -49.69
CA ARG A 76 -62.18 -7.79 -49.14
C ARG A 76 -62.99 -6.76 -49.93
N LYS A 77 -64.30 -6.82 -49.76
CA LYS A 77 -65.22 -5.94 -50.47
C LYS A 77 -65.07 -4.52 -49.91
N TYR A 78 -64.29 -3.69 -50.59
CA TYR A 78 -64.00 -2.33 -50.17
C TYR A 78 -64.77 -1.35 -51.03
N HIS A 79 -65.46 -0.41 -50.39
CA HIS A 79 -66.18 0.67 -51.07
C HIS A 79 -65.56 1.99 -50.61
N CYS A 80 -64.49 2.41 -51.27
CA CYS A 80 -63.83 3.66 -50.93
C CYS A 80 -64.74 4.83 -51.22
N VAL A 81 -64.74 5.82 -50.31
CA VAL A 81 -65.57 7.01 -50.44
C VAL A 81 -64.63 8.21 -50.51
N CYS A 82 -64.55 8.83 -51.68
CA CYS A 82 -63.68 9.98 -51.89
C CYS A 82 -64.53 11.21 -52.19
N PRO A 83 -64.88 12.01 -51.17
CA PRO A 83 -65.77 13.16 -51.42
C PRO A 83 -65.18 14.22 -52.33
N MET A 84 -63.86 14.23 -52.52
CA MET A 84 -63.20 15.27 -53.32
C MET A 84 -63.43 16.65 -52.71
N ARG A 85 -62.98 16.80 -51.47
CA ARG A 85 -63.14 18.04 -50.72
C ARG A 85 -61.87 18.86 -50.58
N SER A 86 -60.72 18.20 -50.48
CA SER A 86 -59.46 18.89 -50.27
C SER A 86 -58.73 19.12 -51.60
N ALA A 87 -57.60 19.83 -51.51
CA ALA A 87 -56.79 20.08 -52.70
C ALA A 87 -56.01 18.84 -53.11
N GLU A 88 -55.69 17.97 -52.16
CA GLU A 88 -54.87 16.78 -52.42
C GLU A 88 -55.66 15.64 -53.05
N ASP A 89 -56.98 15.58 -52.85
CA ASP A 89 -57.74 14.42 -53.30
C ASP A 89 -57.47 14.06 -54.75
N PRO A 90 -57.47 15.00 -55.70
CA PRO A 90 -57.12 14.64 -57.08
C PRO A 90 -55.78 13.97 -57.20
N GLU A 91 -54.73 14.52 -56.58
CA GLU A 91 -53.42 13.88 -56.61
C GLU A 91 -53.53 12.39 -56.32
N ARG A 92 -54.03 12.03 -55.13
CA ARG A 92 -54.32 10.64 -54.82
C ARG A 92 -55.03 9.97 -55.99
N LEU A 93 -56.21 10.48 -56.35
CA LEU A 93 -56.94 9.93 -57.50
C LEU A 93 -55.99 9.64 -58.65
N ALA A 94 -55.23 10.65 -59.08
CA ALA A 94 -54.30 10.46 -60.19
C ALA A 94 -53.48 9.20 -60.00
N ASN A 95 -52.69 9.14 -58.94
CA ASN A 95 -51.83 7.97 -58.77
C ASN A 95 -52.67 6.70 -58.71
N TYR A 96 -53.79 6.75 -57.98
CA TYR A 96 -54.70 5.61 -57.98
C TYR A 96 -54.94 5.10 -59.40
N ALA A 97 -55.45 5.98 -60.27
CA ALA A 97 -55.66 5.56 -61.65
C ALA A 97 -54.37 5.00 -62.25
N ARG A 98 -53.27 5.74 -62.14
CA ARG A 98 -52.00 5.24 -62.64
C ARG A 98 -51.70 3.86 -62.06
N LYS A 99 -51.85 3.71 -60.75
CA LYS A 99 -51.58 2.40 -60.15
C LYS A 99 -52.46 1.33 -60.76
N LEU A 100 -53.75 1.63 -60.95
CA LEU A 100 -54.62 0.68 -61.63
C LEU A 100 -54.05 0.31 -62.99
N ALA A 101 -53.64 1.32 -63.77
CA ALA A 101 -53.02 1.04 -65.05
C ALA A 101 -51.76 0.19 -64.86
N SER A 102 -50.96 0.52 -63.85
CA SER A 102 -49.77 -0.28 -63.57
C SER A 102 -50.15 -1.73 -63.29
N ALA A 103 -51.30 -1.94 -62.64
CA ALA A 103 -51.77 -3.31 -62.38
C ALA A 103 -52.72 -3.80 -63.46
N ALA A 104 -53.04 -2.98 -64.46
CA ALA A 104 -54.02 -3.39 -65.46
C ALA A 104 -53.52 -4.55 -66.31
N GLY A 105 -52.22 -4.79 -66.35
CA GLY A 105 -51.68 -5.88 -67.15
C GLY A 105 -50.59 -6.67 -66.46
N LYS A 106 -50.64 -6.74 -65.14
CA LYS A 106 -49.64 -7.49 -64.36
C LYS A 106 -50.26 -8.70 -63.66
N VAL A 107 -51.29 -8.50 -62.85
CA VAL A 107 -51.87 -9.58 -62.05
C VAL A 107 -53.38 -9.57 -62.23
N LEU A 108 -53.98 -10.75 -62.01
CA LEU A 108 -55.42 -10.93 -62.13
C LEU A 108 -55.98 -11.62 -60.89
N ASP A 109 -55.53 -11.19 -59.71
CA ASP A 109 -56.01 -11.75 -58.45
C ASP A 109 -56.70 -10.74 -57.55
N ARG A 110 -56.48 -9.44 -57.76
CA ARG A 110 -57.04 -8.41 -56.89
C ARG A 110 -58.24 -7.70 -57.51
N ASN A 111 -58.82 -8.25 -58.57
CA ASN A 111 -59.99 -7.67 -59.22
C ASN A 111 -59.65 -6.29 -59.79
N ILE A 112 -58.59 -6.25 -60.60
CA ILE A 112 -58.17 -5.01 -61.22
C ILE A 112 -59.19 -4.54 -62.25
N SER A 113 -59.76 -5.48 -63.01
CA SER A 113 -60.76 -5.11 -64.01
C SER A 113 -61.98 -4.48 -63.37
N GLY A 114 -62.42 -5.02 -62.22
CA GLY A 114 -63.53 -4.42 -61.51
C GLY A 114 -63.24 -3.00 -61.08
N LYS A 115 -62.03 -2.76 -60.53
CA LYS A 115 -61.67 -1.42 -60.10
C LYS A 115 -61.65 -0.45 -61.29
N ILE A 116 -61.05 -0.88 -62.40
CA ILE A 116 -60.96 0.01 -63.56
C ILE A 116 -62.34 0.31 -64.12
N GLY A 117 -63.21 -0.71 -64.20
CA GLY A 117 -64.56 -0.47 -64.67
C GLY A 117 -65.35 0.45 -63.76
N ASP A 118 -65.19 0.27 -62.45
CA ASP A 118 -65.86 1.15 -61.50
C ASP A 118 -65.39 2.59 -61.66
N LEU A 119 -64.08 2.79 -61.82
CA LEU A 119 -63.57 4.15 -62.01
C LEU A 119 -64.08 4.74 -63.32
N GLN A 120 -64.13 3.95 -64.39
CA GLN A 120 -64.65 4.45 -65.65
C GLN A 120 -66.12 4.84 -65.53
N ALA A 121 -66.91 4.02 -64.84
CA ALA A 121 -68.32 4.35 -64.64
C ALA A 121 -68.46 5.63 -63.82
N VAL A 122 -67.64 5.80 -62.78
CA VAL A 122 -67.68 7.02 -61.99
C VAL A 122 -67.34 8.23 -62.84
N MET A 123 -66.30 8.11 -63.68
CA MET A 123 -65.91 9.21 -64.54
C MET A 123 -67.02 9.56 -65.52
N ALA A 124 -67.69 8.56 -66.09
CA ALA A 124 -68.79 8.83 -67.00
C ALA A 124 -69.91 9.60 -66.30
N VAL A 125 -70.25 9.21 -65.08
CA VAL A 125 -71.27 9.90 -64.29
C VAL A 125 -70.80 9.98 -62.85
N PRO A 126 -70.55 11.19 -62.32
CA PRO A 126 -70.00 11.30 -60.96
C PRO A 126 -70.86 10.65 -59.89
N ASP A 127 -72.18 10.71 -60.02
CA ASP A 127 -73.09 10.26 -58.98
C ASP A 127 -73.36 8.76 -59.02
N THR A 128 -72.52 7.98 -59.70
CA THR A 128 -72.67 6.53 -59.70
C THR A 128 -72.44 5.98 -58.30
N GLU A 129 -73.10 4.85 -58.02
CA GLU A 129 -72.98 4.17 -56.74
C GLU A 129 -72.20 2.87 -56.89
N THR A 130 -71.12 2.90 -57.67
CA THR A 130 -70.37 1.70 -57.97
C THR A 130 -69.80 1.11 -56.68
N PRO A 131 -69.64 -0.23 -56.63
CA PRO A 131 -69.30 -0.87 -55.35
C PRO A 131 -68.01 -0.36 -54.71
N THR A 132 -66.98 -0.06 -55.51
CA THR A 132 -65.66 0.24 -54.97
C THR A 132 -65.21 1.67 -55.26
N PHE A 133 -66.15 2.61 -55.36
CA PHE A 133 -65.76 4.00 -55.55
C PHE A 133 -67.02 4.86 -55.53
N CYS A 134 -66.85 6.11 -55.11
CA CYS A 134 -67.93 7.08 -55.12
C CYS A 134 -67.33 8.47 -54.99
N LEU A 135 -68.17 9.49 -55.19
CA LEU A 135 -67.79 10.89 -55.09
C LEU A 135 -68.74 11.64 -54.18
N HIS A 136 -69.20 10.98 -53.11
CA HIS A 136 -70.12 11.56 -52.16
C HIS A 136 -69.52 11.53 -50.76
N THR A 137 -69.86 12.54 -49.96
CA THR A 137 -69.45 12.53 -48.57
C THR A 137 -70.13 11.37 -47.84
N ASP A 138 -69.50 10.94 -46.75
CA ASP A 138 -70.06 9.84 -45.97
C ASP A 138 -71.51 10.12 -45.59
N VAL A 139 -71.84 11.39 -45.33
CA VAL A 139 -73.23 11.76 -45.09
C VAL A 139 -74.08 11.49 -46.33
N SER A 140 -73.56 11.85 -47.51
CA SER A 140 -74.33 11.77 -48.75
C SER A 140 -74.12 10.47 -49.50
N CYS A 141 -73.27 9.56 -49.02
CA CYS A 141 -73.06 8.30 -49.71
C CYS A 141 -74.32 7.47 -49.69
N ARG A 142 -74.47 6.61 -50.71
CA ARG A 142 -75.66 5.78 -50.86
C ARG A 142 -75.38 4.28 -50.83
N GLN A 143 -74.15 3.85 -51.06
CA GLN A 143 -73.83 2.42 -51.03
C GLN A 143 -74.11 1.86 -49.64
N ARG A 144 -74.59 0.62 -49.60
CA ARG A 144 -74.98 -0.04 -48.37
C ARG A 144 -73.98 -1.15 -48.04
N ALA A 145 -73.52 -1.19 -46.81
CA ALA A 145 -72.53 -2.17 -46.37
C ALA A 145 -72.91 -2.64 -44.97
N ASP A 146 -71.99 -3.37 -44.34
CA ASP A 146 -72.22 -3.91 -43.00
C ASP A 146 -71.33 -3.24 -41.95
N VAL A 147 -70.02 -3.24 -42.16
CA VAL A 147 -69.08 -2.64 -41.22
C VAL A 147 -68.32 -1.53 -41.94
N ALA A 148 -68.30 -0.35 -41.34
CA ALA A 148 -67.63 0.82 -41.89
C ALA A 148 -66.39 1.16 -41.08
N ILE A 149 -65.29 1.45 -41.77
CA ILE A 149 -64.02 1.76 -41.14
C ILE A 149 -63.63 3.18 -41.53
N TYR A 150 -63.29 3.99 -40.53
CA TYR A 150 -62.73 5.32 -40.75
C TYR A 150 -61.21 5.27 -40.67
N GLN A 151 -60.58 6.35 -41.11
CA GLN A 151 -59.11 6.43 -41.07
C GLN A 151 -58.73 7.90 -41.14
N ASP A 152 -58.10 8.41 -40.08
CA ASP A 152 -57.62 9.78 -40.02
C ASP A 152 -58.69 10.76 -40.49
N VAL A 153 -59.84 10.71 -39.81
CA VAL A 153 -60.99 11.55 -40.12
C VAL A 153 -61.25 12.41 -38.88
N TYR A 154 -60.70 13.61 -38.87
CA TYR A 154 -60.84 14.53 -37.74
C TYR A 154 -61.56 15.81 -38.16
N ALA A 155 -62.50 15.71 -39.10
CA ALA A 155 -63.20 16.89 -39.59
C ALA A 155 -64.70 16.70 -39.72
N VAL A 156 -65.24 15.53 -39.38
CA VAL A 156 -66.66 15.24 -39.53
C VAL A 156 -67.23 14.91 -38.15
N HIS A 157 -68.39 15.48 -37.84
CA HIS A 157 -69.07 15.16 -36.59
C HIS A 157 -69.29 13.65 -36.50
N ALA A 158 -68.74 13.03 -35.46
CA ALA A 158 -68.85 11.59 -35.32
C ALA A 158 -70.29 11.12 -35.20
N PRO A 159 -71.13 11.70 -34.35
CA PRO A 159 -72.52 11.23 -34.27
C PRO A 159 -73.25 11.29 -35.59
N THR A 160 -73.07 12.36 -36.37
CA THR A 160 -73.82 12.51 -37.61
C THR A 160 -73.37 11.49 -38.65
N SER A 161 -72.06 11.33 -38.82
CA SER A 161 -71.56 10.34 -39.77
C SER A 161 -71.99 8.93 -39.37
N LEU A 162 -71.89 8.61 -38.07
CA LEU A 162 -72.28 7.28 -37.62
C LEU A 162 -73.77 7.05 -37.83
N TYR A 163 -74.60 8.06 -37.59
CA TYR A 163 -76.04 7.95 -37.79
C TYR A 163 -76.35 7.72 -39.26
N HIS A 164 -75.75 8.53 -40.15
CA HIS A 164 -76.02 8.38 -41.57
C HIS A 164 -75.44 7.11 -42.14
N GLN A 165 -74.50 6.49 -41.42
CA GLN A 165 -74.02 5.17 -41.84
C GLN A 165 -74.94 4.06 -41.32
N ALA A 166 -75.50 4.25 -40.12
CA ALA A 166 -76.43 3.28 -39.57
C ALA A 166 -77.70 3.20 -40.41
N ILE A 167 -78.24 4.36 -40.81
CA ILE A 167 -79.43 4.34 -41.66
C ILE A 167 -79.16 3.60 -42.95
N LYS A 168 -77.90 3.52 -43.37
CA LYS A 168 -77.49 2.70 -44.49
C LYS A 168 -77.09 1.30 -44.06
N GLY A 169 -77.58 0.84 -42.91
CA GLY A 169 -77.28 -0.49 -42.42
C GLY A 169 -75.84 -0.71 -41.99
N VAL A 170 -75.26 0.24 -41.25
CA VAL A 170 -73.91 0.10 -40.71
C VAL A 170 -74.08 -0.24 -39.22
N ARG A 171 -73.72 -1.47 -38.86
CA ARG A 171 -73.85 -1.94 -37.49
C ARG A 171 -72.53 -1.86 -36.71
N LEU A 172 -71.41 -1.76 -37.41
CA LEU A 172 -70.10 -1.71 -36.77
C LEU A 172 -69.25 -0.69 -37.50
N ALA A 173 -68.45 0.06 -36.73
CA ALA A 173 -67.56 1.06 -37.31
C ALA A 173 -66.27 1.10 -36.51
N TYR A 174 -65.18 1.41 -37.21
CA TYR A 174 -63.88 1.57 -36.58
C TYR A 174 -63.33 2.94 -36.92
N TRP A 175 -62.43 3.43 -36.08
CA TRP A 175 -61.88 4.78 -36.19
C TRP A 175 -60.44 4.75 -35.71
N VAL A 176 -59.50 4.70 -36.66
CA VAL A 176 -58.08 4.78 -36.37
C VAL A 176 -57.66 6.24 -36.48
N GLY A 177 -57.05 6.77 -35.43
CA GLY A 177 -56.68 8.16 -35.45
C GLY A 177 -55.83 8.57 -34.28
N PHE A 178 -55.76 9.87 -34.05
CA PHE A 178 -55.00 10.42 -32.93
C PHE A 178 -55.86 10.39 -31.67
N ASP A 179 -55.23 10.05 -30.54
CA ASP A 179 -55.93 10.07 -29.27
C ASP A 179 -56.53 11.45 -29.02
N THR A 180 -57.78 11.47 -28.61
CA THR A 180 -58.52 12.72 -28.40
C THR A 180 -58.43 13.23 -26.97
N THR A 181 -57.63 12.59 -26.12
CA THR A 181 -57.48 13.06 -24.75
C THR A 181 -56.98 14.49 -24.66
N PRO A 182 -55.97 14.91 -25.44
CA PRO A 182 -55.49 16.29 -25.31
C PRO A 182 -56.56 17.34 -25.59
N PHE A 183 -57.59 17.02 -26.37
CA PHE A 183 -58.64 17.97 -26.66
C PHE A 183 -59.80 17.91 -25.67
N MET A 184 -59.97 16.78 -24.99
CA MET A 184 -60.91 16.72 -23.88
C MET A 184 -60.38 17.42 -22.64
N TYR A 185 -59.06 17.51 -22.50
CA TYR A 185 -58.41 18.29 -21.46
C TYR A 185 -58.20 19.74 -21.86
N ASN A 186 -58.50 20.08 -23.11
CA ASN A 186 -58.42 21.47 -23.60
C ASN A 186 -57.01 22.04 -23.45
N ALA A 187 -56.07 21.41 -24.13
CA ALA A 187 -54.71 21.91 -24.22
C ALA A 187 -54.58 22.87 -25.38
N MET A 188 -53.84 23.96 -25.17
CA MET A 188 -53.61 24.92 -26.25
C MET A 188 -52.72 24.34 -27.32
N ALA A 189 -51.60 23.74 -26.92
CA ALA A 189 -50.66 23.11 -27.84
C ALA A 189 -50.32 21.72 -27.33
N GLY A 190 -49.80 20.88 -28.22
CA GLY A 190 -49.43 19.54 -27.82
C GLY A 190 -48.60 18.86 -28.88
N ALA A 191 -48.06 17.70 -28.50
CA ALA A 191 -47.19 16.94 -29.38
C ALA A 191 -47.55 15.46 -29.32
N TYR A 192 -47.19 14.74 -30.37
CA TYR A 192 -47.28 13.28 -30.42
C TYR A 192 -45.88 12.78 -30.79
N PRO A 193 -44.89 13.00 -29.92
CA PRO A 193 -43.49 12.87 -30.34
C PRO A 193 -43.06 11.43 -30.52
N SER A 194 -43.91 10.65 -31.17
CA SER A 194 -43.52 9.37 -31.76
C SER A 194 -44.07 9.17 -33.16
N TYR A 195 -45.05 9.97 -33.58
CA TYR A 195 -45.54 10.00 -34.95
C TYR A 195 -45.11 11.28 -35.67
N SER A 196 -44.12 11.98 -35.14
CA SER A 196 -43.59 13.19 -35.76
C SER A 196 -44.68 14.22 -36.01
N THR A 197 -45.56 14.40 -35.01
CA THR A 197 -46.67 15.32 -35.13
C THR A 197 -46.64 16.33 -33.99
N ASN A 198 -46.95 17.57 -34.32
CA ASN A 198 -47.23 18.61 -33.34
C ASN A 198 -48.56 19.25 -33.69
N TRP A 199 -49.12 19.99 -32.74
CA TRP A 199 -50.33 20.76 -33.04
C TRP A 199 -50.40 21.94 -32.10
N ALA A 200 -51.00 23.02 -32.60
CA ALA A 200 -51.14 24.22 -31.80
C ALA A 200 -52.43 24.94 -32.15
N ASP A 201 -52.99 25.62 -31.16
CA ASP A 201 -54.11 26.51 -31.39
C ASP A 201 -53.64 27.73 -32.17
N GLU A 202 -54.46 28.18 -33.12
CA GLU A 202 -54.09 29.29 -33.98
C GLU A 202 -53.65 30.52 -33.19
N GLN A 203 -54.00 30.60 -31.91
CA GLN A 203 -53.64 31.74 -31.08
C GLN A 203 -52.24 31.66 -30.51
N VAL A 204 -51.56 30.53 -30.70
CA VAL A 204 -50.21 30.35 -30.18
C VAL A 204 -49.22 29.99 -31.29
N LEU A 205 -49.59 30.23 -32.54
CA LEU A 205 -48.73 29.91 -33.66
C LEU A 205 -47.49 30.79 -33.70
N LYS A 206 -47.51 31.93 -33.00
CA LYS A 206 -46.36 32.83 -32.93
C LYS A 206 -45.69 32.79 -31.57
N ALA A 207 -45.70 31.62 -30.93
CA ALA A 207 -45.01 31.41 -29.66
C ALA A 207 -43.58 30.98 -29.92
N LYS A 208 -42.76 30.98 -28.87
CA LYS A 208 -41.32 30.76 -29.01
C LYS A 208 -40.92 29.29 -28.88
N ASN A 209 -41.41 28.59 -27.86
CA ASN A 209 -40.79 27.34 -27.43
C ASN A 209 -41.56 26.09 -27.83
N ILE A 210 -42.86 26.18 -28.10
CA ILE A 210 -43.60 24.96 -28.45
C ILE A 210 -43.08 24.40 -29.77
N GLY A 211 -43.45 23.15 -30.04
CA GLY A 211 -42.91 22.44 -31.18
C GLY A 211 -43.54 22.78 -32.52
N LEU A 212 -44.54 23.64 -32.54
CA LEU A 212 -45.14 24.13 -33.79
C LEU A 212 -45.40 25.62 -33.62
N CYS A 213 -44.42 26.44 -33.99
CA CYS A 213 -44.52 27.88 -33.84
C CYS A 213 -43.40 28.54 -34.62
N SER A 214 -43.49 29.87 -34.73
CA SER A 214 -42.43 30.66 -35.36
C SER A 214 -42.53 32.06 -34.80
N THR A 215 -41.59 32.42 -33.92
CA THR A 215 -41.58 33.75 -33.33
C THR A 215 -40.68 34.67 -34.16
N ASP A 216 -40.64 35.94 -33.79
CA ASP A 216 -39.84 36.94 -34.48
C ASP A 216 -38.85 37.55 -33.51
N LEU A 217 -37.65 37.86 -34.01
CA LEU A 217 -36.57 38.39 -33.18
C LEU A 217 -36.80 39.89 -32.97
N THR A 218 -37.82 40.19 -32.17
CA THR A 218 -38.17 41.56 -31.86
C THR A 218 -37.27 42.11 -30.76
N GLU A 219 -37.14 43.43 -30.74
CA GLU A 219 -36.36 44.13 -29.72
C GLU A 219 -37.19 44.49 -28.51
N GLY A 220 -38.47 44.09 -28.47
CA GLY A 220 -39.34 44.44 -27.37
C GLY A 220 -39.92 45.83 -27.50
N ARG A 221 -40.59 46.25 -26.44
CA ARG A 221 -41.23 47.56 -26.39
C ARG A 221 -41.62 47.93 -24.97
N GLY A 230 -57.82 42.05 -26.63
CA GLY A 230 -58.37 40.92 -25.89
C GLY A 230 -57.45 40.43 -24.80
N LYS A 231 -57.96 40.40 -23.56
CA LYS A 231 -57.20 39.93 -22.41
C LYS A 231 -57.61 38.52 -21.98
N LYS A 232 -58.02 37.66 -22.91
CA LYS A 232 -58.47 36.31 -22.58
C LYS A 232 -57.95 35.35 -23.65
N LEU A 233 -56.90 34.61 -23.31
CA LEU A 233 -56.34 33.60 -24.21
C LEU A 233 -56.91 32.25 -23.81
N GLU A 234 -57.87 31.76 -24.60
CA GLU A 234 -58.48 30.47 -24.38
C GLU A 234 -58.50 29.67 -25.68
N PRO A 235 -58.50 28.35 -25.59
CA PRO A 235 -58.52 27.54 -26.82
C PRO A 235 -59.72 27.89 -27.68
N CYS A 236 -59.49 27.93 -28.99
CA CYS A 236 -60.55 28.14 -29.96
C CYS A 236 -60.64 26.92 -30.87
N ASP A 237 -61.69 26.93 -31.71
CA ASP A 237 -62.02 25.73 -32.46
C ASP A 237 -60.92 25.34 -33.44
N ARG A 238 -60.32 26.32 -34.10
CA ARG A 238 -59.35 26.04 -35.15
C ARG A 238 -57.98 25.74 -34.55
N VAL A 239 -57.46 24.54 -34.85
CA VAL A 239 -56.12 24.15 -34.45
C VAL A 239 -55.40 23.62 -35.68
N LEU A 240 -54.08 23.61 -35.61
CA LEU A 240 -53.24 23.19 -36.72
C LEU A 240 -52.42 21.99 -36.31
N PHE A 241 -52.39 20.97 -37.17
CA PHE A 241 -51.60 19.77 -36.99
C PHE A 241 -50.47 19.74 -38.01
N SER A 242 -49.23 19.74 -37.53
CA SER A 242 -48.07 19.53 -38.39
C SER A 242 -47.65 18.08 -38.21
N VAL A 243 -48.07 17.23 -39.15
CA VAL A 243 -47.64 15.85 -39.21
C VAL A 243 -46.37 15.83 -40.05
N GLY A 244 -45.22 15.77 -39.39
CA GLY A 244 -43.96 15.94 -40.08
C GLY A 244 -43.88 17.31 -40.71
N SER A 245 -43.95 17.36 -42.04
CA SER A 245 -43.94 18.63 -42.76
C SER A 245 -45.28 18.95 -43.40
N THR A 246 -46.31 18.15 -43.13
CA THR A 246 -47.63 18.37 -43.72
C THR A 246 -48.53 19.09 -42.72
N LEU A 247 -49.39 19.96 -43.24
CA LEU A 247 -50.27 20.77 -42.41
C LEU A 247 -51.72 20.32 -42.56
N TYR A 248 -52.44 20.30 -41.44
CA TYR A 248 -53.84 19.89 -41.39
C TYR A 248 -54.61 20.84 -40.48
N PRO A 249 -55.49 21.68 -41.01
CA PRO A 249 -56.33 22.53 -40.16
C PRO A 249 -57.53 21.75 -39.66
N GLU A 250 -57.54 21.45 -38.36
CA GLU A 250 -58.59 20.67 -37.74
C GLU A 250 -59.41 21.54 -36.78
N SER A 251 -60.53 20.97 -36.35
CA SER A 251 -61.51 21.66 -35.50
C SER A 251 -61.56 20.99 -34.14
N ARG A 252 -61.51 21.82 -33.08
CA ARG A 252 -61.63 21.28 -31.73
C ARG A 252 -62.95 20.56 -31.53
N LYS A 253 -64.06 21.17 -31.97
CA LYS A 253 -65.37 20.60 -31.71
C LYS A 253 -65.57 19.30 -32.46
N LEU A 254 -64.96 19.16 -33.63
CA LEU A 254 -65.03 17.90 -34.36
C LEU A 254 -63.92 16.93 -33.95
N LEU A 255 -62.96 17.38 -33.16
CA LEU A 255 -62.05 16.44 -32.49
C LEU A 255 -62.64 15.96 -31.18
N LYS A 256 -63.26 16.86 -30.42
CA LYS A 256 -64.02 16.45 -29.24
C LYS A 256 -65.39 15.98 -29.68
N SER A 257 -65.41 15.11 -30.71
CA SER A 257 -66.62 14.43 -31.14
C SER A 257 -66.42 12.94 -31.37
N TRP A 258 -65.20 12.47 -31.61
CA TRP A 258 -64.88 11.06 -31.67
C TRP A 258 -64.41 10.53 -30.32
N HIS A 259 -64.35 11.39 -29.30
CA HIS A 259 -64.19 10.96 -27.91
C HIS A 259 -65.55 10.54 -27.36
N LEU A 260 -66.07 9.48 -27.95
CA LEU A 260 -67.45 9.08 -27.67
C LEU A 260 -67.53 8.38 -26.32
N PRO A 261 -68.63 8.54 -25.59
CA PRO A 261 -68.80 7.82 -24.32
C PRO A 261 -68.90 6.32 -24.56
N SER A 262 -68.85 5.57 -23.46
CA SER A 262 -68.90 4.12 -23.56
C SER A 262 -70.23 3.65 -24.16
N VAL A 263 -71.34 4.27 -23.74
CA VAL A 263 -72.65 3.99 -24.29
C VAL A 263 -73.32 5.32 -24.62
N PHE A 264 -73.78 5.46 -25.86
CA PHE A 264 -74.45 6.67 -26.31
C PHE A 264 -75.62 6.32 -27.22
N HIS A 265 -76.64 7.18 -27.18
CA HIS A 265 -77.88 6.96 -27.91
C HIS A 265 -77.98 7.93 -29.07
N LEU A 266 -78.27 7.40 -30.26
CA LEU A 266 -78.55 8.21 -31.45
C LEU A 266 -80.04 8.11 -31.72
N LYS A 267 -80.78 9.15 -31.32
CA LYS A 267 -82.24 9.16 -31.36
C LYS A 267 -82.70 10.08 -32.48
N GLY A 268 -83.20 9.48 -33.56
CA GLY A 268 -83.76 10.24 -34.68
C GLY A 268 -84.94 9.50 -35.26
N LYS A 269 -85.03 9.50 -36.59
CA LYS A 269 -86.06 8.70 -37.24
C LYS A 269 -85.86 7.22 -36.93
N LEU A 270 -84.62 6.77 -36.92
CA LEU A 270 -84.26 5.44 -36.44
C LEU A 270 -83.43 5.61 -35.17
N SER A 271 -83.87 4.98 -34.08
CA SER A 271 -83.17 5.09 -32.81
C SER A 271 -82.15 3.96 -32.68
N PHE A 272 -81.02 4.28 -32.06
CA PHE A 272 -79.94 3.31 -31.89
C PHE A 272 -79.25 3.54 -30.55
N THR A 273 -78.73 2.45 -29.99
CA THR A 273 -77.83 2.48 -28.85
C THR A 273 -76.49 1.93 -29.31
N CYS A 274 -75.40 2.62 -28.94
CA CYS A 274 -74.08 2.31 -29.48
C CYS A 274 -73.05 2.33 -28.37
N ARG A 275 -72.02 1.50 -28.53
CA ARG A 275 -70.92 1.43 -27.57
C ARG A 275 -69.60 1.69 -28.30
N CYS A 276 -68.80 2.59 -27.75
CA CYS A 276 -67.46 2.86 -28.25
C CYS A 276 -66.44 2.38 -27.22
N ASP A 277 -65.55 1.48 -27.65
CA ASP A 277 -64.52 0.94 -26.77
C ASP A 277 -63.18 1.00 -27.48
N THR A 278 -62.22 1.71 -26.88
CA THR A 278 -60.89 1.86 -27.47
C THR A 278 -60.15 0.53 -27.38
N VAL A 279 -59.91 -0.09 -28.54
CA VAL A 279 -59.28 -1.41 -28.58
C VAL A 279 -57.77 -1.30 -28.49
N VAL A 280 -57.16 -0.47 -29.33
CA VAL A 280 -55.70 -0.34 -29.40
C VAL A 280 -55.33 1.09 -29.08
N SER A 281 -54.21 1.26 -28.38
CA SER A 281 -53.70 2.57 -27.97
C SER A 281 -52.18 2.51 -27.92
N CYS A 282 -51.53 3.36 -28.70
CA CYS A 282 -50.07 3.35 -28.81
C CYS A 282 -49.55 4.78 -28.90
N GLU A 283 -48.98 5.27 -27.80
CA GLU A 283 -48.17 6.49 -27.79
C GLU A 283 -48.91 7.71 -28.37
N GLY A 284 -50.23 7.62 -28.51
CA GLY A 284 -50.97 8.76 -29.02
C GLY A 284 -52.02 8.36 -30.04
N TYR A 285 -51.74 7.32 -30.80
CA TYR A 285 -52.74 6.79 -31.72
C TYR A 285 -53.69 5.86 -30.99
N VAL A 286 -54.93 5.81 -31.48
CA VAL A 286 -55.97 4.96 -30.92
C VAL A 286 -56.77 4.35 -32.05
N VAL A 287 -57.40 3.21 -31.74
CA VAL A 287 -58.27 2.51 -32.69
C VAL A 287 -59.59 2.27 -31.95
N LYS A 288 -60.52 3.21 -32.09
CA LYS A 288 -61.82 3.11 -31.44
C LYS A 288 -62.75 2.22 -32.25
N ARG A 289 -63.66 1.55 -31.56
CA ARG A 289 -64.65 0.69 -32.18
C ARG A 289 -66.03 1.06 -31.64
N ILE A 290 -66.95 1.39 -32.54
CA ILE A 290 -68.29 1.80 -32.18
C ILE A 290 -69.27 0.79 -32.79
N THR A 291 -70.08 0.17 -31.95
CA THR A 291 -71.11 -0.75 -32.40
C THR A 291 -72.45 -0.02 -32.41
N MET A 292 -73.10 -0.01 -33.57
CA MET A 292 -74.34 0.73 -33.77
C MET A 292 -75.48 -0.27 -33.91
N SER A 293 -76.53 -0.08 -33.10
CA SER A 293 -77.66 -0.99 -33.11
C SER A 293 -78.95 -0.23 -32.83
N PRO A 294 -80.04 -0.54 -33.54
CA PRO A 294 -81.30 0.15 -33.32
C PRO A 294 -81.88 -0.17 -31.94
N GLY A 295 -82.75 0.72 -31.48
CA GLY A 295 -83.39 0.57 -30.18
C GLY A 295 -82.54 1.13 -29.06
N LEU A 296 -83.12 1.14 -27.88
CA LEU A 296 -82.46 1.61 -26.66
C LEU A 296 -82.23 0.41 -25.74
N TYR A 297 -80.97 0.19 -25.37
CA TYR A 297 -80.56 -1.04 -24.70
C TYR A 297 -79.89 -0.72 -23.37
N GLY A 298 -80.49 0.16 -22.59
CA GLY A 298 -79.99 0.50 -21.28
C GLY A 298 -80.02 2.00 -21.06
N LYS A 299 -79.36 2.43 -20.00
CA LYS A 299 -79.25 3.84 -19.65
C LYS A 299 -77.83 4.33 -19.92
N THR A 300 -77.71 5.45 -20.61
CA THR A 300 -76.42 6.02 -20.97
C THR A 300 -75.86 6.77 -19.77
N THR A 301 -74.69 6.34 -19.29
CA THR A 301 -74.04 6.99 -18.16
C THR A 301 -73.39 8.31 -18.54
N GLY A 302 -73.12 8.53 -19.82
CA GLY A 302 -72.49 9.77 -20.26
C GLY A 302 -71.07 9.93 -19.79
N TYR A 303 -70.26 8.87 -19.84
CA TYR A 303 -68.88 8.91 -19.41
C TYR A 303 -68.01 8.30 -20.48
N ALA A 304 -66.89 8.96 -20.77
CA ALA A 304 -65.86 8.46 -21.67
C ALA A 304 -64.63 8.14 -20.84
N VAL A 305 -64.08 6.95 -21.05
CA VAL A 305 -62.97 6.43 -20.27
C VAL A 305 -61.77 6.24 -21.19
N THR A 306 -60.64 6.80 -20.78
CA THR A 306 -59.37 6.65 -21.51
C THR A 306 -58.37 5.99 -20.57
N HIS A 307 -57.96 4.76 -20.90
CA HIS A 307 -56.97 4.06 -20.11
C HIS A 307 -55.57 4.48 -20.59
N HIS A 308 -54.84 5.16 -19.72
CA HIS A 308 -53.54 5.72 -20.09
C HIS A 308 -52.48 4.63 -19.97
N ALA A 309 -52.29 3.87 -21.05
CA ALA A 309 -51.27 2.84 -21.07
C ALA A 309 -49.88 3.40 -20.91
N ASP A 310 -49.70 4.70 -21.19
CA ASP A 310 -48.44 5.38 -20.96
C ASP A 310 -48.74 6.78 -20.44
N GLY A 311 -47.77 7.35 -19.74
CA GLY A 311 -47.96 8.65 -19.11
C GLY A 311 -48.49 9.71 -20.05
N PHE A 312 -49.41 10.53 -19.55
CA PHE A 312 -49.94 11.67 -20.29
C PHE A 312 -49.76 12.91 -19.43
N LEU A 313 -48.88 13.81 -19.87
CA LEU A 313 -48.62 15.05 -19.16
C LEU A 313 -49.33 16.20 -19.84
N MET A 314 -49.85 17.13 -19.05
CA MET A 314 -50.41 18.36 -19.58
C MET A 314 -50.12 19.45 -18.55
N CYS A 315 -49.24 20.39 -18.88
CA CYS A 315 -48.80 21.40 -17.94
CA CYS A 315 -48.80 21.40 -17.94
C CYS A 315 -48.95 22.78 -18.55
N LYS A 316 -49.14 23.77 -17.67
CA LYS A 316 -49.28 25.16 -18.10
C LYS A 316 -47.90 25.80 -18.15
N THR A 317 -47.39 25.99 -19.36
CA THR A 317 -46.11 26.64 -19.57
C THR A 317 -46.32 28.12 -19.91
N THR A 318 -45.37 28.94 -19.49
CA THR A 318 -45.37 30.36 -19.81
C THR A 318 -44.49 30.60 -21.02
N ASP A 319 -45.01 31.34 -21.99
CA ASP A 319 -44.30 31.63 -23.23
C ASP A 319 -44.48 33.11 -23.52
N THR A 320 -43.99 33.53 -24.69
CA THR A 320 -44.20 34.88 -25.18
C THR A 320 -44.78 34.79 -26.57
N VAL A 321 -45.99 35.32 -26.75
CA VAL A 321 -46.68 35.32 -28.03
C VAL A 321 -46.68 36.75 -28.56
N ASP A 322 -46.13 36.93 -29.75
CA ASP A 322 -46.00 38.26 -30.36
C ASP A 322 -45.29 39.24 -29.42
N GLY A 323 -44.35 38.72 -28.63
CA GLY A 323 -43.60 39.53 -27.70
C GLY A 323 -44.28 39.82 -26.38
N GLU A 324 -45.50 39.34 -26.17
CA GLU A 324 -46.24 39.56 -24.94
C GLU A 324 -46.24 38.30 -24.11
N ARG A 325 -45.92 38.43 -22.83
CA ARG A 325 -45.80 37.27 -21.96
C ARG A 325 -47.18 36.71 -21.63
N VAL A 326 -47.36 35.41 -21.87
CA VAL A 326 -48.64 34.73 -21.64
C VAL A 326 -48.36 33.35 -21.07
N SER A 327 -49.43 32.68 -20.64
CA SER A 327 -49.35 31.33 -20.12
C SER A 327 -50.43 30.48 -20.77
N PHE A 328 -50.08 29.27 -21.20
CA PHE A 328 -51.04 28.37 -21.81
C PHE A 328 -50.58 26.94 -21.62
N SER A 329 -51.50 26.00 -21.85
CA SER A 329 -51.29 24.61 -21.51
C SER A 329 -50.82 23.82 -22.72
N VAL A 330 -49.79 23.00 -22.51
CA VAL A 330 -49.25 22.12 -23.54
C VAL A 330 -49.20 20.70 -22.98
N CYS A 331 -49.52 19.72 -23.82
CA CYS A 331 -49.59 18.33 -23.42
C CYS A 331 -48.65 17.47 -24.25
N THR A 332 -48.33 16.31 -23.72
CA THR A 332 -47.45 15.36 -24.38
C THR A 332 -47.69 13.97 -23.79
N TYR A 333 -47.20 12.95 -24.51
CA TYR A 333 -47.36 11.56 -24.12
C TYR A 333 -45.99 11.00 -23.78
N VAL A 334 -45.67 10.95 -22.49
CA VAL A 334 -44.40 10.39 -22.02
C VAL A 334 -44.48 8.87 -22.15
N PRO A 335 -43.38 8.18 -22.44
CA PRO A 335 -43.40 6.72 -22.46
C PRO A 335 -43.56 6.15 -21.06
N ALA A 336 -44.09 4.93 -21.00
CA ALA A 336 -44.36 4.30 -19.71
C ALA A 336 -43.08 4.09 -18.91
N THR A 337 -42.01 3.65 -19.59
CA THR A 337 -40.76 3.37 -18.89
C THR A 337 -40.19 4.62 -18.24
N ILE A 338 -40.34 5.77 -18.89
CA ILE A 338 -39.85 7.02 -18.30
C ILE A 338 -40.56 7.30 -16.99
N CYS A 339 -41.88 7.14 -16.98
CA CYS A 339 -42.65 7.34 -15.75
C CYS A 339 -42.25 6.33 -14.68
N ASP A 340 -42.06 5.07 -15.08
CA ASP A 340 -41.64 4.05 -14.12
C ASP A 340 -40.33 4.42 -13.45
N GLN A 341 -39.32 4.77 -14.26
CA GLN A 341 -38.02 5.14 -13.73
C GLN A 341 -38.00 6.50 -13.04
N MET A 342 -39.02 7.33 -13.27
CA MET A 342 -39.12 8.61 -12.56
C MET A 342 -39.99 8.53 -11.32
N THR A 343 -40.63 7.38 -11.07
CA THR A 343 -41.41 7.22 -9.84
C THR A 343 -40.64 7.73 -8.62
N GLY A 344 -39.46 7.17 -8.36
CA GLY A 344 -38.73 7.52 -7.15
C GLY A 344 -38.36 8.98 -7.09
N ILE A 345 -37.82 9.52 -8.19
CA ILE A 345 -37.44 10.94 -8.20
C ILE A 345 -38.65 11.82 -7.95
N LEU A 346 -39.77 11.53 -8.62
CA LEU A 346 -40.99 12.30 -8.40
C LEU A 346 -41.49 12.15 -6.97
N ALA A 347 -41.06 11.09 -6.27
CA ALA A 347 -41.32 11.01 -4.84
C ALA A 347 -40.76 12.22 -4.10
N THR A 348 -39.74 12.87 -4.66
CA THR A 348 -39.10 14.03 -4.06
C THR A 348 -39.35 15.26 -4.92
N GLU A 349 -39.35 16.43 -4.27
CA GLU A 349 -39.40 17.68 -5.01
C GLU A 349 -38.16 17.79 -5.89
N VAL A 350 -38.36 17.78 -7.20
CA VAL A 350 -37.26 17.72 -8.17
C VAL A 350 -37.32 18.95 -9.06
N THR A 351 -36.17 19.59 -9.24
CA THR A 351 -36.10 20.79 -10.06
C THR A 351 -36.32 20.45 -11.53
N PRO A 352 -36.81 21.40 -12.33
CA PRO A 352 -36.87 21.17 -13.78
C PRO A 352 -35.51 20.89 -14.37
N GLU A 353 -34.46 21.53 -13.86
CA GLU A 353 -33.11 21.28 -14.37
C GLU A 353 -32.63 19.88 -14.03
N ASP A 354 -32.77 19.48 -12.77
CA ASP A 354 -32.32 18.14 -12.37
C ASP A 354 -33.21 17.07 -12.98
N ALA A 355 -34.52 17.34 -13.08
CA ALA A 355 -35.40 16.40 -13.76
C ALA A 355 -35.02 16.26 -15.23
N GLN A 356 -34.63 17.37 -15.87
CA GLN A 356 -34.16 17.32 -17.25
C GLN A 356 -32.90 16.48 -17.37
N LYS A 357 -31.96 16.66 -16.43
CA LYS A 357 -30.73 15.88 -16.46
C LYS A 357 -31.03 14.38 -16.31
N LEU A 358 -31.90 14.02 -15.37
CA LEU A 358 -32.26 12.62 -15.19
C LEU A 358 -32.99 12.09 -16.41
N LEU A 359 -33.85 12.90 -17.03
CA LEU A 359 -34.55 12.47 -18.24
C LEU A 359 -33.58 12.22 -19.38
N VAL A 360 -32.58 13.09 -19.54
CA VAL A 360 -31.57 12.89 -20.57
C VAL A 360 -30.79 11.61 -20.29
N GLY A 361 -30.38 11.40 -19.04
CA GLY A 361 -29.68 10.18 -18.70
C GLY A 361 -30.51 8.93 -18.98
N LEU A 362 -31.81 8.98 -18.66
CA LEU A 362 -32.69 7.85 -18.93
C LEU A 362 -32.85 7.62 -20.42
N ASN A 363 -32.89 8.69 -21.21
CA ASN A 363 -32.98 8.55 -22.66
C ASN A 363 -31.80 7.77 -23.20
N GLN A 364 -30.61 8.03 -22.67
CA GLN A 364 -29.42 7.26 -23.02
C GLN A 364 -28.19 7.84 -22.32
N THR A 376 -29.18 6.27 -29.49
CA THR A 376 -30.60 6.37 -29.74
C THR A 376 -31.32 7.00 -28.55
N ASN A 377 -32.60 7.32 -28.73
CA ASN A 377 -33.41 7.93 -27.69
C ASN A 377 -34.76 7.24 -27.62
N THR A 378 -35.39 7.33 -26.45
CA THR A 378 -36.74 6.80 -26.26
C THR A 378 -37.81 7.87 -26.37
N MET A 379 -37.48 9.10 -25.96
CA MET A 379 -38.36 10.25 -26.14
C MET A 379 -37.56 11.38 -26.80
N LYS A 380 -38.19 12.07 -27.74
CA LYS A 380 -37.51 13.13 -28.46
C LYS A 380 -37.12 14.25 -27.50
N ASN A 381 -35.92 14.81 -27.71
CA ASN A 381 -35.33 15.70 -26.72
C ASN A 381 -35.97 17.08 -26.70
N TYR A 382 -36.62 17.51 -27.79
CA TYR A 382 -37.27 18.81 -27.77
C TYR A 382 -38.47 18.84 -26.83
N MET A 383 -38.94 17.68 -26.37
CA MET A 383 -40.02 17.60 -25.39
C MET A 383 -39.52 17.50 -23.95
N ILE A 384 -38.32 16.98 -23.75
CA ILE A 384 -37.73 16.81 -22.43
C ILE A 384 -37.80 18.10 -21.63
N PRO A 385 -37.47 19.25 -22.22
CA PRO A 385 -37.52 20.51 -21.45
C PRO A 385 -38.90 20.79 -20.87
N VAL A 386 -39.97 20.34 -21.51
CA VAL A 386 -41.31 20.58 -21.00
C VAL A 386 -41.81 19.41 -20.17
N VAL A 387 -41.40 18.18 -20.51
CA VAL A 387 -41.72 17.03 -19.68
C VAL A 387 -41.15 17.22 -18.28
N ALA A 388 -39.91 17.70 -18.19
CA ALA A 388 -39.28 17.92 -16.89
C ALA A 388 -40.03 18.97 -16.08
N GLN A 389 -40.45 20.05 -16.73
CA GLN A 389 -41.18 21.09 -16.00
C GLN A 389 -42.54 20.57 -15.52
N ALA A 390 -43.21 19.77 -16.36
CA ALA A 390 -44.47 19.17 -15.94
C ALA A 390 -44.25 18.25 -14.74
N PHE A 391 -43.21 17.42 -14.79
CA PHE A 391 -42.91 16.52 -13.68
C PHE A 391 -42.64 17.31 -12.41
N SER A 392 -41.86 18.37 -12.51
CA SER A 392 -41.52 19.15 -11.33
C SER A 392 -42.75 19.84 -10.74
N LYS A 393 -43.60 20.42 -11.61
CA LYS A 393 -44.80 21.08 -11.11
C LYS A 393 -45.74 20.07 -10.46
N TRP A 394 -45.86 18.88 -11.06
CA TRP A 394 -46.71 17.85 -10.48
C TRP A 394 -46.19 17.40 -9.12
N ALA A 395 -44.87 17.19 -9.02
CA ALA A 395 -44.30 16.78 -7.74
C ALA A 395 -44.50 17.86 -6.68
N LYS A 396 -44.30 19.12 -7.04
CA LYS A 396 -44.49 20.20 -6.07
C LYS A 396 -45.95 20.27 -5.62
N GLU A 397 -46.88 20.13 -6.56
CA GLU A 397 -48.30 20.15 -6.19
C GLU A 397 -48.65 18.97 -5.29
N CYS A 398 -48.11 17.79 -5.60
CA CYS A 398 -48.36 16.63 -4.75
C CYS A 398 -47.84 16.85 -3.34
N ARG A 399 -46.62 17.38 -3.22
CA ARG A 399 -46.08 17.65 -1.89
C ARG A 399 -46.90 18.69 -1.15
N LYS A 400 -47.29 19.77 -1.83
CA LYS A 400 -48.13 20.78 -1.19
C LYS A 400 -49.48 20.20 -0.79
N ASP A 401 -49.93 19.16 -1.50
CA ASP A 401 -51.14 18.45 -1.09
C ASP A 401 -50.89 17.66 0.18
N MET A 402 -49.81 16.88 0.22
CA MET A 402 -49.48 16.11 1.42
C MET A 402 -49.05 16.97 2.58
N GLU A 403 -48.75 18.25 2.35
CA GLU A 403 -48.32 19.15 3.40
C GLU A 403 -49.49 19.90 4.05
N ASP A 404 -50.70 19.69 3.56
CA ASP A 404 -51.90 20.29 4.16
C ASP A 404 -53.03 19.28 4.07
N GLU A 405 -53.71 19.04 5.18
CA GLU A 405 -54.78 18.05 5.25
C GLU A 405 -55.98 18.68 5.94
N LYS A 406 -57.16 18.53 5.33
CA LYS A 406 -58.39 19.10 5.84
C LYS A 406 -59.21 18.04 6.56
N LEU A 407 -60.42 18.41 6.98
CA LEU A 407 -61.29 17.48 7.68
C LEU A 407 -61.93 16.50 6.71
N LEU A 408 -61.86 15.21 7.02
CA LEU A 408 -62.47 14.20 6.17
C LEU A 408 -63.98 14.32 6.21
N GLY A 409 -64.61 13.93 5.10
CA GLY A 409 -66.05 13.86 5.01
C GLY A 409 -66.73 15.17 4.65
N VAL A 410 -66.02 16.28 4.66
CA VAL A 410 -66.59 17.60 4.42
C VAL A 410 -65.81 18.28 3.29
N ARG A 411 -66.54 18.80 2.31
CA ARG A 411 -65.95 19.68 1.31
C ARG A 411 -65.89 21.09 1.90
N GLU A 412 -64.75 21.43 2.49
CA GLU A 412 -64.60 22.69 3.20
C GLU A 412 -64.62 23.88 2.25
N PHE A 423 -66.28 27.71 -2.53
CA PHE A 423 -65.02 27.23 -1.97
C PHE A 423 -63.84 28.01 -2.55
N LYS A 424 -62.75 28.07 -1.79
CA LYS A 424 -61.55 28.78 -2.22
C LYS A 424 -60.82 27.92 -3.25
N LYS A 425 -61.32 27.95 -4.48
CA LYS A 425 -60.68 27.22 -5.57
C LYS A 425 -59.24 27.70 -5.71
N GLN A 426 -58.32 26.74 -5.82
CA GLN A 426 -56.89 27.03 -5.79
C GLN A 426 -56.25 26.60 -7.11
N LYS A 427 -54.92 26.69 -7.14
CA LYS A 427 -54.15 26.41 -8.34
C LYS A 427 -54.19 24.94 -8.71
N THR A 428 -54.20 24.67 -10.02
CA THR A 428 -54.03 23.33 -10.58
C THR A 428 -53.27 23.52 -11.88
N HIS A 429 -51.95 23.37 -11.82
CA HIS A 429 -51.08 23.72 -12.93
C HIS A 429 -50.46 22.50 -13.61
N THR A 430 -50.94 21.30 -13.31
CA THR A 430 -50.43 20.12 -13.99
C THR A 430 -51.50 19.04 -13.98
N VAL A 431 -51.43 18.16 -14.97
CA VAL A 431 -52.25 16.96 -15.04
C VAL A 431 -51.35 15.84 -15.54
N TYR A 432 -50.96 14.94 -14.64
CA TYR A 432 -50.10 13.82 -14.97
C TYR A 432 -50.90 12.55 -14.77
N LYS A 433 -51.24 11.89 -15.87
CA LYS A 433 -51.95 10.61 -15.83
C LYS A 433 -50.92 9.52 -16.06
N ARG A 434 -50.45 8.93 -14.97
CA ARG A 434 -49.40 7.92 -15.03
C ARG A 434 -49.90 6.68 -15.78
N PRO A 435 -48.98 5.80 -16.15
CA PRO A 435 -49.42 4.56 -16.83
C PRO A 435 -50.33 3.75 -15.94
N ASP A 436 -51.33 3.13 -16.56
CA ASP A 436 -52.33 2.27 -15.92
C ASP A 436 -53.38 3.06 -15.14
N THR A 437 -53.42 4.39 -15.28
CA THR A 437 -54.52 5.15 -14.72
C THR A 437 -55.62 5.31 -15.76
N GLN A 438 -56.70 5.98 -15.39
CA GLN A 438 -57.82 6.17 -16.29
C GLN A 438 -58.37 7.58 -16.16
N SER A 439 -58.66 8.19 -17.29
CA SER A 439 -59.33 9.49 -17.34
C SER A 439 -60.80 9.27 -17.61
N ILE A 440 -61.64 10.00 -16.88
CA ILE A 440 -63.10 9.90 -16.99
C ILE A 440 -63.64 11.29 -17.28
N GLN A 441 -64.26 11.46 -18.43
CA GLN A 441 -64.85 12.73 -18.82
C GLN A 441 -66.34 12.57 -19.07
N LYS A 442 -67.14 13.48 -18.51
CA LYS A 442 -68.57 13.48 -18.74
C LYS A 442 -68.87 14.15 -20.07
N VAL A 443 -69.31 13.36 -21.05
CA VAL A 443 -69.56 13.87 -22.39
C VAL A 443 -71.02 13.67 -22.74
N GLN A 444 -71.42 14.13 -23.93
CA GLN A 444 -72.79 13.97 -24.38
C GLN A 444 -73.00 12.55 -24.88
N ALA A 445 -74.10 11.92 -24.44
CA ALA A 445 -74.39 10.54 -24.80
C ALA A 445 -75.72 10.39 -25.51
N GLU A 446 -76.51 11.45 -25.65
CA GLU A 446 -77.81 11.40 -26.32
C GLU A 446 -77.80 12.41 -27.47
N PHE A 447 -77.75 11.91 -28.70
CA PHE A 447 -77.75 12.74 -29.89
C PHE A 447 -79.04 12.53 -30.65
N ASP A 448 -79.72 13.63 -30.97
CA ASP A 448 -81.01 13.57 -31.66
C ASP A 448 -81.05 14.55 -32.82
N SER A 458 -69.66 14.96 -56.62
CA SER A 458 -70.40 16.16 -56.99
C SER A 458 -69.55 17.41 -56.83
N GLY A 459 -68.24 17.23 -56.83
CA GLY A 459 -67.32 18.35 -56.70
C GLY A 459 -66.16 18.27 -57.67
N LEU A 460 -66.10 17.19 -58.44
CA LEU A 460 -65.04 17.04 -59.42
C LEU A 460 -65.16 18.08 -60.52
N SER A 461 -64.02 18.65 -60.91
CA SER A 461 -63.99 19.67 -61.95
C SER A 461 -63.91 19.03 -63.33
N ILE A 462 -64.49 19.72 -64.32
CA ILE A 462 -64.48 19.20 -65.69
C ILE A 462 -63.05 19.03 -66.21
N PRO A 463 -62.16 20.03 -66.10
CA PRO A 463 -60.79 19.80 -66.57
C PRO A 463 -60.10 18.65 -65.86
N LEU A 464 -60.28 18.52 -64.55
CA LEU A 464 -59.68 17.41 -63.82
C LEU A 464 -60.25 16.08 -64.28
N ARG A 465 -61.57 16.01 -64.45
CA ARG A 465 -62.19 14.76 -64.91
C ARG A 465 -61.66 14.38 -66.28
N THR A 466 -61.53 15.36 -67.18
CA THR A 466 -60.97 15.07 -68.50
C THR A 466 -59.54 14.58 -68.40
N ARG A 467 -58.73 15.23 -67.56
CA ARG A 467 -57.32 14.86 -67.46
C ARG A 467 -57.14 13.46 -66.88
N ILE A 468 -57.92 13.11 -65.86
CA ILE A 468 -57.71 11.84 -65.17
C ILE A 468 -57.86 10.68 -66.14
N LYS A 469 -58.82 10.75 -67.04
CA LYS A 469 -59.03 9.70 -68.03
C LYS A 469 -57.74 9.40 -68.79
N PRO B 3 -52.27 -30.46 -12.79
CA PRO B 3 -51.84 -29.78 -14.00
C PRO B 3 -52.89 -28.81 -14.54
N VAL B 4 -52.63 -27.52 -14.43
CA VAL B 4 -53.53 -26.48 -14.88
C VAL B 4 -52.77 -25.51 -15.76
N TYR B 5 -53.44 -24.97 -16.78
CA TYR B 5 -52.82 -24.10 -17.77
C TYR B 5 -53.45 -22.72 -17.70
N VAL B 6 -52.62 -21.69 -17.60
CA VAL B 6 -53.10 -20.31 -17.51
C VAL B 6 -52.62 -19.54 -18.74
N ASP B 7 -53.21 -18.36 -18.92
CA ASP B 7 -52.99 -17.53 -20.11
C ASP B 7 -52.09 -16.32 -19.80
N ILE B 8 -51.08 -16.53 -18.95
CA ILE B 8 -50.17 -15.46 -18.54
C ILE B 8 -48.74 -15.92 -18.81
N ASP B 9 -47.90 -14.97 -19.24
CA ASP B 9 -46.50 -15.28 -19.46
C ASP B 9 -45.82 -15.65 -18.14
N ALA B 10 -44.83 -16.54 -18.23
CA ALA B 10 -44.19 -17.09 -17.05
C ALA B 10 -43.40 -16.07 -16.24
N ASP B 11 -43.08 -14.91 -16.83
CA ASP B 11 -42.30 -13.90 -16.14
C ASP B 11 -43.15 -12.94 -15.31
N SER B 12 -44.47 -13.14 -15.28
CA SER B 12 -45.37 -12.24 -14.56
C SER B 12 -45.58 -12.71 -13.14
N ALA B 13 -45.58 -11.76 -12.20
CA ALA B 13 -45.78 -12.09 -10.80
C ALA B 13 -47.16 -12.66 -10.54
N PHE B 14 -48.16 -12.29 -11.35
CA PHE B 14 -49.51 -12.80 -11.12
C PHE B 14 -49.58 -14.31 -11.25
N LEU B 15 -48.68 -14.93 -11.99
CA LEU B 15 -48.65 -16.39 -12.03
C LEU B 15 -48.30 -16.96 -10.65
N LYS B 16 -47.31 -16.36 -9.98
CA LYS B 16 -47.01 -16.75 -8.61
C LYS B 16 -48.18 -16.46 -7.68
N ALA B 17 -48.84 -15.32 -7.87
CA ALA B 17 -49.99 -14.99 -7.03
C ALA B 17 -51.08 -16.04 -7.20
N LEU B 18 -51.33 -16.47 -8.44
CA LEU B 18 -52.33 -17.50 -8.68
C LEU B 18 -51.93 -18.82 -8.05
N GLN B 19 -50.65 -19.22 -8.21
CA GLN B 19 -50.19 -20.44 -7.54
C GLN B 19 -50.47 -20.37 -6.05
N ARG B 20 -50.15 -19.24 -5.42
CA ARG B 20 -50.42 -19.11 -3.99
C ARG B 20 -51.90 -19.20 -3.70
N ALA B 21 -52.74 -18.58 -4.54
CA ALA B 21 -54.18 -18.56 -4.31
C ALA B 21 -54.87 -19.86 -4.71
N TYR B 22 -54.19 -20.73 -5.46
CA TYR B 22 -54.77 -22.00 -5.90
C TYR B 22 -53.79 -23.13 -5.62
N PRO B 23 -53.63 -23.50 -4.35
CA PRO B 23 -52.73 -24.62 -4.02
C PRO B 23 -53.14 -25.94 -4.64
N MET B 24 -54.44 -26.19 -4.78
CA MET B 24 -54.92 -27.49 -5.25
C MET B 24 -54.59 -27.74 -6.71
N PHE B 25 -54.14 -26.73 -7.44
CA PHE B 25 -53.84 -26.85 -8.87
C PHE B 25 -52.38 -26.52 -9.13
N GLU B 26 -51.76 -27.29 -10.03
CA GLU B 26 -50.44 -26.96 -10.54
C GLU B 26 -50.63 -26.08 -11.77
N VAL B 27 -50.32 -24.80 -11.63
CA VAL B 27 -50.60 -23.79 -12.65
C VAL B 27 -49.32 -23.49 -13.41
N GLU B 28 -49.39 -23.55 -14.74
CA GLU B 28 -48.25 -23.23 -15.58
C GLU B 28 -48.66 -22.21 -16.64
N PRO B 29 -47.77 -21.30 -17.00
CA PRO B 29 -48.13 -20.26 -17.97
C PRO B 29 -48.41 -20.80 -19.36
N ARG B 30 -49.38 -20.17 -20.04
CA ARG B 30 -49.57 -20.35 -21.48
C ARG B 30 -50.18 -19.06 -22.01
N GLN B 31 -49.35 -18.16 -22.55
CA GLN B 31 -49.79 -16.87 -23.05
C GLN B 31 -49.62 -16.81 -24.56
N VAL B 32 -50.68 -16.43 -25.26
CA VAL B 32 -50.56 -16.12 -26.69
C VAL B 32 -51.08 -14.72 -26.98
N THR B 33 -52.38 -14.51 -26.79
CA THR B 33 -53.05 -13.27 -27.19
C THR B 33 -52.95 -12.15 -26.16
N PRO B 34 -53.33 -12.39 -24.91
CA PRO B 34 -53.58 -11.29 -23.97
C PRO B 34 -52.36 -10.83 -23.20
N ASN B 35 -52.37 -9.54 -22.86
CA ASN B 35 -51.44 -9.01 -21.87
C ASN B 35 -52.07 -8.04 -20.88
N ASP B 36 -53.32 -7.59 -21.09
CA ASP B 36 -53.97 -6.64 -20.20
C ASP B 36 -54.94 -7.34 -19.24
N HIS B 37 -55.92 -8.06 -19.78
CA HIS B 37 -56.93 -8.74 -18.98
C HIS B 37 -56.60 -10.20 -18.72
N ALA B 38 -55.33 -10.57 -18.81
CA ALA B 38 -54.94 -11.96 -18.57
C ALA B 38 -55.18 -12.35 -17.11
N ASN B 39 -54.93 -11.42 -16.18
CA ASN B 39 -55.07 -11.75 -14.76
C ASN B 39 -56.50 -12.14 -14.41
N ALA B 40 -57.47 -11.28 -14.77
CA ALA B 40 -58.86 -11.56 -14.44
C ALA B 40 -59.35 -12.83 -15.14
N ARG B 41 -58.98 -12.99 -16.41
CA ARG B 41 -59.40 -14.18 -17.16
C ARG B 41 -58.84 -15.44 -16.51
N ALA B 42 -57.56 -15.42 -16.12
CA ALA B 42 -56.96 -16.58 -15.49
C ALA B 42 -57.62 -16.89 -14.15
N PHE B 43 -57.89 -15.85 -13.35
CA PHE B 43 -58.55 -16.10 -12.06
C PHE B 43 -59.93 -16.69 -12.26
N SER B 44 -60.70 -16.15 -13.22
CA SER B 44 -62.03 -16.67 -13.48
C SER B 44 -61.96 -18.11 -13.98
N HIS B 45 -61.00 -18.42 -14.85
CA HIS B 45 -60.88 -19.78 -15.36
C HIS B 45 -60.51 -20.75 -14.24
N LEU B 46 -59.58 -20.37 -13.37
CA LEU B 46 -59.20 -21.25 -12.27
C LEU B 46 -60.36 -21.45 -11.30
N ALA B 47 -61.11 -20.38 -11.01
CA ALA B 47 -62.29 -20.52 -10.16
C ALA B 47 -63.31 -21.44 -10.80
N ILE B 48 -63.53 -21.31 -12.10
CA ILE B 48 -64.48 -22.18 -12.80
C ILE B 48 -64.03 -23.63 -12.71
N LYS B 49 -62.74 -23.88 -12.92
CA LYS B 49 -62.22 -25.25 -12.84
C LYS B 49 -62.39 -25.82 -11.43
N LEU B 50 -62.07 -25.03 -10.41
CA LEU B 50 -62.21 -25.51 -9.04
C LEU B 50 -63.66 -25.81 -8.71
N ILE B 51 -64.57 -24.94 -9.14
CA ILE B 51 -65.99 -25.18 -8.91
C ILE B 51 -66.45 -26.44 -9.62
N GLU B 52 -66.02 -26.63 -10.87
CA GLU B 52 -66.40 -27.82 -11.62
C GLU B 52 -65.90 -29.08 -10.93
N GLN B 53 -64.65 -29.08 -10.46
CA GLN B 53 -64.09 -30.27 -9.83
C GLN B 53 -64.82 -30.62 -8.54
N GLU B 54 -65.47 -29.65 -7.89
CA GLU B 54 -66.10 -29.85 -6.60
C GLU B 54 -67.63 -29.84 -6.69
N ILE B 55 -68.20 -30.35 -7.78
CA ILE B 55 -69.64 -30.44 -7.95
C ILE B 55 -69.98 -31.78 -8.57
N ASP B 56 -71.25 -32.15 -8.47
CA ASP B 56 -71.73 -33.40 -9.07
C ASP B 56 -71.74 -33.26 -10.58
N PRO B 57 -71.04 -34.14 -11.31
CA PRO B 57 -71.03 -34.02 -12.78
C PRO B 57 -72.41 -34.16 -13.40
N ASP B 58 -73.34 -34.82 -12.72
CA ASP B 58 -74.71 -35.01 -13.22
C ASP B 58 -75.71 -34.11 -12.52
N SER B 59 -75.30 -32.89 -12.18
CA SER B 59 -76.17 -31.93 -11.51
C SER B 59 -76.31 -30.70 -12.39
N THR B 60 -77.55 -30.29 -12.65
CA THR B 60 -77.80 -29.10 -13.44
C THR B 60 -77.38 -27.85 -12.65
N ILE B 61 -76.67 -26.96 -13.32
CA ILE B 61 -76.06 -25.78 -12.69
C ILE B 61 -76.46 -24.54 -13.47
N LEU B 62 -76.90 -23.50 -12.76
CA LEU B 62 -77.18 -22.23 -13.37
C LEU B 62 -75.87 -21.47 -13.63
N ASP B 63 -75.96 -20.47 -14.50
CA ASP B 63 -74.81 -19.65 -14.89
C ASP B 63 -75.19 -18.18 -14.90
N ILE B 64 -75.81 -17.72 -13.80
CA ILE B 64 -76.33 -16.36 -13.69
C ILE B 64 -75.36 -15.35 -14.28
N GLY B 65 -74.07 -15.50 -13.99
CA GLY B 65 -73.07 -14.69 -14.64
C GLY B 65 -72.91 -15.12 -16.08
N SER B 66 -73.95 -14.94 -16.88
CA SER B 66 -74.04 -15.58 -18.19
C SER B 66 -73.10 -14.92 -19.19
N ALA B 67 -72.14 -15.70 -19.68
CA ALA B 67 -71.33 -15.34 -20.84
C ALA B 67 -71.34 -16.55 -21.77
N PRO B 68 -72.48 -16.82 -22.42
CA PRO B 68 -72.62 -18.09 -23.14
C PRO B 68 -71.53 -18.34 -24.17
N ALA B 69 -70.96 -17.29 -24.74
CA ALA B 69 -69.86 -17.48 -25.69
C ALA B 69 -68.72 -18.26 -25.05
N ARG B 70 -68.47 -18.03 -23.75
CA ARG B 70 -67.40 -18.75 -23.06
C ARG B 70 -67.70 -20.25 -22.99
N ARG B 71 -68.93 -20.60 -22.64
CA ARG B 71 -69.30 -22.01 -22.42
C ARG B 71 -69.45 -22.71 -23.77
N MET B 72 -68.31 -23.17 -24.29
CA MET B 72 -68.29 -23.95 -25.52
C MET B 72 -67.60 -25.29 -25.26
N MET B 73 -66.78 -25.37 -24.21
CA MET B 73 -66.08 -26.59 -23.87
C MET B 73 -66.62 -27.26 -22.61
N SER B 74 -67.28 -26.51 -21.74
CA SER B 74 -67.86 -27.09 -20.54
C SER B 74 -68.93 -28.11 -20.90
N ASP B 75 -68.63 -29.38 -20.66
CA ASP B 75 -69.55 -30.47 -20.96
C ASP B 75 -70.64 -30.66 -19.92
N ARG B 76 -70.59 -29.90 -18.83
CA ARG B 76 -71.57 -30.03 -17.76
C ARG B 76 -72.88 -29.36 -18.16
N LYS B 77 -73.93 -29.71 -17.45
CA LYS B 77 -75.28 -29.20 -17.73
C LYS B 77 -75.33 -27.73 -17.32
N TYR B 78 -75.16 -26.84 -18.29
CA TYR B 78 -75.12 -25.39 -18.07
C TYR B 78 -76.42 -24.76 -18.55
N HIS B 79 -77.03 -23.94 -17.70
CA HIS B 79 -78.23 -23.19 -18.05
C HIS B 79 -77.90 -21.71 -17.91
N CYS B 80 -77.35 -21.14 -19.00
CA CYS B 80 -77.00 -19.73 -18.99
C CYS B 80 -78.25 -18.86 -18.89
N VAL B 81 -78.16 -17.77 -18.13
CA VAL B 81 -79.26 -16.85 -17.91
C VAL B 81 -78.83 -15.48 -18.41
N CYS B 82 -79.41 -15.03 -19.51
CA CYS B 82 -79.07 -13.75 -20.11
C CYS B 82 -80.28 -12.84 -20.06
N PRO B 83 -80.42 -12.01 -19.01
CA PRO B 83 -81.63 -11.17 -18.90
C PRO B 83 -81.76 -10.13 -20.00
N MET B 84 -80.68 -9.80 -20.71
CA MET B 84 -80.72 -8.76 -21.74
C MET B 84 -81.06 -7.41 -21.13
N ARG B 85 -80.25 -7.01 -20.15
CA ARG B 85 -80.46 -5.75 -19.44
C ARG B 85 -79.51 -4.64 -19.87
N SER B 86 -78.27 -4.97 -20.25
CA SER B 86 -77.29 -3.97 -20.63
C SER B 86 -77.26 -3.78 -22.14
N ALA B 87 -76.53 -2.76 -22.57
CA ALA B 87 -76.40 -2.48 -24.00
C ALA B 87 -75.52 -3.53 -24.69
N GLU B 88 -74.55 -4.09 -23.96
CA GLU B 88 -73.62 -5.05 -24.52
C GLU B 88 -74.19 -6.45 -24.66
N ASP B 89 -75.29 -6.76 -23.97
CA ASP B 89 -75.83 -8.12 -24.01
C ASP B 89 -76.02 -8.64 -25.43
N PRO B 90 -76.65 -7.89 -26.34
CA PRO B 90 -76.78 -8.40 -27.71
C PRO B 90 -75.45 -8.75 -28.35
N GLU B 91 -74.44 -7.88 -28.23
CA GLU B 91 -73.12 -8.19 -28.79
C GLU B 91 -72.71 -9.61 -28.43
N ARG B 92 -72.57 -9.90 -27.14
CA ARG B 92 -72.32 -11.26 -26.70
C ARG B 92 -73.22 -12.23 -27.45
N LEU B 93 -74.54 -12.10 -27.29
CA LEU B 93 -75.47 -12.96 -28.01
C LEU B 93 -75.02 -13.16 -29.44
N ALA B 94 -74.83 -12.06 -30.17
CA ALA B 94 -74.40 -12.17 -31.58
C ALA B 94 -73.25 -13.16 -31.72
N ASN B 95 -72.12 -12.87 -31.09
CA ASN B 95 -70.97 -13.76 -31.26
C ASN B 95 -71.33 -15.18 -30.82
N TYR B 96 -72.03 -15.30 -29.69
CA TYR B 96 -72.51 -16.62 -29.28
C TYR B 96 -73.13 -17.35 -30.45
N ALA B 97 -74.18 -16.77 -31.06
CA ALA B 97 -74.78 -17.40 -32.22
C ALA B 97 -73.74 -17.71 -33.28
N ARG B 98 -72.95 -16.71 -33.66
CA ARG B 98 -71.89 -16.94 -34.64
C ARG B 98 -71.02 -18.11 -34.21
N LYS B 99 -70.57 -18.11 -32.95
CA LYS B 99 -69.73 -19.21 -32.49
C LYS B 99 -70.44 -20.54 -32.66
N LEU B 100 -71.72 -20.60 -32.29
CA LEU B 100 -72.47 -21.83 -32.51
C LEU B 100 -72.42 -22.22 -33.98
N ALA B 101 -72.67 -21.27 -34.88
CA ALA B 101 -72.55 -21.56 -36.31
C ALA B 101 -71.14 -22.03 -36.64
N SER B 102 -70.13 -21.36 -36.07
CA SER B 102 -68.75 -21.79 -36.30
C SER B 102 -68.54 -23.23 -35.86
N ALA B 103 -69.23 -23.64 -34.79
CA ALA B 103 -69.15 -25.02 -34.32
C ALA B 103 -70.27 -25.90 -34.87
N ALA B 104 -71.19 -25.33 -35.65
CA ALA B 104 -72.33 -26.10 -36.13
C ALA B 104 -71.91 -27.23 -37.06
N GLY B 105 -70.73 -27.13 -37.68
CA GLY B 105 -70.27 -28.17 -38.59
C GLY B 105 -68.81 -28.54 -38.41
N LYS B 106 -68.31 -28.43 -37.19
CA LYS B 106 -66.92 -28.79 -36.91
C LYS B 106 -66.81 -29.99 -35.99
N VAL B 107 -67.43 -29.96 -34.82
CA VAL B 107 -67.30 -31.01 -33.82
C VAL B 107 -68.69 -31.43 -33.34
N LEU B 108 -68.77 -32.66 -32.83
CA LEU B 108 -70.02 -33.22 -32.32
C LEU B 108 -69.81 -33.83 -30.95
N ASP B 109 -69.05 -33.14 -30.08
CA ASP B 109 -68.80 -33.60 -28.73
C ASP B 109 -69.32 -32.68 -27.64
N ARG B 110 -69.60 -31.41 -27.96
CA ARG B 110 -70.03 -30.43 -26.98
C ARG B 110 -71.53 -30.14 -27.05
N ASN B 111 -72.30 -30.97 -27.73
CA ASN B 111 -73.75 -30.81 -27.83
C ASN B 111 -74.08 -29.47 -28.52
N ILE B 112 -73.50 -29.30 -29.70
CA ILE B 112 -73.73 -28.08 -30.48
C ILE B 112 -75.17 -28.04 -30.97
N SER B 113 -75.71 -29.18 -31.40
CA SER B 113 -77.07 -29.22 -31.90
C SER B 113 -78.06 -28.83 -30.81
N GLY B 114 -77.83 -29.30 -29.59
CA GLY B 114 -78.70 -28.90 -28.48
C GLY B 114 -78.67 -27.40 -28.25
N LYS B 115 -77.48 -26.80 -28.27
CA LYS B 115 -77.38 -25.36 -28.07
C LYS B 115 -78.10 -24.60 -29.17
N ILE B 116 -77.90 -25.00 -30.43
CA ILE B 116 -78.54 -24.30 -31.54
C ILE B 116 -80.06 -24.44 -31.46
N GLY B 117 -80.54 -25.64 -31.17
CA GLY B 117 -81.98 -25.82 -31.04
C GLY B 117 -82.57 -25.01 -29.90
N ASP B 118 -81.86 -24.96 -28.77
CA ASP B 118 -82.33 -24.15 -27.65
C ASP B 118 -82.39 -22.67 -28.03
N LEU B 119 -81.37 -22.18 -28.73
CA LEU B 119 -81.39 -20.78 -29.16
C LEU B 119 -82.53 -20.52 -30.12
N GLN B 120 -82.78 -21.44 -31.05
CA GLN B 120 -83.89 -21.27 -31.98
C GLN B 120 -85.22 -21.24 -31.25
N ALA B 121 -85.39 -22.12 -30.26
CA ALA B 121 -86.61 -22.13 -29.47
C ALA B 121 -86.78 -20.82 -28.71
N VAL B 122 -85.69 -20.30 -28.15
CA VAL B 122 -85.75 -19.02 -27.44
C VAL B 122 -86.16 -17.90 -28.40
N MET B 123 -85.57 -17.89 -29.59
CA MET B 123 -85.91 -16.86 -30.57
C MET B 123 -87.37 -16.95 -30.98
N ALA B 124 -87.88 -18.16 -31.17
CA ALA B 124 -89.28 -18.32 -31.52
C ALA B 124 -90.19 -17.76 -30.43
N VAL B 125 -89.86 -18.04 -29.16
CA VAL B 125 -90.64 -17.52 -28.03
C VAL B 125 -89.66 -17.11 -26.93
N PRO B 126 -89.58 -15.82 -26.58
CA PRO B 126 -88.59 -15.39 -25.59
C PRO B 126 -88.73 -16.09 -24.24
N ASP B 127 -89.96 -16.37 -23.80
CA ASP B 127 -90.21 -16.90 -22.47
C ASP B 127 -90.01 -18.40 -22.38
N THR B 128 -89.31 -19.01 -23.32
CA THR B 128 -89.03 -20.43 -23.22
C THR B 128 -88.12 -20.72 -22.04
N GLU B 129 -88.27 -21.91 -21.47
CA GLU B 129 -87.46 -22.36 -20.34
C GLU B 129 -86.47 -23.44 -20.77
N THR B 130 -85.85 -23.25 -21.93
CA THR B 130 -84.97 -24.26 -22.48
C THR B 130 -83.78 -24.51 -21.54
N PRO B 131 -83.25 -25.73 -21.53
CA PRO B 131 -82.24 -26.08 -20.52
C PRO B 131 -81.01 -25.18 -20.51
N THR B 132 -80.54 -24.74 -21.68
CA THR B 132 -79.27 -24.04 -21.78
C THR B 132 -79.43 -22.60 -22.28
N PHE B 133 -80.53 -21.94 -21.93
CA PHE B 133 -80.68 -20.55 -22.32
C PHE B 133 -82.00 -20.04 -21.74
N CYS B 134 -82.07 -18.72 -21.54
CA CYS B 134 -83.28 -18.06 -21.10
C CYS B 134 -83.09 -16.56 -21.25
N LEU B 135 -84.19 -15.82 -21.11
CA LEU B 135 -84.22 -14.37 -21.23
C LEU B 135 -84.88 -13.75 -20.00
N HIS B 136 -84.68 -14.38 -18.84
CA HIS B 136 -85.26 -13.91 -17.59
C HIS B 136 -84.16 -13.59 -16.60
N THR B 137 -84.42 -12.60 -15.76
CA THR B 137 -83.49 -12.31 -14.68
C THR B 137 -83.47 -13.48 -13.69
N ASP B 138 -82.35 -13.58 -12.95
CA ASP B 138 -82.22 -14.67 -11.99
C ASP B 138 -83.41 -14.72 -11.04
N VAL B 139 -83.95 -13.55 -10.69
CA VAL B 139 -85.16 -13.51 -9.90
C VAL B 139 -86.33 -14.13 -10.67
N SER B 140 -86.45 -13.81 -11.96
CA SER B 140 -87.59 -14.24 -12.77
C SER B 140 -87.35 -15.55 -13.51
N CYS B 141 -86.15 -16.12 -13.44
CA CYS B 141 -85.88 -17.38 -14.12
C CYS B 141 -86.72 -18.49 -13.52
N ARG B 142 -87.04 -19.49 -14.35
CA ARG B 142 -87.88 -20.60 -13.94
C ARG B 142 -87.20 -21.96 -13.97
N GLN B 143 -86.09 -22.11 -14.69
CA GLN B 143 -85.41 -23.40 -14.75
C GLN B 143 -84.93 -23.81 -13.37
N ARG B 144 -84.98 -25.11 -13.10
CA ARG B 144 -84.63 -25.66 -11.80
C ARG B 144 -83.33 -26.44 -11.91
N ALA B 145 -82.41 -26.18 -10.98
CA ALA B 145 -81.10 -26.83 -10.99
C ALA B 145 -80.72 -27.17 -9.55
N ASP B 146 -79.46 -27.55 -9.36
CA ASP B 146 -78.95 -27.92 -8.04
C ASP B 146 -77.95 -26.91 -7.50
N VAL B 147 -76.90 -26.61 -8.25
CA VAL B 147 -75.86 -25.67 -7.82
C VAL B 147 -75.83 -24.51 -8.81
N ALA B 148 -75.88 -23.29 -8.28
CA ALA B 148 -75.90 -22.08 -9.09
C ALA B 148 -74.57 -21.34 -8.94
N ILE B 149 -74.02 -20.88 -10.06
CA ILE B 149 -72.76 -20.18 -10.09
C ILE B 149 -72.99 -18.75 -10.58
N TYR B 150 -72.46 -17.78 -9.84
CA TYR B 150 -72.45 -16.40 -10.27
C TYR B 150 -71.08 -16.05 -10.84
N GLN B 151 -71.02 -14.93 -11.55
CA GLN B 151 -69.76 -14.47 -12.14
C GLN B 151 -69.88 -12.98 -12.42
N ASP B 152 -69.06 -12.18 -11.74
CA ASP B 152 -69.00 -10.74 -11.92
C ASP B 152 -70.41 -10.12 -11.91
N VAL B 153 -71.12 -10.39 -10.82
CA VAL B 153 -72.48 -9.91 -10.61
C VAL B 153 -72.45 -8.99 -9.41
N TYR B 154 -72.30 -7.69 -9.65
CA TYR B 154 -72.22 -6.69 -8.60
C TYR B 154 -73.39 -5.71 -8.66
N ALA B 155 -74.53 -6.16 -9.15
CA ALA B 155 -75.68 -5.28 -9.31
C ALA B 155 -76.98 -5.85 -8.78
N VAL B 156 -77.00 -7.06 -8.24
CA VAL B 156 -78.21 -7.71 -7.75
C VAL B 156 -78.06 -7.96 -6.25
N HIS B 157 -79.11 -7.66 -5.50
CA HIS B 157 -79.12 -7.95 -4.08
C HIS B 157 -78.85 -9.43 -3.86
N ALA B 158 -77.75 -9.74 -3.16
CA ALA B 158 -77.38 -11.13 -2.95
C ALA B 158 -78.46 -11.92 -2.21
N PRO B 159 -79.00 -11.44 -1.09
CA PRO B 159 -80.04 -12.22 -0.40
C PRO B 159 -81.23 -12.53 -1.28
N THR B 160 -81.69 -11.58 -2.09
CA THR B 160 -82.89 -11.81 -2.90
C THR B 160 -82.63 -12.83 -3.99
N SER B 161 -81.50 -12.71 -4.69
CA SER B 161 -81.18 -13.68 -5.74
C SER B 161 -80.97 -15.07 -5.15
N LEU B 162 -80.28 -15.16 -4.01
CA LEU B 162 -80.08 -16.46 -3.38
C LEU B 162 -81.40 -17.06 -2.93
N TYR B 163 -82.30 -16.23 -2.39
CA TYR B 163 -83.62 -16.69 -2.00
C TYR B 163 -84.39 -17.26 -3.20
N HIS B 164 -84.46 -16.47 -4.29
CA HIS B 164 -85.23 -16.90 -5.45
C HIS B 164 -84.58 -18.09 -6.14
N GLN B 165 -83.29 -18.32 -5.90
CA GLN B 165 -82.66 -19.54 -6.41
C GLN B 165 -82.93 -20.73 -5.50
N ALA B 166 -83.00 -20.49 -4.20
CA ALA B 166 -83.33 -21.56 -3.26
C ALA B 166 -84.74 -22.07 -3.47
N ILE B 167 -85.70 -21.16 -3.67
CA ILE B 167 -87.07 -21.59 -3.94
C ILE B 167 -87.13 -22.42 -5.22
N LYS B 168 -86.16 -22.26 -6.11
CA LYS B 168 -86.02 -23.12 -7.28
C LYS B 168 -85.11 -24.31 -7.02
N GLY B 169 -84.92 -24.68 -5.75
CA GLY B 169 -84.08 -25.82 -5.41
C GLY B 169 -82.60 -25.61 -5.64
N VAL B 170 -82.07 -24.46 -5.26
CA VAL B 170 -80.64 -24.19 -5.34
C VAL B 170 -80.09 -24.33 -3.93
N ARG B 171 -79.32 -25.40 -3.71
CA ARG B 171 -78.74 -25.67 -2.41
C ARG B 171 -77.31 -25.17 -2.27
N LEU B 172 -76.66 -24.83 -3.38
CA LEU B 172 -75.28 -24.37 -3.37
C LEU B 172 -75.12 -23.28 -4.42
N ALA B 173 -74.29 -22.28 -4.11
CA ALA B 173 -74.04 -21.19 -5.03
C ALA B 173 -72.62 -20.71 -4.86
N TYR B 174 -72.03 -20.24 -5.95
CA TYR B 174 -70.69 -19.67 -5.94
C TYR B 174 -70.74 -18.27 -6.51
N TRP B 175 -69.75 -17.46 -6.15
CA TRP B 175 -69.71 -16.05 -6.52
C TRP B 175 -68.25 -15.64 -6.70
N VAL B 176 -67.80 -15.60 -7.96
CA VAL B 176 -66.48 -15.13 -8.30
C VAL B 176 -66.58 -13.64 -8.61
N GLY B 177 -65.77 -12.84 -7.95
CA GLY B 177 -65.86 -11.40 -8.17
C GLY B 177 -64.77 -10.63 -7.47
N PHE B 178 -64.99 -9.33 -7.35
CA PHE B 178 -64.05 -8.46 -6.64
C PHE B 178 -64.29 -8.54 -5.13
N ASP B 179 -63.20 -8.53 -4.38
CA ASP B 179 -63.31 -8.51 -2.93
C ASP B 179 -64.12 -7.30 -2.48
N THR B 180 -65.05 -7.52 -1.55
CA THR B 180 -65.95 -6.48 -1.09
C THR B 180 -65.44 -5.78 0.16
N THR B 181 -64.22 -6.06 0.59
CA THR B 181 -63.67 -5.38 1.77
C THR B 181 -63.61 -3.86 1.59
N PRO B 182 -63.19 -3.31 0.45
CA PRO B 182 -63.11 -1.85 0.32
C PRO B 182 -64.44 -1.16 0.51
N PHE B 183 -65.56 -1.85 0.25
CA PHE B 183 -66.87 -1.24 0.42
C PHE B 183 -67.46 -1.47 1.80
N MET B 184 -66.98 -2.49 2.53
CA MET B 184 -67.33 -2.62 3.93
C MET B 184 -66.58 -1.62 4.79
N TYR B 185 -65.38 -1.21 4.38
CA TYR B 185 -64.64 -0.15 5.04
C TYR B 185 -65.06 1.23 4.56
N ASN B 186 -65.95 1.29 3.57
CA ASN B 186 -66.52 2.56 3.08
C ASN B 186 -65.43 3.50 2.58
N ALA B 187 -64.72 3.06 1.54
CA ALA B 187 -63.71 3.87 0.89
C ALA B 187 -64.32 4.70 -0.24
N MET B 188 -63.84 5.93 -0.39
CA MET B 188 -64.30 6.79 -1.47
C MET B 188 -63.81 6.28 -2.83
N ALA B 189 -62.52 5.96 -2.91
CA ALA B 189 -61.92 5.46 -4.14
C ALA B 189 -60.99 4.30 -3.79
N GLY B 190 -60.65 3.51 -4.80
CA GLY B 190 -59.79 2.38 -4.56
C GLY B 190 -59.30 1.78 -5.85
N ALA B 191 -58.38 0.83 -5.73
CA ALA B 191 -57.75 0.20 -6.87
C ALA B 191 -57.61 -1.30 -6.62
N TYR B 192 -57.49 -2.05 -7.73
CA TYR B 192 -57.16 -3.46 -7.69
C TYR B 192 -55.95 -3.65 -8.60
N PRO B 193 -54.80 -3.06 -8.24
CA PRO B 193 -53.73 -2.89 -9.22
C PRO B 193 -52.99 -4.18 -9.54
N SER B 194 -53.76 -5.24 -9.74
CA SER B 194 -53.28 -6.43 -10.42
C SER B 194 -54.26 -6.97 -11.45
N TYR B 195 -55.52 -6.52 -11.43
CA TYR B 195 -56.50 -6.82 -12.47
C TYR B 195 -56.79 -5.60 -13.34
N SER B 196 -55.92 -4.60 -13.29
CA SER B 196 -56.06 -3.39 -14.11
C SER B 196 -57.41 -2.73 -13.89
N THR B 197 -57.81 -2.63 -12.62
CA THR B 197 -59.09 -2.03 -12.27
C THR B 197 -58.88 -0.89 -11.28
N ASN B 198 -59.61 0.20 -11.51
CA ASN B 198 -59.74 1.28 -10.54
C ASN B 198 -61.22 1.50 -10.29
N TRP B 199 -61.54 2.23 -9.21
CA TRP B 199 -62.93 2.59 -9.00
C TRP B 199 -62.98 3.84 -8.14
N ALA B 200 -64.00 4.66 -8.38
CA ALA B 200 -64.15 5.89 -7.63
C ALA B 200 -65.62 6.18 -7.42
N ASP B 201 -65.92 6.85 -6.31
CA ASP B 201 -67.26 7.38 -6.08
C ASP B 201 -67.50 8.57 -7.00
N GLU B 202 -68.73 8.66 -7.50
CA GLU B 202 -69.07 9.72 -8.45
C GLU B 202 -68.73 11.11 -7.92
N GLN B 203 -68.56 11.26 -6.61
CA GLN B 203 -68.25 12.56 -6.03
C GLN B 203 -66.77 12.90 -6.10
N VAL B 204 -65.93 11.99 -6.58
CA VAL B 204 -64.49 12.23 -6.68
C VAL B 204 -63.98 11.97 -8.09
N LEU B 205 -64.89 11.91 -9.07
CA LEU B 205 -64.47 11.66 -10.45
C LEU B 205 -63.68 12.81 -11.04
N LYS B 206 -63.78 14.00 -10.46
CA LYS B 206 -63.01 15.17 -10.89
C LYS B 206 -61.86 15.47 -9.95
N ALA B 207 -61.29 14.44 -9.32
CA ALA B 207 -60.13 14.58 -8.47
C ALA B 207 -58.86 14.51 -9.31
N LYS B 208 -57.73 14.79 -8.67
CA LYS B 208 -56.46 14.93 -9.39
C LYS B 208 -55.63 13.65 -9.40
N ASN B 209 -55.43 13.01 -8.25
CA ASN B 209 -54.36 12.02 -8.11
C ASN B 209 -54.84 10.58 -8.09
N ILE B 210 -56.11 10.31 -7.79
CA ILE B 210 -56.55 8.92 -7.74
C ILE B 210 -56.46 8.31 -9.13
N GLY B 211 -56.53 6.99 -9.18
CA GLY B 211 -56.32 6.26 -10.42
C GLY B 211 -57.47 6.29 -11.41
N LEU B 212 -58.61 6.85 -11.03
CA LEU B 212 -59.77 7.01 -11.93
C LEU B 212 -60.33 8.40 -11.68
N CYS B 213 -59.84 9.38 -12.45
CA CYS B 213 -60.29 10.75 -12.30
C CYS B 213 -59.84 11.54 -13.52
N SER B 214 -60.37 12.76 -13.64
CA SER B 214 -59.95 13.66 -14.70
C SER B 214 -60.21 15.08 -14.21
N THR B 215 -59.16 15.75 -13.74
CA THR B 215 -59.28 17.11 -13.26
C THR B 215 -59.11 18.09 -14.42
N ASP B 216 -59.19 19.37 -14.12
CA ASP B 216 -59.06 20.43 -15.11
C ASP B 216 -57.99 21.41 -14.67
N LEU B 217 -57.28 21.97 -15.64
CA LEU B 217 -56.19 22.91 -15.37
C LEU B 217 -56.76 24.31 -15.16
N THR B 218 -57.43 24.47 -14.02
CA THR B 218 -58.02 25.74 -13.67
C THR B 218 -56.98 26.69 -13.09
N GLU B 219 -57.30 27.99 -13.14
CA GLU B 219 -56.45 29.02 -12.58
C GLU B 219 -56.76 29.32 -11.13
N GLY B 220 -57.67 28.58 -10.52
CA GLY B 220 -58.07 28.83 -9.14
C GLY B 220 -59.02 30.01 -9.02
N ARG B 221 -59.25 30.40 -7.78
CA ARG B 221 -60.14 31.52 -7.47
C ARG B 221 -60.00 31.94 -6.01
N GLY B 230 -73.51 21.85 -0.38
CA GLY B 230 -73.30 21.03 0.81
C GLY B 230 -71.85 20.91 1.22
N LYS B 231 -71.59 20.97 2.53
CA LYS B 231 -70.27 20.83 3.10
C LYS B 231 -69.95 19.41 3.56
N LYS B 232 -70.63 18.39 3.05
CA LYS B 232 -70.47 17.02 3.56
C LYS B 232 -70.18 16.08 2.39
N LEU B 233 -68.93 15.64 2.28
CA LEU B 233 -68.53 14.64 1.30
C LEU B 233 -68.47 13.28 1.97
N GLU B 234 -69.43 12.42 1.65
CA GLU B 234 -69.47 11.04 2.12
C GLU B 234 -69.75 10.11 0.94
N PRO B 235 -69.32 8.86 1.04
CA PRO B 235 -69.56 7.93 -0.06
C PRO B 235 -71.04 7.81 -0.37
N CYS B 236 -71.36 7.74 -1.66
CA CYS B 236 -72.73 7.57 -2.13
C CYS B 236 -72.86 6.21 -2.82
N ASP B 237 -74.10 5.86 -3.14
CA ASP B 237 -74.39 4.52 -3.64
C ASP B 237 -73.71 4.27 -4.98
N ARG B 238 -73.69 5.28 -5.85
CA ARG B 238 -73.19 5.10 -7.21
C ARG B 238 -71.67 5.23 -7.23
N VAL B 239 -71.00 4.15 -7.64
CA VAL B 239 -69.56 4.16 -7.84
C VAL B 239 -69.29 3.65 -9.26
N LEU B 240 -68.11 3.98 -9.77
CA LEU B 240 -67.71 3.63 -11.11
C LEU B 240 -66.46 2.75 -11.07
N PHE B 241 -66.49 1.67 -11.84
CA PHE B 241 -65.37 0.75 -11.97
C PHE B 241 -64.79 0.88 -13.38
N SER B 242 -63.52 1.23 -13.47
CA SER B 242 -62.79 1.21 -14.73
C SER B 242 -61.95 -0.06 -14.73
N VAL B 243 -62.45 -1.10 -15.39
CA VAL B 243 -61.71 -2.33 -15.60
C VAL B 243 -60.96 -2.15 -16.92
N GLY B 244 -59.67 -1.82 -16.81
CA GLY B 244 -58.92 -1.43 -17.98
C GLY B 244 -59.51 -0.20 -18.62
N SER B 245 -60.15 -0.36 -19.78
CA SER B 245 -60.81 0.74 -20.47
C SER B 245 -62.33 0.62 -20.45
N THR B 246 -62.87 -0.37 -19.74
CA THR B 246 -64.31 -0.59 -19.69
C THR B 246 -64.89 0.03 -18.43
N LEU B 247 -66.07 0.61 -18.55
CA LEU B 247 -66.73 1.29 -17.44
C LEU B 247 -67.91 0.47 -16.95
N TYR B 248 -68.07 0.41 -15.63
CA TYR B 248 -69.14 -0.32 -14.97
C TYR B 248 -69.71 0.51 -13.83
N PRO B 249 -70.92 1.04 -13.97
CA PRO B 249 -71.56 1.76 -12.86
C PRO B 249 -72.20 0.79 -11.89
N GLU B 250 -71.61 0.67 -10.70
CA GLU B 250 -72.08 -0.25 -9.68
C GLU B 250 -72.64 0.51 -8.48
N SER B 251 -73.28 -0.24 -7.59
CA SER B 251 -73.96 0.30 -6.42
C SER B 251 -73.23 -0.13 -5.16
N ARG B 252 -73.02 0.81 -4.24
CA ARG B 252 -72.41 0.47 -2.96
C ARG B 252 -73.28 -0.52 -2.19
N LYS B 253 -74.59 -0.28 -2.14
CA LYS B 253 -75.46 -1.11 -1.32
C LYS B 253 -75.55 -2.53 -1.89
N LEU B 254 -75.56 -2.66 -3.21
CA LEU B 254 -75.54 -3.98 -3.83
C LEU B 254 -74.15 -4.58 -3.92
N LEU B 255 -73.11 -3.80 -3.59
CA LEU B 255 -71.79 -4.38 -3.37
C LEU B 255 -71.62 -4.80 -1.92
N LYS B 256 -72.09 -3.98 -0.98
CA LYS B 256 -72.15 -4.41 0.40
C LYS B 256 -73.39 -5.28 0.59
N SER B 257 -73.55 -6.26 -0.30
CA SER B 257 -74.57 -7.29 -0.17
C SER B 257 -74.04 -8.69 -0.41
N TRP B 258 -72.93 -8.85 -1.14
CA TRP B 258 -72.25 -10.14 -1.27
C TRP B 258 -71.16 -10.32 -0.24
N HIS B 259 -70.97 -9.34 0.63
CA HIS B 259 -70.16 -9.50 1.84
C HIS B 259 -71.02 -10.16 2.92
N LEU B 260 -71.36 -11.42 2.66
CA LEU B 260 -72.33 -12.11 3.50
C LEU B 260 -71.66 -12.64 4.75
N PRO B 261 -72.36 -12.64 5.89
CA PRO B 261 -71.79 -13.22 7.11
C PRO B 261 -71.59 -14.71 6.95
N SER B 262 -70.90 -15.29 7.95
CA SER B 262 -70.60 -16.72 7.89
C SER B 262 -71.88 -17.55 7.95
N VAL B 263 -72.84 -17.14 8.79
CA VAL B 263 -74.13 -17.79 8.88
C VAL B 263 -75.21 -16.71 8.79
N PHE B 264 -76.14 -16.87 7.86
CA PHE B 264 -77.23 -15.93 7.69
C PHE B 264 -78.52 -16.68 7.37
N HIS B 265 -79.63 -16.12 7.83
CA HIS B 265 -80.94 -16.75 7.69
C HIS B 265 -81.79 -15.99 6.67
N LEU B 266 -82.37 -16.73 5.73
CA LEU B 266 -83.33 -16.20 4.77
C LEU B 266 -84.71 -16.71 5.18
N LYS B 267 -85.47 -15.85 5.85
CA LYS B 267 -86.74 -16.22 6.46
C LYS B 267 -87.89 -15.60 5.67
N GLY B 268 -88.65 -16.45 4.99
CA GLY B 268 -89.83 -16.01 4.25
C GLY B 268 -90.84 -17.12 4.18
N LYS B 269 -91.42 -17.32 2.99
CA LYS B 269 -92.33 -18.44 2.81
C LYS B 269 -91.61 -19.76 3.03
N LEU B 270 -90.38 -19.87 2.53
CA LEU B 270 -89.50 -20.98 2.83
C LEU B 270 -88.30 -20.44 3.60
N SER B 271 -88.05 -21.01 4.78
CA SER B 271 -86.96 -20.56 5.64
C SER B 271 -85.70 -21.36 5.34
N PHE B 272 -84.56 -20.67 5.35
CA PHE B 272 -83.29 -21.30 5.06
C PHE B 272 -82.20 -20.72 5.97
N THR B 273 -81.22 -21.57 6.28
CA THR B 273 -79.99 -21.16 6.93
C THR B 273 -78.85 -21.41 5.96
N CYS B 274 -77.96 -20.43 5.80
CA CYS B 274 -76.94 -20.48 4.77
C CYS B 274 -75.60 -20.02 5.34
N ARG B 275 -74.52 -20.51 4.74
CA ARG B 275 -73.16 -20.20 5.17
C ARG B 275 -72.37 -19.70 3.97
N CYS B 276 -71.69 -18.56 4.14
CA CYS B 276 -70.78 -18.03 3.14
C CYS B 276 -69.36 -18.17 3.66
N ASP B 277 -68.51 -18.85 2.89
CA ASP B 277 -67.12 -19.04 3.25
C ASP B 277 -66.24 -18.75 2.04
N THR B 278 -65.39 -17.75 2.16
CA THR B 278 -64.49 -17.37 1.07
C THR B 278 -63.45 -18.46 0.87
N VAL B 279 -63.47 -19.09 -0.29
CA VAL B 279 -62.57 -20.21 -0.58
C VAL B 279 -61.25 -19.73 -1.18
N VAL B 280 -61.32 -18.90 -2.22
CA VAL B 280 -60.15 -18.42 -2.93
C VAL B 280 -60.08 -16.91 -2.82
N SER B 281 -58.88 -16.39 -2.63
CA SER B 281 -58.64 -14.95 -2.51
C SER B 281 -57.29 -14.62 -3.12
N CYS B 282 -57.29 -13.74 -4.12
CA CYS B 282 -56.06 -13.40 -4.85
C CYS B 282 -56.07 -11.91 -5.17
N GLU B 283 -55.28 -11.13 -4.43
CA GLU B 283 -54.92 -9.76 -4.79
C GLU B 283 -56.14 -8.87 -5.03
N GLY B 284 -57.32 -9.30 -4.60
CA GLY B 284 -58.51 -8.48 -4.78
C GLY B 284 -59.71 -9.26 -5.25
N TYR B 285 -59.48 -10.31 -6.03
CA TYR B 285 -60.56 -11.20 -6.41
C TYR B 285 -60.83 -12.24 -5.32
N VAL B 286 -62.09 -12.64 -5.22
CA VAL B 286 -62.52 -13.64 -4.26
C VAL B 286 -63.50 -14.59 -4.94
N VAL B 287 -63.58 -15.80 -4.37
CA VAL B 287 -64.52 -16.82 -4.84
C VAL B 287 -65.29 -17.27 -3.60
N LYS B 288 -66.44 -16.64 -3.35
CA LYS B 288 -67.26 -16.97 -2.20
C LYS B 288 -68.15 -18.16 -2.52
N ARG B 289 -68.48 -18.92 -1.49
CA ARG B 289 -69.36 -20.08 -1.61
C ARG B 289 -70.45 -19.98 -0.55
N ILE B 290 -71.71 -20.05 -0.98
CA ILE B 290 -72.85 -19.94 -0.08
C ILE B 290 -73.66 -21.23 -0.19
N THR B 291 -73.90 -21.88 0.94
CA THR B 291 -74.71 -23.08 0.99
C THR B 291 -76.10 -22.72 1.51
N MET B 292 -77.11 -23.02 0.71
CA MET B 292 -78.49 -22.71 1.04
C MET B 292 -79.22 -23.99 1.45
N SER B 293 -79.90 -23.94 2.59
CA SER B 293 -80.62 -25.09 3.10
C SER B 293 -81.84 -24.65 3.89
N PRO B 294 -82.98 -25.31 3.71
CA PRO B 294 -84.18 -24.94 4.46
C PRO B 294 -84.03 -25.22 5.95
N GLY B 295 -84.83 -24.50 6.74
CA GLY B 295 -84.79 -24.63 8.19
C GLY B 295 -83.75 -23.73 8.82
N LEU B 296 -83.78 -23.69 10.15
CA LEU B 296 -82.87 -22.90 10.95
C LEU B 296 -81.93 -23.84 11.69
N TYR B 297 -80.63 -23.65 11.52
CA TYR B 297 -79.63 -24.61 11.97
C TYR B 297 -78.60 -23.95 12.89
N GLY B 298 -79.07 -23.16 13.84
CA GLY B 298 -78.21 -22.52 14.79
C GLY B 298 -78.59 -21.07 14.98
N LYS B 299 -77.72 -20.32 15.64
CA LYS B 299 -77.90 -18.90 15.87
C LYS B 299 -76.91 -18.12 15.02
N THR B 300 -77.43 -17.12 14.31
CA THR B 300 -76.61 -16.30 13.42
C THR B 300 -75.86 -15.27 14.25
N THR B 301 -74.52 -15.31 14.19
CA THR B 301 -73.70 -14.37 14.94
C THR B 301 -73.66 -12.98 14.30
N GLY B 302 -74.02 -12.88 13.02
CA GLY B 302 -74.01 -11.59 12.34
C GLY B 302 -72.62 -11.01 12.15
N TYR B 303 -71.65 -11.84 11.77
CA TYR B 303 -70.28 -11.41 11.57
C TYR B 303 -69.78 -11.91 10.22
N ALA B 304 -69.13 -11.03 9.48
CA ALA B 304 -68.44 -11.38 8.24
C ALA B 304 -66.95 -11.25 8.47
N VAL B 305 -66.21 -12.30 8.11
CA VAL B 305 -64.78 -12.41 8.37
C VAL B 305 -64.05 -12.46 7.04
N THR B 306 -63.06 -11.59 6.89
CA THR B 306 -62.21 -11.56 5.70
C THR B 306 -60.77 -11.83 6.13
N HIS B 307 -60.18 -12.91 5.65
CA HIS B 307 -58.79 -13.21 5.95
C HIS B 307 -57.90 -12.53 4.92
N HIS B 308 -57.10 -11.56 5.37
CA HIS B 308 -56.29 -10.75 4.47
C HIS B 308 -55.01 -11.51 4.15
N ALA B 309 -55.09 -12.38 3.14
CA ALA B 309 -53.92 -13.13 2.71
C ALA B 309 -52.80 -12.21 2.25
N ASP B 310 -53.13 -10.99 1.83
CA ASP B 310 -52.14 -9.98 1.49
C ASP B 310 -52.58 -8.65 2.07
N GLY B 311 -51.61 -7.77 2.31
CA GLY B 311 -51.89 -6.49 2.93
C GLY B 311 -53.03 -5.73 2.30
N PHE B 312 -53.81 -5.03 3.11
CA PHE B 312 -54.90 -4.19 2.63
C PHE B 312 -54.75 -2.82 3.29
N LEU B 313 -54.42 -1.80 2.49
CA LEU B 313 -54.26 -0.45 3.00
C LEU B 313 -55.48 0.37 2.66
N MET B 314 -55.88 1.22 3.59
CA MET B 314 -56.99 2.16 3.34
C MET B 314 -56.66 3.43 4.12
N CYS B 315 -56.30 4.49 3.41
CA CYS B 315 -55.83 5.72 4.06
CA CYS B 315 -55.84 5.72 4.05
C CYS B 315 -56.60 6.92 3.52
N LYS B 316 -56.70 7.95 4.35
CA LYS B 316 -57.39 9.18 3.99
C LYS B 316 -56.40 10.13 3.34
N THR B 317 -56.47 10.27 2.02
CA THR B 317 -55.62 11.18 1.28
C THR B 317 -56.35 12.48 1.03
N THR B 318 -55.57 13.56 0.99
CA THR B 318 -56.09 14.89 0.67
C THR B 318 -55.88 15.16 -0.82
N ASP B 319 -56.93 15.61 -1.49
CA ASP B 319 -56.89 15.90 -2.91
C ASP B 319 -57.60 17.23 -3.14
N THR B 320 -57.77 17.58 -4.41
CA THR B 320 -58.54 18.75 -4.80
C THR B 320 -59.59 18.31 -5.81
N VAL B 321 -60.86 18.53 -5.49
CA VAL B 321 -61.97 18.18 -6.36
C VAL B 321 -62.59 19.47 -6.86
N ASP B 322 -62.65 19.61 -8.18
CA ASP B 322 -63.16 20.83 -8.81
C ASP B 322 -62.46 22.07 -8.29
N GLY B 323 -61.17 21.94 -7.98
CA GLY B 323 -60.38 23.05 -7.48
C GLY B 323 -60.51 23.33 -6.00
N GLU B 324 -61.33 22.57 -5.27
CA GLU B 324 -61.54 22.78 -3.85
C GLU B 324 -60.83 21.69 -3.06
N ARG B 325 -60.06 22.09 -2.06
CA ARG B 325 -59.28 21.15 -1.29
C ARG B 325 -60.20 20.31 -0.40
N VAL B 326 -60.04 18.99 -0.44
CA VAL B 326 -60.88 18.07 0.33
C VAL B 326 -60.03 16.88 0.74
N SER B 327 -60.61 16.03 1.58
CA SER B 327 -59.97 14.82 2.06
C SER B 327 -60.94 13.65 1.92
N PHE B 328 -60.46 12.52 1.44
CA PHE B 328 -61.30 11.34 1.30
C PHE B 328 -60.41 10.09 1.31
N SER B 329 -61.05 8.95 1.52
CA SER B 329 -60.33 7.71 1.78
C SER B 329 -60.18 6.90 0.50
N VAL B 330 -58.98 6.36 0.29
CA VAL B 330 -58.68 5.50 -0.85
C VAL B 330 -57.99 4.25 -0.34
N CYS B 331 -58.29 3.11 -0.97
CA CYS B 331 -57.80 1.81 -0.53
C CYS B 331 -57.07 1.10 -1.66
N THR B 332 -56.22 0.15 -1.27
CA THR B 332 -55.46 -0.64 -2.23
C THR B 332 -55.05 -1.95 -1.55
N TYR B 333 -54.62 -2.90 -2.38
CA TYR B 333 -54.21 -4.23 -1.93
C TYR B 333 -52.72 -4.37 -2.19
N VAL B 334 -51.91 -4.13 -1.15
CA VAL B 334 -50.46 -4.30 -1.26
C VAL B 334 -50.14 -5.78 -1.30
N PRO B 335 -49.11 -6.20 -2.04
CA PRO B 335 -48.71 -7.61 -2.01
C PRO B 335 -48.11 -7.99 -0.66
N ALA B 336 -48.20 -9.28 -0.34
CA ALA B 336 -47.73 -9.75 0.96
C ALA B 336 -46.23 -9.53 1.13
N THR B 337 -45.45 -9.78 0.08
CA THR B 337 -44.00 -9.67 0.19
C THR B 337 -43.58 -8.24 0.51
N ILE B 338 -44.29 -7.25 -0.04
CA ILE B 338 -43.96 -5.86 0.25
C ILE B 338 -44.16 -5.57 1.74
N CYS B 339 -45.27 -6.06 2.31
CA CYS B 339 -45.51 -5.88 3.72
C CYS B 339 -44.45 -6.58 4.56
N ASP B 340 -44.10 -7.81 4.17
CA ASP B 340 -43.07 -8.55 4.90
C ASP B 340 -41.76 -7.76 4.92
N GLN B 341 -41.31 -7.29 3.76
CA GLN B 341 -40.05 -6.55 3.66
C GLN B 341 -40.14 -5.14 4.24
N MET B 342 -41.34 -4.62 4.45
CA MET B 342 -41.51 -3.32 5.09
C MET B 342 -41.77 -3.42 6.58
N THR B 343 -41.90 -4.64 7.11
CA THR B 343 -42.05 -4.81 8.56
C THR B 343 -41.04 -3.97 9.33
N GLY B 344 -39.75 -4.18 9.06
CA GLY B 344 -38.73 -3.50 9.85
C GLY B 344 -38.80 -1.98 9.71
N ILE B 345 -38.93 -1.49 8.48
CA ILE B 345 -39.01 -0.05 8.26
C ILE B 345 -40.21 0.53 8.98
N LEU B 346 -41.37 -0.10 8.85
CA LEU B 346 -42.56 0.36 9.56
C LEU B 346 -42.38 0.29 11.06
N ALA B 347 -41.43 -0.52 11.54
CA ALA B 347 -41.05 -0.45 12.95
C ALA B 347 -40.61 0.94 13.35
N THR B 348 -40.13 1.74 12.40
CA THR B 348 -39.66 3.10 12.64
C THR B 348 -40.59 4.10 11.95
N GLU B 349 -40.63 5.32 12.49
CA GLU B 349 -41.33 6.41 11.82
C GLU B 349 -40.66 6.70 10.49
N VAL B 350 -41.34 6.41 9.39
CA VAL B 350 -40.77 6.49 8.05
C VAL B 350 -41.54 7.51 7.25
N THR B 351 -40.81 8.40 6.58
CA THR B 351 -41.44 9.44 5.78
C THR B 351 -42.10 8.85 4.54
N PRO B 352 -43.13 9.52 4.00
CA PRO B 352 -43.67 9.08 2.71
C PRO B 352 -42.64 9.06 1.61
N GLU B 353 -41.71 10.01 1.61
CA GLU B 353 -40.66 10.04 0.60
C GLU B 353 -39.71 8.87 0.74
N ASP B 354 -39.22 8.61 1.95
CA ASP B 354 -38.29 7.51 2.16
C ASP B 354 -39.00 6.17 2.00
N ALA B 355 -40.24 6.08 2.46
CA ALA B 355 -41.03 4.88 2.22
C ALA B 355 -41.22 4.64 0.73
N GLN B 356 -41.45 5.71 -0.03
CA GLN B 356 -41.58 5.58 -1.48
C GLN B 356 -40.29 5.09 -2.12
N LYS B 357 -39.15 5.62 -1.67
CA LYS B 357 -37.86 5.17 -2.19
C LYS B 357 -37.64 3.69 -1.89
N LEU B 358 -37.93 3.27 -0.66
CA LEU B 358 -37.78 1.86 -0.30
C LEU B 358 -38.74 0.98 -1.10
N LEU B 359 -39.96 1.47 -1.34
CA LEU B 359 -40.92 0.71 -2.13
C LEU B 359 -40.44 0.55 -3.56
N VAL B 360 -39.88 1.62 -4.14
CA VAL B 360 -39.34 1.52 -5.49
C VAL B 360 -38.18 0.52 -5.53
N GLY B 361 -37.29 0.59 -4.54
CA GLY B 361 -36.20 -0.37 -4.48
C GLY B 361 -36.70 -1.80 -4.37
N LEU B 362 -37.70 -2.03 -3.52
CA LEU B 362 -38.26 -3.37 -3.36
C LEU B 362 -38.92 -3.84 -4.65
N ASN B 363 -39.57 -2.92 -5.38
CA ASN B 363 -40.19 -3.29 -6.64
C ASN B 363 -39.16 -3.84 -7.62
N GLN B 364 -37.98 -3.21 -7.66
CA GLN B 364 -36.87 -3.69 -8.47
C GLN B 364 -35.69 -2.73 -8.38
N THR B 376 -39.04 -5.52 -14.41
CA THR B 376 -40.43 -5.79 -14.03
C THR B 376 -40.74 -5.21 -12.65
N ASN B 377 -42.02 -5.26 -12.28
CA ASN B 377 -42.47 -4.74 -11.00
C ASN B 377 -43.42 -5.74 -10.35
N THR B 378 -43.51 -5.66 -9.02
CA THR B 378 -44.46 -6.47 -8.27
C THR B 378 -45.74 -5.71 -7.95
N MET B 379 -45.64 -4.39 -7.80
CA MET B 379 -46.80 -3.53 -7.60
C MET B 379 -46.69 -2.33 -8.54
N LYS B 380 -47.80 -1.96 -9.14
CA LYS B 380 -47.79 -0.87 -10.11
C LYS B 380 -47.40 0.44 -9.43
N ASN B 381 -46.60 1.25 -10.15
CA ASN B 381 -45.95 2.39 -9.53
C ASN B 381 -46.90 3.56 -9.28
N TYR B 382 -48.03 3.63 -9.99
CA TYR B 382 -48.97 4.72 -9.74
C TYR B 382 -49.63 4.59 -8.37
N MET B 383 -49.54 3.43 -7.72
CA MET B 383 -50.06 3.24 -6.38
C MET B 383 -49.02 3.48 -5.29
N ILE B 384 -47.74 3.31 -5.60
CA ILE B 384 -46.65 3.49 -4.64
C ILE B 384 -46.77 4.83 -3.93
N PRO B 385 -47.05 5.93 -4.64
CA PRO B 385 -47.14 7.23 -3.95
C PRO B 385 -48.19 7.25 -2.85
N VAL B 386 -49.24 6.45 -2.95
CA VAL B 386 -50.26 6.42 -1.91
C VAL B 386 -50.03 5.28 -0.92
N VAL B 387 -49.48 4.16 -1.39
CA VAL B 387 -49.08 3.08 -0.48
C VAL B 387 -48.09 3.61 0.55
N ALA B 388 -47.11 4.39 0.10
CA ALA B 388 -46.10 4.92 1.02
C ALA B 388 -46.74 5.86 2.03
N GLN B 389 -47.66 6.71 1.60
CA GLN B 389 -48.32 7.63 2.52
C GLN B 389 -49.14 6.86 3.56
N ALA B 390 -49.85 5.81 3.11
CA ALA B 390 -50.60 4.99 4.05
C ALA B 390 -49.67 4.32 5.05
N PHE B 391 -48.56 3.76 4.57
CA PHE B 391 -47.59 3.12 5.46
C PHE B 391 -47.08 4.12 6.50
N SER B 392 -46.74 5.33 6.05
CA SER B 392 -46.18 6.32 6.97
C SER B 392 -47.22 6.77 7.99
N LYS B 393 -48.46 7.01 7.55
CA LYS B 393 -49.50 7.40 8.50
C LYS B 393 -49.76 6.30 9.51
N TRP B 394 -49.77 5.04 9.06
CA TRP B 394 -49.98 3.92 9.97
C TRP B 394 -48.85 3.81 10.98
N ALA B 395 -47.61 3.96 10.52
CA ALA B 395 -46.48 3.90 11.44
C ALA B 395 -46.54 5.03 12.46
N LYS B 396 -46.87 6.24 12.02
CA LYS B 396 -46.95 7.36 12.96
C LYS B 396 -48.06 7.14 13.97
N GLU B 397 -49.21 6.63 13.52
CA GLU B 397 -50.30 6.35 14.44
C GLU B 397 -49.92 5.26 15.44
N CYS B 398 -49.22 4.23 14.97
CA CYS B 398 -48.77 3.17 15.88
C CYS B 398 -47.82 3.72 16.92
N ARG B 399 -46.86 4.55 16.51
CA ARG B 399 -45.93 5.13 17.48
C ARG B 399 -46.65 6.04 18.47
N LYS B 400 -47.58 6.88 17.99
CA LYS B 400 -48.32 7.74 18.90
C LYS B 400 -49.18 6.92 19.84
N ASP B 401 -49.59 5.72 19.40
CA ASP B 401 -50.29 4.81 20.30
C ASP B 401 -49.35 4.28 21.37
N MET B 402 -48.19 3.77 20.97
CA MET B 402 -47.22 3.24 21.92
C MET B 402 -46.55 4.33 22.74
N GLU B 403 -46.73 5.60 22.38
CA GLU B 403 -46.17 6.71 23.13
C GLU B 403 -47.10 7.23 24.20
N ASP B 404 -48.31 6.69 24.31
CA ASP B 404 -49.27 7.07 25.33
C ASP B 404 -50.03 5.82 25.75
N GLU B 405 -50.12 5.59 27.06
CA GLU B 405 -50.76 4.39 27.61
C GLU B 405 -51.70 4.80 28.72
N LYS B 406 -52.93 4.29 28.66
CA LYS B 406 -53.97 4.61 29.64
C LYS B 406 -54.09 3.49 30.66
N LEU B 407 -55.09 3.59 31.54
CA LEU B 407 -55.29 2.60 32.57
C LEU B 407 -55.96 1.35 32.00
N LEU B 408 -55.38 0.18 32.28
CA LEU B 408 -55.96 -1.08 31.82
C LEU B 408 -57.30 -1.34 32.49
N GLY B 409 -58.19 -2.00 31.75
CA GLY B 409 -59.46 -2.45 32.28
C GLY B 409 -60.57 -1.43 32.23
N VAL B 410 -60.27 -0.17 31.89
CA VAL B 410 -61.26 0.90 31.92
C VAL B 410 -61.27 1.60 30.57
N ARG B 411 -62.45 1.81 30.02
CA ARG B 411 -62.63 2.66 28.85
C ARG B 411 -62.70 4.10 29.32
N GLU B 412 -61.55 4.77 29.36
CA GLU B 412 -61.47 6.13 29.89
C GLU B 412 -62.23 7.12 29.01
N PHE B 423 -66.62 9.66 25.22
CA PHE B 423 -65.17 9.58 25.22
C PHE B 423 -64.58 10.54 24.17
N LYS B 424 -63.33 10.96 24.39
CA LYS B 424 -62.65 11.87 23.48
C LYS B 424 -62.19 11.09 22.26
N LYS B 425 -63.13 10.81 21.37
CA LYS B 425 -62.79 10.14 20.12
C LYS B 425 -61.76 10.96 19.36
N GLN B 426 -60.77 10.28 18.81
CA GLN B 426 -59.62 10.93 18.18
C GLN B 426 -59.47 10.46 16.74
N LYS B 427 -58.36 10.86 16.13
CA LYS B 427 -58.11 10.60 14.71
C LYS B 427 -57.85 9.12 14.46
N THR B 428 -58.32 8.63 13.33
CA THR B 428 -57.99 7.30 12.80
C THR B 428 -57.91 7.47 11.29
N HIS B 429 -56.70 7.72 10.79
CA HIS B 429 -56.49 8.09 9.40
C HIS B 429 -55.82 6.98 8.58
N THR B 430 -55.75 5.76 9.10
CA THR B 430 -55.22 4.65 8.32
C THR B 430 -55.82 3.35 8.82
N VAL B 431 -55.94 2.39 7.90
CA VAL B 431 -56.35 1.03 8.23
C VAL B 431 -55.45 0.11 7.42
N TYR B 432 -54.47 -0.49 8.10
CA TYR B 432 -53.53 -1.41 7.47
C TYR B 432 -53.79 -2.81 8.02
N LYS B 433 -54.33 -3.68 7.17
CA LYS B 433 -54.58 -5.07 7.54
C LYS B 433 -53.46 -5.90 6.92
N ARG B 434 -52.44 -6.19 7.72
CA ARG B 434 -51.27 -6.89 7.24
C ARG B 434 -51.64 -8.31 6.80
N PRO B 435 -50.73 -8.99 6.11
CA PRO B 435 -51.01 -10.37 5.72
C PRO B 435 -51.24 -11.25 6.93
N ASP B 436 -52.18 -12.18 6.81
CA ASP B 436 -52.54 -13.15 7.83
C ASP B 436 -53.36 -12.55 8.97
N THR B 437 -53.86 -11.33 8.82
CA THR B 437 -54.81 -10.78 9.78
C THR B 437 -56.22 -11.04 9.29
N GLN B 438 -57.20 -10.63 10.09
CA GLN B 438 -58.60 -10.83 9.74
C GLN B 438 -59.40 -9.59 10.05
N SER B 439 -60.30 -9.24 9.14
CA SER B 439 -61.27 -8.18 9.36
C SER B 439 -62.61 -8.80 9.74
N ILE B 440 -63.28 -8.19 10.70
CA ILE B 440 -64.53 -8.69 11.24
C ILE B 440 -65.53 -7.53 11.26
N GLN B 441 -66.59 -7.65 10.46
CA GLN B 441 -67.62 -6.63 10.39
C GLN B 441 -68.97 -7.21 10.77
N LYS B 442 -69.71 -6.48 11.60
CA LYS B 442 -71.05 -6.89 12.00
C LYS B 442 -72.04 -6.50 10.90
N VAL B 443 -72.57 -7.50 10.20
CA VAL B 443 -73.48 -7.25 9.08
C VAL B 443 -74.83 -7.88 9.38
N GLN B 444 -75.78 -7.69 8.47
CA GLN B 444 -77.10 -8.28 8.64
C GLN B 444 -77.07 -9.75 8.30
N ALA B 445 -77.69 -10.57 9.16
CA ALA B 445 -77.69 -12.01 8.99
C ALA B 445 -79.10 -12.60 8.89
N GLU B 446 -80.14 -11.80 9.10
CA GLU B 446 -81.51 -12.27 9.04
C GLU B 446 -82.25 -11.46 7.98
N PHE B 447 -82.55 -12.09 6.85
CA PHE B 447 -83.25 -11.46 5.75
C PHE B 447 -84.63 -12.09 5.60
N ASP B 448 -85.66 -11.25 5.58
CA ASP B 448 -87.04 -11.72 5.48
C ASP B 448 -87.81 -10.95 4.42
N SER B 458 -87.67 -11.17 -21.89
CA SER B 458 -88.81 -10.28 -21.95
C SER B 458 -88.38 -8.84 -22.20
N GLY B 459 -87.17 -8.68 -22.75
CA GLY B 459 -86.65 -7.37 -23.06
C GLY B 459 -86.01 -7.28 -24.42
N LEU B 460 -85.94 -8.42 -25.11
CA LEU B 460 -85.35 -8.45 -26.45
C LEU B 460 -86.19 -7.62 -27.42
N SER B 461 -85.51 -6.86 -28.27
CA SER B 461 -86.18 -6.02 -29.24
C SER B 461 -86.48 -6.80 -30.52
N ILE B 462 -87.58 -6.41 -31.18
CA ILE B 462 -87.97 -7.09 -32.42
C ILE B 462 -86.89 -6.98 -33.49
N PRO B 463 -86.35 -5.80 -33.78
CA PRO B 463 -85.27 -5.74 -34.79
C PRO B 463 -84.06 -6.56 -34.42
N LEU B 464 -83.65 -6.54 -33.15
CA LEU B 464 -82.52 -7.35 -32.72
C LEU B 464 -82.82 -8.83 -32.85
N ARG B 465 -84.01 -9.26 -32.43
CA ARG B 465 -84.37 -10.67 -32.55
C ARG B 465 -84.37 -11.11 -34.01
N THR B 466 -84.90 -10.28 -34.90
CA THR B 466 -84.88 -10.61 -36.32
C THR B 466 -83.46 -10.70 -36.85
N ARG B 467 -82.59 -9.76 -36.45
CA ARG B 467 -81.23 -9.75 -36.95
C ARG B 467 -80.44 -10.97 -36.48
N ILE B 468 -80.62 -11.35 -35.21
CA ILE B 468 -79.80 -12.42 -34.65
C ILE B 468 -79.95 -13.71 -35.45
N LYS B 469 -81.18 -14.02 -35.86
CA LYS B 469 -81.43 -15.21 -36.67
C LYS B 469 -80.53 -15.24 -37.91
N PRO C 3 -41.85 -44.04 11.38
CA PRO C 3 -42.21 -43.50 10.06
C PRO C 3 -43.61 -42.89 10.04
N VAL C 4 -43.68 -41.56 10.02
CA VAL C 4 -44.94 -40.82 9.98
C VAL C 4 -44.88 -39.84 8.83
N TYR C 5 -46.04 -39.62 8.20
CA TYR C 5 -46.13 -38.79 7.01
C TYR C 5 -47.08 -37.63 7.28
N VAL C 6 -46.62 -36.40 7.02
CA VAL C 6 -47.41 -35.21 7.25
C VAL C 6 -47.71 -34.53 5.93
N ASP C 7 -48.63 -33.56 5.98
CA ASP C 7 -49.14 -32.87 4.80
C ASP C 7 -48.57 -31.46 4.67
N ILE C 8 -47.30 -31.28 5.02
CA ILE C 8 -46.66 -29.98 4.98
C ILE C 8 -45.40 -30.08 4.14
N ASP C 9 -45.11 -29.04 3.36
CA ASP C 9 -43.89 -29.01 2.56
C ASP C 9 -42.67 -29.00 3.48
N ALA C 10 -41.60 -29.65 3.01
CA ALA C 10 -40.42 -29.85 3.82
C ALA C 10 -39.68 -28.56 4.16
N ASP C 11 -39.97 -27.46 3.47
CA ASP C 11 -39.32 -26.19 3.72
C ASP C 11 -39.99 -25.37 4.82
N SER C 12 -41.06 -25.88 5.42
CA SER C 12 -41.81 -25.14 6.43
C SER C 12 -41.27 -25.42 7.82
N ALA C 13 -41.16 -24.37 8.63
CA ALA C 13 -40.67 -24.51 9.99
C ALA C 13 -41.60 -25.38 10.84
N PHE C 14 -42.90 -25.41 10.51
CA PHE C 14 -43.83 -26.19 11.31
C PHE C 14 -43.52 -27.68 11.26
N LEU C 15 -42.84 -28.15 10.21
CA LEU C 15 -42.41 -29.54 10.21
C LEU C 15 -41.40 -29.78 11.33
N LYS C 16 -40.45 -28.87 11.51
CA LYS C 16 -39.53 -28.96 12.64
C LYS C 16 -40.27 -28.84 13.96
N ALA C 17 -41.25 -27.94 14.03
CA ALA C 17 -42.01 -27.80 15.26
C ALA C 17 -42.73 -29.10 15.62
N LEU C 18 -43.34 -29.75 14.63
CA LEU C 18 -44.00 -31.02 14.88
C LEU C 18 -43.01 -32.10 15.29
N GLN C 19 -41.86 -32.18 14.60
CA GLN C 19 -40.82 -33.12 15.01
C GLN C 19 -40.47 -32.94 16.48
N ARG C 20 -40.26 -31.69 16.89
CA ARG C 20 -39.96 -31.43 18.30
C ARG C 20 -41.11 -31.86 19.20
N ALA C 21 -42.35 -31.59 18.78
CA ALA C 21 -43.51 -31.88 19.60
C ALA C 21 -43.91 -33.36 19.57
N TYR C 22 -43.39 -34.14 18.63
CA TYR C 22 -43.72 -35.56 18.51
C TYR C 22 -42.43 -36.36 18.38
N PRO C 23 -41.67 -36.49 19.47
CA PRO C 23 -40.44 -37.29 19.41
C PRO C 23 -40.66 -38.75 19.07
N MET C 24 -41.76 -39.36 19.52
CA MET C 24 -41.96 -40.78 19.33
C MET C 24 -42.19 -41.15 17.87
N PHE C 25 -42.41 -40.18 16.99
CA PHE C 25 -42.69 -40.43 15.59
C PHE C 25 -41.62 -39.79 14.71
N GLU C 26 -41.25 -40.49 13.65
CA GLU C 26 -40.40 -39.92 12.61
C GLU C 26 -41.31 -39.29 11.56
N VAL C 27 -41.32 -37.96 11.50
CA VAL C 27 -42.26 -37.20 10.69
C VAL C 27 -41.54 -36.69 9.45
N GLU C 28 -42.10 -36.97 8.28
CA GLU C 28 -41.56 -36.50 7.02
C GLU C 28 -42.65 -35.79 6.23
N PRO C 29 -42.29 -34.77 5.45
CA PRO C 29 -43.30 -34.01 4.72
C PRO C 29 -43.96 -34.81 3.61
N ARG C 30 -45.24 -34.52 3.37
CA ARG C 30 -45.93 -34.90 2.14
C ARG C 30 -47.04 -33.88 1.91
N GLN C 31 -46.78 -32.89 1.06
CA GLN C 31 -47.74 -31.84 0.75
C GLN C 31 -48.21 -31.97 -0.68
N VAL C 32 -49.53 -31.96 -0.88
CA VAL C 32 -50.08 -31.85 -2.23
C VAL C 32 -51.06 -30.69 -2.31
N THR C 33 -52.18 -30.79 -1.60
CA THR C 33 -53.26 -29.82 -1.72
C THR C 33 -53.09 -28.58 -0.84
N PRO C 34 -52.86 -28.73 0.46
CA PRO C 34 -53.02 -27.61 1.38
C PRO C 34 -51.77 -26.76 1.57
N ASN C 35 -52.01 -25.48 1.86
CA ASN C 35 -50.95 -24.60 2.34
C ASN C 35 -51.37 -23.70 3.49
N ASP C 36 -52.67 -23.60 3.81
CA ASP C 36 -53.15 -22.72 4.88
C ASP C 36 -53.41 -23.50 6.18
N HIS C 37 -54.28 -24.51 6.13
CA HIS C 37 -54.64 -25.29 7.30
C HIS C 37 -53.81 -26.56 7.44
N ALA C 38 -52.64 -26.61 6.81
CA ALA C 38 -51.80 -27.81 6.90
C ALA C 38 -51.31 -28.04 8.32
N ASN C 39 -50.99 -26.96 9.04
CA ASN C 39 -50.43 -27.11 10.38
C ASN C 39 -51.42 -27.79 11.32
N ALA C 40 -52.65 -27.26 11.39
CA ALA C 40 -53.65 -27.81 12.28
C ALA C 40 -54.01 -29.25 11.88
N ARG C 41 -54.16 -29.50 10.58
CA ARG C 41 -54.47 -30.84 10.13
C ARG C 41 -53.38 -31.82 10.50
N ALA C 42 -52.12 -31.43 10.31
CA ALA C 42 -51.01 -32.31 10.66
C ALA C 42 -50.96 -32.58 12.16
N PHE C 43 -51.16 -31.54 12.97
CA PHE C 43 -51.15 -31.75 14.42
C PHE C 43 -52.28 -32.68 14.84
N SER C 44 -53.47 -32.49 14.28
CA SER C 44 -54.59 -33.37 14.62
C SER C 44 -54.32 -34.80 14.18
N HIS C 45 -53.75 -34.98 12.99
CA HIS C 45 -53.45 -36.33 12.51
C HIS C 45 -52.42 -37.01 13.39
N LEU C 46 -51.36 -36.28 13.78
CA LEU C 46 -50.34 -36.86 14.64
C LEU C 46 -50.92 -37.21 16.02
N ALA C 47 -51.77 -36.33 16.56
CA ALA C 47 -52.41 -36.64 17.82
C ALA C 47 -53.28 -37.88 17.71
N ILE C 48 -54.03 -38.00 16.61
CA ILE C 48 -54.87 -39.16 16.41
C ILE C 48 -54.03 -40.43 16.34
N LYS C 49 -52.91 -40.36 15.61
CA LYS C 49 -52.03 -41.53 15.50
C LYS C 49 -51.45 -41.92 16.85
N LEU C 50 -51.00 -40.94 17.63
CA LEU C 50 -50.43 -41.23 18.94
C LEU C 50 -51.49 -41.84 19.87
N ILE C 51 -52.71 -41.30 19.83
CA ILE C 51 -53.78 -41.85 20.66
C ILE C 51 -54.09 -43.29 20.24
N GLU C 52 -54.16 -43.53 18.93
CA GLU C 52 -54.45 -44.88 18.44
C GLU C 52 -53.37 -45.86 18.88
N GLN C 53 -52.10 -45.46 18.77
CA GLN C 53 -51.02 -46.37 19.13
C GLN C 53 -51.02 -46.69 20.62
N GLU C 54 -51.60 -45.83 21.45
CA GLU C 54 -51.58 -45.98 22.90
C GLU C 54 -52.95 -46.38 23.46
N ILE C 55 -53.75 -47.13 22.71
CA ILE C 55 -55.03 -47.61 23.17
C ILE C 55 -55.18 -49.08 22.79
N ASP C 56 -56.10 -49.76 23.46
CA ASP C 56 -56.37 -51.15 23.16
C ASP C 56 -57.06 -51.26 21.80
N PRO C 57 -56.52 -52.02 20.86
CA PRO C 57 -57.15 -52.12 19.53
C PRO C 57 -58.56 -52.67 19.59
N ASP C 58 -58.90 -53.44 20.61
CA ASP C 58 -60.22 -54.06 20.75
C ASP C 58 -61.08 -53.33 21.78
N SER C 59 -60.95 -52.02 21.88
CA SER C 59 -61.72 -51.22 22.81
C SER C 59 -62.56 -50.20 22.04
N THR C 60 -63.85 -50.16 22.33
CA THR C 60 -64.74 -49.19 21.70
C THR C 60 -64.42 -47.79 22.19
N ILE C 61 -64.31 -46.84 21.25
CA ILE C 61 -63.87 -45.48 21.54
C ILE C 61 -64.89 -44.50 20.99
N LEU C 62 -65.27 -43.51 21.78
CA LEU C 62 -66.13 -42.45 21.31
C LEU C 62 -65.33 -41.44 20.50
N ASP C 63 -66.05 -40.62 19.73
CA ASP C 63 -65.44 -39.62 18.86
C ASP C 63 -66.20 -38.30 18.98
N ILE C 64 -66.40 -37.85 20.22
CA ILE C 64 -67.18 -36.66 20.53
C ILE C 64 -66.86 -35.54 19.56
N GLY C 65 -65.57 -35.35 19.27
CA GLY C 65 -65.19 -34.40 18.23
C GLY C 65 -65.52 -34.98 16.87
N SER C 66 -66.81 -35.18 16.61
CA SER C 66 -67.24 -35.99 15.49
C SER C 66 -67.00 -35.28 14.16
N ALA C 67 -66.14 -35.86 13.33
CA ALA C 67 -66.00 -35.48 11.92
C ALA C 67 -66.05 -36.77 11.11
N PRO C 68 -67.23 -37.39 11.00
CA PRO C 68 -67.31 -38.74 10.44
C PRO C 68 -66.71 -38.86 9.05
N ALA C 69 -66.72 -37.77 8.26
CA ALA C 69 -66.07 -37.81 6.96
C ALA C 69 -64.60 -38.20 7.09
N ARG C 70 -63.94 -37.74 8.16
CA ARG C 70 -62.54 -38.10 8.37
C ARG C 70 -62.37 -39.59 8.63
N ARG C 71 -63.19 -40.14 9.53
CA ARG C 71 -63.05 -41.54 9.94
C ARG C 71 -63.56 -42.45 8.82
N MET C 72 -62.68 -42.70 7.86
CA MET C 72 -62.99 -43.58 6.74
C MET C 72 -61.90 -44.61 6.56
N MET C 73 -60.72 -44.33 7.12
CA MET C 73 -59.61 -45.27 7.14
C MET C 73 -59.36 -45.89 8.51
N SER C 74 -59.79 -45.22 9.59
CA SER C 74 -59.61 -45.76 10.92
C SER C 74 -60.37 -47.05 11.08
N ASP C 75 -59.64 -48.16 11.23
CA ASP C 75 -60.23 -49.48 11.36
C ASP C 75 -60.68 -49.79 12.78
N ARG C 76 -60.41 -48.90 13.73
CA ARG C 76 -60.79 -49.14 15.12
C ARG C 76 -62.28 -48.89 15.31
N LYS C 77 -62.81 -49.37 16.43
CA LYS C 77 -64.23 -49.26 16.73
C LYS C 77 -64.55 -47.82 17.08
N TYR C 78 -65.03 -47.06 16.10
CA TYR C 78 -65.32 -45.64 16.26
C TYR C 78 -66.82 -45.43 16.36
N HIS C 79 -67.24 -44.67 17.37
CA HIS C 79 -68.64 -44.30 17.56
C HIS C 79 -68.73 -42.78 17.49
N CYS C 80 -68.86 -42.25 16.27
CA CYS C 80 -68.96 -40.81 16.10
C CYS C 80 -70.25 -40.28 16.71
N VAL C 81 -70.17 -39.10 17.32
CA VAL C 81 -71.31 -38.46 17.97
C VAL C 81 -71.53 -37.12 17.30
N CYS C 82 -72.59 -37.00 16.51
CA CYS C 82 -72.90 -35.76 15.79
C CYS C 82 -74.19 -35.18 16.34
N PRO C 83 -74.13 -34.26 17.31
CA PRO C 83 -75.36 -33.74 17.92
C PRO C 83 -76.24 -32.94 16.96
N MET C 84 -75.70 -32.47 15.84
CA MET C 84 -76.45 -31.62 14.91
C MET C 84 -76.90 -30.33 15.60
N ARG C 85 -75.91 -29.55 16.05
CA ARG C 85 -76.17 -28.31 16.77
C ARG C 85 -75.85 -27.06 15.96
N SER C 86 -74.85 -27.12 15.09
CA SER C 86 -74.43 -25.96 14.32
C SER C 86 -75.08 -25.95 12.94
N ALA C 87 -74.82 -24.88 12.19
CA ALA C 87 -75.32 -24.80 10.82
C ALA C 87 -74.54 -25.70 9.89
N GLU C 88 -73.28 -25.98 10.21
CA GLU C 88 -72.39 -26.73 9.34
C GLU C 88 -72.59 -28.25 9.43
N ASP C 89 -73.11 -28.75 10.55
CA ASP C 89 -73.18 -30.20 10.73
C ASP C 89 -73.82 -30.92 9.54
N PRO C 90 -74.94 -30.46 8.99
CA PRO C 90 -75.49 -31.14 7.81
C PRO C 90 -74.49 -31.25 6.68
N GLU C 91 -73.82 -30.16 6.32
CA GLU C 91 -72.81 -30.22 5.26
C GLU C 91 -71.90 -31.42 5.45
N ARG C 92 -71.19 -31.47 6.58
CA ARG C 92 -70.40 -32.66 6.91
C ARG C 92 -71.20 -33.92 6.65
N LEU C 93 -72.32 -34.09 7.36
CA LEU C 93 -73.17 -35.25 7.12
C LEU C 93 -73.31 -35.53 5.63
N ALA C 94 -73.75 -34.54 4.86
CA ALA C 94 -73.93 -34.73 3.43
C ALA C 94 -72.71 -35.40 2.82
N ASN C 95 -71.55 -34.74 2.90
CA ASN C 95 -70.36 -35.31 2.26
C ASN C 95 -70.08 -36.70 2.80
N TYR C 96 -70.21 -36.89 4.11
CA TYR C 96 -69.99 -38.22 4.68
C TYR C 96 -70.84 -39.24 3.95
N ALA C 97 -72.15 -39.00 3.84
CA ALA C 97 -72.99 -39.91 3.08
C ALA C 97 -72.44 -40.10 1.68
N ARG C 98 -72.17 -39.00 0.97
CA ARG C 98 -71.59 -39.11 -0.36
C ARG C 98 -70.32 -39.95 -0.31
N LYS C 99 -69.44 -39.67 0.65
CA LYS C 99 -68.20 -40.43 0.75
C LYS C 99 -68.51 -41.91 0.94
N LEU C 100 -69.47 -42.24 1.81
CA LEU C 100 -69.86 -43.62 1.96
C LEU C 100 -70.28 -44.21 0.63
N ALA C 101 -71.12 -43.48 -0.12
CA ALA C 101 -71.48 -43.95 -1.46
C ALA C 101 -70.25 -44.10 -2.33
N SER C 102 -69.33 -43.14 -2.26
CA SER C 102 -68.09 -43.25 -3.02
C SER C 102 -67.33 -44.52 -2.65
N ALA C 103 -67.40 -44.92 -1.38
CA ALA C 103 -66.77 -46.15 -0.94
C ALA C 103 -67.71 -47.34 -0.95
N ALA C 104 -68.99 -47.14 -1.29
CA ALA C 104 -69.95 -48.22 -1.24
C ALA C 104 -69.64 -49.32 -2.26
N GLY C 105 -68.86 -49.02 -3.29
CA GLY C 105 -68.55 -50.00 -4.31
C GLY C 105 -67.11 -49.99 -4.75
N LYS C 106 -66.19 -49.58 -3.87
CA LYS C 106 -64.77 -49.53 -4.19
C LYS C 106 -63.96 -50.52 -3.37
N VAL C 107 -64.06 -50.48 -2.04
CA VAL C 107 -63.25 -51.32 -1.17
C VAL C 107 -64.14 -52.00 -0.15
N LEU C 108 -63.67 -53.12 0.38
CA LEU C 108 -64.39 -53.90 1.38
C LEU C 108 -63.48 -54.25 2.55
N ASP C 109 -62.67 -53.28 2.99
CA ASP C 109 -61.77 -53.48 4.11
C ASP C 109 -62.05 -52.56 5.30
N ARG C 110 -62.74 -51.45 5.10
CA ARG C 110 -62.99 -50.48 6.16
C ARG C 110 -64.40 -50.59 6.72
N ASN C 111 -65.12 -51.67 6.44
CA ASN C 111 -66.47 -51.88 6.93
C ASN C 111 -67.37 -50.74 6.41
N ILE C 112 -67.50 -50.69 5.09
CA ILE C 112 -68.38 -49.71 4.46
C ILE C 112 -69.84 -50.08 4.66
N SER C 113 -70.16 -51.37 4.53
CA SER C 113 -71.55 -51.80 4.70
C SER C 113 -72.07 -51.50 6.10
N GLY C 114 -71.22 -51.71 7.11
CA GLY C 114 -71.63 -51.36 8.47
C GLY C 114 -71.95 -49.90 8.62
N LYS C 115 -71.08 -49.02 8.09
CA LYS C 115 -71.34 -47.59 8.18
C LYS C 115 -72.62 -47.21 7.47
N ILE C 116 -72.83 -47.73 6.26
CA ILE C 116 -74.04 -47.38 5.50
C ILE C 116 -75.28 -47.87 6.22
N GLY C 117 -75.26 -49.10 6.73
CA GLY C 117 -76.41 -49.61 7.45
C GLY C 117 -76.69 -48.82 8.72
N ASP C 118 -75.63 -48.44 9.45
CA ASP C 118 -75.81 -47.63 10.64
C ASP C 118 -76.44 -46.27 10.29
N LEU C 119 -75.97 -45.65 9.22
CA LEU C 119 -76.56 -44.37 8.80
C LEU C 119 -78.02 -44.54 8.41
N GLN C 120 -78.34 -45.61 7.69
CA GLN C 120 -79.73 -45.86 7.31
C GLN C 120 -80.61 -46.06 8.54
N ALA C 121 -80.10 -46.81 9.53
CA ALA C 121 -80.85 -47.01 10.76
C ALA C 121 -81.07 -45.70 11.49
N VAL C 122 -80.04 -44.85 11.53
CA VAL C 122 -80.18 -43.54 12.18
C VAL C 122 -81.22 -42.70 11.45
N MET C 123 -81.20 -42.72 10.11
CA MET C 123 -82.18 -41.96 9.35
C MET C 123 -83.59 -42.46 9.60
N ALA C 124 -83.77 -43.77 9.68
CA ALA C 124 -85.10 -44.32 9.97
C ALA C 124 -85.59 -43.85 11.33
N VAL C 125 -84.73 -43.87 12.34
CA VAL C 125 -85.07 -43.41 13.68
C VAL C 125 -83.89 -42.61 14.24
N PRO C 126 -84.05 -41.31 14.49
CA PRO C 126 -82.91 -40.51 14.95
C PRO C 126 -82.29 -41.01 16.24
N ASP C 127 -83.11 -41.52 17.17
CA ASP C 127 -82.64 -41.89 18.50
C ASP C 127 -81.99 -43.26 18.55
N THR C 128 -81.60 -43.82 17.41
CA THR C 128 -80.90 -45.10 17.40
C THR C 128 -79.55 -44.97 18.09
N GLU C 129 -79.10 -46.07 18.70
CA GLU C 129 -77.81 -46.14 19.39
C GLU C 129 -76.82 -46.99 18.61
N THR C 130 -76.81 -46.82 17.29
CA THR C 130 -75.98 -47.65 16.44
C THR C 130 -74.50 -47.47 16.79
N PRO C 131 -73.68 -48.50 16.61
CA PRO C 131 -72.30 -48.44 17.10
C PRO C 131 -71.48 -47.28 16.55
N THR C 132 -71.65 -46.92 15.28
CA THR C 132 -70.78 -45.95 14.63
C THR C 132 -71.53 -44.69 14.20
N PHE C 133 -72.54 -44.27 14.96
CA PHE C 133 -73.24 -43.04 14.66
C PHE C 133 -74.29 -42.78 15.73
N CYS C 134 -74.68 -41.52 15.86
CA CYS C 134 -75.74 -41.12 16.77
C CYS C 134 -76.08 -39.66 16.49
N LEU C 135 -77.16 -39.19 17.11
CA LEU C 135 -77.63 -37.82 16.99
C LEU C 135 -77.90 -37.21 18.35
N HIS C 136 -77.11 -37.60 19.34
CA HIS C 136 -77.25 -37.12 20.70
C HIS C 136 -75.98 -36.39 21.13
N THR C 137 -76.15 -35.39 21.98
CA THR C 137 -75.01 -34.71 22.56
C THR C 137 -74.24 -35.68 23.46
N ASP C 138 -72.95 -35.40 23.65
CA ASP C 138 -72.13 -36.26 24.48
C ASP C 138 -72.75 -36.46 25.85
N VAL C 139 -73.40 -35.42 26.38
CA VAL C 139 -74.14 -35.56 27.62
C VAL C 139 -75.29 -36.56 27.46
N SER C 140 -76.01 -36.48 26.33
CA SER C 140 -77.20 -37.28 26.11
C SER C 140 -76.93 -38.58 25.38
N CYS C 141 -75.69 -38.82 24.94
CA CYS C 141 -75.38 -40.06 24.24
C CYS C 141 -75.56 -41.26 25.17
N ARG C 142 -75.86 -42.42 24.56
CA ARG C 142 -76.12 -43.64 25.32
C ARG C 142 -75.15 -44.77 25.02
N GLN C 143 -74.44 -44.75 23.89
CA GLN C 143 -73.51 -45.81 23.57
C GLN C 143 -72.42 -45.89 24.63
N ARG C 144 -71.99 -47.11 24.94
CA ARG C 144 -71.01 -47.38 25.98
C ARG C 144 -69.69 -47.80 25.34
N ALA C 145 -68.59 -47.20 25.78
CA ALA C 145 -67.28 -47.48 25.24
C ALA C 145 -66.27 -47.52 26.38
N ASP C 146 -64.98 -47.54 26.03
CA ASP C 146 -63.91 -47.59 27.02
C ASP C 146 -63.11 -46.30 27.07
N VAL C 147 -62.58 -45.85 25.93
CA VAL C 147 -61.78 -44.63 25.85
C VAL C 147 -62.47 -43.65 24.91
N ALA C 148 -62.68 -42.42 25.37
CA ALA C 148 -63.34 -41.39 24.60
C ALA C 148 -62.34 -40.31 24.21
N ILE C 149 -62.36 -39.91 22.94
CA ILE C 149 -61.46 -38.90 22.41
C ILE C 149 -62.27 -37.70 21.97
N TYR C 150 -61.88 -36.51 22.43
CA TYR C 150 -62.45 -35.26 21.97
C TYR C 150 -61.58 -34.68 20.86
N GLN C 151 -62.13 -33.68 20.16
CA GLN C 151 -61.40 -33.01 19.10
C GLN C 151 -62.03 -31.65 18.87
N ASP C 152 -61.27 -30.58 19.11
CA ASP C 152 -61.70 -29.22 18.88
C ASP C 152 -63.10 -28.98 19.46
N VAL C 153 -63.21 -29.23 20.77
CA VAL C 153 -64.47 -29.08 21.50
C VAL C 153 -64.23 -28.01 22.56
N TYR C 154 -64.58 -26.76 22.23
CA TYR C 154 -64.37 -25.62 23.13
C TYR C 154 -65.70 -25.00 23.54
N ALA C 155 -66.77 -25.80 23.60
CA ALA C 155 -68.08 -25.27 23.92
C ALA C 155 -68.82 -26.09 24.98
N VAL C 156 -68.22 -27.15 25.52
CA VAL C 156 -68.87 -28.02 26.49
C VAL C 156 -68.09 -27.98 27.80
N HIS C 157 -68.80 -27.87 28.91
CA HIS C 157 -68.15 -27.94 30.22
C HIS C 157 -67.41 -29.26 30.34
N ALA C 158 -66.10 -29.19 30.52
CA ALA C 158 -65.30 -30.40 30.59
C ALA C 158 -65.71 -31.31 31.74
N PRO C 159 -65.88 -30.82 32.96
CA PRO C 159 -66.30 -31.72 34.05
C PRO C 159 -67.60 -32.45 33.76
N THR C 160 -68.59 -31.77 33.19
CA THR C 160 -69.89 -32.40 32.98
C THR C 160 -69.82 -33.47 31.88
N SER C 161 -69.14 -33.15 30.77
CA SER C 161 -69.01 -34.14 29.71
C SER C 161 -68.20 -35.35 30.18
N LEU C 162 -67.11 -35.10 30.91
CA LEU C 162 -66.32 -36.22 31.42
C LEU C 162 -67.12 -37.05 32.41
N TYR C 163 -67.92 -36.41 33.25
CA TYR C 163 -68.77 -37.13 34.19
C TYR C 163 -69.76 -38.02 33.45
N HIS C 164 -70.51 -37.45 32.50
CA HIS C 164 -71.51 -38.22 31.78
C HIS C 164 -70.89 -39.28 30.89
N GLN C 165 -69.59 -39.16 30.59
CA GLN C 165 -68.89 -40.23 29.89
C GLN C 165 -68.44 -41.32 30.85
N ALA C 166 -68.04 -40.93 32.07
CA ALA C 166 -67.65 -41.90 33.07
C ALA C 166 -68.82 -42.77 33.48
N ILE C 167 -69.99 -42.16 33.70
CA ILE C 167 -71.17 -42.95 34.06
C ILE C 167 -71.52 -43.94 32.96
N LYS C 168 -71.06 -43.68 31.73
CA LYS C 168 -71.17 -44.62 30.63
C LYS C 168 -69.94 -45.51 30.50
N GLY C 169 -69.14 -45.64 31.57
CA GLY C 169 -67.95 -46.47 31.55
C GLY C 169 -66.82 -45.94 30.71
N VAL C 170 -66.51 -44.64 30.82
CA VAL C 170 -65.39 -44.03 30.14
C VAL C 170 -64.29 -43.84 31.17
N ARG C 171 -63.21 -44.61 31.04
CA ARG C 171 -62.10 -44.54 31.98
C ARG C 171 -60.95 -43.69 31.48
N LEU C 172 -60.90 -43.39 30.18
CA LEU C 172 -59.82 -42.61 29.60
C LEU C 172 -60.40 -41.68 28.55
N ALA C 173 -59.87 -40.46 28.50
CA ALA C 173 -60.34 -39.49 27.53
C ALA C 173 -59.16 -38.65 27.06
N TYR C 174 -59.23 -38.22 25.80
CA TYR C 174 -58.23 -37.34 25.22
C TYR C 174 -58.91 -36.09 24.69
N TRP C 175 -58.14 -35.00 24.58
CA TRP C 175 -58.66 -33.70 24.19
C TRP C 175 -57.58 -32.98 23.40
N VAL C 176 -57.71 -32.99 22.08
CA VAL C 176 -56.83 -32.25 21.19
C VAL C 176 -57.47 -30.90 20.92
N GLY C 177 -56.73 -29.82 21.13
CA GLY C 177 -57.29 -28.52 20.93
C GLY C 177 -56.28 -27.40 21.08
N PHE C 178 -56.79 -26.19 21.27
CA PHE C 178 -55.94 -25.03 21.48
C PHE C 178 -55.54 -24.94 22.94
N ASP C 179 -54.28 -24.54 23.17
CA ASP C 179 -53.80 -24.35 24.54
C ASP C 179 -54.69 -23.34 25.25
N THR C 180 -55.06 -23.65 26.49
CA THR C 180 -55.95 -22.81 27.27
C THR C 180 -55.22 -21.81 28.16
N THR C 181 -53.89 -21.74 28.06
CA THR C 181 -53.14 -20.78 28.87
C THR C 181 -53.59 -19.34 28.64
N PRO C 182 -53.84 -18.88 27.41
CA PRO C 182 -54.24 -17.47 27.24
C PRO C 182 -55.54 -17.11 27.92
N PHE C 183 -56.39 -18.09 28.23
CA PHE C 183 -57.65 -17.81 28.89
C PHE C 183 -57.56 -17.96 30.40
N MET C 184 -56.58 -18.72 30.91
CA MET C 184 -56.29 -18.70 32.33
C MET C 184 -55.56 -17.43 32.74
N TYR C 185 -54.85 -16.79 31.83
CA TYR C 185 -54.23 -15.48 32.06
C TYR C 185 -55.18 -14.34 31.75
N ASN C 186 -56.35 -14.64 31.21
CA ASN C 186 -57.38 -13.63 30.92
C ASN C 186 -56.85 -12.54 29.99
N ALA C 187 -56.48 -12.96 28.79
CA ALA C 187 -56.10 -12.03 27.73
C ALA C 187 -57.34 -11.60 26.95
N MET C 188 -57.38 -10.32 26.59
CA MET C 188 -58.51 -9.82 25.80
C MET C 188 -58.44 -10.31 24.36
N ALA C 189 -57.26 -10.28 23.76
CA ALA C 189 -57.05 -10.76 22.41
C ALA C 189 -55.79 -11.61 22.36
N GLY C 190 -55.69 -12.43 21.34
CA GLY C 190 -54.52 -13.29 21.21
C GLY C 190 -54.44 -13.92 19.85
N ALA C 191 -53.29 -14.55 19.60
CA ALA C 191 -53.03 -15.18 18.31
C ALA C 191 -52.36 -16.53 18.52
N TYR C 192 -52.51 -17.39 17.52
CA TYR C 192 -51.80 -18.67 17.44
C TYR C 192 -51.06 -18.66 16.10
N PRO C 193 -50.09 -17.75 15.93
CA PRO C 193 -49.61 -17.45 14.58
C PRO C 193 -48.73 -18.54 14.00
N SER C 194 -49.16 -19.79 14.17
CA SER C 194 -48.69 -20.91 13.38
C SER C 194 -49.81 -21.82 12.91
N TYR C 195 -51.01 -21.71 13.48
CA TYR C 195 -52.21 -22.38 13.01
C TYR C 195 -53.15 -21.43 12.30
N SER C 196 -52.67 -20.25 11.93
CA SER C 196 -53.45 -19.25 11.20
C SER C 196 -54.74 -18.90 11.96
N THR C 197 -54.62 -18.74 13.27
CA THR C 197 -55.76 -18.42 14.10
C THR C 197 -55.51 -17.15 14.90
N ASN C 198 -56.55 -16.31 14.98
CA ASN C 198 -56.57 -15.19 15.91
C ASN C 198 -57.83 -15.30 16.75
N TRP C 199 -57.89 -14.54 17.83
CA TRP C 199 -59.13 -14.49 18.61
C TRP C 199 -59.17 -13.18 19.36
N ALA C 200 -60.40 -12.72 19.60
CA ALA C 200 -60.57 -11.47 20.33
C ALA C 200 -61.87 -11.51 21.12
N ASP C 201 -61.87 -10.80 22.24
CA ASP C 201 -63.10 -10.56 22.99
C ASP C 201 -64.00 -9.62 22.20
N GLU C 202 -65.30 -9.88 22.26
CA GLU C 202 -66.25 -9.09 21.50
C GLU C 202 -66.15 -7.60 21.81
N GLN C 203 -65.52 -7.23 22.91
CA GLN C 203 -65.37 -5.82 23.28
C GLN C 203 -64.21 -5.14 22.57
N VAL C 204 -63.39 -5.87 21.83
CA VAL C 204 -62.25 -5.30 21.12
C VAL C 204 -62.29 -5.64 19.63
N LEU C 205 -63.46 -6.06 19.12
CA LEU C 205 -63.58 -6.39 17.71
C LEU C 205 -63.44 -5.17 16.81
N LYS C 206 -63.66 -3.97 17.34
CA LYS C 206 -63.50 -2.74 16.58
C LYS C 206 -62.21 -2.01 16.96
N ALA C 207 -61.18 -2.77 17.33
CA ALA C 207 -59.87 -2.22 17.59
C ALA C 207 -59.07 -2.10 16.29
N LYS C 208 -57.94 -1.42 16.35
CA LYS C 208 -57.18 -1.09 15.15
C LYS C 208 -56.09 -2.11 14.82
N ASN C 209 -55.29 -2.53 15.80
CA ASN C 209 -54.03 -3.19 15.50
C ASN C 209 -54.02 -4.69 15.75
N ILE C 210 -54.92 -5.22 16.58
CA ILE C 210 -54.89 -6.66 16.84
C ILE C 210 -55.20 -7.41 15.54
N GLY C 211 -54.85 -8.70 15.53
CA GLY C 211 -54.96 -9.49 14.32
C GLY C 211 -56.35 -9.93 13.94
N LEU C 212 -57.35 -9.63 14.76
CA LEU C 212 -58.75 -9.90 14.45
C LEU C 212 -59.56 -8.68 14.89
N CYS C 213 -59.76 -7.75 13.96
CA CYS C 213 -60.49 -6.53 14.24
C CYS C 213 -60.81 -5.84 12.92
N SER C 214 -61.66 -4.81 13.03
CA SER C 214 -61.97 -3.97 11.88
C SER C 214 -62.40 -2.61 12.41
N THR C 215 -61.52 -1.62 12.27
CA THR C 215 -61.83 -0.28 12.74
C THR C 215 -62.42 0.54 11.59
N ASP C 216 -62.78 1.78 11.89
CA ASP C 216 -63.36 2.69 10.90
C ASP C 216 -62.53 3.97 10.83
N LEU C 217 -62.40 4.51 9.63
CA LEU C 217 -61.58 5.70 9.39
C LEU C 217 -62.37 6.95 9.81
N THR C 218 -62.48 7.11 11.12
CA THR C 218 -63.19 8.25 11.68
C THR C 218 -62.28 9.47 11.77
N GLU C 219 -62.90 10.64 11.77
CA GLU C 219 -62.19 11.90 11.92
C GLU C 219 -61.98 12.30 13.36
N GLY C 220 -62.44 11.50 14.31
CA GLY C 220 -62.33 11.83 15.72
C GLY C 220 -63.42 12.76 16.18
N ARG C 221 -63.28 13.20 17.43
CA ARG C 221 -64.25 14.11 18.04
C ARG C 221 -63.66 14.80 19.27
N GLY C 230 -70.11 2.79 30.21
CA GLY C 230 -69.25 1.84 30.90
C GLY C 230 -67.78 2.20 30.85
N LYS C 231 -67.21 2.54 32.00
CA LYS C 231 -65.80 2.86 32.12
C LYS C 231 -64.94 1.67 32.54
N LYS C 232 -65.39 0.44 32.32
CA LYS C 232 -64.68 -0.75 32.78
C LYS C 232 -64.62 -1.76 31.65
N LEU C 233 -63.45 -1.88 31.02
CA LEU C 233 -63.21 -2.86 29.96
C LEU C 233 -62.52 -4.07 30.56
N GLU C 234 -63.27 -5.17 30.71
CA GLU C 234 -62.75 -6.43 31.20
C GLU C 234 -63.19 -7.56 30.28
N PRO C 235 -62.42 -8.65 30.23
CA PRO C 235 -62.81 -9.76 29.36
C PRO C 235 -64.19 -10.28 29.71
N CYS C 236 -64.97 -10.57 28.68
CA CYS C 236 -66.30 -11.16 28.83
C CYS C 236 -66.29 -12.58 28.31
N ASP C 237 -67.37 -13.30 28.60
CA ASP C 237 -67.41 -14.73 28.29
C ASP C 237 -67.30 -14.99 26.80
N ARG C 238 -67.95 -14.15 25.98
CA ARG C 238 -68.01 -14.39 24.54
C ARG C 238 -66.72 -13.91 23.88
N VAL C 239 -66.04 -14.81 23.18
CA VAL C 239 -64.87 -14.48 22.38
C VAL C 239 -65.06 -15.08 21.00
N LEU C 240 -64.33 -14.54 20.03
CA LEU C 240 -64.42 -14.97 18.65
C LEU C 240 -63.07 -15.50 18.19
N PHE C 241 -63.09 -16.64 17.51
CA PHE C 241 -61.90 -17.28 16.96
C PHE C 241 -61.99 -17.24 15.44
N SER C 242 -61.02 -16.59 14.81
CA SER C 242 -60.88 -16.61 13.36
C SER C 242 -59.77 -17.60 13.03
N VAL C 243 -60.17 -18.82 12.69
CA VAL C 243 -59.25 -19.84 12.20
C VAL C 243 -59.18 -19.67 10.68
N GLY C 244 -58.11 -19.02 10.21
CA GLY C 244 -58.05 -18.61 8.83
C GLY C 244 -59.18 -17.66 8.48
N SER C 245 -60.15 -18.15 7.71
CA SER C 245 -61.31 -17.36 7.35
C SER C 245 -62.60 -17.86 8.02
N THR C 246 -62.49 -18.85 8.91
CA THR C 246 -63.67 -19.42 9.57
C THR C 246 -63.85 -18.79 10.95
N LEU C 247 -65.09 -18.51 11.30
CA LEU C 247 -65.42 -17.86 12.57
C LEU C 247 -66.03 -18.87 13.53
N TYR C 248 -65.60 -18.81 14.79
CA TYR C 248 -66.08 -19.69 15.85
C TYR C 248 -66.37 -18.86 17.10
N PRO C 249 -67.63 -18.72 17.49
CA PRO C 249 -67.94 -18.03 18.75
C PRO C 249 -67.81 -18.98 19.93
N GLU C 250 -66.83 -18.73 20.78
CA GLU C 250 -66.53 -19.58 21.92
C GLU C 250 -66.76 -18.82 23.23
N SER C 251 -66.77 -19.59 24.32
CA SER C 251 -67.05 -19.07 25.65
C SER C 251 -65.78 -19.13 26.49
N ARG C 252 -65.48 -18.04 27.19
CA ARG C 252 -64.34 -18.03 28.10
C ARG C 252 -64.48 -19.08 29.18
N LYS C 253 -65.68 -19.16 29.79
CA LYS C 253 -65.86 -20.06 30.92
C LYS C 253 -65.75 -21.52 30.48
N LEU C 254 -66.25 -21.84 29.30
CA LEU C 254 -66.10 -23.20 28.78
C LEU C 254 -64.75 -23.43 28.13
N LEU C 255 -63.94 -22.38 27.95
CA LEU C 255 -62.54 -22.57 27.61
C LEU C 255 -61.69 -22.73 28.85
N LYS C 256 -61.96 -21.93 29.89
CA LYS C 256 -61.34 -22.15 31.19
C LYS C 256 -62.09 -23.27 31.91
N SER C 257 -62.31 -24.37 31.20
CA SER C 257 -62.86 -25.59 31.78
C SER C 257 -62.11 -26.85 31.37
N TRP C 258 -61.39 -26.84 30.24
CA TRP C 258 -60.50 -27.92 29.87
C TRP C 258 -59.07 -27.68 30.34
N HIS C 259 -58.84 -26.57 31.03
CA HIS C 259 -57.60 -26.35 31.77
C HIS C 259 -57.71 -27.04 33.14
N LEU C 260 -57.78 -28.37 33.08
CA LEU C 260 -58.08 -29.14 34.26
C LEU C 260 -56.84 -29.29 35.14
N PRO C 261 -57.00 -29.32 36.47
CA PRO C 261 -55.85 -29.56 37.34
C PRO C 261 -55.30 -30.95 37.15
N SER C 262 -54.12 -31.19 37.75
CA SER C 262 -53.46 -32.47 37.61
C SER C 262 -54.31 -33.59 38.23
N VAL C 263 -54.93 -33.32 39.37
CA VAL C 263 -55.83 -34.25 40.03
C VAL C 263 -57.10 -33.51 40.40
N PHE C 264 -58.25 -34.02 39.95
CA PHE C 264 -59.54 -33.42 40.24
C PHE C 264 -60.56 -34.51 40.53
N HIS C 265 -61.52 -34.17 41.40
CA HIS C 265 -62.52 -35.12 41.85
C HIS C 265 -63.88 -34.77 41.26
N LEU C 266 -64.56 -35.76 40.69
CA LEU C 266 -65.93 -35.64 40.21
C LEU C 266 -66.82 -36.40 41.19
N LYS C 267 -67.46 -35.66 42.09
CA LYS C 267 -68.22 -36.23 43.20
C LYS C 267 -69.71 -36.05 42.94
N GLY C 268 -70.40 -37.14 42.66
CA GLY C 268 -71.84 -37.13 42.47
C GLY C 268 -72.44 -38.45 42.87
N LYS C 269 -73.36 -38.96 42.05
CA LYS C 269 -73.90 -40.30 42.30
C LYS C 269 -72.80 -41.34 42.23
N LEU C 270 -71.91 -41.22 41.25
CA LEU C 270 -70.70 -42.02 41.17
C LEU C 270 -69.50 -41.09 41.35
N SER C 271 -68.65 -41.40 42.33
CA SER C 271 -67.50 -40.57 42.62
C SER C 271 -66.29 -41.07 41.84
N PHE C 272 -65.48 -40.13 41.36
CA PHE C 272 -64.29 -40.46 40.58
C PHE C 272 -63.16 -39.51 40.94
N THR C 273 -61.93 -40.02 40.84
CA THR C 273 -60.72 -39.22 40.88
C THR C 273 -60.05 -39.32 39.52
N CYS C 274 -59.64 -38.18 38.97
CA CYS C 274 -59.15 -38.12 37.60
C CYS C 274 -57.89 -37.28 37.53
N ARG C 275 -57.05 -37.56 36.54
CA ARG C 275 -55.79 -36.86 36.34
C ARG C 275 -55.71 -36.36 34.91
N CYS C 276 -55.35 -35.10 34.74
CA CYS C 276 -55.10 -34.52 33.42
C CYS C 276 -53.62 -34.22 33.28
N ASP C 277 -53.00 -34.76 32.24
CA ASP C 277 -51.58 -34.54 31.97
C ASP C 277 -51.41 -34.20 30.49
N THR C 278 -50.98 -32.98 30.21
CA THR C 278 -50.76 -32.53 28.85
C THR C 278 -49.61 -33.33 28.24
N VAL C 279 -49.92 -34.16 27.25
CA VAL C 279 -48.93 -35.05 26.65
C VAL C 279 -48.14 -34.36 25.55
N VAL C 280 -48.83 -33.72 24.61
CA VAL C 280 -48.20 -33.08 23.47
C VAL C 280 -48.55 -31.60 23.48
N SER C 281 -47.59 -30.76 23.08
CA SER C 281 -47.76 -29.32 23.04
C SER C 281 -46.91 -28.75 21.91
N CYS C 282 -47.56 -28.03 20.99
CA CYS C 282 -46.87 -27.51 19.81
C CYS C 282 -47.43 -26.13 19.48
N GLU C 283 -46.66 -25.09 19.79
CA GLU C 283 -46.89 -23.73 19.28
C GLU C 283 -48.30 -23.22 19.58
N GLY C 284 -49.02 -23.86 20.48
CA GLY C 284 -50.35 -23.40 20.82
C GLY C 284 -51.37 -24.53 20.93
N TYR C 285 -51.18 -25.57 20.13
CA TYR C 285 -52.02 -26.75 20.26
C TYR C 285 -51.54 -27.64 21.39
N VAL C 286 -52.47 -28.34 22.01
CA VAL C 286 -52.18 -29.27 23.10
C VAL C 286 -53.04 -30.51 22.94
N VAL C 287 -52.55 -31.61 23.52
CA VAL C 287 -53.25 -32.89 23.53
C VAL C 287 -53.29 -33.34 24.99
N LYS C 288 -54.37 -32.98 25.68
CA LYS C 288 -54.53 -33.34 27.07
C LYS C 288 -55.09 -34.75 27.20
N ARG C 289 -54.72 -35.43 28.29
CA ARG C 289 -55.20 -36.77 28.59
C ARG C 289 -55.76 -36.79 30.01
N ILE C 290 -56.99 -37.24 30.15
CA ILE C 290 -57.66 -37.30 31.45
C ILE C 290 -58.03 -38.74 31.73
N THR C 291 -57.55 -39.27 32.86
CA THR C 291 -57.88 -40.63 33.29
C THR C 291 -58.96 -40.56 34.35
N MET C 292 -60.05 -41.30 34.13
CA MET C 292 -61.21 -41.28 35.01
C MET C 292 -61.32 -42.62 35.71
N SER C 293 -61.51 -42.57 37.04
CA SER C 293 -61.64 -43.78 37.84
C SER C 293 -62.52 -43.50 39.05
N PRO C 294 -63.42 -44.43 39.39
CA PRO C 294 -64.28 -44.23 40.55
C PRO C 294 -63.48 -44.25 41.85
N GLY C 295 -64.08 -43.64 42.88
CA GLY C 295 -63.43 -43.54 44.18
C GLY C 295 -62.52 -42.33 44.28
N LEU C 296 -62.01 -42.12 45.48
CA LEU C 296 -61.10 -41.02 45.77
C LEU C 296 -59.72 -41.59 46.06
N TYR C 297 -58.72 -41.10 45.34
CA TYR C 297 -57.39 -41.69 45.32
C TYR C 297 -56.33 -40.67 45.72
N GLY C 298 -56.59 -39.92 46.77
CA GLY C 298 -55.64 -38.95 47.28
C GLY C 298 -56.33 -37.63 47.54
N LYS C 299 -55.51 -36.61 47.78
CA LYS C 299 -55.98 -35.25 48.01
C LYS C 299 -55.66 -34.39 46.80
N THR C 300 -56.65 -33.60 46.36
CA THR C 300 -56.50 -32.76 45.18
C THR C 300 -55.80 -31.48 45.58
N THR C 301 -54.66 -31.20 44.93
CA THR C 301 -53.91 -29.98 45.20
C THR C 301 -54.57 -28.75 44.59
N GLY C 302 -55.42 -28.93 43.57
CA GLY C 302 -56.06 -27.80 42.93
C GLY C 302 -55.12 -26.91 42.15
N TYR C 303 -54.16 -27.52 41.44
CA TYR C 303 -53.17 -26.77 40.67
C TYR C 303 -53.12 -27.32 39.25
N ALA C 304 -53.13 -26.43 38.27
CA ALA C 304 -52.94 -26.75 36.87
C ALA C 304 -51.57 -26.26 36.45
N VAL C 305 -50.82 -27.15 35.80
CA VAL C 305 -49.43 -26.92 35.42
C VAL C 305 -49.34 -26.88 33.90
N THR C 306 -48.72 -25.83 33.37
CA THR C 306 -48.49 -25.71 31.94
C THR C 306 -46.99 -25.54 31.71
N HIS C 307 -46.35 -26.55 31.11
CA HIS C 307 -44.94 -26.46 30.78
C HIS C 307 -44.79 -25.73 29.46
N HIS C 308 -44.16 -24.55 29.48
CA HIS C 308 -44.07 -23.70 28.29
C HIS C 308 -42.87 -24.14 27.47
N ALA C 309 -43.10 -25.12 26.59
CA ALA C 309 -42.04 -25.59 25.71
C ALA C 309 -41.52 -24.49 24.80
N ASP C 310 -42.32 -23.46 24.55
CA ASP C 310 -41.88 -22.30 23.80
C ASP C 310 -42.43 -21.05 24.47
N GLY C 311 -41.75 -19.93 24.23
CA GLY C 311 -42.10 -18.68 24.88
C GLY C 311 -43.57 -18.33 24.76
N PHE C 312 -44.14 -17.83 25.85
CA PHE C 312 -45.53 -17.35 25.86
C PHE C 312 -45.51 -15.91 26.37
N LEU C 313 -45.83 -14.98 25.49
CA LEU C 313 -45.86 -13.57 25.84
C LEU C 313 -47.31 -13.12 26.02
N MET C 314 -47.53 -12.24 26.99
CA MET C 314 -48.85 -11.64 27.19
C MET C 314 -48.61 -10.24 27.73
N CYS C 315 -48.90 -9.23 26.91
CA CYS C 315 -48.57 -7.85 27.27
CA CYS C 315 -48.57 -7.85 27.27
C CYS C 315 -49.80 -6.97 27.10
N LYS C 316 -49.83 -5.88 27.87
CA LYS C 316 -50.93 -4.92 27.82
C LYS C 316 -50.59 -3.86 26.79
N THR C 317 -51.24 -3.93 25.63
CA THR C 317 -51.06 -2.96 24.57
C THR C 317 -52.17 -1.92 24.61
N THR C 318 -51.82 -0.70 24.20
CA THR C 318 -52.78 0.38 24.09
C THR C 318 -53.27 0.48 22.65
N ASP C 319 -54.59 0.56 22.50
CA ASP C 319 -55.22 0.63 21.19
C ASP C 319 -56.31 1.70 21.25
N THR C 320 -57.07 1.80 20.17
CA THR C 320 -58.23 2.68 20.12
C THR C 320 -59.43 1.86 19.65
N VAL C 321 -60.45 1.78 20.49
CA VAL C 321 -61.67 1.04 20.18
C VAL C 321 -62.78 2.05 19.96
N ASP C 322 -63.42 1.99 18.79
CA ASP C 322 -64.47 2.92 18.43
C ASP C 322 -64.00 4.37 18.57
N GLY C 323 -62.72 4.62 18.29
CA GLY C 323 -62.16 5.95 18.38
C GLY C 323 -61.75 6.40 19.76
N GLU C 324 -61.95 5.58 20.79
CA GLU C 324 -61.61 5.93 22.16
C GLU C 324 -60.37 5.17 22.58
N ARG C 325 -59.41 5.89 23.17
CA ARG C 325 -58.14 5.28 23.56
C ARG C 325 -58.34 4.38 24.77
N VAL C 326 -57.84 3.16 24.69
CA VAL C 326 -57.99 2.17 25.76
C VAL C 326 -56.73 1.31 25.80
N SER C 327 -56.65 0.47 26.84
CA SER C 327 -55.55 -0.46 27.02
C SER C 327 -56.10 -1.83 27.37
N PHE C 328 -55.57 -2.87 26.74
CA PHE C 328 -56.01 -4.23 27.04
C PHE C 328 -54.89 -5.20 26.69
N SER C 329 -55.05 -6.43 27.16
CA SER C 329 -53.97 -7.42 27.12
C SER C 329 -54.13 -8.33 25.90
N VAL C 330 -53.01 -8.60 25.23
CA VAL C 330 -52.96 -9.49 24.09
C VAL C 330 -51.81 -10.46 24.28
N CYS C 331 -52.01 -11.71 23.89
CA CYS C 331 -51.05 -12.78 24.11
C CYS C 331 -50.64 -13.42 22.78
N THR C 332 -49.49 -14.07 22.79
CA THR C 332 -48.95 -14.74 21.62
C THR C 332 -47.95 -15.80 22.08
N TYR C 333 -47.63 -16.71 21.16
CA TYR C 333 -46.71 -17.82 21.42
C TYR C 333 -45.47 -17.62 20.55
N VAL C 334 -44.43 -17.01 21.14
CA VAL C 334 -43.17 -16.83 20.43
C VAL C 334 -42.47 -18.18 20.30
N PRO C 335 -41.76 -18.43 19.21
CA PRO C 335 -41.01 -19.69 19.10
C PRO C 335 -39.83 -19.71 20.07
N ALA C 336 -39.41 -20.93 20.42
CA ALA C 336 -38.35 -21.09 21.41
C ALA C 336 -37.04 -20.49 20.93
N THR C 337 -36.71 -20.68 19.65
CA THR C 337 -35.43 -20.18 19.14
C THR C 337 -35.36 -18.66 19.20
N ILE C 338 -36.49 -17.99 18.97
CA ILE C 338 -36.50 -16.53 19.05
C ILE C 338 -36.15 -16.09 20.47
N CYS C 339 -36.75 -16.75 21.48
CA CYS C 339 -36.45 -16.42 22.86
C CYS C 339 -34.99 -16.71 23.18
N ASP C 340 -34.47 -17.84 22.70
CA ASP C 340 -33.07 -18.18 22.95
C ASP C 340 -32.14 -17.11 22.40
N GLN C 341 -32.34 -16.72 21.14
CA GLN C 341 -31.50 -15.70 20.51
C GLN C 341 -31.75 -14.30 21.04
N MET C 342 -32.89 -14.06 21.70
CA MET C 342 -33.16 -12.78 22.32
C MET C 342 -32.73 -12.72 23.79
N THR C 343 -32.29 -13.84 24.35
CA THR C 343 -31.78 -13.84 25.72
C THR C 343 -30.82 -12.68 25.95
N GLY C 344 -29.74 -12.60 25.17
CA GLY C 344 -28.73 -11.59 25.41
C GLY C 344 -29.27 -10.17 25.28
N ILE C 345 -30.03 -9.90 24.22
CA ILE C 345 -30.58 -8.57 24.02
C ILE C 345 -31.50 -8.21 25.19
N LEU C 346 -32.38 -9.12 25.58
CA LEU C 346 -33.26 -8.88 26.72
C LEU C 346 -32.48 -8.68 28.01
N ALA C 347 -31.23 -9.14 28.05
CA ALA C 347 -30.36 -8.80 29.17
C ALA C 347 -30.21 -7.29 29.31
N THR C 348 -30.39 -6.54 28.23
CA THR C 348 -30.29 -5.09 28.23
C THR C 348 -31.66 -4.48 28.01
N GLU C 349 -31.82 -3.23 28.43
CA GLU C 349 -33.02 -2.46 28.10
C GLU C 349 -33.05 -2.20 26.60
N VAL C 350 -34.00 -2.82 25.91
CA VAL C 350 -34.05 -2.79 24.45
C VAL C 350 -35.35 -2.11 24.02
N THR C 351 -35.24 -1.16 23.10
CA THR C 351 -36.40 -0.43 22.63
C THR C 351 -37.31 -1.33 21.80
N PRO C 352 -38.61 -1.03 21.76
CA PRO C 352 -39.49 -1.77 20.84
C PRO C 352 -39.04 -1.70 19.40
N GLU C 353 -38.51 -0.55 18.97
CA GLU C 353 -38.03 -0.42 17.59
C GLU C 353 -36.80 -1.29 17.35
N ASP C 354 -35.81 -1.21 18.24
CA ASP C 354 -34.61 -2.02 18.07
C ASP C 354 -34.91 -3.51 18.24
N ALA C 355 -35.78 -3.84 19.19
CA ALA C 355 -36.21 -5.22 19.35
C ALA C 355 -36.92 -5.71 18.09
N GLN C 356 -37.73 -4.86 17.47
CA GLN C 356 -38.39 -5.22 16.22
C GLN C 356 -37.37 -5.46 15.11
N LYS C 357 -36.36 -4.60 15.02
CA LYS C 357 -35.33 -4.80 14.00
C LYS C 357 -34.58 -6.11 14.21
N LEU C 358 -34.19 -6.40 15.45
CA LEU C 358 -33.50 -7.66 15.72
C LEU C 358 -34.41 -8.85 15.46
N LEU C 359 -35.71 -8.72 15.76
CA LEU C 359 -36.65 -9.80 15.49
C LEU C 359 -36.78 -10.06 14.00
N VAL C 360 -36.85 -8.98 13.20
CA VAL C 360 -36.90 -9.14 11.75
C VAL C 360 -35.63 -9.81 11.24
N GLY C 361 -34.47 -9.37 11.74
CA GLY C 361 -33.23 -10.01 11.35
C GLY C 361 -33.19 -11.48 11.69
N LEU C 362 -33.64 -11.83 12.90
CA LEU C 362 -33.67 -13.22 13.33
C LEU C 362 -34.63 -14.04 12.47
N ASN C 363 -35.74 -13.42 12.06
CA ASN C 363 -36.69 -14.13 11.19
C ASN C 363 -36.03 -14.53 9.89
N GLN C 364 -35.19 -13.65 9.33
CA GLN C 364 -34.41 -13.96 8.14
C GLN C 364 -33.60 -12.74 7.71
N THR C 376 -38.12 -17.07 3.76
CA THR C 376 -39.11 -17.63 4.69
C THR C 376 -39.02 -16.97 6.05
N ASN C 377 -39.98 -17.28 6.92
CA ASN C 377 -40.04 -16.72 8.25
C ASN C 377 -40.31 -17.82 9.27
N THR C 378 -39.89 -17.57 10.51
CA THR C 378 -40.19 -18.47 11.62
C THR C 378 -41.37 -17.98 12.44
N MET C 379 -41.57 -16.67 12.54
CA MET C 379 -42.73 -16.07 13.17
C MET C 379 -43.36 -15.07 12.20
N LYS C 380 -44.69 -15.06 12.15
CA LYS C 380 -45.38 -14.17 11.23
C LYS C 380 -45.15 -12.72 11.63
N ASN C 381 -45.00 -11.86 10.63
CA ASN C 381 -44.52 -10.50 10.87
C ASN C 381 -45.57 -9.59 11.48
N TYR C 382 -46.86 -9.92 11.34
CA TYR C 382 -47.89 -9.08 11.95
C TYR C 382 -47.88 -9.17 13.48
N MET C 383 -47.18 -10.15 14.04
CA MET C 383 -47.03 -10.27 15.48
C MET C 383 -45.76 -9.63 16.01
N ILE C 384 -44.71 -9.53 15.19
CA ILE C 384 -43.42 -8.97 15.59
C ILE C 384 -43.61 -7.61 16.24
N PRO C 385 -44.46 -6.73 15.71
CA PRO C 385 -44.65 -5.42 16.34
C PRO C 385 -45.10 -5.50 17.79
N VAL C 386 -45.86 -6.54 18.15
CA VAL C 386 -46.31 -6.68 19.53
C VAL C 386 -45.38 -7.57 20.34
N VAL C 387 -44.75 -8.56 19.70
CA VAL C 387 -43.74 -9.36 20.38
C VAL C 387 -42.61 -8.47 20.87
N ALA C 388 -42.16 -7.53 20.03
CA ALA C 388 -41.08 -6.63 20.42
C ALA C 388 -41.50 -5.75 21.59
N GLN C 389 -42.74 -5.23 21.57
CA GLN C 389 -43.19 -4.40 22.67
C GLN C 389 -43.27 -5.20 23.97
N ALA C 390 -43.75 -6.45 23.89
CA ALA C 390 -43.79 -7.29 25.07
C ALA C 390 -42.38 -7.55 25.61
N PHE C 391 -41.43 -7.86 24.72
CA PHE C 391 -40.06 -8.08 25.14
C PHE C 391 -39.50 -6.85 25.83
N SER C 392 -39.73 -5.67 25.25
CA SER C 392 -39.18 -4.44 25.81
C SER C 392 -39.80 -4.14 27.16
N LYS C 393 -41.12 -4.29 27.30
CA LYS C 393 -41.76 -4.03 28.58
C LYS C 393 -41.26 -5.02 29.64
N TRP C 394 -41.09 -6.28 29.26
CA TRP C 394 -40.60 -7.28 30.20
C TRP C 394 -39.18 -6.94 30.64
N ALA C 395 -38.32 -6.57 29.70
CA ALA C 395 -36.95 -6.22 30.05
C ALA C 395 -36.91 -5.00 30.97
N LYS C 396 -37.72 -3.99 30.68
CA LYS C 396 -37.73 -2.80 31.53
C LYS C 396 -38.24 -3.14 32.92
N GLU C 397 -39.27 -3.97 33.02
CA GLU C 397 -39.77 -4.36 34.33
C GLU C 397 -38.73 -5.16 35.10
N CYS C 398 -38.02 -6.07 34.42
CA CYS C 398 -36.97 -6.83 35.07
C CYS C 398 -35.86 -5.91 35.60
N ARG C 399 -35.43 -4.95 34.79
CA ARG C 399 -34.40 -4.03 35.24
C ARG C 399 -34.88 -3.19 36.42
N LYS C 400 -36.11 -2.68 36.36
CA LYS C 400 -36.64 -1.91 37.48
C LYS C 400 -36.77 -2.80 38.73
N ASP C 401 -36.94 -4.10 38.53
CA ASP C 401 -36.93 -5.03 39.64
C ASP C 401 -35.54 -5.14 40.26
N MET C 402 -34.52 -5.36 39.42
CA MET C 402 -33.16 -5.47 39.91
C MET C 402 -32.59 -4.12 40.34
N GLU C 403 -33.26 -3.02 40.02
CA GLU C 403 -32.81 -1.69 40.43
C GLU C 403 -33.36 -1.27 41.78
N ASP C 404 -34.21 -2.10 42.40
CA ASP C 404 -34.74 -1.83 43.74
C ASP C 404 -34.85 -3.17 44.46
N GLU C 405 -34.34 -3.23 45.68
CA GLU C 405 -34.32 -4.46 46.46
C GLU C 405 -34.80 -4.16 47.87
N LYS C 406 -35.75 -4.96 48.36
CA LYS C 406 -36.34 -4.77 49.67
C LYS C 406 -35.71 -5.73 50.68
N LEU C 407 -36.25 -5.74 51.89
CA LEU C 407 -35.73 -6.61 52.93
C LEU C 407 -36.19 -8.04 52.72
N LEU C 408 -35.25 -8.98 52.77
CA LEU C 408 -35.57 -10.39 52.62
C LEU C 408 -36.40 -10.89 53.79
N GLY C 409 -37.26 -11.87 53.53
CA GLY C 409 -38.03 -12.52 54.57
C GLY C 409 -39.31 -11.82 54.97
N VAL C 410 -39.53 -10.59 54.52
CA VAL C 410 -40.69 -9.81 54.92
C VAL C 410 -41.41 -9.32 53.67
N ARG C 411 -42.72 -9.52 53.63
CA ARG C 411 -43.57 -8.93 52.60
C ARG C 411 -43.92 -7.52 53.04
N GLU C 412 -43.12 -6.55 52.59
CA GLU C 412 -43.26 -5.17 53.02
C GLU C 412 -44.56 -4.55 52.52
N PHE C 423 -50.56 -3.72 50.92
CA PHE C 423 -49.29 -3.43 50.28
C PHE C 423 -49.48 -2.52 49.07
N LYS C 424 -48.43 -1.78 48.72
CA LYS C 424 -48.48 -0.87 47.58
C LYS C 424 -48.34 -1.68 46.30
N LYS C 425 -49.45 -2.31 45.91
CA LYS C 425 -49.48 -3.05 44.66
C LYS C 425 -49.12 -2.12 43.51
N GLN C 426 -48.28 -2.61 42.60
CA GLN C 426 -47.73 -1.78 41.54
C GLN C 426 -48.03 -2.41 40.18
N LYS C 427 -47.42 -1.83 39.15
CA LYS C 427 -47.69 -2.22 37.77
C LYS C 427 -47.13 -3.60 37.46
N THR C 428 -47.86 -4.35 36.64
CA THR C 428 -47.40 -5.61 36.06
C THR C 428 -47.98 -5.66 34.66
N HIS C 429 -47.21 -5.18 33.69
CA HIS C 429 -47.69 -5.00 32.32
C HIS C 429 -47.12 -6.00 31.33
N THR C 430 -46.48 -7.07 31.81
CA THR C 430 -46.02 -8.11 30.91
C THR C 430 -45.98 -9.45 31.66
N VAL C 431 -46.18 -10.52 30.90
CA VAL C 431 -46.03 -11.88 31.40
C VAL C 431 -45.30 -12.66 30.32
N TYR C 432 -44.02 -12.89 30.52
CA TYR C 432 -43.19 -13.64 29.58
C TYR C 432 -42.80 -14.95 30.23
N LYS C 433 -43.36 -16.05 29.72
CA LYS C 433 -43.03 -17.40 30.19
C LYS C 433 -42.08 -18.01 29.17
N ARG C 434 -40.79 -17.89 29.46
CA ARG C 434 -39.76 -18.35 28.54
C ARG C 434 -39.86 -19.86 28.34
N PRO C 435 -39.14 -20.39 27.36
CA PRO C 435 -39.15 -21.85 27.18
C PRO C 435 -38.58 -22.55 28.39
N ASP C 436 -39.17 -23.71 28.71
CA ASP C 436 -38.78 -24.57 29.82
C ASP C 436 -39.21 -24.04 31.18
N THR C 437 -40.04 -22.99 31.23
CA THR C 437 -40.64 -22.57 32.48
C THR C 437 -41.99 -23.27 32.65
N GLN C 438 -42.66 -23.02 33.77
CA GLN C 438 -43.94 -23.63 34.04
C GLN C 438 -44.88 -22.61 34.65
N SER C 439 -46.14 -22.67 34.24
CA SER C 439 -47.20 -21.85 34.78
C SER C 439 -48.02 -22.68 35.75
N ILE C 440 -48.38 -22.07 36.89
CA ILE C 440 -49.13 -22.71 37.95
C ILE C 440 -50.35 -21.86 38.23
N GLN C 441 -51.53 -22.44 38.03
CA GLN C 441 -52.78 -21.75 38.35
C GLN C 441 -53.62 -22.58 39.31
N LYS C 442 -54.13 -21.94 40.35
CA LYS C 442 -55.03 -22.61 41.30
C LYS C 442 -56.43 -22.65 40.69
N VAL C 443 -56.89 -23.84 40.33
CA VAL C 443 -58.18 -24.00 39.68
C VAL C 443 -59.08 -24.89 40.54
N GLN C 444 -60.31 -25.09 40.10
CA GLN C 444 -61.25 -25.93 40.84
C GLN C 444 -60.93 -27.39 40.56
N ALA C 445 -60.85 -28.18 41.64
CA ALA C 445 -60.51 -29.60 41.54
C ALA C 445 -61.60 -30.52 42.05
N GLU C 446 -62.65 -29.99 42.66
CA GLU C 446 -63.75 -30.78 43.21
C GLU C 446 -65.04 -30.34 42.53
N PHE C 447 -65.57 -31.19 41.65
CA PHE C 447 -66.81 -30.93 40.94
C PHE C 447 -67.89 -31.89 41.41
N ASP C 448 -69.03 -31.34 41.80
CA ASP C 448 -70.14 -32.15 42.30
C ASP C 448 -71.45 -31.75 41.65
N SER C 458 -81.78 -35.64 17.76
CA SER C 458 -83.08 -35.11 18.16
C SER C 458 -83.25 -33.67 17.71
N GLY C 459 -82.47 -33.27 16.71
CA GLY C 459 -82.55 -31.93 16.18
C GLY C 459 -82.56 -31.89 14.66
N LEU C 460 -82.43 -33.07 14.04
CA LEU C 460 -82.45 -33.14 12.58
C LEU C 460 -83.80 -32.72 12.05
N SER C 461 -83.78 -31.94 10.96
CA SER C 461 -85.01 -31.44 10.35
C SER C 461 -85.55 -32.47 9.36
N ILE C 462 -86.87 -32.48 9.21
CA ILE C 462 -87.51 -33.41 8.28
C ILE C 462 -87.04 -33.18 6.85
N PRO C 463 -87.05 -31.95 6.31
CA PRO C 463 -86.55 -31.77 4.94
C PRO C 463 -85.11 -32.19 4.78
N LEU C 464 -84.25 -31.87 5.75
CA LEU C 464 -82.85 -32.29 5.66
C LEU C 464 -82.72 -33.80 5.72
N ARG C 465 -83.46 -34.45 6.63
CA ARG C 465 -83.40 -35.91 6.71
C ARG C 465 -83.86 -36.54 5.41
N THR C 466 -84.92 -36.02 4.81
CA THR C 466 -85.38 -36.55 3.52
C THR C 466 -84.32 -36.36 2.44
N ARG C 467 -83.69 -35.17 2.41
CA ARG C 467 -82.71 -34.89 1.37
C ARG C 467 -81.48 -35.79 1.50
N ILE C 468 -81.01 -36.01 2.73
CA ILE C 468 -79.77 -36.75 2.92
C ILE C 468 -79.87 -38.15 2.30
N LYS C 469 -81.02 -38.79 2.47
CA LYS C 469 -81.25 -40.12 1.89
C LYS C 469 -80.94 -40.13 0.40
N PRO D 3 -19.21 -50.96 29.21
CA PRO D 3 -20.19 -50.67 28.17
C PRO D 3 -21.59 -50.47 28.71
N VAL D 4 -22.07 -49.23 28.69
CA VAL D 4 -23.40 -48.87 29.17
C VAL D 4 -24.11 -48.08 28.09
N TYR D 5 -25.42 -48.25 28.01
CA TYR D 5 -26.24 -47.64 26.96
C TYR D 5 -27.26 -46.71 27.59
N VAL D 6 -27.32 -45.47 27.10
CA VAL D 6 -28.25 -44.47 27.61
C VAL D 6 -29.24 -44.09 26.53
N ASP D 7 -30.29 -43.40 26.93
CA ASP D 7 -31.41 -43.03 26.06
C ASP D 7 -31.36 -41.55 25.67
N ILE D 8 -30.17 -41.02 25.45
CA ILE D 8 -29.98 -39.61 25.11
C ILE D 8 -29.19 -39.53 23.81
N ASP D 9 -29.55 -38.57 22.96
CA ASP D 9 -28.81 -38.35 21.72
C ASP D 9 -27.39 -37.92 22.02
N ALA D 10 -26.47 -38.33 21.16
CA ALA D 10 -25.04 -38.11 21.39
C ALA D 10 -24.65 -36.63 21.36
N ASP D 11 -25.50 -35.76 20.85
CA ASP D 11 -25.19 -34.34 20.77
C ASP D 11 -25.58 -33.57 22.04
N SER D 12 -26.12 -34.25 23.04
CA SER D 12 -26.58 -33.59 24.25
C SER D 12 -25.48 -33.53 25.30
N ALA D 13 -25.38 -32.38 25.97
CA ALA D 13 -24.36 -32.21 27.01
C ALA D 13 -24.59 -33.16 28.18
N PHE D 14 -25.84 -33.53 28.45
CA PHE D 14 -26.10 -34.39 29.60
C PHE D 14 -25.42 -35.76 29.45
N LEU D 15 -25.13 -36.18 28.22
CA LEU D 15 -24.34 -37.40 28.06
C LEU D 15 -22.94 -37.24 28.64
N LYS D 16 -22.30 -36.10 28.36
CA LYS D 16 -21.02 -35.79 28.99
C LYS D 16 -21.16 -35.69 30.50
N ALA D 17 -22.23 -35.05 30.97
CA ALA D 17 -22.44 -34.94 32.41
C ALA D 17 -22.55 -36.31 33.06
N LEU D 18 -23.28 -37.23 32.41
CA LEU D 18 -23.41 -38.58 32.93
C LEU D 18 -22.07 -39.30 32.92
N GLN D 19 -21.31 -39.19 31.83
CA GLN D 19 -19.98 -39.79 31.81
C GLN D 19 -19.15 -39.30 32.99
N ARG D 20 -19.16 -37.99 33.24
CA ARG D 20 -18.41 -37.45 34.36
C ARG D 20 -18.92 -38.02 35.69
N ALA D 21 -20.25 -38.14 35.82
CA ALA D 21 -20.84 -38.60 37.07
C ALA D 21 -20.77 -40.12 37.25
N TYR D 22 -20.47 -40.87 36.19
CA TYR D 22 -20.40 -42.32 36.26
C TYR D 22 -19.10 -42.79 35.61
N PRO D 23 -17.97 -42.57 36.28
CA PRO D 23 -16.68 -43.02 35.72
C PRO D 23 -16.60 -44.52 35.51
N MET D 24 -17.19 -45.32 36.40
CA MET D 24 -17.04 -46.77 36.33
C MET D 24 -17.74 -47.38 35.13
N PHE D 25 -18.57 -46.62 34.42
CA PHE D 25 -19.31 -47.13 33.27
C PHE D 25 -18.92 -46.38 32.02
N GLU D 26 -18.79 -47.10 30.92
CA GLU D 26 -18.63 -46.49 29.60
C GLU D 26 -20.03 -46.28 29.02
N VAL D 27 -20.45 -45.02 28.93
CA VAL D 27 -21.81 -44.65 28.57
C VAL D 27 -21.82 -44.16 27.14
N GLU D 28 -22.72 -44.73 26.33
CA GLU D 28 -22.89 -44.32 24.94
C GLU D 28 -24.35 -44.01 24.67
N PRO D 29 -24.63 -43.04 23.81
CA PRO D 29 -26.01 -42.65 23.54
C PRO D 29 -26.80 -43.75 22.84
N ARG D 30 -28.09 -43.84 23.18
CA ARG D 30 -29.06 -44.61 22.39
C ARG D 30 -30.42 -43.97 22.61
N GLN D 31 -30.83 -43.09 21.71
CA GLN D 31 -32.09 -42.37 21.82
C GLN D 31 -33.05 -42.80 20.73
N VAL D 32 -34.28 -43.15 21.10
CA VAL D 32 -35.33 -43.35 20.11
C VAL D 32 -36.54 -42.48 20.42
N THR D 33 -37.20 -42.74 21.55
CA THR D 33 -38.46 -42.10 21.87
C THR D 33 -38.32 -40.73 22.55
N PRO D 34 -37.55 -40.63 23.63
CA PRO D 34 -37.64 -39.45 24.50
C PRO D 34 -36.72 -38.31 24.13
N ASN D 35 -37.18 -37.10 24.45
CA ASN D 35 -36.31 -35.92 24.43
C ASN D 35 -36.50 -35.00 25.62
N ASP D 36 -37.52 -35.20 26.47
CA ASP D 36 -37.77 -34.34 27.62
C ASP D 36 -37.25 -34.95 28.91
N HIS D 37 -37.71 -36.15 29.26
CA HIS D 37 -37.31 -36.81 30.50
C HIS D 37 -36.18 -37.81 30.29
N ALA D 38 -35.40 -37.65 29.23
CA ALA D 38 -34.29 -38.58 28.99
C ALA D 38 -33.22 -38.46 30.07
N ASN D 39 -32.98 -37.24 30.56
CA ASN D 39 -31.92 -37.05 31.55
C ASN D 39 -32.22 -37.81 32.84
N ALA D 40 -33.41 -37.61 33.40
CA ALA D 40 -33.77 -38.27 34.65
C ALA D 40 -33.82 -39.77 34.47
N ARG D 41 -34.40 -40.25 33.36
CA ARG D 41 -34.46 -41.68 33.13
C ARG D 41 -33.07 -42.29 33.02
N ALA D 42 -32.17 -41.62 32.29
CA ALA D 42 -30.80 -42.12 32.16
C ALA D 42 -30.09 -42.16 33.50
N PHE D 43 -30.23 -41.10 34.30
CA PHE D 43 -29.58 -41.09 35.61
C PHE D 43 -30.13 -42.21 36.49
N SER D 44 -31.45 -42.40 36.50
CA SER D 44 -32.04 -43.46 37.31
C SER D 44 -31.57 -44.84 36.83
N HIS D 45 -31.50 -45.04 35.51
CA HIS D 45 -31.05 -46.33 34.99
C HIS D 45 -29.60 -46.60 35.36
N LEU D 46 -28.74 -45.58 35.23
CA LEU D 46 -27.33 -45.77 35.59
C LEU D 46 -27.18 -46.03 37.09
N ALA D 47 -27.95 -45.33 37.91
CA ALA D 47 -27.91 -45.60 39.35
C ALA D 47 -28.36 -47.02 39.65
N ILE D 48 -29.41 -47.48 38.98
CA ILE D 48 -29.91 -48.84 39.19
C ILE D 48 -28.84 -49.85 38.78
N LYS D 49 -28.17 -49.62 37.65
CA LYS D 49 -27.12 -50.53 37.21
C LYS D 49 -25.96 -50.56 38.19
N LEU D 50 -25.54 -49.39 38.67
CA LEU D 50 -24.43 -49.35 39.62
C LEU D 50 -24.80 -50.06 40.92
N ILE D 51 -26.04 -49.86 41.40
CA ILE D 51 -26.49 -50.53 42.61
C ILE D 51 -26.51 -52.04 42.40
N GLU D 52 -27.03 -52.49 41.26
CA GLU D 52 -27.08 -53.92 40.97
C GLU D 52 -25.69 -54.52 40.94
N GLN D 53 -24.74 -53.85 40.29
CA GLN D 53 -23.40 -54.39 40.17
C GLN D 53 -22.70 -54.48 41.53
N GLU D 54 -23.15 -53.70 42.51
CA GLU D 54 -22.51 -53.64 43.82
C GLU D 54 -23.35 -54.27 44.92
N ILE D 55 -24.10 -55.33 44.61
CA ILE D 55 -24.90 -56.03 45.60
C ILE D 55 -24.77 -57.53 45.37
N ASP D 56 -25.17 -58.30 46.37
CA ASP D 56 -25.14 -59.75 46.26
C ASP D 56 -26.23 -60.21 45.30
N PRO D 57 -25.89 -60.93 44.23
CA PRO D 57 -26.93 -61.37 43.29
C PRO D 57 -27.98 -62.25 43.92
N ASP D 58 -27.66 -62.93 45.02
CA ASP D 58 -28.59 -63.82 45.71
C ASP D 58 -29.13 -63.20 46.99
N SER D 59 -29.34 -61.88 47.00
CA SER D 59 -29.85 -61.17 48.15
C SER D 59 -31.19 -60.52 47.80
N THR D 60 -32.19 -60.75 48.63
CA THR D 60 -33.49 -60.14 48.41
C THR D 60 -33.43 -58.64 48.70
N ILE D 61 -33.98 -57.85 47.79
CA ILE D 61 -33.87 -56.40 47.83
C ILE D 61 -35.26 -55.78 47.72
N LEU D 62 -35.57 -54.84 48.61
CA LEU D 62 -36.81 -54.10 48.51
C LEU D 62 -36.72 -53.05 47.41
N ASP D 63 -37.89 -52.56 46.99
CA ASP D 63 -37.98 -51.57 45.92
C ASP D 63 -38.96 -50.46 46.31
N ILE D 64 -38.78 -49.91 47.52
CA ILE D 64 -39.68 -48.93 48.10
C ILE D 64 -40.13 -47.92 47.05
N GLY D 65 -39.19 -47.44 46.24
CA GLY D 65 -39.55 -46.59 45.12
C GLY D 65 -40.20 -47.41 44.03
N SER D 66 -41.38 -47.96 44.34
CA SER D 66 -41.97 -49.00 43.52
C SER D 66 -42.49 -48.45 42.19
N ALA D 67 -41.90 -48.92 41.10
CA ALA D 67 -42.42 -48.73 39.75
C ALA D 67 -42.43 -50.09 39.07
N PRO D 68 -43.33 -50.98 39.49
CA PRO D 68 -43.22 -52.39 39.05
C PRO D 68 -43.23 -52.55 37.54
N ALA D 69 -43.86 -51.64 36.81
CA ALA D 69 -43.83 -51.72 35.36
C ALA D 69 -42.39 -51.71 34.84
N ARG D 70 -41.52 -50.92 35.49
CA ARG D 70 -40.12 -50.87 35.07
C ARG D 70 -39.44 -52.23 35.25
N ARG D 71 -39.65 -52.87 36.40
CA ARG D 71 -38.96 -54.12 36.73
C ARG D 71 -39.57 -55.26 35.94
N MET D 72 -39.12 -55.39 34.69
CA MET D 72 -39.51 -56.50 33.84
C MET D 72 -38.29 -57.24 33.31
N MET D 73 -37.12 -56.59 33.35
CA MET D 73 -35.88 -57.20 32.94
C MET D 73 -34.95 -57.53 34.10
N SER D 74 -35.12 -56.86 35.23
CA SER D 74 -34.29 -57.15 36.40
C SER D 74 -34.53 -58.57 36.88
N ASP D 75 -33.51 -59.42 36.75
CA ASP D 75 -33.60 -60.81 37.16
C ASP D 75 -33.34 -61.01 38.65
N ARG D 76 -33.00 -59.95 39.37
CA ARG D 76 -32.72 -60.06 40.79
C ARG D 76 -34.02 -60.16 41.59
N LYS D 77 -33.88 -60.62 42.83
CA LYS D 77 -35.04 -60.81 43.71
C LYS D 77 -35.58 -59.44 44.13
N TYR D 78 -36.62 -58.99 43.43
CA TYR D 78 -37.21 -57.68 43.67
C TYR D 78 -38.54 -57.84 44.39
N HIS D 79 -38.72 -57.08 45.48
CA HIS D 79 -39.97 -57.04 46.23
C HIS D 79 -40.50 -55.61 46.16
N CYS D 80 -41.25 -55.31 45.10
CA CYS D 80 -41.81 -53.98 44.94
C CYS D 80 -42.85 -53.71 46.02
N VAL D 81 -42.84 -52.49 46.54
CA VAL D 81 -43.77 -52.07 47.60
C VAL D 81 -44.61 -50.92 47.05
N CYS D 82 -45.88 -51.18 46.81
CA CYS D 82 -46.79 -50.18 46.27
C CYS D 82 -47.86 -49.86 47.30
N PRO D 83 -47.66 -48.82 48.14
CA PRO D 83 -48.65 -48.55 49.19
C PRO D 83 -50.02 -48.14 48.68
N MET D 84 -50.13 -47.72 47.42
CA MET D 84 -51.40 -47.24 46.87
C MET D 84 -51.89 -46.01 47.64
N ARG D 85 -51.06 -44.97 47.63
CA ARG D 85 -51.36 -43.73 48.34
C ARG D 85 -51.77 -42.59 47.43
N SER D 86 -51.23 -42.51 46.21
CA SER D 86 -51.50 -41.40 45.31
C SER D 86 -52.63 -41.76 44.35
N ALA D 87 -53.01 -40.78 43.52
CA ALA D 87 -54.04 -41.01 42.51
C ALA D 87 -53.49 -41.79 41.34
N GLU D 88 -52.19 -41.68 41.07
CA GLU D 88 -51.57 -42.30 39.91
C GLU D 88 -51.24 -43.78 40.12
N ASP D 89 -51.08 -44.22 41.36
CA ASP D 89 -50.63 -45.60 41.59
C ASP D 89 -51.46 -46.63 40.83
N PRO D 90 -52.79 -46.58 40.84
CA PRO D 90 -53.55 -47.55 40.04
C PRO D 90 -53.16 -47.55 38.58
N GLU D 91 -53.03 -46.38 37.95
CA GLU D 91 -52.60 -46.32 36.56
C GLU D 91 -51.38 -47.21 36.34
N ARG D 92 -50.29 -46.91 37.03
CA ARG D 92 -49.13 -47.80 37.01
C ARG D 92 -49.56 -49.25 37.14
N LEU D 93 -50.21 -49.59 38.27
CA LEU D 93 -50.71 -50.95 38.45
C LEU D 93 -51.32 -51.48 37.17
N ALA D 94 -52.32 -50.76 36.63
CA ALA D 94 -52.97 -51.20 35.40
C ALA D 94 -51.95 -51.63 34.37
N ASN D 95 -51.10 -50.70 33.91
CA ASN D 95 -50.16 -51.06 32.87
C ASN D 95 -49.28 -52.22 33.30
N TYR D 96 -48.82 -52.20 34.55
CA TYR D 96 -48.07 -53.33 35.08
C TYR D 96 -48.78 -54.64 34.75
N ALA D 97 -50.03 -54.78 35.21
CA ALA D 97 -50.77 -55.99 34.88
C ALA D 97 -50.80 -56.23 33.38
N ARG D 98 -51.18 -55.21 32.60
CA ARG D 98 -51.18 -55.36 31.16
C ARG D 98 -49.81 -55.84 30.67
N LYS D 99 -48.74 -55.20 31.14
CA LYS D 99 -47.41 -55.61 30.71
C LYS D 99 -47.17 -57.08 31.05
N LEU D 100 -47.55 -57.49 32.26
CA LEU D 100 -47.42 -58.91 32.60
C LEU D 100 -48.17 -59.77 31.59
N ALA D 101 -49.41 -59.39 31.27
CA ALA D 101 -50.15 -60.12 30.24
C ALA D 101 -49.40 -60.09 28.91
N SER D 102 -48.85 -58.92 28.56
CA SER D 102 -48.08 -58.83 27.33
C SER D 102 -46.90 -59.79 27.36
N ALA D 103 -46.31 -60.00 28.54
CA ALA D 103 -45.21 -60.96 28.67
C ALA D 103 -45.70 -62.34 29.09
N ALA D 104 -47.00 -62.52 29.33
CA ALA D 104 -47.49 -63.79 29.82
C ALA D 104 -47.32 -64.91 28.81
N GLY D 105 -47.14 -64.58 27.53
CA GLY D 105 -46.99 -65.61 26.51
C GLY D 105 -45.91 -65.29 25.49
N LYS D 106 -44.89 -64.55 25.89
CA LYS D 106 -43.79 -64.20 25.01
C LYS D 106 -42.47 -64.83 25.43
N VAL D 107 -42.03 -64.61 26.67
CA VAL D 107 -40.73 -65.09 27.13
C VAL D 107 -40.92 -65.80 28.47
N LEU D 108 -39.97 -66.70 28.76
CA LEU D 108 -39.98 -67.48 30.00
C LEU D 108 -38.62 -67.41 30.68
N ASP D 109 -38.03 -66.22 30.72
CA ASP D 109 -36.73 -66.01 31.37
C ASP D 109 -36.77 -65.05 32.54
N ARG D 110 -37.80 -64.20 32.64
CA ARG D 110 -37.87 -63.18 33.68
C ARG D 110 -38.84 -63.55 34.80
N ASN D 111 -39.27 -64.81 34.87
CA ASN D 111 -40.16 -65.27 35.92
C ASN D 111 -41.51 -64.54 35.83
N ILE D 112 -42.10 -64.59 34.63
CA ILE D 112 -43.39 -63.96 34.41
C ILE D 112 -44.49 -64.67 35.18
N SER D 113 -44.44 -66.00 35.22
CA SER D 113 -45.45 -66.76 35.96
C SER D 113 -45.43 -66.42 37.43
N GLY D 114 -44.24 -66.26 38.02
CA GLY D 114 -44.15 -65.86 39.40
C GLY D 114 -44.79 -64.51 39.65
N LYS D 115 -44.51 -63.53 38.77
CA LYS D 115 -45.09 -62.21 38.93
C LYS D 115 -46.61 -62.26 38.84
N ILE D 116 -47.13 -62.99 37.84
CA ILE D 116 -48.58 -63.06 37.67
C ILE D 116 -49.23 -63.75 38.87
N GLY D 117 -48.63 -64.84 39.36
CA GLY D 117 -49.17 -65.50 40.52
C GLY D 117 -49.15 -64.63 41.76
N ASP D 118 -48.05 -63.88 41.95
CA ASP D 118 -47.97 -62.96 43.08
C ASP D 118 -49.05 -61.89 42.99
N LEU D 119 -49.26 -61.33 41.81
CA LEU D 119 -50.30 -60.31 41.65
C LEU D 119 -51.68 -60.91 41.91
N GLN D 120 -51.94 -62.13 41.43
CA GLN D 120 -53.23 -62.76 41.68
C GLN D 120 -53.44 -63.00 43.17
N ALA D 121 -52.40 -63.46 43.87
CA ALA D 121 -52.52 -63.67 45.31
C ALA D 121 -52.78 -62.35 46.03
N VAL D 122 -52.11 -61.27 45.60
CA VAL D 122 -52.35 -59.97 46.22
C VAL D 122 -53.79 -59.53 45.98
N MET D 123 -54.29 -59.71 44.77
CA MET D 123 -55.66 -59.33 44.46
C MET D 123 -56.66 -60.13 45.30
N ALA D 124 -56.41 -61.42 45.47
CA ALA D 124 -57.29 -62.23 46.30
C ALA D 124 -57.33 -61.72 47.74
N VAL D 125 -56.17 -61.38 48.29
CA VAL D 125 -56.09 -60.83 49.64
C VAL D 125 -55.07 -59.70 49.65
N PRO D 126 -55.48 -58.45 49.91
CA PRO D 126 -54.54 -57.33 49.82
C PRO D 126 -53.34 -57.46 50.74
N ASP D 127 -53.52 -58.02 51.93
CA ASP D 127 -52.46 -58.05 52.95
C ASP D 127 -51.49 -59.21 52.76
N THR D 128 -51.44 -59.82 51.58
CA THR D 128 -50.47 -60.88 51.33
C THR D 128 -49.05 -60.31 51.36
N GLU D 129 -48.11 -61.17 51.74
CA GLU D 129 -46.69 -60.81 51.80
C GLU D 129 -45.91 -61.48 50.69
N THR D 130 -46.48 -61.51 49.48
CA THR D 130 -45.86 -62.21 48.37
C THR D 130 -44.50 -61.61 48.06
N PRO D 131 -43.56 -62.43 47.57
CA PRO D 131 -42.17 -61.94 47.44
C PRO D 131 -42.01 -60.71 46.58
N THR D 132 -42.76 -60.58 45.49
CA THR D 132 -42.53 -59.51 44.52
C THR D 132 -43.71 -58.55 44.41
N PHE D 133 -44.44 -58.33 45.50
CA PHE D 133 -45.51 -57.35 45.48
C PHE D 133 -46.11 -57.24 46.87
N CYS D 134 -46.65 -56.06 47.18
CA CYS D 134 -47.33 -55.83 48.44
C CYS D 134 -48.16 -54.56 48.31
N LEU D 135 -49.01 -54.32 49.29
CA LEU D 135 -49.87 -53.14 49.35
C LEU D 135 -49.73 -52.44 50.70
N HIS D 136 -48.52 -52.43 51.24
CA HIS D 136 -48.24 -51.82 52.53
C HIS D 136 -47.17 -50.75 52.36
N THR D 137 -47.27 -49.70 53.18
CA THR D 137 -46.23 -48.69 53.22
C THR D 137 -44.93 -49.30 53.72
N ASP D 138 -43.81 -48.68 53.34
CA ASP D 138 -42.51 -49.19 53.78
C ASP D 138 -42.46 -49.34 55.29
N VAL D 139 -43.13 -48.45 56.02
CA VAL D 139 -43.25 -48.60 57.46
C VAL D 139 -44.00 -49.87 57.81
N SER D 140 -45.10 -50.14 57.11
CA SER D 140 -45.98 -51.25 57.43
C SER D 140 -45.65 -52.53 56.67
N CYS D 141 -44.66 -52.51 55.78
CA CYS D 141 -44.31 -53.71 55.04
C CYS D 141 -43.77 -54.78 55.97
N ARG D 142 -43.95 -56.04 55.58
CA ARG D 142 -43.54 -57.17 56.39
C ARG D 142 -42.49 -58.07 55.73
N GLN D 143 -42.33 -58.01 54.42
CA GLN D 143 -41.34 -58.85 53.75
C GLN D 143 -39.94 -58.50 54.24
N ARG D 144 -39.09 -59.51 54.36
CA ARG D 144 -37.75 -59.36 54.89
C ARG D 144 -36.73 -59.53 53.76
N ALA D 145 -35.78 -58.61 53.68
CA ALA D 145 -34.77 -58.62 52.63
C ALA D 145 -33.43 -58.24 53.25
N ASP D 146 -32.44 -57.99 52.39
CA ASP D 146 -31.10 -57.63 52.83
C ASP D 146 -30.76 -56.18 52.51
N VAL D 147 -30.87 -55.78 51.24
CA VAL D 147 -30.55 -54.42 50.81
C VAL D 147 -31.81 -53.81 50.21
N ALA D 148 -32.17 -52.62 50.69
CA ALA D 148 -33.35 -51.89 50.25
C ALA D 148 -32.94 -50.68 49.43
N ILE D 149 -33.62 -50.46 48.31
CA ILE D 149 -33.33 -49.36 47.41
C ILE D 149 -34.56 -48.47 47.32
N TYR D 150 -34.36 -47.17 47.52
CA TYR D 150 -35.40 -46.17 47.31
C TYR D 150 -35.27 -45.56 45.93
N GLN D 151 -36.30 -44.84 45.52
CA GLN D 151 -36.29 -44.17 44.21
C GLN D 151 -37.32 -43.06 44.24
N ASP D 152 -36.87 -41.82 44.11
CA ASP D 152 -37.73 -40.64 44.06
C ASP D 152 -38.77 -40.69 45.18
N VAL D 153 -38.27 -40.76 46.41
CA VAL D 153 -39.10 -40.84 47.61
C VAL D 153 -38.77 -39.59 48.44
N TYR D 154 -39.56 -38.54 48.27
CA TYR D 154 -39.35 -37.28 48.97
C TYR D 154 -40.54 -36.94 49.87
N ALA D 155 -41.20 -37.96 50.43
CA ALA D 155 -42.37 -37.73 51.26
C ALA D 155 -42.38 -38.54 52.55
N VAL D 156 -41.36 -39.34 52.82
CA VAL D 156 -41.31 -40.20 54.00
C VAL D 156 -40.09 -39.80 54.82
N HIS D 157 -40.28 -39.69 56.14
CA HIS D 157 -39.16 -39.42 57.03
C HIS D 157 -38.08 -40.48 56.85
N ALA D 158 -36.88 -40.05 56.47
CA ALA D 158 -35.81 -40.99 56.21
C ALA D 158 -35.44 -41.82 57.43
N PRO D 159 -35.23 -41.22 58.61
CA PRO D 159 -34.90 -42.05 59.79
C PRO D 159 -35.93 -43.11 60.09
N THR D 160 -37.22 -42.78 60.00
CA THR D 160 -38.26 -43.73 60.36
C THR D 160 -38.33 -44.89 59.38
N SER D 161 -38.30 -44.58 58.08
CA SER D 161 -38.32 -45.64 57.08
C SER D 161 -37.08 -46.53 57.19
N LEU D 162 -35.91 -45.92 57.39
CA LEU D 162 -34.69 -46.71 57.51
C LEU D 162 -34.73 -47.59 58.76
N TYR D 163 -35.26 -47.07 59.87
CA TYR D 163 -35.37 -47.84 61.10
C TYR D 163 -36.31 -49.03 60.90
N HIS D 164 -37.50 -48.77 60.32
CA HIS D 164 -38.45 -49.84 60.12
C HIS D 164 -37.99 -50.84 59.07
N GLN D 165 -37.02 -50.46 58.24
CA GLN D 165 -36.42 -51.42 57.32
C GLN D 165 -35.32 -52.22 58.01
N ALA D 166 -34.58 -51.58 58.91
CA ALA D 166 -33.55 -52.28 59.67
C ALA D 166 -34.15 -53.35 60.57
N ILE D 167 -35.24 -53.02 61.27
CA ILE D 167 -35.88 -54.02 62.11
C ILE D 167 -36.33 -55.21 61.28
N LYS D 168 -36.55 -55.03 59.99
CA LYS D 168 -36.81 -56.11 59.06
C LYS D 168 -35.54 -56.65 58.43
N GLY D 169 -34.39 -56.45 59.08
CA GLY D 169 -33.12 -56.95 58.58
C GLY D 169 -32.61 -56.26 57.32
N VAL D 170 -32.70 -54.93 57.26
CA VAL D 170 -32.16 -54.16 56.15
C VAL D 170 -30.84 -53.55 56.63
N ARG D 171 -29.74 -54.03 56.07
CA ARG D 171 -28.41 -53.56 56.46
C ARG D 171 -27.86 -52.51 55.49
N LEU D 172 -28.41 -52.42 54.29
CA LEU D 172 -27.93 -51.48 53.29
C LEU D 172 -29.13 -50.89 52.57
N ALA D 173 -29.05 -49.59 52.27
CA ALA D 173 -30.13 -48.90 51.57
C ALA D 173 -29.53 -47.88 50.62
N TYR D 174 -30.22 -47.66 49.50
CA TYR D 174 -29.83 -46.65 48.54
C TYR D 174 -31.00 -45.70 48.31
N TRP D 175 -30.68 -44.49 47.86
CA TRP D 175 -31.66 -43.42 47.70
C TRP D 175 -31.24 -42.57 46.50
N VAL D 176 -31.88 -42.81 45.35
CA VAL D 176 -31.68 -42.02 44.15
C VAL D 176 -32.73 -40.92 44.14
N GLY D 177 -32.30 -39.68 44.03
CA GLY D 177 -33.25 -38.59 44.07
C GLY D 177 -32.63 -37.26 43.74
N PHE D 178 -33.34 -36.20 44.10
CA PHE D 178 -32.86 -34.84 43.87
C PHE D 178 -31.95 -34.42 45.01
N ASP D 179 -30.86 -33.71 44.67
CA ASP D 179 -29.96 -33.21 45.68
C ASP D 179 -30.73 -32.34 46.68
N THR D 180 -30.47 -32.57 47.96
CA THR D 180 -31.18 -31.88 49.04
C THR D 180 -30.46 -30.62 49.50
N THR D 181 -29.38 -30.23 48.84
CA THR D 181 -28.68 -29.01 49.23
C THR D 181 -29.57 -27.77 49.18
N PRO D 182 -30.41 -27.56 48.15
CA PRO D 182 -31.23 -26.34 48.14
C PRO D 182 -32.17 -26.22 49.31
N PHE D 183 -32.55 -27.33 49.95
CA PHE D 183 -33.45 -27.27 51.10
C PHE D 183 -32.71 -27.17 52.42
N MET D 184 -31.45 -27.60 52.46
CA MET D 184 -30.62 -27.32 53.63
C MET D 184 -30.16 -25.88 53.69
N TYR D 185 -30.08 -25.21 52.54
CA TYR D 185 -29.81 -23.79 52.47
C TYR D 185 -31.09 -22.95 52.56
N ASN D 186 -32.25 -23.60 52.56
CA ASN D 186 -33.54 -22.94 52.73
C ASN D 186 -33.78 -21.89 51.64
N ALA D 187 -33.84 -22.37 50.41
CA ALA D 187 -34.18 -21.53 49.26
C ALA D 187 -35.70 -21.51 49.08
N MET D 188 -36.23 -20.33 48.76
CA MET D 188 -37.67 -20.21 48.51
C MET D 188 -38.07 -20.92 47.22
N ALA D 189 -37.33 -20.67 46.15
CA ALA D 189 -37.56 -21.32 44.87
C ALA D 189 -36.23 -21.82 44.31
N GLY D 190 -36.32 -22.72 43.34
CA GLY D 190 -35.10 -23.25 42.74
C GLY D 190 -35.40 -24.04 41.50
N ALA D 191 -34.33 -24.39 40.79
CA ALA D 191 -34.44 -25.10 39.52
C ALA D 191 -33.40 -26.21 39.46
N TYR D 192 -33.68 -27.20 38.64
CA TYR D 192 -32.73 -28.26 38.30
C TYR D 192 -32.63 -28.28 36.78
N PRO D 193 -32.09 -27.21 36.18
CA PRO D 193 -32.28 -27.00 34.74
C PRO D 193 -31.42 -27.92 33.89
N SER D 194 -31.40 -29.20 34.27
CA SER D 194 -30.97 -30.27 33.39
C SER D 194 -31.88 -31.49 33.43
N TYR D 195 -32.77 -31.59 34.43
CA TYR D 195 -33.80 -32.60 34.49
C TYR D 195 -35.19 -32.00 34.25
N SER D 196 -35.24 -30.80 33.68
CA SER D 196 -36.50 -30.14 33.34
C SER D 196 -37.40 -30.02 34.56
N THR D 197 -36.82 -29.65 35.70
CA THR D 197 -37.56 -29.52 36.94
C THR D 197 -37.40 -28.12 37.52
N ASN D 198 -38.49 -27.59 38.05
CA ASN D 198 -38.47 -26.39 38.87
C ASN D 198 -39.20 -26.70 40.17
N TRP D 199 -39.02 -25.83 41.16
CA TRP D 199 -39.79 -25.98 42.39
C TRP D 199 -39.90 -24.62 43.06
N ALA D 200 -41.02 -24.42 43.76
CA ALA D 200 -41.24 -23.16 44.45
C ALA D 200 -42.03 -23.41 45.72
N ASP D 201 -41.77 -22.56 46.72
CA ASP D 201 -42.59 -22.55 47.92
C ASP D 201 -43.96 -22.00 47.60
N GLU D 202 -44.99 -22.59 48.21
CA GLU D 202 -46.37 -22.20 47.92
C GLU D 202 -46.59 -20.70 48.09
N GLN D 203 -45.71 -20.00 48.80
CA GLN D 203 -45.86 -18.57 49.02
C GLN D 203 -45.35 -17.73 47.87
N VAL D 204 -44.70 -18.34 46.88
CA VAL D 204 -44.16 -17.61 45.74
C VAL D 204 -44.71 -18.14 44.42
N LEU D 205 -45.80 -18.89 44.47
CA LEU D 205 -46.39 -19.45 43.26
C LEU D 205 -46.98 -18.38 42.36
N LYS D 206 -47.23 -17.18 42.89
CA LYS D 206 -47.75 -16.07 42.11
C LYS D 206 -46.70 -15.00 41.87
N ALA D 207 -45.44 -15.41 41.74
CA ALA D 207 -44.35 -14.51 41.42
C ALA D 207 -44.21 -14.39 39.91
N LYS D 208 -43.41 -13.42 39.46
CA LYS D 208 -43.32 -13.09 38.04
C LYS D 208 -42.22 -13.85 37.31
N ASN D 209 -41.01 -13.90 37.86
CA ASN D 209 -39.84 -14.25 37.07
C ASN D 209 -39.30 -15.65 37.31
N ILE D 210 -39.61 -16.28 38.46
CA ILE D 210 -39.06 -17.62 38.70
C ILE D 210 -39.64 -18.60 37.69
N GLY D 211 -39.00 -19.77 37.60
CA GLY D 211 -39.35 -20.74 36.59
C GLY D 211 -40.58 -21.58 36.87
N LEU D 212 -41.21 -21.40 38.02
CA LEU D 212 -42.48 -22.06 38.35
C LEU D 212 -43.36 -21.04 39.05
N CYS D 213 -44.16 -20.32 38.27
CA CYS D 213 -45.03 -19.28 38.80
C CYS D 213 -46.02 -18.86 37.73
N SER D 214 -47.00 -18.06 38.14
CA SER D 214 -47.96 -17.48 37.21
C SER D 214 -48.50 -16.22 37.85
N THR D 215 -48.07 -15.06 37.34
CA THR D 215 -48.53 -13.79 37.86
C THR D 215 -49.74 -13.31 37.04
N ASP D 216 -50.33 -12.20 37.47
CA ASP D 216 -51.48 -11.62 36.81
C ASP D 216 -51.15 -10.21 36.35
N LEU D 217 -51.70 -9.84 35.18
CA LEU D 217 -51.42 -8.53 34.58
C LEU D 217 -52.27 -7.47 35.27
N THR D 218 -51.92 -7.18 36.52
CA THR D 218 -52.62 -6.19 37.30
C THR D 218 -52.16 -4.78 36.94
N GLU D 219 -53.04 -3.82 37.19
CA GLU D 219 -52.74 -2.41 36.97
C GLU D 219 -52.10 -1.74 38.18
N GLY D 220 -51.84 -2.50 39.25
CA GLY D 220 -51.29 -1.94 40.45
C GLY D 220 -52.34 -1.30 41.34
N ARG D 221 -51.86 -0.63 42.38
CA ARG D 221 -52.73 0.05 43.33
C ARG D 221 -51.95 1.01 44.20
N GLY D 230 -49.63 -10.47 56.98
CA GLY D 230 -48.35 -11.01 57.36
C GLY D 230 -47.18 -10.33 56.70
N LYS D 231 -46.29 -9.75 57.51
CA LYS D 231 -45.10 -9.06 57.02
C LYS D 231 -43.84 -9.93 57.10
N LYS D 232 -43.97 -11.25 57.00
CA LYS D 232 -42.83 -12.15 57.14
C LYS D 232 -42.96 -13.26 56.08
N LEU D 233 -42.15 -13.16 55.03
CA LEU D 233 -42.12 -14.18 53.99
C LEU D 233 -40.93 -15.09 54.26
N GLU D 234 -41.20 -16.27 54.78
CA GLU D 234 -40.19 -17.28 55.05
C GLU D 234 -40.61 -18.61 54.47
N PRO D 235 -39.66 -19.47 54.12
CA PRO D 235 -40.02 -20.78 53.56
C PRO D 235 -40.92 -21.55 54.51
N CYS D 236 -41.91 -22.22 53.94
CA CYS D 236 -42.80 -23.09 54.69
C CYS D 236 -42.65 -24.52 54.19
N ASP D 237 -43.30 -25.45 54.89
CA ASP D 237 -43.05 -26.87 54.65
C ASP D 237 -43.48 -27.28 53.26
N ARG D 238 -44.61 -26.78 52.78
CA ARG D 238 -45.18 -27.23 51.52
C ARG D 238 -44.48 -26.53 50.35
N VAL D 239 -43.89 -27.32 49.46
CA VAL D 239 -43.29 -26.81 48.24
C VAL D 239 -43.82 -27.64 47.08
N LEU D 240 -43.72 -27.08 45.88
CA LEU D 240 -44.23 -27.71 44.68
C LEU D 240 -43.09 -27.97 43.71
N PHE D 241 -43.04 -29.17 43.16
CA PHE D 241 -42.07 -29.58 42.15
C PHE D 241 -42.77 -29.77 40.82
N SER D 242 -42.39 -28.98 39.82
CA SER D 242 -42.84 -29.19 38.45
C SER D 242 -41.72 -29.91 37.71
N VAL D 243 -41.86 -31.23 37.60
CA VAL D 243 -40.95 -32.04 36.81
C VAL D 243 -41.52 -32.07 35.40
N GLY D 244 -40.96 -31.25 34.52
CA GLY D 244 -41.54 -31.05 33.21
C GLY D 244 -42.94 -30.47 33.32
N SER D 245 -43.95 -31.27 33.03
CA SER D 245 -45.34 -30.84 33.15
C SER D 245 -46.07 -31.55 34.29
N THR D 246 -45.36 -32.34 35.09
CA THR D 246 -45.97 -33.07 36.20
C THR D 246 -45.75 -32.33 37.51
N LEU D 247 -46.74 -32.38 38.39
CA LEU D 247 -46.71 -31.67 39.66
C LEU D 247 -46.55 -32.65 40.82
N TYR D 248 -45.74 -32.26 41.80
CA TYR D 248 -45.47 -33.06 42.98
C TYR D 248 -45.45 -32.17 44.21
N PRO D 249 -46.44 -32.26 45.09
CA PRO D 249 -46.41 -31.50 46.35
C PRO D 249 -45.54 -32.20 47.38
N GLU D 250 -44.39 -31.61 47.67
CA GLU D 250 -43.43 -32.18 48.60
C GLU D 250 -43.34 -31.33 49.87
N SER D 251 -42.66 -31.90 50.87
CA SER D 251 -42.53 -31.30 52.19
C SER D 251 -41.08 -30.94 52.45
N ARG D 252 -40.86 -29.71 52.94
CA ARG D 252 -39.50 -29.29 53.28
C ARG D 252 -38.91 -30.20 54.36
N LYS D 253 -39.67 -30.48 55.41
CA LYS D 253 -39.13 -31.23 56.54
C LYS D 253 -38.81 -32.66 56.14
N LEU D 254 -39.56 -33.23 55.20
CA LEU D 254 -39.25 -34.57 54.72
C LEU D 254 -38.27 -34.55 53.55
N LEU D 255 -37.96 -33.36 53.02
CA LEU D 255 -36.81 -33.24 52.12
C LEU D 255 -35.53 -33.01 52.91
N LYS D 256 -35.60 -32.17 53.95
CA LYS D 256 -34.47 -32.03 54.86
C LYS D 256 -34.52 -33.17 55.87
N SER D 257 -34.69 -34.39 55.35
CA SER D 257 -34.58 -35.60 56.15
C SER D 257 -33.74 -36.68 55.49
N TRP D 258 -33.57 -36.66 54.17
CA TRP D 258 -32.65 -37.54 53.48
C TRP D 258 -31.28 -36.89 53.29
N HIS D 259 -31.11 -35.66 53.76
CA HIS D 259 -29.79 -35.04 53.89
C HIS D 259 -29.14 -35.52 55.18
N LEU D 260 -28.87 -36.82 55.20
CA LEU D 260 -28.44 -37.47 56.44
C LEU D 260 -26.97 -37.16 56.71
N PRO D 261 -26.57 -37.04 57.97
CA PRO D 261 -25.16 -36.82 58.29
C PRO D 261 -24.32 -38.03 57.90
N SER D 262 -23.00 -37.85 57.97
CA SER D 262 -22.10 -38.93 57.58
C SER D 262 -22.27 -40.13 58.51
N VAL D 263 -22.40 -39.90 59.81
CA VAL D 263 -22.66 -40.95 60.78
C VAL D 263 -23.82 -40.51 61.66
N PHE D 264 -24.84 -41.36 61.77
CA PHE D 264 -26.00 -41.06 62.59
C PHE D 264 -26.47 -42.32 63.31
N HIS D 265 -27.05 -42.12 64.49
CA HIS D 265 -27.48 -43.21 65.35
C HIS D 265 -28.99 -43.29 65.38
N LEU D 266 -29.52 -44.50 65.16
CA LEU D 266 -30.95 -44.78 65.29
C LEU D 266 -31.13 -45.61 66.56
N LYS D 267 -31.55 -44.94 67.64
CA LYS D 267 -31.63 -45.54 68.96
C LYS D 267 -33.08 -45.78 69.32
N GLY D 268 -33.49 -47.04 69.30
CA GLY D 268 -34.84 -47.44 69.71
C GLY D 268 -34.81 -48.76 70.42
N LYS D 269 -35.80 -49.61 70.12
CA LYS D 269 -35.76 -50.97 70.66
C LYS D 269 -34.53 -51.71 70.16
N LEU D 270 -34.18 -51.53 68.90
CA LEU D 270 -32.91 -52.00 68.34
C LEU D 270 -32.08 -50.78 67.99
N SER D 271 -30.86 -50.71 68.53
CA SER D 271 -29.98 -49.58 68.28
C SER D 271 -29.09 -49.87 67.08
N PHE D 272 -28.82 -48.83 66.30
CA PHE D 272 -28.00 -48.95 65.09
C PHE D 272 -27.15 -47.71 64.91
N THR D 273 -25.98 -47.91 64.30
CA THR D 273 -25.14 -46.82 63.80
C THR D 273 -25.08 -46.95 62.29
N CYS D 274 -25.24 -45.83 61.59
CA CYS D 274 -25.39 -45.85 60.13
C CYS D 274 -24.55 -44.74 59.51
N ARG D 275 -24.08 -45.00 58.30
CA ARG D 275 -23.30 -44.03 57.55
C ARG D 275 -23.98 -43.77 56.20
N CYS D 276 -24.16 -42.50 55.87
CA CYS D 276 -24.66 -42.08 54.57
C CYS D 276 -23.54 -41.38 53.80
N ASP D 277 -23.24 -41.89 52.60
CA ASP D 277 -22.20 -41.31 51.76
C ASP D 277 -22.73 -41.18 50.35
N THR D 278 -22.73 -39.95 49.84
CA THR D 278 -23.22 -39.69 48.49
C THR D 278 -22.24 -40.25 47.47
N VAL D 279 -22.67 -41.29 46.75
CA VAL D 279 -21.79 -41.97 45.79
C VAL D 279 -21.76 -41.24 44.46
N VAL D 280 -22.92 -40.94 43.89
CA VAL D 280 -23.02 -40.32 42.57
C VAL D 280 -23.74 -38.99 42.72
N SER D 281 -23.30 -38.01 41.93
CA SER D 281 -23.86 -36.67 41.94
C SER D 281 -23.75 -36.06 40.54
N CYS D 282 -24.88 -35.70 39.96
CA CYS D 282 -24.91 -35.20 38.58
C CYS D 282 -25.93 -34.07 38.48
N GLU D 283 -25.44 -32.83 38.41
CA GLU D 283 -26.23 -31.67 38.00
C GLU D 283 -27.49 -31.48 38.84
N GLY D 284 -27.58 -32.15 39.99
CA GLY D 284 -28.74 -31.98 40.84
C GLY D 284 -29.26 -33.29 41.40
N TYR D 285 -29.11 -34.36 40.64
CA TYR D 285 -29.46 -35.68 41.14
C TYR D 285 -28.32 -36.25 41.97
N VAL D 286 -28.68 -37.07 42.96
CA VAL D 286 -27.72 -37.72 43.83
C VAL D 286 -28.17 -39.16 44.08
N VAL D 287 -27.19 -39.99 44.43
CA VAL D 287 -27.43 -41.40 44.77
C VAL D 287 -26.77 -41.63 46.12
N LYS D 288 -27.54 -41.44 47.19
CA LYS D 288 -27.02 -41.63 48.54
C LYS D 288 -27.05 -43.10 48.92
N ARG D 289 -26.11 -43.50 49.77
CA ARG D 289 -26.01 -44.86 50.27
C ARG D 289 -25.91 -44.82 51.78
N ILE D 290 -26.82 -45.52 52.46
CA ILE D 290 -26.86 -45.55 53.91
C ILE D 290 -26.67 -47.00 54.36
N THR D 291 -25.64 -47.23 55.17
CA THR D 291 -25.38 -48.55 55.74
C THR D 291 -25.93 -48.58 57.15
N MET D 292 -26.81 -49.54 57.42
CA MET D 292 -27.49 -49.65 58.70
C MET D 292 -26.95 -50.87 59.44
N SER D 293 -26.52 -50.67 60.69
CA SER D 293 -25.94 -51.74 61.48
C SER D 293 -26.28 -51.55 62.95
N PRO D 294 -26.62 -52.64 63.65
CA PRO D 294 -26.95 -52.52 65.07
C PRO D 294 -25.74 -52.14 65.91
N GLY D 295 -26.02 -51.59 67.09
CA GLY D 295 -24.96 -51.15 67.98
C GLY D 295 -24.51 -49.74 67.68
N LEU D 296 -23.65 -49.23 68.57
CA LEU D 296 -23.08 -47.90 68.45
C LEU D 296 -21.59 -48.05 68.17
N TYR D 297 -21.13 -47.51 67.05
CA TYR D 297 -19.79 -47.77 66.53
C TYR D 297 -19.00 -46.48 66.39
N GLY D 298 -19.05 -45.62 67.39
CA GLY D 298 -18.29 -44.40 67.40
C GLY D 298 -19.14 -43.26 67.91
N LYS D 299 -18.63 -42.05 67.75
CA LYS D 299 -19.32 -40.83 68.13
C LYS D 299 -19.81 -40.10 66.88
N THR D 300 -21.07 -39.70 66.89
CA THR D 300 -21.68 -39.03 65.75
C THR D 300 -21.29 -37.55 65.78
N THR D 301 -20.62 -37.10 64.73
CA THR D 301 -20.20 -35.70 64.65
C THR D 301 -21.36 -34.77 64.30
N GLY D 302 -22.44 -35.29 63.74
CA GLY D 302 -23.58 -34.47 63.38
C GLY D 302 -23.30 -33.50 62.25
N TYR D 303 -22.61 -33.95 61.22
CA TYR D 303 -22.27 -33.10 60.07
C TYR D 303 -22.62 -33.83 58.79
N ALA D 304 -23.26 -33.11 57.87
CA ALA D 304 -23.55 -33.59 56.53
C ALA D 304 -22.69 -32.82 55.55
N VAL D 305 -22.02 -33.54 54.66
CA VAL D 305 -21.06 -32.98 53.72
C VAL D 305 -21.59 -33.20 52.31
N THR D 306 -21.63 -32.11 51.53
CA THR D 306 -22.02 -32.16 50.12
C THR D 306 -20.86 -31.64 49.29
N HIS D 307 -20.26 -32.52 48.49
CA HIS D 307 -19.18 -32.12 47.61
C HIS D 307 -19.77 -31.58 46.31
N HIS D 308 -19.57 -30.28 46.07
CA HIS D 308 -20.19 -29.62 44.92
C HIS D 308 -19.34 -29.86 43.69
N ALA D 309 -19.62 -30.97 43.00
CA ALA D 309 -18.90 -31.29 41.77
C ALA D 309 -19.13 -30.25 40.69
N ASP D 310 -20.20 -29.46 40.80
CA ASP D 310 -20.45 -28.36 39.91
C ASP D 310 -21.03 -27.20 40.72
N GLY D 311 -20.87 -26.00 40.18
CA GLY D 311 -21.28 -24.80 40.89
C GLY D 311 -22.71 -24.85 41.40
N PHE D 312 -22.92 -24.35 42.61
CA PHE D 312 -24.25 -24.24 43.21
C PHE D 312 -24.45 -22.79 43.62
N LEU D 313 -25.36 -22.10 42.94
CA LEU D 313 -25.66 -20.71 43.25
C LEU D 313 -26.96 -20.62 44.02
N MET D 314 -27.02 -19.70 44.98
CA MET D 314 -28.26 -19.41 45.68
C MET D 314 -28.22 -17.92 46.00
N CYS D 315 -29.08 -17.13 45.36
CA CYS D 315 -29.05 -15.69 45.50
CA CYS D 315 -29.05 -15.69 45.50
C CYS D 315 -30.44 -15.18 45.85
N LYS D 316 -30.47 -14.04 46.55
CA LYS D 316 -31.72 -13.40 46.94
C LYS D 316 -32.16 -12.45 45.83
N THR D 317 -33.17 -12.86 45.07
CA THR D 317 -33.72 -12.03 44.02
C THR D 317 -34.97 -11.32 44.52
N THR D 318 -35.19 -10.11 43.99
CA THR D 318 -36.39 -9.35 44.29
C THR D 318 -37.41 -9.57 43.19
N ASP D 319 -38.65 -9.87 43.61
CA ASP D 319 -39.73 -10.14 42.68
C ASP D 319 -40.96 -9.37 43.16
N THR D 320 -42.09 -9.60 42.49
CA THR D 320 -43.36 -9.06 42.91
C THR D 320 -44.35 -10.22 43.03
N VAL D 321 -44.88 -10.44 44.22
CA VAL D 321 -45.84 -11.49 44.49
C VAL D 321 -47.19 -10.84 44.73
N ASP D 322 -48.18 -11.22 43.93
CA ASP D 322 -49.51 -10.63 44.00
C ASP D 322 -49.46 -9.10 43.88
N GLY D 323 -48.50 -8.60 43.11
CA GLY D 323 -48.35 -7.18 42.92
C GLY D 323 -47.58 -6.45 43.99
N GLU D 324 -47.14 -7.14 45.05
CA GLU D 324 -46.41 -6.53 46.14
C GLU D 324 -44.94 -6.88 46.03
N ARG D 325 -44.07 -5.88 46.14
CA ARG D 325 -42.64 -6.10 45.97
C ARG D 325 -42.07 -6.83 47.17
N VAL D 326 -41.37 -7.94 46.92
CA VAL D 326 -40.78 -8.76 47.96
C VAL D 326 -39.42 -9.24 47.49
N SER D 327 -38.68 -9.87 48.41
CA SER D 327 -37.38 -10.44 48.12
C SER D 327 -37.32 -11.85 48.69
N PHE D 328 -36.81 -12.80 47.91
CA PHE D 328 -36.68 -14.17 48.37
C PHE D 328 -35.55 -14.86 47.62
N SER D 329 -35.12 -16.00 48.13
CA SER D 329 -33.92 -16.65 47.65
C SER D 329 -34.26 -17.76 46.66
N VAL D 330 -33.53 -17.78 45.55
CA VAL D 330 -33.68 -18.80 44.51
C VAL D 330 -32.31 -19.40 44.23
N CYS D 331 -32.28 -20.72 44.02
CA CYS D 331 -31.04 -21.45 43.81
C CYS D 331 -31.05 -22.17 42.48
N THR D 332 -29.86 -22.53 42.01
CA THR D 332 -29.68 -23.24 40.75
C THR D 332 -28.32 -23.93 40.77
N TYR D 333 -28.15 -24.86 39.83
CA TYR D 333 -26.92 -25.63 39.70
C TYR D 333 -26.25 -25.26 38.38
N VAL D 334 -25.26 -24.38 38.46
CA VAL D 334 -24.50 -23.98 37.27
C VAL D 334 -23.56 -25.13 36.89
N PRO D 335 -23.30 -25.34 35.61
CA PRO D 335 -22.32 -26.36 35.22
C PRO D 335 -20.91 -25.96 35.61
N ALA D 336 -20.05 -26.96 35.79
CA ALA D 336 -18.69 -26.71 36.22
C ALA D 336 -17.92 -25.86 35.21
N THR D 337 -18.09 -26.15 33.92
CA THR D 337 -17.35 -25.42 32.90
C THR D 337 -17.70 -23.94 32.90
N ILE D 338 -18.96 -23.61 33.17
CA ILE D 338 -19.36 -22.20 33.23
C ILE D 338 -18.60 -21.49 34.35
N CYS D 339 -18.52 -22.12 35.52
CA CYS D 339 -17.77 -21.53 36.63
C CYS D 339 -16.29 -21.40 36.29
N ASP D 340 -15.73 -22.44 35.65
CA ASP D 340 -14.32 -22.39 35.27
C ASP D 340 -14.04 -21.20 34.35
N GLN D 341 -14.84 -21.06 33.30
CA GLN D 341 -14.67 -19.96 32.35
C GLN D 341 -15.08 -18.60 32.90
N MET D 342 -15.83 -18.58 34.00
CA MET D 342 -16.17 -17.31 34.65
C MET D 342 -15.24 -16.95 35.78
N THR D 343 -14.29 -17.83 36.13
CA THR D 343 -13.30 -17.50 37.16
C THR D 343 -12.72 -16.10 36.94
N GLY D 344 -12.13 -15.86 35.78
CA GLY D 344 -11.45 -14.60 35.55
C GLY D 344 -12.37 -13.41 35.63
N ILE D 345 -13.53 -13.50 34.97
CA ILE D 345 -14.49 -12.39 35.01
C ILE D 345 -14.93 -12.10 36.43
N LEU D 346 -15.27 -13.16 37.18
CA LEU D 346 -15.65 -12.98 38.58
C LEU D 346 -14.51 -12.42 39.41
N ALA D 347 -13.27 -12.54 38.93
CA ALA D 347 -12.17 -11.81 39.55
C ALA D 347 -12.43 -10.32 39.58
N THR D 348 -13.24 -9.81 38.67
CA THR D 348 -13.57 -8.39 38.57
C THR D 348 -15.05 -8.18 38.89
N GLU D 349 -15.36 -6.98 39.40
CA GLU D 349 -16.75 -6.60 39.57
C GLU D 349 -17.44 -6.57 38.22
N VAL D 350 -18.40 -7.46 38.02
CA VAL D 350 -19.04 -7.65 36.72
C VAL D 350 -20.53 -7.38 36.86
N THR D 351 -21.07 -6.59 35.93
CA THR D 351 -22.48 -6.24 35.96
C THR D 351 -23.34 -7.47 35.64
N PRO D 352 -24.58 -7.49 36.13
CA PRO D 352 -25.49 -8.57 35.69
C PRO D 352 -25.70 -8.58 34.19
N GLU D 353 -25.73 -7.41 33.56
CA GLU D 353 -25.90 -7.36 32.10
C GLU D 353 -24.69 -7.93 31.37
N ASP D 354 -23.49 -7.48 31.75
CA ASP D 354 -22.28 -7.97 31.10
C ASP D 354 -22.04 -9.43 31.44
N ALA D 355 -22.33 -9.83 32.68
CA ALA D 355 -22.22 -11.24 33.04
C ALA D 355 -23.19 -12.08 32.23
N GLN D 356 -24.40 -11.56 31.99
CA GLN D 356 -25.37 -12.25 31.15
C GLN D 356 -24.86 -12.40 29.73
N LYS D 357 -24.26 -11.33 29.18
CA LYS D 357 -23.72 -11.40 27.84
C LYS D 357 -22.61 -12.44 27.75
N LEU D 358 -21.70 -12.46 28.71
CA LEU D 358 -20.63 -13.45 28.71
C LEU D 358 -21.19 -14.86 28.88
N LEU D 359 -22.22 -15.02 29.71
CA LEU D 359 -22.84 -16.33 29.89
C LEU D 359 -23.48 -16.81 28.60
N VAL D 360 -24.16 -15.92 27.89
CA VAL D 360 -24.76 -16.28 26.60
C VAL D 360 -23.67 -16.68 25.62
N GLY D 361 -22.59 -15.89 25.54
CA GLY D 361 -21.49 -16.25 24.66
C GLY D 361 -20.88 -17.60 25.00
N LEU D 362 -20.71 -17.88 26.29
CA LEU D 362 -20.18 -19.17 26.71
C LEU D 362 -21.13 -20.31 26.36
N ASN D 363 -22.43 -20.07 26.48
CA ASN D 363 -23.40 -21.09 26.11
C ASN D 363 -23.25 -21.50 24.66
N GLN D 364 -22.98 -20.53 23.78
CA GLN D 364 -22.70 -20.78 22.38
C GLN D 364 -22.53 -19.47 21.61
N THR D 376 -26.79 -25.32 20.02
CA THR D 376 -27.09 -25.97 21.29
C THR D 376 -26.65 -25.10 22.47
N ASN D 377 -27.04 -25.50 23.67
CA ASN D 377 -26.71 -24.77 24.88
C ASN D 377 -26.23 -25.74 25.95
N THR D 378 -25.44 -25.20 26.89
CA THR D 378 -24.98 -25.99 28.04
C THR D 378 -25.82 -25.74 29.28
N MET D 379 -26.34 -24.52 29.44
CA MET D 379 -27.27 -24.19 30.50
C MET D 379 -28.50 -23.51 29.90
N LYS D 380 -29.67 -23.86 30.39
CA LYS D 380 -30.90 -23.30 29.85
C LYS D 380 -30.94 -21.80 30.07
N ASN D 381 -31.44 -21.07 29.07
CA ASN D 381 -31.29 -19.62 29.06
C ASN D 381 -32.23 -18.91 30.03
N TYR D 382 -33.34 -19.54 30.43
CA TYR D 382 -34.23 -18.90 31.39
C TYR D 382 -33.59 -18.78 32.77
N MET D 383 -32.47 -19.48 33.01
CA MET D 383 -31.73 -19.37 34.26
C MET D 383 -30.59 -18.35 34.19
N ILE D 384 -30.05 -18.11 33.01
CA ILE D 384 -28.95 -17.19 32.80
C ILE D 384 -29.24 -15.84 33.45
N PRO D 385 -30.44 -15.28 33.29
CA PRO D 385 -30.72 -13.98 33.91
C PRO D 385 -30.53 -13.97 35.41
N VAL D 386 -30.72 -15.10 36.09
CA VAL D 386 -30.54 -15.15 37.53
C VAL D 386 -29.15 -15.64 37.91
N VAL D 387 -28.57 -16.53 37.10
CA VAL D 387 -27.18 -16.94 37.31
C VAL D 387 -26.26 -15.72 37.24
N ALA D 388 -26.49 -14.85 36.26
CA ALA D 388 -25.66 -13.65 36.12
C ALA D 388 -25.80 -12.73 37.33
N GLN D 389 -27.02 -12.55 37.83
CA GLN D 389 -27.20 -11.69 38.99
C GLN D 389 -26.53 -12.30 40.23
N ALA D 390 -26.63 -13.62 40.38
CA ALA D 390 -25.95 -14.27 41.50
C ALA D 390 -24.44 -14.09 41.39
N PHE D 391 -23.89 -14.27 40.19
CA PHE D 391 -22.45 -14.09 39.98
C PHE D 391 -22.03 -12.67 40.33
N SER D 392 -22.81 -11.68 39.87
CA SER D 392 -22.46 -10.29 40.11
C SER D 392 -22.53 -9.95 41.59
N LYS D 393 -23.58 -10.42 42.28
CA LYS D 393 -23.69 -10.14 43.71
C LYS D 393 -22.56 -10.81 44.48
N TRP D 394 -22.20 -12.03 44.09
CA TRP D 394 -21.10 -12.73 44.76
C TRP D 394 -19.78 -11.99 44.55
N ALA D 395 -19.52 -11.55 43.31
CA ALA D 395 -18.29 -10.82 43.04
C ALA D 395 -18.24 -9.52 43.82
N LYS D 396 -19.36 -8.79 43.88
CA LYS D 396 -19.38 -7.54 44.63
C LYS D 396 -19.13 -7.79 46.12
N GLU D 397 -19.76 -8.84 46.67
CA GLU D 397 -19.54 -9.16 48.08
C GLU D 397 -18.09 -9.56 48.33
N CYS D 398 -17.50 -10.34 47.43
CA CYS D 398 -16.10 -10.71 47.58
C CYS D 398 -15.19 -9.49 47.57
N ARG D 399 -15.43 -8.56 46.63
CA ARG D 399 -14.61 -7.36 46.59
C ARG D 399 -14.80 -6.52 47.85
N LYS D 400 -16.04 -6.35 48.30
CA LYS D 400 -16.27 -5.60 49.53
C LYS D 400 -15.62 -6.29 50.73
N ASP D 401 -15.45 -7.61 50.65
CA ASP D 401 -14.71 -8.33 51.68
C ASP D 401 -13.23 -7.99 51.61
N MET D 402 -12.65 -8.07 50.41
CA MET D 402 -11.23 -7.74 50.23
C MET D 402 -10.94 -6.26 50.41
N GLU D 403 -11.97 -5.41 50.42
CA GLU D 403 -11.79 -3.98 50.58
C GLU D 403 -11.85 -3.53 52.04
N ASP D 404 -12.09 -4.46 52.96
CA ASP D 404 -12.10 -4.16 54.39
C ASP D 404 -11.52 -5.36 55.12
N GLU D 405 -10.56 -5.11 56.00
CA GLU D 405 -9.87 -6.16 56.74
C GLU D 405 -9.81 -5.80 58.21
N LYS D 406 -10.21 -6.73 59.07
CA LYS D 406 -10.26 -6.51 60.51
C LYS D 406 -9.03 -7.13 61.18
N LEU D 407 -9.01 -7.10 62.50
CA LEU D 407 -7.89 -7.65 63.26
C LEU D 407 -7.98 -9.17 63.30
N LEU D 408 -6.87 -9.84 62.98
CA LEU D 408 -6.84 -11.29 63.03
C LEU D 408 -6.94 -11.79 64.46
N GLY D 409 -7.50 -12.99 64.62
CA GLY D 409 -7.56 -13.65 65.90
C GLY D 409 -8.72 -13.24 66.78
N VAL D 410 -9.46 -12.19 66.42
CA VAL D 410 -10.54 -11.67 67.25
C VAL D 410 -11.80 -11.58 66.41
N ARG D 411 -12.90 -12.10 66.95
CA ARG D 411 -14.22 -11.88 66.37
C ARG D 411 -14.72 -10.53 66.86
N GLU D 412 -14.46 -9.49 66.07
CA GLU D 412 -14.80 -8.12 66.46
C GLU D 412 -16.31 -7.92 66.53
N PHE D 423 -22.46 -8.88 67.71
CA PHE D 423 -21.68 -8.37 66.58
C PHE D 423 -22.60 -7.72 65.55
N LYS D 424 -22.05 -6.78 64.78
CA LYS D 424 -22.81 -6.08 63.75
C LYS D 424 -22.98 -7.01 62.55
N LYS D 425 -23.91 -7.94 62.67
CA LYS D 425 -24.20 -8.85 61.57
C LYS D 425 -24.59 -8.04 60.33
N GLN D 426 -24.00 -8.39 59.19
CA GLN D 426 -24.13 -7.61 57.97
C GLN D 426 -24.79 -8.46 56.88
N LYS D 427 -24.84 -7.89 55.68
CA LYS D 427 -25.51 -8.51 54.55
C LYS D 427 -24.79 -9.76 54.08
N THR D 428 -25.58 -10.74 53.63
CA THR D 428 -25.08 -11.94 52.95
C THR D 428 -26.14 -12.31 51.93
N HIS D 429 -25.96 -11.84 50.69
CA HIS D 429 -26.99 -11.94 49.67
C HIS D 429 -26.66 -12.95 48.58
N THR D 430 -25.64 -13.77 48.77
CA THR D 430 -25.31 -14.79 47.78
C THR D 430 -24.62 -15.96 48.47
N VAL D 431 -24.75 -17.14 47.88
CA VAL D 431 -24.02 -18.32 48.29
C VAL D 431 -23.60 -19.03 47.01
N TYR D 432 -22.32 -18.95 46.67
CA TYR D 432 -21.78 -19.58 45.47
C TYR D 432 -20.80 -20.64 45.92
N LYS D 433 -21.17 -21.90 45.73
CA LYS D 433 -20.30 -23.04 46.04
C LYS D 433 -19.71 -23.51 44.72
N ARG D 434 -18.49 -23.06 44.44
CA ARG D 434 -17.83 -23.37 43.19
C ARG D 434 -17.55 -24.87 43.09
N PRO D 435 -17.21 -25.35 41.90
CA PRO D 435 -16.88 -26.77 41.76
C PRO D 435 -15.70 -27.15 42.64
N ASP D 436 -15.78 -28.35 43.20
CA ASP D 436 -14.75 -28.95 44.07
C ASP D 436 -14.74 -28.34 45.46
N THR D 437 -15.74 -27.54 45.83
CA THR D 437 -15.87 -27.10 47.21
C THR D 437 -16.77 -28.07 47.96
N GLN D 438 -16.98 -27.82 49.25
CA GLN D 438 -17.81 -28.69 50.07
C GLN D 438 -18.68 -27.85 51.00
N SER D 439 -19.94 -28.25 51.11
CA SER D 439 -20.87 -27.65 52.06
C SER D 439 -20.96 -28.55 53.28
N ILE D 440 -20.94 -27.94 54.46
CA ILE D 440 -20.99 -28.65 55.74
C ILE D 440 -22.16 -28.09 56.53
N GLN D 441 -23.14 -28.93 56.82
CA GLN D 441 -24.30 -28.52 57.60
C GLN D 441 -24.42 -29.38 58.85
N LYS D 442 -24.65 -28.73 59.99
CA LYS D 442 -24.85 -29.44 61.24
C LYS D 442 -26.30 -29.91 61.32
N VAL D 443 -26.50 -31.23 61.22
CA VAL D 443 -27.84 -31.80 61.21
C VAL D 443 -28.01 -32.73 62.39
N GLN D 444 -29.20 -33.30 62.54
CA GLN D 444 -29.46 -34.23 63.63
C GLN D 444 -28.88 -35.59 63.29
N ALA D 445 -28.16 -36.19 64.24
CA ALA D 445 -27.51 -37.47 64.03
C ALA D 445 -27.96 -38.54 65.01
N GLU D 446 -28.81 -38.21 65.98
CA GLU D 446 -29.31 -39.17 66.97
C GLU D 446 -30.83 -39.17 66.90
N PHE D 447 -31.40 -40.24 66.37
CA PHE D 447 -32.83 -40.41 66.25
C PHE D 447 -33.29 -41.53 67.16
N ASP D 448 -34.28 -41.25 68.00
CA ASP D 448 -34.79 -42.22 68.96
C ASP D 448 -36.31 -42.27 68.94
N SER D 458 -53.81 -52.03 51.76
CA SER D 458 -54.90 -51.73 52.67
C SER D 458 -55.61 -50.44 52.28
N GLY D 459 -55.45 -50.04 51.03
CA GLY D 459 -56.08 -48.83 50.53
C GLY D 459 -56.72 -49.02 49.17
N LEU D 460 -56.55 -50.21 48.59
CA LEU D 460 -57.14 -50.49 47.29
C LEU D 460 -58.66 -50.48 47.37
N SER D 461 -59.30 -49.90 46.37
CA SER D 461 -60.75 -49.82 46.33
C SER D 461 -61.34 -51.07 45.69
N ILE D 462 -62.55 -51.42 46.12
CA ILE D 462 -63.21 -52.60 45.58
C ILE D 462 -63.45 -52.48 44.08
N PRO D 463 -64.01 -51.39 43.57
CA PRO D 463 -64.18 -51.28 42.10
C PRO D 463 -62.86 -51.36 41.35
N LEU D 464 -61.81 -50.71 41.85
CA LEU D 464 -60.50 -50.78 41.19
C LEU D 464 -59.95 -52.20 41.24
N ARG D 465 -60.06 -52.87 42.39
CA ARG D 465 -59.57 -54.23 42.50
C ARG D 465 -60.30 -55.15 41.52
N THR D 466 -61.62 -54.99 41.40
CA THR D 466 -62.38 -55.79 40.44
C THR D 466 -61.93 -55.49 39.01
N ARG D 467 -61.74 -54.21 38.69
CA ARG D 467 -61.38 -53.84 37.32
C ARG D 467 -60.00 -54.37 36.93
N ILE D 468 -59.03 -54.29 37.84
CA ILE D 468 -57.66 -54.65 37.50
C ILE D 468 -57.58 -56.10 37.01
N LYS D 469 -58.33 -56.99 37.66
CA LYS D 469 -58.36 -58.39 37.24
C LYS D 469 -58.70 -58.52 35.75
N PRO E 3 9.66 -49.41 35.91
CA PRO E 3 8.31 -49.51 35.35
C PRO E 3 7.24 -49.60 36.43
N VAL E 4 6.46 -48.53 36.57
CA VAL E 4 5.39 -48.46 37.56
C VAL E 4 4.10 -48.04 36.86
N TYR E 5 2.97 -48.54 37.34
CA TYR E 5 1.68 -48.32 36.73
C TYR E 5 0.78 -47.57 37.71
N VAL E 6 0.17 -46.48 37.26
CA VAL E 6 -0.71 -45.68 38.10
C VAL E 6 -2.12 -45.71 37.53
N ASP E 7 -3.07 -45.25 38.34
CA ASP E 7 -4.50 -45.31 38.02
C ASP E 7 -5.04 -43.95 37.62
N ILE E 8 -4.26 -43.17 36.87
CA ILE E 8 -4.64 -41.83 36.45
C ILE E 8 -4.51 -41.73 34.94
N ASP E 9 -5.43 -41.02 34.31
CA ASP E 9 -5.35 -40.81 32.86
C ASP E 9 -4.11 -39.98 32.52
N ALA E 10 -3.55 -40.26 31.34
CA ALA E 10 -2.28 -39.66 30.94
C ALA E 10 -2.36 -38.16 30.72
N ASP E 11 -3.55 -37.60 30.60
CA ASP E 11 -3.70 -36.17 30.36
C ASP E 11 -3.79 -35.35 31.64
N SER E 12 -3.65 -35.98 32.80
CA SER E 12 -3.75 -35.29 34.08
C SER E 12 -2.38 -34.81 34.56
N ALA E 13 -2.34 -33.59 35.09
CA ALA E 13 -1.09 -33.03 35.59
C ALA E 13 -0.55 -33.83 36.77
N PHE E 14 -1.43 -34.45 37.55
CA PHE E 14 -0.95 -35.19 38.71
C PHE E 14 -0.03 -36.34 38.33
N LEU E 15 -0.14 -36.87 37.12
CA LEU E 15 0.83 -37.88 36.68
C LEU E 15 2.22 -37.28 36.60
N LYS E 16 2.34 -36.07 36.04
CA LYS E 16 3.63 -35.38 36.05
C LYS E 16 4.09 -35.08 37.47
N ALA E 17 3.16 -34.66 38.34
CA ALA E 17 3.53 -34.39 39.72
C ALA E 17 4.08 -35.64 40.39
N LEU E 18 3.45 -36.79 40.15
CA LEU E 18 3.94 -38.04 40.71
C LEU E 18 5.31 -38.41 40.15
N GLN E 19 5.50 -38.27 38.83
CA GLN E 19 6.82 -38.51 38.27
C GLN E 19 7.87 -37.66 38.97
N ARG E 20 7.58 -36.38 39.17
CA ARG E 20 8.54 -35.52 39.86
C ARG E 20 8.77 -35.99 41.28
N ALA E 21 7.71 -36.42 41.98
CA ALA E 21 7.82 -36.84 43.37
C ALA E 21 8.38 -38.24 43.53
N TYR E 22 8.44 -39.03 42.45
CA TYR E 22 8.95 -40.40 42.50
C TYR E 22 9.96 -40.61 41.37
N PRO E 23 11.15 -40.02 41.49
CA PRO E 23 12.16 -40.23 40.45
C PRO E 23 12.58 -41.68 40.28
N MET E 24 12.62 -42.45 41.38
CA MET E 24 13.13 -43.81 41.31
C MET E 24 12.23 -44.75 40.53
N PHE E 25 11.02 -44.32 40.18
CA PHE E 25 10.07 -45.16 39.47
C PHE E 25 9.69 -44.51 38.14
N GLU E 26 9.57 -45.35 37.11
CA GLU E 26 9.00 -44.92 35.84
C GLU E 26 7.49 -45.14 35.89
N VAL E 27 6.73 -44.05 36.00
CA VAL E 27 5.30 -44.10 36.25
C VAL E 27 4.57 -43.84 34.94
N GLU E 28 3.64 -44.72 34.60
CA GLU E 28 2.82 -44.58 33.41
C GLU E 28 1.35 -44.69 33.77
N PRO E 29 0.49 -43.94 33.09
CA PRO E 29 -0.94 -43.95 33.43
C PRO E 29 -1.60 -45.29 33.14
N ARG E 30 -2.56 -45.65 33.99
CA ARG E 30 -3.51 -46.73 33.71
C ARG E 30 -4.79 -46.42 34.47
N GLN E 31 -5.75 -45.80 33.80
CA GLN E 31 -7.01 -45.40 34.42
C GLN E 31 -8.16 -46.22 33.85
N VAL E 32 -8.98 -46.80 34.73
CA VAL E 32 -10.22 -47.41 34.29
C VAL E 32 -11.40 -46.84 35.07
N THR E 33 -11.44 -47.11 36.38
CA THR E 33 -12.59 -46.76 37.20
C THR E 33 -12.58 -45.32 37.72
N PRO E 34 -11.51 -44.88 38.37
CA PRO E 34 -11.58 -43.65 39.17
C PRO E 34 -11.28 -42.38 38.40
N ASN E 35 -11.89 -41.29 38.86
CA ASN E 35 -11.51 -39.95 38.43
C ASN E 35 -11.44 -38.93 39.56
N ASP E 36 -11.94 -39.25 40.76
CA ASP E 36 -11.93 -38.31 41.89
C ASP E 36 -10.79 -38.59 42.86
N HIS E 37 -10.72 -39.81 43.40
CA HIS E 37 -9.70 -40.17 44.38
C HIS E 37 -8.51 -40.88 43.74
N ALA E 38 -8.30 -40.69 42.44
CA ALA E 38 -7.17 -41.34 41.78
C ALA E 38 -5.84 -40.81 42.31
N ASN E 39 -5.77 -39.51 42.61
CA ASN E 39 -4.51 -38.92 43.05
C ASN E 39 -4.03 -39.54 44.36
N ALA E 40 -4.89 -39.55 45.38
CA ALA E 40 -4.49 -40.09 46.67
C ALA E 40 -4.18 -41.59 46.58
N ARG E 41 -5.00 -42.34 45.84
CA ARG E 41 -4.76 -43.76 45.68
C ARG E 41 -3.41 -44.01 45.00
N ALA E 42 -3.11 -43.26 43.95
CA ALA E 42 -1.84 -43.42 43.25
C ALA E 42 -0.67 -43.07 44.15
N PHE E 43 -0.77 -41.98 44.91
CA PHE E 43 0.32 -41.62 45.81
C PHE E 43 0.53 -42.69 46.87
N SER E 44 -0.56 -43.21 47.44
CA SER E 44 -0.44 -44.26 48.45
C SER E 44 0.18 -45.53 47.86
N HIS E 45 -0.24 -45.89 46.64
CA HIS E 45 0.31 -47.08 46.00
C HIS E 45 1.80 -46.92 45.72
N LEU E 46 2.21 -45.75 45.22
CA LEU E 46 3.63 -45.53 44.95
C LEU E 46 4.44 -45.53 46.23
N ALA E 47 3.91 -44.93 47.30
CA ALA E 47 4.59 -44.97 48.58
C ALA E 47 4.73 -46.40 49.09
N ILE E 48 3.67 -47.20 48.95
CA ILE E 48 3.72 -48.58 49.39
C ILE E 48 4.77 -49.35 48.59
N LYS E 49 4.83 -49.13 47.28
CA LYS E 49 5.82 -49.82 46.45
C LYS E 49 7.23 -49.42 46.86
N LEU E 50 7.46 -48.12 47.07
CA LEU E 50 8.79 -47.67 47.46
C LEU E 50 9.20 -48.25 48.81
N ILE E 51 8.27 -48.29 49.77
CA ILE E 51 8.57 -48.86 51.07
C ILE E 51 8.89 -50.34 50.93
N GLU E 52 8.09 -51.07 50.12
CA GLU E 52 8.34 -52.49 49.93
C GLU E 52 9.71 -52.74 49.33
N GLN E 53 10.10 -51.95 48.32
CA GLN E 53 11.37 -52.16 47.66
C GLN E 53 12.54 -51.90 48.60
N GLU E 54 12.34 -51.10 49.64
CA GLU E 54 13.41 -50.70 50.55
C GLU E 54 13.30 -51.34 51.92
N ILE E 55 12.81 -52.59 51.98
CA ILE E 55 12.71 -53.33 53.24
C ILE E 55 13.15 -54.77 53.00
N ASP E 56 13.45 -55.45 54.09
CA ASP E 56 13.84 -56.86 54.02
C ASP E 56 12.64 -57.70 53.62
N PRO E 57 12.70 -58.47 52.53
CA PRO E 57 11.55 -59.28 52.15
C PRO E 57 11.13 -60.29 53.19
N ASP E 58 12.05 -60.71 54.06
CA ASP E 58 11.78 -61.69 55.12
C ASP E 58 11.65 -61.04 56.48
N SER E 59 11.10 -59.83 56.55
CA SER E 59 10.91 -59.12 57.81
C SER E 59 9.42 -58.87 58.02
N THR E 60 8.93 -59.24 59.20
CA THR E 60 7.53 -59.00 59.53
C THR E 60 7.28 -57.50 59.71
N ILE E 61 6.20 -57.01 59.11
CA ILE E 61 5.90 -55.59 59.06
C ILE E 61 4.47 -55.37 59.54
N LEU E 62 4.30 -54.41 60.45
CA LEU E 62 2.96 -54.02 60.88
C LEU E 62 2.29 -53.15 59.81
N ASP E 63 0.97 -53.03 59.91
CA ASP E 63 0.18 -52.25 58.96
C ASP E 63 -0.84 -51.40 59.71
N ILE E 64 -0.36 -50.66 60.72
CA ILE E 64 -1.21 -49.86 61.61
C ILE E 64 -2.30 -49.15 60.82
N GLY E 65 -1.94 -48.56 59.67
CA GLY E 65 -2.94 -48.01 58.80
C GLY E 65 -3.71 -49.11 58.11
N SER E 66 -4.44 -49.90 58.89
CA SER E 66 -4.97 -51.17 58.42
C SER E 66 -6.13 -50.95 57.46
N ALA E 67 -5.95 -51.40 56.22
CA ALA E 67 -7.02 -51.55 55.24
C ALA E 67 -6.91 -52.94 54.65
N PRO E 68 -7.23 -53.97 55.43
CA PRO E 68 -6.90 -55.35 55.01
C PRO E 68 -7.46 -55.72 53.65
N ALA E 69 -8.59 -55.12 53.24
CA ALA E 69 -9.11 -55.38 51.91
C ALA E 69 -8.08 -55.08 50.84
N ARG E 70 -7.28 -54.02 51.04
CA ARG E 70 -6.25 -53.67 50.07
C ARG E 70 -5.20 -54.78 49.96
N ARG E 71 -4.73 -55.29 51.10
CA ARG E 71 -3.64 -56.26 51.12
C ARG E 71 -4.16 -57.63 50.67
N MET E 72 -4.20 -57.81 49.36
CA MET E 72 -4.57 -59.09 48.76
C MET E 72 -3.46 -59.59 47.83
N MET E 73 -2.64 -58.67 47.34
CA MET E 73 -1.54 -59.01 46.45
C MET E 73 -0.18 -58.91 47.12
N SER E 74 -0.06 -58.14 48.20
CA SER E 74 1.21 -58.03 48.90
C SER E 74 1.59 -59.38 49.49
N ASP E 75 2.66 -59.96 48.96
CA ASP E 75 3.15 -61.27 49.40
C ASP E 75 4.02 -61.19 50.64
N ARG E 76 4.30 -59.98 51.14
CA ARG E 76 5.15 -59.81 52.30
C ARG E 76 4.36 -60.12 53.57
N LYS E 77 5.10 -60.34 54.66
CA LYS E 77 4.50 -60.69 55.94
C LYS E 77 3.81 -59.46 56.53
N TYR E 78 2.50 -59.37 56.31
CA TYR E 78 1.70 -58.23 56.75
C TYR E 78 0.88 -58.61 57.97
N HIS E 79 0.94 -57.78 59.00
CA HIS E 79 0.15 -57.95 60.22
C HIS E 79 -0.75 -56.73 60.35
N CYS E 80 -1.92 -56.77 59.70
CA CYS E 80 -2.86 -55.67 59.77
C CYS E 80 -3.40 -55.51 61.18
N VAL E 81 -3.57 -54.26 61.61
CA VAL E 81 -4.06 -53.93 62.94
C VAL E 81 -5.34 -53.13 62.78
N CYS E 82 -6.48 -53.74 63.12
CA CYS E 82 -7.78 -53.08 62.99
C CYS E 82 -8.38 -52.91 64.38
N PRO E 83 -8.17 -51.76 65.03
CA PRO E 83 -8.68 -51.59 66.40
C PRO E 83 -10.20 -51.61 66.50
N MET E 84 -10.92 -51.40 65.40
CA MET E 84 -12.39 -51.33 65.42
C MET E 84 -12.85 -50.16 66.31
N ARG E 85 -12.43 -48.96 65.91
CA ARG E 85 -12.75 -47.75 66.64
C ARG E 85 -13.79 -46.87 65.96
N SER E 86 -13.81 -46.83 64.64
CA SER E 86 -14.73 -45.99 63.90
C SER E 86 -15.97 -46.78 63.48
N ALA E 87 -16.96 -46.05 62.96
CA ALA E 87 -18.19 -46.69 62.50
C ALA E 87 -17.96 -47.47 61.22
N GLU E 88 -17.02 -47.03 60.39
CA GLU E 88 -16.76 -47.66 59.10
C GLU E 88 -15.93 -48.93 59.20
N ASP E 89 -15.25 -49.16 60.32
CA ASP E 89 -14.37 -50.32 60.42
C ASP E 89 -15.05 -51.62 60.05
N PRO E 90 -16.25 -51.93 60.57
CA PRO E 90 -16.92 -53.17 60.15
C PRO E 90 -17.12 -53.27 58.65
N GLU E 91 -17.58 -52.21 58.00
CA GLU E 91 -17.75 -52.24 56.55
C GLU E 91 -16.52 -52.82 55.87
N ARG E 92 -15.36 -52.17 56.04
CA ARG E 92 -14.11 -52.75 55.57
C ARG E 92 -14.03 -54.22 55.92
N LEU E 93 -14.05 -54.55 57.21
CA LEU E 93 -14.03 -55.94 57.63
C LEU E 93 -14.94 -56.78 56.75
N ALA E 94 -16.22 -56.40 56.66
CA ALA E 94 -17.16 -57.15 55.85
C ALA E 94 -16.57 -57.47 54.48
N ASN E 95 -16.28 -56.43 53.69
CA ASN E 95 -15.77 -56.69 52.35
C ASN E 95 -14.50 -57.53 52.41
N TYR E 96 -13.61 -57.22 53.34
CA TYR E 96 -12.42 -58.05 53.54
C TYR E 96 -12.81 -59.51 53.57
N ALA E 97 -13.67 -59.90 54.51
CA ALA E 97 -14.12 -61.29 54.57
C ALA E 97 -14.66 -61.73 53.22
N ARG E 98 -15.60 -60.97 52.66
CA ARG E 98 -16.13 -61.30 51.35
C ARG E 98 -15.00 -61.50 50.34
N LYS E 99 -14.06 -60.55 50.30
CA LYS E 99 -12.95 -60.68 49.35
C LYS E 99 -12.21 -61.98 49.59
N LEU E 100 -11.92 -62.30 50.86
CA LEU E 100 -11.28 -63.58 51.15
C LEU E 100 -12.10 -64.72 50.57
N ALA E 101 -13.41 -64.72 50.80
CA ALA E 101 -14.25 -65.75 50.20
C ALA E 101 -14.15 -65.71 48.69
N SER E 102 -14.15 -64.50 48.11
CA SER E 102 -13.99 -64.39 46.66
C SER E 102 -12.69 -65.03 46.20
N ALA E 103 -11.65 -64.93 47.03
CA ALA E 103 -10.38 -65.55 46.71
C ALA E 103 -10.22 -66.92 47.33
N ALA E 104 -11.19 -67.38 48.11
CA ALA E 104 -11.06 -68.66 48.80
C ALA E 104 -10.97 -69.84 47.83
N GLY E 105 -11.46 -69.68 46.60
CA GLY E 105 -11.42 -70.76 45.64
C GLY E 105 -11.00 -70.35 44.25
N LYS E 106 -10.15 -69.32 44.16
CA LYS E 106 -9.66 -68.83 42.88
C LYS E 106 -8.17 -69.05 42.71
N VAL E 107 -7.34 -68.55 43.63
CA VAL E 107 -5.90 -68.61 43.51
C VAL E 107 -5.30 -69.14 44.80
N LEU E 108 -4.11 -69.72 44.68
CA LEU E 108 -3.38 -70.29 45.81
C LEU E 108 -1.95 -69.78 45.85
N ASP E 109 -1.76 -68.48 45.60
CA ASP E 109 -0.44 -67.87 45.63
C ASP E 109 -0.28 -66.78 46.67
N ARG E 110 -1.38 -66.22 47.19
CA ARG E 110 -1.32 -65.11 48.13
C ARG E 110 -1.62 -65.55 49.56
N ASN E 111 -1.58 -66.85 49.85
CA ASN E 111 -1.80 -67.36 51.19
C ASN E 111 -3.22 -67.01 51.66
N ILE E 112 -4.19 -67.38 50.84
CA ILE E 112 -5.59 -67.11 51.17
C ILE E 112 -6.03 -67.96 52.35
N SER E 113 -5.60 -69.22 52.42
CA SER E 113 -5.98 -70.09 53.51
C SER E 113 -5.46 -69.55 54.84
N GLY E 114 -4.24 -69.03 54.85
CA GLY E 114 -3.72 -68.42 56.07
C GLY E 114 -4.56 -67.25 56.53
N LYS E 115 -4.94 -66.37 55.60
CA LYS E 115 -5.76 -65.22 55.96
C LYS E 115 -7.11 -65.67 56.51
N ILE E 116 -7.76 -66.63 55.85
CA ILE E 116 -9.07 -67.08 56.31
C ILE E 116 -8.96 -67.73 57.69
N GLY E 117 -7.94 -68.56 57.89
CA GLY E 117 -7.77 -69.18 59.20
C GLY E 117 -7.49 -68.16 60.29
N ASP E 118 -6.67 -67.16 59.98
CA ASP E 118 -6.41 -66.10 60.95
C ASP E 118 -7.68 -65.35 61.31
N LEU E 119 -8.50 -65.03 60.30
CA LEU E 119 -9.76 -64.35 60.58
C LEU E 119 -10.70 -65.21 61.43
N GLN E 120 -10.76 -66.51 61.13
CA GLN E 120 -11.60 -67.40 61.93
C GLN E 120 -11.11 -67.46 63.37
N ALA E 121 -9.79 -67.52 63.56
CA ALA E 121 -9.23 -67.54 64.91
C ALA E 121 -9.57 -66.24 65.64
N VAL E 122 -9.47 -65.10 64.94
CA VAL E 122 -9.81 -63.82 65.57
C VAL E 122 -11.28 -63.80 65.97
N MET E 123 -12.16 -64.29 65.09
CA MET E 123 -13.58 -64.32 65.39
C MET E 123 -13.88 -65.21 66.60
N ALA E 124 -13.20 -66.36 66.68
CA ALA E 124 -13.39 -67.24 67.83
C ALA E 124 -12.99 -66.55 69.12
N VAL E 125 -11.87 -65.84 69.12
CA VAL E 125 -11.41 -65.09 70.29
C VAL E 125 -10.84 -63.75 69.82
N PRO E 126 -11.45 -62.63 70.21
CA PRO E 126 -10.97 -61.33 69.70
C PRO E 126 -9.52 -61.04 70.02
N ASP E 127 -9.05 -61.46 71.20
CA ASP E 127 -7.71 -61.10 71.66
C ASP E 127 -6.62 -61.99 71.10
N THR E 128 -6.89 -62.72 70.02
CA THR E 128 -5.85 -63.52 69.39
C THR E 128 -4.76 -62.62 68.81
N GLU E 129 -3.54 -63.15 68.79
CA GLU E 129 -2.37 -62.44 68.25
C GLU E 129 -1.93 -63.05 66.93
N THR E 130 -2.90 -63.39 66.08
CA THR E 130 -2.60 -64.07 64.83
C THR E 130 -1.71 -63.19 63.95
N PRO E 131 -0.86 -63.81 63.11
CA PRO E 131 0.15 -63.02 62.39
C PRO E 131 -0.43 -61.91 61.52
N THR E 132 -1.56 -62.15 60.86
CA THR E 132 -2.07 -61.22 59.86
C THR E 132 -3.42 -60.60 60.25
N PHE E 133 -3.64 -60.38 61.55
CA PHE E 133 -4.87 -59.72 61.96
C PHE E 133 -4.83 -59.54 63.47
N CYS E 134 -5.57 -58.55 63.95
CA CYS E 134 -5.72 -58.30 65.38
C CYS E 134 -6.84 -57.29 65.57
N LEU E 135 -7.26 -57.15 66.83
CA LEU E 135 -8.32 -56.23 67.22
C LEU E 135 -7.87 -55.32 68.35
N HIS E 136 -6.59 -54.96 68.32
CA HIS E 136 -5.99 -54.11 69.35
C HIS E 136 -5.44 -52.85 68.71
N THR E 137 -5.50 -51.75 69.46
CA THR E 137 -4.87 -50.53 69.00
C THR E 137 -3.36 -50.71 68.94
N ASP E 138 -2.71 -49.89 68.10
CA ASP E 138 -1.26 -49.99 67.95
C ASP E 138 -0.56 -49.92 69.31
N VAL E 139 -1.11 -49.12 70.23
CA VAL E 139 -0.59 -49.09 71.59
C VAL E 139 -0.77 -50.44 72.25
N SER E 140 -1.94 -51.06 72.08
CA SER E 140 -2.29 -52.30 72.77
C SER E 140 -1.93 -53.55 71.99
N CYS E 141 -1.47 -53.42 70.75
CA CYS E 141 -1.12 -54.61 69.97
C CYS E 141 0.06 -55.33 70.60
N ARG E 142 0.11 -56.65 70.37
CA ARG E 142 1.14 -57.50 70.96
C ARG E 142 2.06 -58.17 69.96
N GLN E 143 1.64 -58.28 68.69
CA GLN E 143 2.49 -58.93 67.69
C GLN E 143 3.80 -58.17 67.53
N ARG E 144 4.88 -58.91 67.30
CA ARG E 144 6.22 -58.35 67.20
C ARG E 144 6.69 -58.43 65.75
N ALA E 145 7.24 -57.33 65.25
CA ALA E 145 7.70 -57.25 63.88
C ALA E 145 9.00 -56.46 63.84
N ASP E 146 9.45 -56.10 62.64
CA ASP E 146 10.69 -55.35 62.45
C ASP E 146 10.43 -53.93 61.97
N VAL E 147 9.71 -53.76 60.87
CA VAL E 147 9.42 -52.45 60.30
C VAL E 147 7.91 -52.24 60.31
N ALA E 148 7.47 -51.10 60.84
CA ALA E 148 6.06 -50.78 60.95
C ALA E 148 5.71 -49.67 59.99
N ILE E 149 4.58 -49.81 59.30
CA ILE E 149 4.13 -48.85 58.30
C ILE E 149 2.79 -48.26 58.77
N TYR E 150 2.70 -46.94 58.77
CA TYR E 150 1.44 -46.24 59.00
C TYR E 150 0.82 -45.81 57.68
N GLN E 151 -0.46 -45.46 57.73
CA GLN E 151 -1.15 -45.01 56.54
C GLN E 151 -2.38 -44.20 56.98
N ASP E 152 -2.39 -42.91 56.63
CA ASP E 152 -3.49 -42.02 56.93
C ASP E 152 -3.93 -42.14 58.39
N VAL E 153 -2.97 -41.95 59.29
CA VAL E 153 -3.18 -42.03 60.73
C VAL E 153 -2.91 -40.65 61.29
N TYR E 154 -3.96 -39.85 61.45
CA TYR E 154 -3.86 -38.49 61.95
C TYR E 154 -4.61 -38.31 63.28
N ALA E 155 -4.70 -39.39 64.06
CA ALA E 155 -5.44 -39.33 65.31
C ALA E 155 -4.71 -39.92 66.50
N VAL E 156 -3.49 -40.42 66.34
CA VAL E 156 -2.72 -41.05 67.41
C VAL E 156 -1.45 -40.24 67.63
N HIS E 157 -1.13 -39.99 68.90
CA HIS E 157 0.12 -39.32 69.23
C HIS E 157 1.29 -40.10 68.65
N ALA E 158 2.04 -39.45 67.75
CA ALA E 158 3.15 -40.12 67.09
C ALA E 158 4.20 -40.63 68.07
N PRO E 159 4.68 -39.83 69.03
CA PRO E 159 5.69 -40.36 69.97
C PRO E 159 5.22 -41.58 70.72
N THR E 160 3.97 -41.61 71.17
CA THR E 160 3.49 -42.74 71.97
C THR E 160 3.38 -44.01 71.14
N SER E 161 2.81 -43.90 69.93
CA SER E 161 2.71 -45.07 69.08
C SER E 161 4.08 -45.58 68.67
N LEU E 162 5.00 -44.68 68.34
CA LEU E 162 6.34 -45.10 67.97
C LEU E 162 7.05 -45.76 69.16
N TYR E 163 6.86 -45.22 70.36
CA TYR E 163 7.43 -45.82 71.56
C TYR E 163 6.90 -47.25 71.76
N HIS E 164 5.57 -47.40 71.73
CA HIS E 164 4.99 -48.71 71.99
C HIS E 164 5.30 -49.69 70.87
N GLN E 165 5.67 -49.19 69.69
CA GLN E 165 6.12 -50.08 68.63
C GLN E 165 7.59 -50.45 68.81
N ALA E 166 8.40 -49.52 69.31
CA ALA E 166 9.80 -49.81 69.57
C ALA E 166 9.95 -50.86 70.68
N ILE E 167 9.15 -50.73 71.74
CA ILE E 167 9.20 -51.73 72.81
C ILE E 167 8.83 -53.10 72.28
N LYS E 168 8.09 -53.15 71.17
CA LYS E 168 7.81 -54.40 70.47
C LYS E 168 8.83 -54.70 69.39
N GLY E 169 10.01 -54.11 69.48
CA GLY E 169 11.05 -54.35 68.49
C GLY E 169 10.79 -53.76 67.12
N VAL E 170 10.31 -52.52 67.07
CA VAL E 170 10.10 -51.81 65.81
C VAL E 170 11.26 -50.83 65.66
N ARG E 171 12.17 -51.12 64.73
CA ARG E 171 13.33 -50.28 64.49
C ARG E 171 13.13 -49.29 63.36
N LEU E 172 12.10 -49.47 62.54
CA LEU E 172 11.84 -48.61 61.40
C LEU E 172 10.34 -48.44 61.25
N ALA E 173 9.91 -47.23 60.86
CA ALA E 173 8.51 -46.96 60.66
C ALA E 173 8.35 -45.96 59.53
N TYR E 174 7.24 -46.07 58.81
CA TYR E 174 6.91 -45.14 57.75
C TYR E 174 5.53 -44.55 58.01
N TRP E 175 5.29 -43.38 57.44
CA TRP E 175 4.06 -42.63 57.67
C TRP E 175 3.69 -41.88 56.39
N VAL E 176 2.76 -42.44 55.64
CA VAL E 176 2.21 -41.81 54.45
C VAL E 176 0.98 -41.02 54.86
N GLY E 177 0.95 -39.74 54.55
CA GLY E 177 -0.18 -38.93 54.96
C GLY E 177 -0.14 -37.55 54.37
N PHE E 178 -0.94 -36.66 54.97
CA PHE E 178 -0.99 -35.27 54.53
C PHE E 178 0.16 -34.49 55.15
N ASP E 179 0.75 -33.58 54.38
CA ASP E 179 1.80 -32.72 54.91
C ASP E 179 1.28 -31.95 56.11
N THR E 180 2.09 -31.91 57.17
CA THR E 180 1.70 -31.27 58.41
C THR E 180 2.17 -29.82 58.50
N THR E 181 2.71 -29.26 57.42
CA THR E 181 3.13 -27.86 57.45
C THR E 181 1.98 -26.91 57.76
N PRO E 182 0.78 -27.06 57.19
CA PRO E 182 -0.30 -26.11 57.49
C PRO E 182 -0.67 -26.05 58.96
N PHE E 183 -0.42 -27.12 59.72
CA PHE E 183 -0.75 -27.12 61.13
C PHE E 183 0.41 -26.67 62.01
N MET E 184 1.64 -26.73 61.50
CA MET E 184 2.76 -26.10 62.18
C MET E 184 2.74 -24.58 62.02
N TYR E 185 2.19 -24.08 60.91
CA TYR E 185 1.99 -22.66 60.72
C TYR E 185 0.68 -22.18 61.34
N ASN E 186 -0.11 -23.10 61.89
CA ASN E 186 -1.34 -22.75 62.62
C ASN E 186 -2.32 -21.98 61.73
N ALA E 187 -2.77 -22.64 60.67
CA ALA E 187 -3.77 -22.08 59.78
C ALA E 187 -5.18 -22.45 60.24
N MET E 188 -6.10 -21.51 60.09
CA MET E 188 -7.49 -21.76 60.45
C MET E 188 -8.13 -22.74 59.46
N ALA E 189 -7.94 -22.51 58.17
CA ALA E 189 -8.49 -23.36 57.13
C ALA E 189 -7.43 -23.57 56.06
N GLY E 190 -7.62 -24.59 55.24
CA GLY E 190 -6.66 -24.88 54.20
C GLY E 190 -7.20 -25.89 53.21
N ALA E 191 -6.43 -26.09 52.15
CA ALA E 191 -6.83 -26.99 51.07
C ALA E 191 -5.64 -27.79 50.59
N TYR E 192 -5.94 -28.93 49.97
CA TYR E 192 -4.95 -29.76 49.28
C TYR E 192 -5.46 -29.96 47.86
N PRO E 193 -5.55 -28.88 47.07
CA PRO E 193 -6.37 -28.93 45.85
C PRO E 193 -5.71 -29.72 44.73
N SER E 194 -5.16 -30.88 45.08
CA SER E 194 -4.84 -31.92 44.12
C SER E 194 -5.28 -33.30 44.59
N TYR E 195 -5.59 -33.48 45.87
CA TYR E 195 -6.18 -34.71 46.40
C TYR E 195 -7.65 -34.53 46.74
N SER E 196 -8.27 -33.47 46.23
CA SER E 196 -9.68 -33.19 46.45
C SER E 196 -10.02 -33.14 47.93
N THR E 197 -9.16 -32.45 48.70
CA THR E 197 -9.34 -32.33 50.13
C THR E 197 -9.38 -30.87 50.54
N ASN E 198 -10.31 -30.55 51.44
CA ASN E 198 -10.32 -29.27 52.13
C ASN E 198 -10.33 -29.55 53.63
N TRP E 199 -10.04 -28.53 54.43
CA TRP E 199 -10.16 -28.70 55.87
C TRP E 199 -10.37 -27.34 56.50
N ALA E 200 -11.13 -27.33 57.60
CA ALA E 200 -11.42 -26.08 58.29
C ALA E 200 -11.50 -26.34 59.78
N ASP E 201 -11.14 -25.32 60.56
CA ASP E 201 -11.37 -25.35 61.99
C ASP E 201 -12.85 -25.19 62.28
N GLU E 202 -13.33 -25.93 63.30
CA GLU E 202 -14.75 -25.92 63.62
C GLU E 202 -15.29 -24.51 63.84
N GLN E 203 -14.42 -23.54 64.10
CA GLN E 203 -14.85 -22.17 64.34
C GLN E 203 -15.10 -21.39 63.06
N VAL E 204 -14.81 -21.97 61.90
CA VAL E 204 -15.01 -21.30 60.62
C VAL E 204 -15.85 -22.15 59.66
N LEU E 205 -16.57 -23.14 60.21
CA LEU E 205 -17.40 -24.00 59.36
C LEU E 205 -18.59 -23.24 58.78
N LYS E 206 -18.96 -22.11 59.36
CA LYS E 206 -20.05 -21.28 58.85
C LYS E 206 -19.52 -20.03 58.16
N ALA E 207 -18.36 -20.14 57.53
CA ALA E 207 -17.79 -19.06 56.75
C ALA E 207 -18.32 -19.11 55.32
N LYS E 208 -18.02 -18.07 54.54
CA LYS E 208 -18.60 -17.92 53.21
C LYS E 208 -17.72 -18.47 52.10
N ASN E 209 -16.43 -18.12 52.07
CA ASN E 209 -15.63 -18.29 50.86
C ASN E 209 -14.66 -19.46 50.90
N ILE E 210 -14.29 -19.95 52.08
CA ILE E 210 -13.33 -21.06 52.12
C ILE E 210 -13.95 -22.30 51.46
N GLY E 211 -13.09 -23.26 51.15
CA GLY E 211 -13.52 -24.43 50.41
C GLY E 211 -14.28 -25.48 51.19
N LEU E 212 -14.42 -25.31 52.50
CA LEU E 212 -15.22 -26.21 53.33
C LEU E 212 -16.00 -25.34 54.31
N CYS E 213 -17.21 -24.94 53.92
CA CYS E 213 -18.04 -24.08 54.74
C CYS E 213 -19.46 -24.12 54.20
N SER E 214 -20.38 -23.56 54.98
CA SER E 214 -21.77 -23.43 54.54
C SER E 214 -22.37 -22.26 55.31
N THR E 215 -22.45 -21.10 54.67
CA THR E 215 -23.02 -19.93 55.29
C THR E 215 -24.53 -19.90 55.07
N ASP E 216 -25.19 -18.86 55.59
CA ASP E 216 -26.62 -18.70 55.47
C ASP E 216 -26.92 -17.32 54.90
N LEU E 217 -28.00 -17.25 54.11
CA LEU E 217 -28.39 -16.01 53.44
C LEU E 217 -29.19 -15.15 54.41
N THR E 218 -28.49 -14.62 55.40
CA THR E 218 -29.11 -13.76 56.40
C THR E 218 -29.29 -12.35 55.86
N GLU E 219 -30.21 -11.63 56.49
CA GLU E 219 -30.47 -10.24 56.15
C GLU E 219 -29.62 -9.26 56.94
N GLY E 220 -28.69 -9.76 57.76
CA GLY E 220 -27.86 -8.91 58.59
C GLY E 220 -28.59 -8.40 59.81
N ARG E 221 -27.94 -7.46 60.50
CA ARG E 221 -28.49 -6.87 61.70
C ARG E 221 -27.71 -5.63 62.11
N GLY E 230 -17.19 -14.19 73.00
CA GLY E 230 -15.76 -14.40 72.81
C GLY E 230 -15.19 -13.60 71.65
N LYS E 231 -14.37 -12.60 71.98
CA LYS E 231 -13.74 -11.74 70.99
C LYS E 231 -12.38 -12.25 70.54
N LYS E 232 -12.10 -13.55 70.66
CA LYS E 232 -10.79 -14.09 70.31
C LYS E 232 -11.01 -15.34 69.45
N LEU E 233 -10.76 -15.21 68.15
CA LEU E 233 -10.83 -16.34 67.22
C LEU E 233 -9.42 -16.87 66.99
N GLU E 234 -9.13 -18.03 67.57
CA GLU E 234 -7.86 -18.71 67.38
C GLU E 234 -8.10 -20.17 67.05
N PRO E 235 -7.17 -20.81 66.34
CA PRO E 235 -7.36 -22.22 65.99
C PRO E 235 -7.56 -23.08 67.23
N CYS E 236 -8.47 -24.03 67.13
CA CYS E 236 -8.74 -24.97 68.20
C CYS E 236 -8.35 -26.37 67.76
N ASP E 237 -8.37 -27.30 68.72
CA ASP E 237 -7.84 -28.63 68.46
C ASP E 237 -8.64 -29.35 67.38
N ARG E 238 -9.96 -29.19 67.39
CA ARG E 238 -10.83 -29.95 66.48
C ARG E 238 -10.88 -29.28 65.12
N VAL E 239 -10.44 -30.01 64.09
CA VAL E 239 -10.56 -29.55 62.70
C VAL E 239 -11.26 -30.65 61.91
N LEU E 240 -11.82 -30.27 60.77
CA LEU E 240 -12.56 -31.19 59.93
C LEU E 240 -11.90 -31.25 58.56
N PHE E 241 -11.74 -32.48 58.06
CA PHE E 241 -11.18 -32.75 56.74
C PHE E 241 -12.29 -33.29 55.85
N SER E 242 -12.56 -32.59 54.75
CA SER E 242 -13.45 -33.09 53.71
C SER E 242 -12.57 -33.63 52.59
N VAL E 243 -12.37 -34.94 52.58
CA VAL E 243 -11.67 -35.62 51.50
C VAL E 243 -12.74 -36.01 50.48
N GLY E 244 -12.85 -35.21 49.42
CA GLY E 244 -13.95 -35.36 48.50
C GLY E 244 -15.28 -35.14 49.20
N SER E 245 -16.04 -36.21 49.41
CA SER E 245 -17.31 -36.13 50.12
C SER E 245 -17.25 -36.81 51.48
N THR E 246 -16.08 -37.27 51.91
CA THR E 246 -15.94 -37.96 53.19
C THR E 246 -15.44 -36.99 54.25
N LEU E 247 -15.96 -37.14 55.47
CA LEU E 247 -15.62 -36.26 56.58
C LEU E 247 -14.74 -36.99 57.58
N TYR E 248 -13.72 -36.29 58.07
CA TYR E 248 -12.77 -36.82 59.04
C TYR E 248 -12.51 -35.77 60.12
N PRO E 249 -13.00 -35.98 61.34
CA PRO E 249 -12.69 -35.06 62.44
C PRO E 249 -11.34 -35.38 63.05
N GLU E 250 -10.36 -34.50 62.82
CA GLU E 250 -9.01 -34.68 63.29
C GLU E 250 -8.66 -33.66 64.35
N SER E 251 -7.51 -33.88 64.98
CA SER E 251 -7.03 -33.06 66.09
C SER E 251 -5.78 -32.30 65.68
N ARG E 252 -5.74 -31.02 66.00
CA ARG E 252 -4.55 -30.21 65.72
C ARG E 252 -3.34 -30.76 66.46
N LYS E 253 -3.50 -31.09 67.75
CA LYS E 253 -2.36 -31.51 68.55
C LYS E 253 -1.83 -32.86 68.08
N LEU E 254 -2.71 -33.76 67.67
CA LEU E 254 -2.28 -35.03 67.12
C LEU E 254 -1.90 -34.95 65.65
N LEU E 255 -2.15 -33.80 65.01
CA LEU E 255 -1.56 -33.54 63.70
C LEU E 255 -0.20 -32.87 63.84
N LYS E 256 -0.08 -31.92 64.76
CA LYS E 256 1.24 -31.40 65.11
C LYS E 256 1.92 -32.37 66.05
N SER E 257 1.92 -33.64 65.67
CA SER E 257 2.68 -34.67 66.37
C SER E 257 3.46 -35.57 65.43
N TRP E 258 3.08 -35.68 64.15
CA TRP E 258 3.85 -36.39 63.15
C TRP E 258 4.77 -35.44 62.38
N HIS E 259 4.76 -34.16 62.73
CA HIS E 259 5.78 -33.21 62.29
C HIS E 259 7.00 -33.35 63.20
N LEU E 260 7.65 -34.50 63.10
CA LEU E 260 8.70 -34.84 64.04
C LEU E 260 10.01 -34.17 63.64
N PRO E 261 10.82 -33.75 64.61
CA PRO E 261 12.13 -33.18 64.28
C PRO E 261 13.03 -34.22 63.63
N SER E 262 14.18 -33.74 63.12
CA SER E 262 15.10 -34.63 62.44
C SER E 262 15.67 -35.66 63.41
N VAL E 263 15.98 -35.26 64.64
CA VAL E 263 16.46 -36.16 65.67
C VAL E 263 15.65 -35.90 66.93
N PHE E 264 15.04 -36.95 67.48
CA PHE E 264 14.24 -36.83 68.70
C PHE E 264 14.49 -38.04 69.59
N HIS E 265 14.42 -37.83 70.89
CA HIS E 265 14.70 -38.85 71.89
C HIS E 265 13.41 -39.29 72.56
N LEU E 266 13.22 -40.61 72.63
CA LEU E 266 12.11 -41.23 73.36
C LEU E 266 12.70 -41.87 74.61
N LYS E 267 12.61 -41.17 75.74
CA LYS E 267 13.27 -41.56 76.98
C LYS E 267 12.23 -42.08 77.96
N GLY E 268 12.27 -43.38 78.24
CA GLY E 268 11.40 -43.99 79.23
C GLY E 268 12.06 -45.19 79.84
N LYS E 269 11.31 -46.29 79.97
CA LYS E 269 11.91 -47.53 80.45
C LYS E 269 12.98 -48.02 79.48
N LEU E 270 12.72 -47.90 78.19
CA LEU E 270 13.72 -48.13 77.15
C LEU E 270 13.96 -46.81 76.43
N SER E 271 15.21 -46.38 76.38
CA SER E 271 15.57 -45.12 75.75
C SER E 271 15.93 -45.35 74.29
N PHE E 272 15.50 -44.43 73.43
CA PHE E 272 15.75 -44.53 72.01
C PHE E 272 16.06 -43.16 71.43
N THR E 273 16.89 -43.15 70.38
CA THR E 273 17.11 -41.97 69.55
C THR E 273 16.60 -42.29 68.16
N CYS E 274 15.84 -41.35 67.58
CA CYS E 274 15.14 -41.62 66.33
C CYS E 274 15.30 -40.43 65.39
N ARG E 275 15.24 -40.70 64.09
CA ARG E 275 15.38 -39.70 63.05
C ARG E 275 14.17 -39.76 62.12
N CYS E 276 13.57 -38.61 61.86
CA CYS E 276 12.49 -38.50 60.88
C CYS E 276 13.00 -37.71 59.68
N ASP E 277 12.92 -38.31 58.49
CA ASP E 277 13.35 -37.67 57.27
C ASP E 277 12.28 -37.86 56.20
N THR E 278 11.72 -36.76 55.73
CA THR E 278 10.68 -36.81 54.69
C THR E 278 11.30 -37.27 53.38
N VAL E 279 10.88 -38.43 52.89
CA VAL E 279 11.45 -39.01 51.69
C VAL E 279 10.71 -38.53 50.44
N VAL E 280 9.39 -38.63 50.43
CA VAL E 280 8.58 -38.26 49.28
C VAL E 280 7.65 -37.13 49.67
N SER E 281 7.45 -36.19 48.74
CA SER E 281 6.59 -35.03 48.97
C SER E 281 5.95 -34.65 47.65
N CYS E 282 4.61 -34.65 47.60
CA CYS E 282 3.89 -34.37 46.35
C CYS E 282 2.64 -33.56 46.68
N GLU E 283 2.69 -32.26 46.37
CA GLU E 283 1.51 -31.40 46.33
C GLU E 283 0.69 -31.41 47.63
N GLY E 284 1.28 -31.91 48.71
CA GLY E 284 0.57 -31.92 49.98
C GLY E 284 0.72 -33.23 50.72
N TYR E 285 0.84 -34.33 50.00
CA TYR E 285 1.11 -35.61 50.63
C TYR E 285 2.61 -35.76 50.91
N VAL E 286 2.92 -36.48 51.98
CA VAL E 286 4.30 -36.74 52.38
C VAL E 286 4.41 -38.19 52.83
N VAL E 287 5.64 -38.71 52.73
CA VAL E 287 5.97 -40.06 53.18
C VAL E 287 7.16 -39.93 54.12
N LYS E 288 6.87 -39.79 55.41
CA LYS E 288 7.93 -39.65 56.41
C LYS E 288 8.47 -41.01 56.80
N ARG E 289 9.74 -41.03 57.20
CA ARG E 289 10.41 -42.24 57.66
C ARG E 289 11.10 -41.96 58.98
N ILE E 290 10.78 -42.76 59.99
CA ILE E 290 11.34 -42.60 61.33
C ILE E 290 12.11 -43.87 61.69
N THR E 291 13.37 -43.71 62.05
CA THR E 291 14.20 -44.83 62.48
C THR E 291 14.29 -44.82 63.99
N MET E 292 13.89 -45.92 64.62
CA MET E 292 13.87 -46.06 66.07
C MET E 292 15.02 -46.96 66.50
N SER E 293 15.81 -46.51 67.47
CA SER E 293 16.95 -47.27 67.95
C SER E 293 17.20 -46.95 69.43
N PRO E 294 17.48 -47.97 70.24
CA PRO E 294 17.74 -47.73 71.66
C PRO E 294 19.03 -46.95 71.86
N GLY E 295 19.11 -46.30 73.03
CA GLY E 295 20.27 -45.50 73.37
C GLY E 295 20.15 -44.07 72.84
N LEU E 296 21.11 -43.24 73.27
CA LEU E 296 21.18 -41.85 72.88
C LEU E 296 22.40 -41.66 71.98
N TYR E 297 22.18 -41.12 70.78
CA TYR E 297 23.18 -41.11 69.73
C TYR E 297 23.44 -39.69 69.23
N GLY E 298 23.60 -38.75 70.16
CA GLY E 298 23.90 -37.39 69.82
C GLY E 298 23.04 -36.44 70.62
N LYS E 299 23.05 -35.17 70.22
CA LYS E 299 22.25 -34.13 70.83
C LYS E 299 21.12 -33.73 69.90
N THR E 300 19.91 -33.68 70.45
CA THR E 300 18.73 -33.34 69.66
C THR E 300 18.68 -31.81 69.50
N THR E 301 18.69 -31.36 68.24
CA THR E 301 18.63 -29.94 67.96
C THR E 301 17.22 -29.36 68.12
N GLY E 302 16.20 -30.21 68.11
CA GLY E 302 14.83 -29.74 68.26
C GLY E 302 14.33 -28.91 67.10
N TYR E 303 14.64 -29.33 65.86
CA TYR E 303 14.23 -28.61 64.66
C TYR E 303 13.60 -29.58 63.68
N ALA E 304 12.48 -29.17 63.11
CA ALA E 304 11.82 -29.90 62.03
C ALA E 304 11.94 -29.08 60.76
N VAL E 305 12.41 -29.73 59.69
CA VAL E 305 12.71 -29.07 58.43
C VAL E 305 11.79 -29.63 57.36
N THR E 306 11.12 -28.74 56.65
CA THR E 306 10.24 -29.11 55.54
C THR E 306 10.79 -28.45 54.27
N HIS E 307 11.18 -29.26 53.29
CA HIS E 307 11.64 -28.73 52.01
C HIS E 307 10.45 -28.54 51.09
N HIS E 308 10.15 -27.28 50.75
CA HIS E 308 8.96 -26.95 49.98
C HIS E 308 9.27 -27.16 48.50
N ALA E 309 9.12 -28.41 48.04
CA ALA E 309 9.33 -28.72 46.64
C ALA E 309 8.41 -27.93 45.73
N ASP E 310 7.26 -27.48 46.25
CA ASP E 310 6.36 -26.60 45.53
C ASP E 310 5.87 -25.52 46.46
N GLY E 311 5.49 -24.38 45.88
CA GLY E 311 5.08 -23.24 46.66
C GLY E 311 4.06 -23.56 47.73
N PHE E 312 4.16 -22.90 48.88
CA PHE E 312 3.21 -23.04 49.97
C PHE E 312 2.78 -21.65 50.40
N LEU E 313 1.53 -21.30 50.14
CA LEU E 313 0.99 -20.01 50.51
C LEU E 313 0.14 -20.15 51.76
N MET E 314 0.22 -19.16 52.65
CA MET E 314 -0.62 -19.11 53.83
C MET E 314 -0.89 -17.65 54.12
N CYS E 315 -2.11 -17.19 53.88
CA CYS E 315 -2.44 -15.77 53.99
CA CYS E 315 -2.44 -15.77 53.99
C CYS E 315 -3.68 -15.58 54.86
N LYS E 316 -3.76 -14.41 55.48
CA LYS E 316 -4.89 -14.05 56.34
C LYS E 316 -5.96 -13.40 55.49
N THR E 317 -7.04 -14.13 55.23
CA THR E 317 -8.17 -13.64 54.48
C THR E 317 -9.27 -13.17 55.43
N THR E 318 -10.00 -12.16 55.00
CA THR E 318 -11.15 -11.65 55.74
C THR E 318 -12.42 -12.30 55.20
N ASP E 319 -13.25 -12.80 56.10
CA ASP E 319 -14.49 -13.47 55.74
C ASP E 319 -15.58 -12.99 56.69
N THR E 320 -16.76 -13.58 56.57
CA THR E 320 -17.86 -13.33 57.49
C THR E 320 -18.34 -14.66 58.04
N VAL E 321 -18.28 -14.82 59.36
CA VAL E 321 -18.71 -16.04 60.03
C VAL E 321 -19.98 -15.70 60.81
N ASP E 322 -21.05 -16.44 60.53
CA ASP E 322 -22.34 -16.20 61.15
C ASP E 322 -22.78 -14.74 60.99
N GLY E 323 -22.43 -14.14 59.86
CA GLY E 323 -22.79 -12.76 59.59
C GLY E 323 -21.89 -11.71 60.21
N GLU E 324 -20.87 -12.11 60.96
CA GLU E 324 -19.97 -11.18 61.62
C GLU E 324 -18.63 -11.16 60.90
N ARG E 325 -18.13 -9.96 60.60
CA ARG E 325 -16.89 -9.83 59.84
C ARG E 325 -15.71 -10.22 60.72
N VAL E 326 -14.85 -11.09 60.19
CA VAL E 326 -13.68 -11.59 60.92
C VAL E 326 -12.55 -11.81 59.93
N SER E 327 -11.37 -12.11 60.48
CA SER E 327 -10.18 -12.40 59.68
C SER E 327 -9.53 -13.66 60.22
N PHE E 328 -9.11 -14.55 59.32
CA PHE E 328 -8.43 -15.76 59.73
C PHE E 328 -7.56 -16.26 58.60
N SER E 329 -6.64 -17.17 58.92
CA SER E 329 -5.59 -17.57 57.99
C SER E 329 -6.00 -18.85 57.26
N VAL E 330 -5.75 -18.88 55.95
CA VAL E 330 -6.01 -20.03 55.10
C VAL E 330 -4.77 -20.31 54.27
N CYS E 331 -4.47 -21.59 54.06
CA CYS E 331 -3.25 -22.01 53.37
C CYS E 331 -3.60 -22.91 52.18
N THR E 332 -2.65 -22.99 51.26
CA THR E 332 -2.78 -23.81 50.06
C THR E 332 -1.40 -24.12 49.52
N TYR E 333 -1.35 -25.11 48.64
CA TYR E 333 -0.10 -25.57 48.03
C TYR E 333 -0.15 -25.24 46.53
N VAL E 334 0.46 -24.11 46.16
CA VAL E 334 0.53 -23.72 44.75
C VAL E 334 1.52 -24.64 44.05
N PRO E 335 1.28 -24.97 42.77
CA PRO E 335 2.28 -25.76 42.03
C PRO E 335 3.54 -24.95 41.76
N ALA E 336 4.65 -25.68 41.57
CA ALA E 336 5.94 -25.02 41.39
C ALA E 336 5.96 -24.18 40.13
N THR E 337 5.37 -24.68 39.04
CA THR E 337 5.42 -23.95 37.77
C THR E 337 4.71 -22.61 37.87
N ILE E 338 3.62 -22.56 38.63
CA ILE E 338 2.89 -21.30 38.79
C ILE E 338 3.80 -20.27 39.48
N CYS E 339 4.51 -20.70 40.53
CA CYS E 339 5.42 -19.79 41.22
C CYS E 339 6.56 -19.35 40.29
N ASP E 340 7.10 -20.29 39.51
CA ASP E 340 8.16 -19.94 38.57
C ASP E 340 7.69 -18.87 37.59
N GLN E 341 6.52 -19.08 36.98
CA GLN E 341 5.99 -18.13 36.00
C GLN E 341 5.46 -16.85 36.63
N MET E 342 5.22 -16.84 37.94
CA MET E 342 4.82 -15.62 38.64
C MET E 342 5.98 -14.89 39.27
N THR E 343 7.19 -15.45 39.21
CA THR E 343 8.36 -14.74 39.71
C THR E 343 8.40 -13.29 39.24
N GLY E 344 8.38 -13.08 37.93
CA GLY E 344 8.52 -11.73 37.40
C GLY E 344 7.40 -10.81 37.84
N ILE E 345 6.15 -11.29 37.74
CA ILE E 345 5.02 -10.47 38.15
C ILE E 345 5.12 -10.09 39.62
N LEU E 346 5.43 -11.07 40.47
CA LEU E 346 5.60 -10.79 41.89
C LEU E 346 6.76 -9.85 42.15
N ALA E 347 7.68 -9.73 41.18
CA ALA E 347 8.69 -8.67 41.26
C ALA E 347 8.05 -7.30 41.36
N THR E 348 6.83 -7.14 40.86
CA THR E 348 6.10 -5.88 40.88
C THR E 348 4.89 -5.98 41.81
N GLU E 349 4.46 -4.84 42.33
CA GLU E 349 3.21 -4.78 43.08
C GLU E 349 2.06 -5.13 42.16
N VAL E 350 1.42 -6.27 42.39
CA VAL E 350 0.40 -6.81 41.50
C VAL E 350 -0.90 -6.91 42.26
N THR E 351 -1.98 -6.42 41.64
CA THR E 351 -3.28 -6.44 42.28
C THR E 351 -3.82 -7.87 42.37
N PRO E 352 -4.70 -8.14 43.34
CA PRO E 352 -5.36 -9.46 43.35
C PRO E 352 -6.14 -9.73 42.08
N GLU E 353 -6.75 -8.71 41.48
CA GLU E 353 -7.49 -8.89 40.24
C GLU E 353 -6.57 -9.23 39.08
N ASP E 354 -5.48 -8.47 38.91
CA ASP E 354 -4.56 -8.73 37.82
C ASP E 354 -3.79 -10.02 38.06
N ALA E 355 -3.43 -10.30 39.30
CA ALA E 355 -2.82 -11.58 39.62
C ALA E 355 -3.76 -12.73 39.30
N GLN E 356 -5.06 -12.56 39.59
CA GLN E 356 -6.04 -13.58 39.26
C GLN E 356 -6.14 -13.80 37.75
N LYS E 357 -6.14 -12.71 36.98
CA LYS E 357 -6.17 -12.82 35.53
C LYS E 357 -4.95 -13.57 35.01
N LEU E 358 -3.76 -13.22 35.51
CA LEU E 358 -2.55 -13.90 35.08
C LEU E 358 -2.57 -15.37 35.50
N LEU E 359 -3.11 -15.67 36.68
CA LEU E 359 -3.20 -17.05 37.13
C LEU E 359 -4.14 -17.85 36.24
N VAL E 360 -5.27 -17.25 35.85
CA VAL E 360 -6.19 -17.93 34.93
C VAL E 360 -5.51 -18.18 33.59
N GLY E 361 -4.80 -17.16 33.07
CA GLY E 361 -4.07 -17.36 31.82
C GLY E 361 -3.04 -18.47 31.92
N LEU E 362 -2.29 -18.50 33.03
CA LEU E 362 -1.29 -19.54 33.22
C LEU E 362 -1.93 -20.91 33.32
N ASN E 363 -3.11 -20.98 33.96
CA ASN E 363 -3.81 -22.26 34.07
C ASN E 363 -4.14 -22.81 32.69
N GLN E 364 -4.56 -21.95 31.77
CA GLN E 364 -4.79 -22.34 30.39
C GLN E 364 -5.35 -21.16 29.59
N THR E 376 -8.00 -28.09 30.17
CA THR E 376 -7.58 -28.59 31.47
C THR E 376 -6.96 -27.47 32.31
N ASN E 377 -6.69 -27.78 33.58
CA ASN E 377 -6.11 -26.82 34.50
C ASN E 377 -4.99 -27.49 35.29
N THR E 378 -4.05 -26.66 35.76
CA THR E 378 -2.98 -27.13 36.63
C THR E 378 -3.31 -26.92 38.10
N MET E 379 -4.07 -25.88 38.43
CA MET E 379 -4.55 -25.63 39.77
C MET E 379 -6.05 -25.35 39.72
N LYS E 380 -6.78 -25.90 40.69
CA LYS E 380 -8.22 -25.74 40.70
C LYS E 380 -8.60 -24.28 40.90
N ASN E 381 -9.64 -23.85 40.19
CA ASN E 381 -9.94 -22.42 40.08
C ASN E 381 -10.57 -21.85 41.35
N TYR E 382 -11.17 -22.68 42.20
CA TYR E 382 -11.75 -22.16 43.43
C TYR E 382 -10.67 -21.67 44.40
N MET E 383 -9.41 -22.02 44.16
CA MET E 383 -8.30 -21.54 44.98
C MET E 383 -7.64 -20.30 44.41
N ILE E 384 -7.71 -20.10 43.10
CA ILE E 384 -7.09 -18.95 42.43
C ILE E 384 -7.48 -17.65 43.11
N PRO E 385 -8.75 -17.44 43.46
CA PRO E 385 -9.13 -16.18 44.11
C PRO E 385 -8.36 -15.90 45.39
N VAL E 386 -7.92 -16.92 46.10
CA VAL E 386 -7.17 -16.71 47.34
C VAL E 386 -5.66 -16.80 47.09
N VAL E 387 -5.24 -17.63 46.14
CA VAL E 387 -3.83 -17.66 45.74
C VAL E 387 -3.40 -16.27 45.27
N ALA E 388 -4.22 -15.62 44.45
CA ALA E 388 -3.88 -14.30 43.95
C ALA E 388 -3.78 -13.28 45.07
N GLN E 389 -4.70 -13.34 46.04
CA GLN E 389 -4.65 -12.40 47.15
C GLN E 389 -3.40 -12.62 48.00
N ALA E 390 -3.04 -13.90 48.23
CA ALA E 390 -1.82 -14.18 48.96
C ALA E 390 -0.60 -13.66 48.22
N PHE E 391 -0.54 -13.90 46.90
CA PHE E 391 0.57 -13.40 46.09
C PHE E 391 0.67 -11.89 46.20
N SER E 392 -0.46 -11.19 46.09
CA SER E 392 -0.44 -9.74 46.11
C SER E 392 -0.01 -9.21 47.48
N LYS E 393 -0.54 -9.81 48.56
CA LYS E 393 -0.13 -9.37 49.89
C LYS E 393 1.35 -9.61 50.12
N TRP E 394 1.86 -10.75 49.66
CA TRP E 394 3.28 -11.04 49.80
C TRP E 394 4.13 -10.05 49.02
N ALA E 395 3.73 -9.75 47.80
CA ALA E 395 4.48 -8.77 47.00
C ALA E 395 4.47 -7.40 47.66
N LYS E 396 3.32 -6.97 48.17
CA LYS E 396 3.25 -5.67 48.82
C LYS E 396 4.11 -5.63 50.07
N GLU E 397 4.09 -6.72 50.86
CA GLU E 397 4.93 -6.77 52.05
C GLU E 397 6.41 -6.76 51.69
N CYS E 398 6.79 -7.48 50.62
CA CYS E 398 8.18 -7.46 50.18
C CYS E 398 8.61 -6.07 49.76
N ARG E 399 7.76 -5.37 48.99
CA ARG E 399 8.12 -4.01 48.58
C ARG E 399 8.21 -3.07 49.77
N LYS E 400 7.27 -3.16 50.71
CA LYS E 400 7.33 -2.30 51.89
C LYS E 400 8.56 -2.64 52.73
N ASP E 401 9.03 -3.89 52.65
CA ASP E 401 10.29 -4.24 53.30
C ASP E 401 11.47 -3.57 52.61
N MET E 402 11.56 -3.72 51.28
CA MET E 402 12.65 -3.12 50.53
C MET E 402 12.53 -1.60 50.44
N GLU E 403 11.40 -1.03 50.85
CA GLU E 403 11.21 0.41 50.84
C GLU E 403 11.61 1.06 52.16
N ASP E 404 12.03 0.27 53.15
CA ASP E 404 12.50 0.79 54.43
C ASP E 404 13.63 -0.11 54.91
N GLU E 405 14.75 0.49 55.30
CA GLU E 405 15.94 -0.24 55.71
C GLU E 405 16.46 0.35 57.02
N LYS E 406 16.73 -0.53 57.98
CA LYS E 406 17.20 -0.12 59.30
C LYS E 406 18.71 -0.31 59.39
N LEU E 407 19.26 -0.10 60.59
CA LEU E 407 20.69 -0.23 60.80
C LEU E 407 21.08 -1.70 60.90
N LEU E 408 22.10 -2.09 60.14
CA LEU E 408 22.58 -3.47 60.20
C LEU E 408 23.22 -3.77 61.55
N GLY E 409 23.12 -5.03 61.96
CA GLY E 409 23.76 -5.51 63.15
C GLY E 409 23.01 -5.29 64.44
N VAL E 410 21.92 -4.52 64.41
CA VAL E 410 21.18 -4.16 65.61
C VAL E 410 19.71 -4.51 65.42
N ARG E 411 19.13 -5.18 66.42
CA ARG E 411 17.69 -5.38 66.46
C ARG E 411 17.07 -4.13 67.06
N GLU E 412 16.68 -3.20 66.21
CA GLU E 412 16.15 -1.92 66.66
C GLU E 412 14.82 -2.07 67.38
N PHE E 423 10.15 -4.40 71.02
CA PHE E 423 10.23 -3.87 69.66
C PHE E 423 8.84 -3.63 69.09
N LYS E 424 8.75 -2.70 68.12
CA LYS E 424 7.47 -2.37 67.49
C LYS E 424 7.12 -3.47 66.49
N LYS E 425 6.63 -4.59 67.03
CA LYS E 425 6.19 -5.68 66.17
C LYS E 425 5.10 -5.18 65.22
N GLN E 426 5.23 -5.54 63.94
CA GLN E 426 4.36 -5.02 62.90
C GLN E 426 3.61 -6.17 62.23
N LYS E 427 2.89 -5.83 61.16
CA LYS E 427 2.04 -6.77 60.47
C LYS E 427 2.86 -7.83 59.74
N THR E 428 2.33 -9.06 59.72
CA THR E 428 2.86 -10.15 58.91
C THR E 428 1.63 -10.93 58.44
N HIS E 429 1.13 -10.60 57.25
CA HIS E 429 -0.14 -11.12 56.75
C HIS E 429 0.03 -12.10 55.59
N THR E 430 1.24 -12.60 55.36
CA THR E 430 1.42 -13.64 54.34
C THR E 430 2.65 -14.47 54.68
N VAL E 431 2.62 -15.72 54.26
CA VAL E 431 3.75 -16.63 54.36
C VAL E 431 3.81 -17.38 53.04
N TYR E 432 4.74 -17.00 52.17
CA TYR E 432 4.94 -17.64 50.87
C TYR E 432 6.27 -18.35 50.90
N LYS E 433 6.23 -19.67 50.89
CA LYS E 433 7.42 -20.51 50.84
C LYS E 433 7.57 -21.01 49.41
N ARG E 434 8.38 -20.31 48.64
CA ARG E 434 8.53 -20.62 47.23
C ARG E 434 9.15 -22.01 47.06
N PRO E 435 9.13 -22.54 45.83
CA PRO E 435 9.77 -23.84 45.60
C PRO E 435 11.26 -23.79 45.91
N ASP E 436 11.77 -24.87 46.48
CA ASP E 436 13.17 -25.06 46.84
C ASP E 436 13.57 -24.28 48.08
N THR E 437 12.62 -23.72 48.83
CA THR E 437 12.94 -23.14 50.13
C THR E 437 12.71 -24.17 51.22
N GLN E 438 12.99 -23.80 52.46
CA GLN E 438 12.84 -24.70 53.59
C GLN E 438 12.20 -23.97 54.76
N SER E 439 11.27 -24.65 55.42
CA SER E 439 10.68 -24.19 56.66
C SER E 439 11.35 -24.91 57.82
N ILE E 440 11.62 -24.16 58.88
CA ILE E 440 12.33 -24.67 60.05
C ILE E 440 11.53 -24.27 61.29
N GLN E 441 10.99 -25.26 61.99
CA GLN E 441 10.22 -25.01 63.20
C GLN E 441 10.86 -25.71 64.39
N LYS E 442 10.95 -24.99 65.52
CA LYS E 442 11.49 -25.56 66.75
C LYS E 442 10.38 -26.36 67.44
N VAL E 443 10.53 -27.68 67.45
CA VAL E 443 9.51 -28.56 68.03
C VAL E 443 10.12 -29.34 69.18
N GLN E 444 9.30 -30.16 69.85
CA GLN E 444 9.77 -30.97 70.95
C GLN E 444 10.52 -32.17 70.41
N ALA E 445 11.69 -32.45 71.00
CA ALA E 445 12.53 -33.55 70.56
C ALA E 445 12.83 -34.57 71.66
N GLU E 446 12.40 -34.30 72.89
CA GLU E 446 12.63 -35.19 74.02
C GLU E 446 11.28 -35.59 74.61
N PHE E 447 10.87 -36.84 74.39
CA PHE E 447 9.61 -37.35 74.88
C PHE E 447 9.90 -38.42 75.94
N ASP E 448 9.28 -38.27 77.11
CA ASP E 448 9.48 -39.20 78.22
C ASP E 448 8.15 -39.62 78.82
N SER E 458 -11.08 -55.81 71.07
CA SER E 458 -11.76 -55.69 72.36
C SER E 458 -12.91 -54.69 72.27
N GLY E 459 -13.38 -54.43 71.05
CA GLY E 459 -14.48 -53.51 70.85
C GLY E 459 -15.52 -54.04 69.89
N LEU E 460 -15.27 -55.21 69.31
CA LEU E 460 -16.21 -55.82 68.39
C LEU E 460 -17.51 -56.18 69.11
N SER E 461 -18.63 -55.92 68.45
CA SER E 461 -19.94 -56.20 69.02
C SER E 461 -20.35 -57.64 68.71
N ILE E 462 -21.13 -58.22 69.63
CA ILE E 462 -21.59 -59.59 69.44
C ILE E 462 -22.43 -59.74 68.18
N PRO E 463 -23.44 -58.89 67.92
CA PRO E 463 -24.19 -59.04 66.66
C PRO E 463 -23.32 -58.90 65.42
N LEU E 464 -22.38 -57.95 65.43
CA LEU E 464 -21.50 -57.79 64.28
C LEU E 464 -20.60 -59.00 64.11
N ARG E 465 -20.04 -59.52 65.20
CA ARG E 465 -19.19 -60.69 65.12
C ARG E 465 -19.96 -61.88 64.57
N THR E 466 -21.20 -62.08 65.04
CA THR E 466 -22.02 -63.15 64.52
C THR E 466 -22.30 -62.97 63.04
N ARG E 467 -22.62 -61.74 62.62
CA ARG E 467 -22.96 -61.51 61.22
C ARG E 467 -21.77 -61.73 60.30
N ILE E 468 -20.58 -61.30 60.72
CA ILE E 468 -19.42 -61.36 59.83
C ILE E 468 -19.14 -62.80 59.40
N LYS E 469 -19.27 -63.75 60.33
CA LYS E 469 -19.07 -65.15 60.01
C LYS E 469 -19.90 -65.59 58.81
N PRO F 3 36.94 -39.78 29.56
CA PRO F 3 35.59 -40.36 29.65
C PRO F 3 35.12 -40.51 31.09
N VAL F 4 34.21 -39.63 31.52
CA VAL F 4 33.65 -39.66 32.87
C VAL F 4 32.14 -39.67 32.76
N TYR F 5 31.49 -40.36 33.69
CA TYR F 5 30.05 -40.56 33.67
C TYR F 5 29.44 -39.97 34.94
N VAL F 6 28.43 -39.11 34.78
CA VAL F 6 27.77 -38.46 35.90
C VAL F 6 26.33 -38.93 35.98
N ASP F 7 25.69 -38.61 37.11
CA ASP F 7 24.33 -39.05 37.42
C ASP F 7 23.31 -37.94 37.26
N ILE F 8 23.48 -37.10 36.23
CA ILE F 8 22.59 -35.97 35.98
C ILE F 8 22.07 -36.06 34.56
N ASP F 9 20.80 -35.71 34.37
CA ASP F 9 20.23 -35.70 33.03
C ASP F 9 20.93 -34.65 32.17
N ALA F 10 21.05 -34.96 30.87
CA ALA F 10 21.83 -34.12 29.96
C ALA F 10 21.22 -32.74 29.75
N ASP F 11 19.97 -32.53 30.12
CA ASP F 11 19.32 -31.24 29.93
C ASP F 11 19.54 -30.28 31.09
N SER F 12 20.30 -30.69 32.11
CA SER F 12 20.52 -29.86 33.29
C SER F 12 21.76 -28.99 33.12
N ALA F 13 21.64 -27.73 33.54
CA ALA F 13 22.77 -26.80 33.45
C ALA F 13 23.95 -27.25 34.30
N PHE F 14 23.69 -27.98 35.39
CA PHE F 14 24.78 -28.39 36.26
C PHE F 14 25.76 -29.32 35.55
N LEU F 15 25.32 -30.02 34.50
CA LEU F 15 26.28 -30.80 33.71
C LEU F 15 27.29 -29.87 33.05
N LYS F 16 26.83 -28.77 32.48
CA LYS F 16 27.74 -27.77 31.93
C LYS F 16 28.62 -27.17 33.03
N ALA F 17 28.04 -26.90 34.20
CA ALA F 17 28.83 -26.35 35.29
C ALA F 17 29.95 -27.31 35.68
N LEU F 18 29.64 -28.61 35.79
CA LEU F 18 30.66 -29.59 36.11
C LEU F 18 31.72 -29.67 35.02
N GLN F 19 31.30 -29.69 33.75
CA GLN F 19 32.27 -29.68 32.66
C GLN F 19 33.24 -28.52 32.80
N ARG F 20 32.71 -27.32 33.07
CA ARG F 20 33.58 -26.17 33.27
C ARG F 20 34.50 -26.37 34.47
N ALA F 21 33.97 -26.93 35.55
CA ALA F 21 34.75 -27.09 36.78
C ALA F 21 35.71 -28.28 36.73
N TYR F 22 35.56 -29.18 35.77
CA TYR F 22 36.41 -30.35 35.65
C TYR F 22 36.90 -30.47 34.21
N PRO F 23 37.81 -29.59 33.79
CA PRO F 23 38.34 -29.68 32.41
C PRO F 23 39.06 -30.98 32.12
N MET F 24 39.77 -31.56 33.09
CA MET F 24 40.59 -32.73 32.82
C MET F 24 39.76 -33.97 32.52
N PHE F 25 38.44 -33.93 32.73
CA PHE F 25 37.58 -35.07 32.52
C PHE F 25 36.53 -34.74 31.46
N GLU F 26 36.23 -35.73 30.62
CA GLU F 26 35.09 -35.64 29.70
C GLU F 26 33.88 -36.21 30.40
N VAL F 27 32.94 -35.34 30.77
CA VAL F 27 31.80 -35.69 31.61
C VAL F 27 30.57 -35.80 30.73
N GLU F 28 29.88 -36.93 30.83
CA GLU F 28 28.65 -37.16 30.11
C GLU F 28 27.54 -37.60 31.07
N PRO F 29 26.30 -37.23 30.79
CA PRO F 29 25.21 -37.56 31.72
C PRO F 29 24.91 -39.05 31.79
N ARG F 30 24.51 -39.51 32.98
CA ARG F 30 23.84 -40.80 33.15
C ARG F 30 22.94 -40.68 34.38
N GLN F 31 21.65 -40.42 34.17
CA GLN F 31 20.70 -40.27 35.26
C GLN F 31 19.71 -41.42 35.24
N VAL F 32 19.53 -42.06 36.40
CA VAL F 32 18.45 -43.03 36.55
C VAL F 32 17.57 -42.67 37.74
N THR F 33 18.13 -42.75 38.94
CA THR F 33 17.36 -42.59 40.17
C THR F 33 17.17 -41.13 40.60
N PRO F 34 18.24 -40.35 40.72
CA PRO F 34 18.15 -39.08 41.44
C PRO F 34 17.77 -37.89 40.59
N ASN F 35 17.10 -36.93 41.24
CA ASN F 35 16.90 -35.60 40.64
C ASN F 35 17.12 -34.46 41.62
N ASP F 36 17.25 -34.71 42.92
CA ASP F 36 17.44 -33.65 43.92
C ASP F 36 18.90 -33.49 44.31
N HIS F 37 19.53 -34.55 44.82
CA HIS F 37 20.91 -34.51 45.27
C HIS F 37 21.89 -34.97 44.21
N ALA F 38 21.50 -34.93 42.93
CA ALA F 38 22.39 -35.36 41.86
C ALA F 38 23.61 -34.45 41.75
N ASN F 39 23.42 -33.15 41.96
CA ASN F 39 24.53 -32.21 41.80
C ASN F 39 25.65 -32.50 42.79
N ALA F 40 25.30 -32.58 44.08
CA ALA F 40 26.31 -32.81 45.11
C ALA F 40 26.98 -34.17 44.92
N ARG F 41 26.19 -35.20 44.61
CA ARG F 41 26.75 -36.52 44.41
C ARG F 41 27.72 -36.53 43.24
N ALA F 42 27.34 -35.88 42.13
CA ALA F 42 28.22 -35.82 40.97
C ALA F 42 29.51 -35.07 41.28
N PHE F 43 29.41 -33.94 41.99
CA PHE F 43 30.61 -33.20 42.34
C PHE F 43 31.52 -34.03 43.24
N SER F 44 30.95 -34.72 44.23
CA SER F 44 31.76 -35.55 45.11
C SER F 44 32.42 -36.69 44.34
N HIS F 45 31.67 -37.32 43.43
CA HIS F 45 32.23 -38.41 42.64
C HIS F 45 33.37 -37.93 41.76
N LEU F 46 33.20 -36.78 41.10
CA LEU F 46 34.26 -36.25 40.26
C LEU F 46 35.48 -35.86 41.08
N ALA F 47 35.26 -35.27 42.25
CA ALA F 47 36.39 -34.96 43.13
C ALA F 47 37.13 -36.23 43.55
N ILE F 48 36.37 -37.28 43.89
CA ILE F 48 36.99 -38.53 44.29
C ILE F 48 37.80 -39.11 43.14
N LYS F 49 37.26 -39.06 41.93
CA LYS F 49 37.99 -39.58 40.77
C LYS F 49 39.27 -38.79 40.52
N LEU F 50 39.18 -37.46 40.59
CA LEU F 50 40.37 -36.64 40.37
C LEU F 50 41.43 -36.90 41.43
N ILE F 51 41.01 -37.04 42.70
CA ILE F 51 41.96 -37.34 43.77
C ILE F 51 42.61 -38.70 43.54
N GLU F 52 41.81 -39.70 43.16
CA GLU F 52 42.35 -41.03 42.91
C GLU F 52 43.37 -41.01 41.77
N GLN F 53 43.06 -40.29 40.69
CA GLN F 53 43.96 -40.26 39.54
C GLN F 53 45.28 -39.57 39.88
N GLU F 54 45.29 -38.71 40.90
CA GLU F 54 46.47 -37.93 41.26
C GLU F 54 47.11 -38.37 42.56
N ILE F 55 47.04 -39.67 42.86
CA ILE F 55 47.67 -40.24 44.05
C ILE F 55 48.36 -41.53 43.67
N ASP F 56 49.30 -41.95 44.53
CA ASP F 56 50.01 -43.20 44.30
C ASP F 56 49.07 -44.38 44.51
N PRO F 57 48.90 -45.26 43.52
CA PRO F 57 47.97 -46.39 43.71
C PRO F 57 48.33 -47.30 44.87
N ASP F 58 49.61 -47.34 45.25
CA ASP F 58 50.08 -48.19 46.33
C ASP F 58 50.34 -47.40 47.62
N SER F 59 49.52 -46.39 47.89
CA SER F 59 49.65 -45.59 49.10
C SER F 59 48.37 -45.69 49.92
N THR F 60 48.52 -46.00 51.21
CA THR F 60 47.37 -46.07 52.10
C THR F 60 46.80 -44.69 52.34
N ILE F 61 45.48 -44.57 52.23
CA ILE F 61 44.78 -43.30 52.28
C ILE F 61 43.68 -43.36 53.32
N LEU F 62 43.59 -42.35 54.18
CA LEU F 62 42.50 -42.25 55.12
C LEU F 62 41.24 -41.73 54.43
N ASP F 63 40.10 -41.94 55.09
CA ASP F 63 38.80 -41.54 54.56
C ASP F 63 37.98 -40.86 55.65
N ILE F 64 38.59 -39.87 56.32
CA ILE F 64 37.99 -39.18 57.45
C ILE F 64 36.52 -38.88 57.19
N GLY F 65 36.20 -38.42 55.99
CA GLY F 65 34.81 -38.26 55.59
C GLY F 65 34.20 -39.61 55.34
N SER F 66 34.09 -40.42 56.39
CA SER F 66 33.79 -41.83 56.24
C SER F 66 32.35 -42.06 55.83
N ALA F 67 32.16 -42.63 54.64
CA ALA F 67 30.87 -43.18 54.21
C ALA F 67 31.15 -44.58 53.67
N PRO F 68 31.44 -45.53 54.56
CA PRO F 68 31.94 -46.84 54.09
C PRO F 68 31.01 -47.52 53.11
N ALA F 69 29.70 -47.26 53.20
CA ALA F 69 28.78 -47.83 52.22
C ALA F 69 29.18 -47.44 50.80
N ARG F 70 29.68 -46.20 50.63
CA ARG F 70 30.11 -45.76 49.31
C ARG F 70 31.32 -46.55 48.84
N ARG F 71 32.33 -46.70 49.69
CA ARG F 71 33.58 -47.35 49.31
C ARG F 71 33.35 -48.86 49.20
N MET F 72 32.82 -49.26 48.04
CA MET F 72 32.58 -50.67 47.75
C MET F 72 33.23 -51.06 46.43
N MET F 73 33.47 -50.06 45.58
CA MET F 73 34.14 -50.27 44.30
C MET F 73 35.57 -49.76 44.28
N SER F 74 35.90 -48.79 45.14
CA SER F 74 37.26 -48.28 45.20
C SER F 74 38.22 -49.38 45.60
N ASP F 75 39.11 -49.75 44.68
CA ASP F 75 40.08 -50.82 44.91
C ASP F 75 41.31 -50.33 45.65
N ARG F 76 41.43 -49.04 45.91
CA ARG F 76 42.59 -48.51 46.59
C ARG F 76 42.52 -48.81 48.08
N LYS F 77 43.67 -48.66 48.76
CA LYS F 77 43.77 -48.96 50.18
C LYS F 77 43.05 -47.88 50.97
N TYR F 78 41.80 -48.15 51.34
CA TYR F 78 40.95 -47.21 52.04
C TYR F 78 40.84 -47.60 53.50
N HIS F 79 41.06 -46.63 54.39
CA HIS F 79 40.91 -46.82 55.83
C HIS F 79 39.83 -45.85 56.31
N CYS F 80 38.58 -46.28 56.23
CA CYS F 80 37.47 -45.44 56.67
C CYS F 80 37.53 -45.23 58.17
N VAL F 81 37.18 -44.02 58.60
CA VAL F 81 37.20 -43.63 60.01
C VAL F 81 35.78 -43.20 60.38
N CYS F 82 35.10 -44.02 61.18
CA CYS F 82 33.73 -43.73 61.59
C CYS F 82 33.70 -43.51 63.10
N PRO F 83 33.79 -42.27 63.56
CA PRO F 83 33.85 -42.02 65.01
C PRO F 83 32.58 -42.41 65.76
N MET F 84 31.46 -42.56 65.07
CA MET F 84 30.17 -42.85 65.73
C MET F 84 29.80 -41.72 66.70
N ARG F 85 29.65 -40.52 66.14
CA ARG F 85 29.33 -39.34 66.91
C ARG F 85 27.90 -38.85 66.74
N SER F 86 27.32 -39.01 65.56
CA SER F 86 25.98 -38.53 65.28
C SER F 86 24.94 -39.62 65.48
N ALA F 87 23.68 -39.26 65.30
CA ALA F 87 22.60 -40.24 65.40
C ALA F 87 22.54 -41.11 64.16
N GLU F 88 23.00 -40.60 63.01
CA GLU F 88 22.88 -41.30 61.75
C GLU F 88 23.97 -42.36 61.54
N ASP F 89 25.12 -42.24 62.19
CA ASP F 89 26.23 -43.14 61.91
C ASP F 89 25.83 -44.60 61.96
N PRO F 90 25.08 -45.07 62.96
CA PRO F 90 24.64 -46.48 62.94
C PRO F 90 23.91 -46.85 61.66
N GLU F 91 22.93 -46.06 61.25
CA GLU F 91 22.22 -46.34 60.01
C GLU F 91 23.20 -46.69 58.89
N ARG F 92 24.08 -45.75 58.55
CA ARG F 92 25.15 -46.05 57.59
C ARG F 92 25.79 -47.40 57.90
N LEU F 93 26.39 -47.52 59.09
CA LEU F 93 26.98 -48.80 59.49
C LEU F 93 26.06 -49.95 59.10
N ALA F 94 24.82 -49.93 59.56
CA ALA F 94 23.88 -51.00 59.26
C ALA F 94 23.92 -51.34 57.78
N ASN F 95 23.56 -50.39 56.91
CA ASN F 95 23.52 -50.70 55.50
C ASN F 95 24.86 -51.21 55.00
N TYR F 96 25.95 -50.58 55.45
CA TYR F 96 27.27 -51.06 55.05
C TYR F 96 27.41 -52.54 55.33
N ALA F 97 27.12 -52.96 56.57
CA ALA F 97 27.15 -54.39 56.88
C ALA F 97 26.27 -55.15 55.90
N ARG F 98 25.00 -54.73 55.76
CA ARG F 98 24.12 -55.38 54.81
C ARG F 98 24.75 -55.42 53.44
N LYS F 99 25.30 -54.29 52.98
CA LYS F 99 25.93 -54.27 51.67
C LYS F 99 27.05 -55.28 51.59
N LEU F 100 27.89 -55.35 52.63
CA LEU F 100 28.92 -56.37 52.67
C LEU F 100 28.32 -57.75 52.50
N ALA F 101 27.25 -58.05 53.25
CA ALA F 101 26.57 -59.32 53.08
C ALA F 101 26.07 -59.47 51.65
N SER F 102 25.50 -58.40 51.08
CA SER F 102 25.05 -58.46 49.70
C SER F 102 26.20 -58.80 48.77
N ALA F 103 27.40 -58.32 49.08
CA ALA F 103 28.57 -58.65 48.28
C ALA F 103 29.35 -59.84 48.82
N ALA F 104 28.93 -60.41 49.95
CA ALA F 104 29.67 -61.52 50.54
C ALA F 104 29.67 -62.76 49.68
N GLY F 105 28.72 -62.87 48.74
CA GLY F 105 28.65 -64.04 47.89
C GLY F 105 28.35 -63.73 46.44
N LYS F 106 28.75 -62.56 45.98
CA LYS F 106 28.52 -62.16 44.58
C LYS F 106 29.82 -62.02 43.81
N VAL F 107 30.77 -61.21 44.30
CA VAL F 107 31.99 -60.93 43.57
C VAL F 107 33.19 -61.12 44.51
N LEU F 108 34.34 -61.38 43.90
CA LEU F 108 35.59 -61.59 44.63
C LEU F 108 36.70 -60.75 44.05
N ASP F 109 36.41 -59.49 43.69
CA ASP F 109 37.40 -58.58 43.14
C ASP F 109 37.64 -57.35 43.98
N ARG F 110 36.72 -56.97 44.87
CA ARG F 110 36.85 -55.76 45.67
C ARG F 110 37.29 -56.05 47.10
N ASN F 111 37.79 -57.26 47.36
CA ASN F 111 38.25 -57.65 48.70
C ASN F 111 37.08 -57.52 49.68
N ILE F 112 36.06 -58.36 49.45
CA ILE F 112 34.91 -58.41 50.34
C ILE F 112 35.26 -59.13 51.64
N SER F 113 36.04 -60.21 51.54
CA SER F 113 36.41 -60.96 52.74
C SER F 113 37.23 -60.10 53.70
N GLY F 114 38.14 -59.29 53.16
CA GLY F 114 38.89 -58.39 54.01
C GLY F 114 38.00 -57.42 54.76
N LYS F 115 37.06 -56.80 54.05
CA LYS F 115 36.14 -55.86 54.70
C LYS F 115 35.32 -56.55 55.79
N ILE F 116 34.79 -57.73 55.49
CA ILE F 116 33.95 -58.42 56.46
C ILE F 116 34.78 -58.82 57.68
N GLY F 117 35.98 -59.34 57.47
CA GLY F 117 36.84 -59.70 58.59
C GLY F 117 37.22 -58.50 59.44
N ASP F 118 37.52 -57.38 58.77
CA ASP F 118 37.85 -56.16 59.51
C ASP F 118 36.67 -55.70 60.36
N LEU F 119 35.46 -55.74 59.79
CA LEU F 119 34.28 -55.36 60.56
C LEU F 119 34.05 -56.30 61.74
N GLN F 120 34.25 -57.60 61.54
CA GLN F 120 34.09 -58.55 62.63
C GLN F 120 35.12 -58.28 63.73
N ALA F 121 36.36 -57.99 63.36
CA ALA F 121 37.38 -57.67 64.34
C ALA F 121 37.02 -56.40 65.11
N VAL F 122 36.51 -55.39 64.41
CA VAL F 122 36.10 -54.16 65.08
C VAL F 122 34.98 -54.45 66.06
N MET F 123 34.00 -55.27 65.66
CA MET F 123 32.89 -55.60 66.54
C MET F 123 33.37 -56.34 67.77
N ALA F 124 34.32 -57.27 67.60
CA ALA F 124 34.86 -57.99 68.74
C ALA F 124 35.54 -57.04 69.71
N VAL F 125 36.31 -56.08 69.21
CA VAL F 125 36.97 -55.09 70.04
C VAL F 125 36.89 -53.73 69.34
N PRO F 126 36.19 -52.75 69.92
CA PRO F 126 36.02 -51.47 69.22
C PRO F 126 37.33 -50.77 68.88
N ASP F 127 38.33 -50.88 69.76
CA ASP F 127 39.57 -50.13 69.61
C ASP F 127 40.56 -50.79 68.65
N THR F 128 40.10 -51.71 67.81
CA THR F 128 40.99 -52.32 66.82
C THR F 128 41.45 -51.27 65.81
N GLU F 129 42.65 -51.47 65.27
CA GLU F 129 43.24 -50.58 64.28
C GLU F 129 43.27 -51.25 62.91
N THR F 130 42.18 -51.94 62.57
CA THR F 130 42.15 -52.70 61.32
C THR F 130 42.31 -51.77 60.12
N PRO F 131 42.90 -52.26 59.03
CA PRO F 131 43.26 -51.37 57.92
C PRO F 131 42.10 -50.59 57.34
N THR F 132 40.91 -51.20 57.22
CA THR F 132 39.80 -50.58 56.50
C THR F 132 38.61 -50.27 57.42
N PHE F 133 38.88 -49.93 58.67
CA PHE F 133 37.79 -49.53 59.56
C PHE F 133 38.38 -49.12 60.90
N CYS F 134 37.60 -48.34 61.65
CA CYS F 134 37.97 -47.92 62.99
C CYS F 134 36.78 -47.24 63.63
N LEU F 135 36.89 -46.97 64.93
CA LEU F 135 35.85 -46.30 65.69
C LEU F 135 36.45 -45.15 66.51
N HIS F 136 37.45 -44.49 65.95
CA HIS F 136 38.14 -43.39 66.60
C HIS F 136 37.99 -42.13 65.77
N THR F 137 37.94 -40.99 66.45
CA THR F 137 37.95 -39.71 65.75
C THR F 137 39.28 -39.52 65.04
N ASP F 138 39.26 -38.70 63.98
CA ASP F 138 40.49 -38.46 63.24
C ASP F 138 41.61 -38.00 64.15
N VAL F 139 41.27 -37.22 65.18
CA VAL F 139 42.27 -36.86 66.18
C VAL F 139 42.79 -38.09 66.91
N SER F 140 41.89 -39.00 67.27
CA SER F 140 42.24 -40.16 68.08
C SER F 140 42.58 -41.40 67.25
N CYS F 141 42.46 -41.33 65.93
CA CYS F 141 42.78 -42.50 65.10
C CYS F 141 44.27 -42.82 65.19
N ARG F 142 44.60 -44.10 64.99
CA ARG F 142 45.96 -44.57 65.10
C ARG F 142 46.55 -45.15 63.82
N GLN F 143 45.71 -45.55 62.85
CA GLN F 143 46.22 -46.10 61.62
C GLN F 143 47.09 -45.07 60.89
N ARG F 144 48.15 -45.55 60.26
CA ARG F 144 49.12 -44.70 59.57
C ARG F 144 48.97 -44.86 58.07
N ALA F 145 48.94 -43.74 57.35
CA ALA F 145 48.75 -43.75 55.91
C ALA F 145 49.65 -42.67 55.31
N ASP F 146 49.45 -42.39 54.03
CA ASP F 146 50.24 -41.39 53.31
C ASP F 146 49.42 -40.16 52.94
N VAL F 147 48.30 -40.34 52.25
CA VAL F 147 47.44 -39.24 51.83
C VAL F 147 46.07 -39.42 52.46
N ALA F 148 45.57 -38.38 53.13
CA ALA F 148 44.28 -38.41 53.79
C ALA F 148 43.29 -37.51 53.06
N ILE F 149 42.09 -38.01 52.84
CA ILE F 149 41.04 -37.30 52.13
C ILE F 149 39.88 -37.06 53.08
N TYR F 150 39.44 -35.81 53.17
CA TYR F 150 38.23 -35.47 53.90
C TYR F 150 37.04 -35.41 52.95
N GLN F 151 35.84 -35.36 53.54
CA GLN F 151 34.62 -35.26 52.73
C GLN F 151 33.52 -34.73 53.62
N ASP F 152 33.00 -33.56 53.28
CA ASP F 152 31.90 -32.93 54.00
C ASP F 152 32.13 -32.97 55.51
N VAL F 153 33.25 -32.38 55.93
CA VAL F 153 33.65 -32.33 57.32
C VAL F 153 33.72 -30.85 57.71
N TYR F 154 32.62 -30.34 58.27
CA TYR F 154 32.53 -28.93 58.65
C TYR F 154 32.37 -28.78 60.17
N ALA F 155 32.93 -29.71 60.94
CA ALA F 155 32.79 -29.67 62.39
C ALA F 155 34.09 -29.88 63.14
N VAL F 156 35.21 -30.04 62.45
CA VAL F 156 36.50 -30.30 63.09
C VAL F 156 37.45 -29.16 62.75
N HIS F 157 38.17 -28.68 63.76
CA HIS F 157 39.20 -27.68 63.53
C HIS F 157 40.22 -28.21 62.52
N ALA F 158 40.33 -27.53 61.39
CA ALA F 158 41.22 -28.00 60.34
C ALA F 158 42.68 -28.09 60.80
N PRO F 159 43.24 -27.06 61.44
CA PRO F 159 44.64 -27.18 61.88
C PRO F 159 44.88 -28.38 62.79
N THR F 160 43.97 -28.66 63.73
CA THR F 160 44.20 -29.74 64.69
C THR F 160 44.12 -31.10 64.01
N SER F 161 43.11 -31.31 63.16
CA SER F 161 42.99 -32.58 62.45
C SER F 161 44.18 -32.79 61.52
N LEU F 162 44.59 -31.74 60.80
CA LEU F 162 45.74 -31.87 59.91
C LEU F 162 47.01 -32.17 60.69
N TYR F 163 47.17 -31.52 61.85
CA TYR F 163 48.33 -31.79 62.70
C TYR F 163 48.35 -33.24 63.16
N HIS F 164 47.24 -33.72 63.72
CA HIS F 164 47.19 -35.09 64.23
C HIS F 164 47.26 -36.11 63.10
N GLN F 165 47.02 -35.69 61.86
CA GLN F 165 47.24 -36.59 60.74
C GLN F 165 48.70 -36.55 60.29
N ALA F 166 49.35 -35.39 60.38
CA ALA F 166 50.75 -35.29 60.04
C ALA F 166 51.61 -36.11 60.99
N ILE F 167 51.33 -36.02 62.30
CA ILE F 167 52.09 -36.80 63.26
C ILE F 167 51.93 -38.29 62.99
N LYS F 168 50.87 -38.67 62.28
CA LYS F 168 50.70 -40.04 61.80
C LYS F 168 51.23 -40.23 60.39
N GLY F 169 52.12 -39.37 59.94
CA GLY F 169 52.70 -39.48 58.61
C GLY F 169 51.75 -39.16 57.47
N VAL F 170 50.97 -38.10 57.60
CA VAL F 170 50.09 -37.64 56.53
C VAL F 170 50.76 -36.45 55.88
N ARG F 171 51.21 -36.61 54.64
CA ARG F 171 51.89 -35.56 53.90
C ARG F 171 50.98 -34.82 52.95
N LEU F 172 49.82 -35.39 52.61
CA LEU F 172 48.90 -34.79 51.67
C LEU F 172 47.47 -35.02 52.16
N ALA F 173 46.63 -34.01 51.99
CA ALA F 173 45.24 -34.12 52.40
C ALA F 173 44.37 -33.37 51.42
N TYR F 174 43.14 -33.87 51.24
CA TYR F 174 42.15 -33.22 50.40
C TYR F 174 40.89 -32.97 51.21
N TRP F 175 40.11 -31.98 50.78
CA TRP F 175 38.92 -31.54 51.51
C TRP F 175 37.88 -31.10 50.48
N VAL F 176 36.91 -31.97 50.22
CA VAL F 176 35.78 -31.65 49.36
C VAL F 176 34.66 -31.15 50.24
N GLY F 177 34.11 -29.99 49.92
CA GLY F 177 33.05 -29.44 50.74
C GLY F 177 32.45 -28.18 50.16
N PHE F 178 31.75 -27.45 51.02
CA PHE F 178 31.15 -26.18 50.61
C PHE F 178 32.18 -25.07 50.69
N ASP F 179 32.12 -24.16 49.72
CA ASP F 179 33.01 -23.00 49.72
C ASP F 179 32.82 -22.22 51.01
N THR F 180 33.94 -21.82 51.62
CA THR F 180 33.92 -21.12 52.90
C THR F 180 33.92 -19.61 52.75
N THR F 181 33.83 -19.10 51.53
CA THR F 181 33.80 -17.65 51.33
C THR F 181 32.65 -16.98 52.08
N PRO F 182 31.43 -17.51 52.08
CA PRO F 182 30.34 -16.81 52.78
C PRO F 182 30.56 -16.67 54.27
N PHE F 183 31.42 -17.49 54.87
CA PHE F 183 31.69 -17.39 56.30
C PHE F 183 32.91 -16.53 56.61
N MET F 184 33.82 -16.35 55.64
CA MET F 184 34.86 -15.35 55.79
C MET F 184 34.33 -13.94 55.59
N TYR F 185 33.24 -13.78 54.85
CA TYR F 185 32.55 -12.50 54.71
C TYR F 185 31.52 -12.28 55.81
N ASN F 186 31.29 -13.28 56.64
CA ASN F 186 30.37 -13.18 57.78
C ASN F 186 28.96 -12.79 57.33
N ALA F 187 28.37 -13.67 56.53
CA ALA F 187 26.98 -13.53 56.13
C ALA F 187 26.07 -14.21 57.16
N MET F 188 24.94 -13.56 57.45
CA MET F 188 23.98 -14.15 58.39
C MET F 188 23.27 -15.35 57.78
N ALA F 189 22.83 -15.22 56.53
CA ALA F 189 22.15 -16.29 55.83
C ALA F 189 22.74 -16.40 54.42
N GLY F 190 22.54 -17.55 53.80
CA GLY F 190 23.07 -17.75 52.47
C GLY F 190 22.49 -18.98 51.82
N ALA F 191 22.76 -19.12 50.52
CA ALA F 191 22.24 -20.22 49.74
C ALA F 191 23.33 -20.75 48.82
N TYR F 192 23.17 -22.02 48.43
CA TYR F 192 23.99 -22.65 47.40
C TYR F 192 23.02 -23.18 46.35
N PRO F 193 22.31 -22.28 45.65
CA PRO F 193 21.12 -22.71 44.91
C PRO F 193 21.46 -23.46 43.63
N SER F 194 22.42 -24.37 43.73
CA SER F 194 22.60 -25.45 42.76
C SER F 194 22.84 -26.80 43.41
N TYR F 195 23.15 -26.85 44.70
CA TYR F 195 23.23 -28.07 45.48
C TYR F 195 22.03 -28.23 46.41
N SER F 196 20.97 -27.45 46.18
CA SER F 196 19.74 -27.53 46.97
C SER F 196 20.03 -27.35 48.45
N THR F 197 20.88 -26.38 48.78
CA THR F 197 21.25 -26.11 50.15
C THR F 197 20.99 -24.65 50.50
N ASN F 198 20.46 -24.43 51.70
CA ASN F 198 20.38 -23.11 52.30
C ASN F 198 21.03 -23.17 53.66
N TRP F 199 21.32 -22.01 54.24
CA TRP F 199 21.83 -21.99 55.61
C TRP F 199 21.50 -20.65 56.23
N ALA F 200 21.32 -20.67 57.55
CA ALA F 200 21.01 -19.44 58.26
C ALA F 200 21.58 -19.50 59.67
N ASP F 201 21.94 -18.32 60.18
CA ASP F 201 22.29 -18.20 61.59
C ASP F 201 21.04 -18.39 62.46
N GLU F 202 21.23 -19.05 63.59
CA GLU F 202 20.11 -19.36 64.46
C GLU F 202 19.33 -18.10 64.86
N GLN F 203 19.90 -16.93 64.70
CA GLN F 203 19.24 -15.68 65.07
C GLN F 203 18.29 -15.17 63.99
N VAL F 204 18.26 -15.81 62.82
CA VAL F 204 17.39 -15.40 61.73
C VAL F 204 16.51 -16.56 61.25
N LEU F 205 16.38 -17.62 62.05
CA LEU F 205 15.57 -18.76 61.67
C LEU F 205 14.08 -18.42 61.61
N LYS F 206 13.66 -17.36 62.30
CA LYS F 206 12.27 -16.91 62.28
C LYS F 206 12.10 -15.68 61.40
N ALA F 207 12.91 -15.57 60.35
CA ALA F 207 12.78 -14.50 59.37
C ALA F 207 11.75 -14.91 58.30
N LYS F 208 11.37 -13.96 57.46
CA LYS F 208 10.28 -14.16 56.51
C LYS F 208 10.76 -14.64 55.14
N ASN F 209 11.78 -14.00 54.57
CA ASN F 209 12.05 -14.13 53.14
C ASN F 209 13.24 -15.02 52.80
N ILE F 210 14.19 -15.21 53.72
CA ILE F 210 15.35 -16.04 53.37
C ILE F 210 14.90 -17.48 53.08
N GLY F 211 15.76 -18.22 52.39
CA GLY F 211 15.41 -19.54 51.93
C GLY F 211 15.38 -20.62 52.97
N LEU F 212 15.76 -20.31 54.21
CA LEU F 212 15.68 -21.25 55.34
C LEU F 212 15.15 -20.46 56.54
N CYS F 213 13.83 -20.48 56.70
CA CYS F 213 13.19 -19.74 57.79
C CYS F 213 11.75 -20.20 57.91
N SER F 214 11.10 -19.78 58.98
CA SER F 214 9.68 -20.04 59.18
C SER F 214 9.14 -18.95 60.10
N THR F 215 8.39 -18.01 59.53
CA THR F 215 7.80 -16.93 60.31
C THR F 215 6.39 -17.31 60.74
N ASP F 216 5.76 -16.42 61.49
CA ASP F 216 4.41 -16.62 61.99
C ASP F 216 3.52 -15.47 61.57
N LEU F 217 2.27 -15.78 61.23
CA LEU F 217 1.32 -14.78 60.76
C LEU F 217 0.77 -13.99 61.94
N THR F 218 1.63 -13.12 62.47
CA THR F 218 1.25 -12.29 63.60
C THR F 218 0.52 -11.04 63.12
N GLU F 219 -0.28 -10.48 64.02
CA GLU F 219 -1.01 -9.24 63.75
C GLU F 219 -0.21 -7.99 64.08
N GLY F 220 1.04 -8.15 64.54
CA GLY F 220 1.85 -7.02 64.94
C GLY F 220 1.52 -6.53 66.33
N ARG F 221 2.15 -5.41 66.69
CA ARG F 221 1.95 -4.81 67.99
C ARG F 221 2.40 -3.36 68.00
N GLY F 230 18.40 -7.40 73.76
CA GLY F 230 19.56 -7.31 72.91
C GLY F 230 19.32 -6.51 71.65
N LYS F 231 19.96 -5.35 71.55
CA LYS F 231 19.88 -4.49 70.37
C LYS F 231 21.02 -4.71 69.38
N LYS F 232 21.67 -5.87 69.40
CA LYS F 232 22.84 -6.12 68.55
C LYS F 232 22.68 -7.48 67.89
N LEU F 233 22.33 -7.48 66.61
CA LEU F 233 22.22 -8.71 65.82
C LEU F 233 23.50 -8.90 65.03
N GLU F 234 24.33 -9.85 65.45
CA GLU F 234 25.55 -10.21 64.76
C GLU F 234 25.63 -11.72 64.60
N PRO F 235 26.35 -12.19 63.58
CA PRO F 235 26.46 -13.64 63.38
C PRO F 235 27.02 -14.32 64.61
N CYS F 236 26.44 -15.47 64.95
CA CYS F 236 26.91 -16.30 66.04
C CYS F 236 27.48 -17.59 65.50
N ASP F 237 28.15 -18.34 66.37
CA ASP F 237 28.89 -19.52 65.92
C ASP F 237 27.97 -20.56 65.33
N ARG F 238 26.78 -20.75 65.92
CA ARG F 238 25.88 -21.82 65.49
C ARG F 238 25.11 -21.38 64.25
N VAL F 239 25.22 -22.16 63.17
CA VAL F 239 24.44 -21.96 61.97
C VAL F 239 23.82 -23.28 61.58
N LEU F 240 22.76 -23.22 60.78
CA LEU F 240 22.03 -24.40 60.35
C LEU F 240 22.09 -24.50 58.83
N PHE F 241 22.35 -25.70 58.34
CA PHE F 241 22.42 -26.01 56.91
C PHE F 241 21.27 -26.94 56.57
N SER F 242 20.39 -26.50 55.68
CA SER F 242 19.34 -27.35 55.13
C SER F 242 19.80 -27.80 53.74
N VAL F 243 20.36 -29.00 53.67
CA VAL F 243 20.71 -29.62 52.41
C VAL F 243 19.48 -30.40 51.95
N GLY F 244 18.72 -29.82 51.02
CA GLY F 244 17.43 -30.37 50.67
C GLY F 244 16.50 -30.38 51.87
N SER F 245 16.23 -31.56 52.41
CA SER F 245 15.40 -31.71 53.60
C SER F 245 16.20 -32.15 54.83
N THR F 246 17.52 -32.24 54.71
CA THR F 246 18.36 -32.69 55.83
C THR F 246 18.95 -31.49 56.55
N LEU F 247 18.98 -31.57 57.88
CA LEU F 247 19.47 -30.49 58.72
C LEU F 247 20.85 -30.83 59.28
N TYR F 248 21.74 -29.85 59.26
CA TYR F 248 23.11 -29.99 59.77
C TYR F 248 23.46 -28.78 60.62
N PRO F 249 23.61 -28.94 61.92
CA PRO F 249 24.07 -27.82 62.76
C PRO F 249 25.58 -27.70 62.72
N GLU F 250 26.07 -26.62 62.13
CA GLU F 250 27.49 -26.39 61.95
C GLU F 250 27.94 -25.16 62.75
N SER F 251 29.26 -25.02 62.86
CA SER F 251 29.88 -23.96 63.64
C SER F 251 30.58 -22.98 62.70
N ARG F 252 30.36 -21.69 62.93
CA ARG F 252 31.06 -20.68 62.14
C ARG F 252 32.57 -20.79 62.30
N LYS F 253 33.04 -20.94 63.55
CA LYS F 253 34.48 -20.94 63.80
C LYS F 253 35.14 -22.17 63.17
N LEU F 254 34.47 -23.31 63.19
CA LEU F 254 35.00 -24.49 62.54
C LEU F 254 34.72 -24.51 61.04
N LEU F 255 33.90 -23.58 60.54
CA LEU F 255 33.81 -23.37 59.11
C LEU F 255 34.87 -22.38 58.64
N LYS F 256 35.08 -21.31 59.41
CA LYS F 256 36.21 -20.42 59.15
C LYS F 256 37.47 -21.04 59.74
N SER F 257 37.69 -22.32 59.42
CA SER F 257 38.92 -23.01 59.77
C SER F 257 39.49 -23.83 58.61
N TRP F 258 38.68 -24.21 57.63
CA TRP F 258 39.16 -24.84 56.41
C TRP F 258 39.39 -23.82 55.30
N HIS F 259 39.15 -22.54 55.59
CA HIS F 259 39.59 -21.44 54.72
C HIS F 259 41.06 -21.14 55.02
N LEU F 260 41.91 -22.10 54.71
CA LEU F 260 43.30 -22.03 55.11
C LEU F 260 44.08 -21.10 54.19
N PRO F 261 45.05 -20.37 54.71
CA PRO F 261 45.89 -19.53 53.84
C PRO F 261 46.71 -20.39 52.90
N SER F 262 47.35 -19.71 51.93
CA SER F 262 48.13 -20.42 50.93
C SER F 262 49.32 -21.14 51.58
N VAL F 263 49.95 -20.50 52.56
CA VAL F 263 51.04 -21.10 53.31
C VAL F 263 50.77 -20.87 54.79
N PHE F 264 50.74 -21.96 55.57
CA PHE F 264 50.52 -21.88 57.00
C PHE F 264 51.44 -22.86 57.72
N HIS F 265 51.82 -22.50 58.94
CA HIS F 265 52.78 -23.27 59.73
C HIS F 265 52.07 -23.92 60.91
N LEU F 266 52.29 -25.22 61.08
CA LEU F 266 51.81 -25.96 62.25
C LEU F 266 53.03 -26.23 63.13
N LYS F 267 53.19 -25.42 64.18
CA LYS F 267 54.36 -25.44 65.04
C LYS F 267 54.01 -26.06 66.38
N GLY F 268 54.50 -27.27 66.62
CA GLY F 268 54.31 -27.95 67.89
C GLY F 268 55.49 -28.84 68.20
N LYS F 269 55.21 -30.06 68.67
CA LYS F 269 56.28 -31.03 68.86
C LYS F 269 56.97 -31.35 67.54
N LEU F 270 56.20 -31.51 66.48
CA LEU F 270 56.71 -31.63 65.12
C LEU F 270 56.25 -30.40 64.34
N SER F 271 57.20 -29.67 63.75
CA SER F 271 56.89 -28.47 63.01
C SER F 271 56.68 -28.80 61.54
N PHE F 272 55.71 -28.12 60.91
CA PHE F 272 55.40 -28.36 59.51
C PHE F 272 55.05 -27.04 58.83
N THR F 273 55.37 -26.97 57.54
CA THR F 273 54.91 -25.92 56.65
C THR F 273 53.99 -26.55 55.62
N CYS F 274 52.82 -25.95 55.40
CA CYS F 274 51.80 -26.55 54.55
C CYS F 274 51.22 -25.51 53.62
N ARG F 275 50.72 -25.97 52.47
CA ARG F 275 50.13 -25.10 51.45
C ARG F 275 48.75 -25.62 51.11
N CYS F 276 47.77 -24.71 51.09
CA CYS F 276 46.42 -25.03 50.66
C CYS F 276 46.14 -24.32 49.35
N ASP F 277 45.75 -25.09 48.33
CA ASP F 277 45.43 -24.54 47.02
C ASP F 277 44.12 -25.14 46.54
N THR F 278 43.10 -24.31 46.39
CA THR F 278 41.80 -24.76 45.91
C THR F 278 41.92 -25.22 44.47
N VAL F 279 41.74 -26.52 44.24
CA VAL F 279 41.94 -27.10 42.92
C VAL F 279 40.68 -26.98 42.07
N VAL F 280 39.54 -27.40 42.60
CA VAL F 280 38.28 -27.41 41.87
C VAL F 280 37.27 -26.53 42.60
N SER F 281 36.44 -25.81 41.84
CA SER F 281 35.43 -24.92 42.38
C SER F 281 34.25 -24.89 41.43
N CYS F 282 33.06 -25.22 41.95
CA CYS F 282 31.85 -25.31 41.12
C CYS F 282 30.66 -24.79 41.92
N GLU F 283 30.21 -23.58 41.60
CA GLU F 283 28.91 -23.05 42.04
C GLU F 283 28.74 -23.08 43.55
N GLY F 284 29.83 -23.24 44.30
CA GLY F 284 29.72 -23.26 45.74
C GLY F 284 30.53 -24.36 46.39
N TYR F 285 30.65 -25.49 45.71
CA TYR F 285 31.51 -26.55 46.20
C TYR F 285 32.97 -26.28 45.83
N VAL F 286 33.88 -26.75 46.67
CA VAL F 286 35.31 -26.60 46.46
C VAL F 286 36.01 -27.89 46.86
N VAL F 287 37.19 -28.09 46.28
CA VAL F 287 38.04 -29.24 46.57
C VAL F 287 39.42 -28.67 46.91
N LYS F 288 39.66 -28.43 48.19
CA LYS F 288 40.93 -27.89 48.63
C LYS F 288 41.96 -29.00 48.81
N ARG F 289 43.22 -28.65 48.59
CA ARG F 289 44.34 -29.58 48.75
C ARG F 289 45.38 -28.94 49.66
N ILE F 290 45.76 -29.65 50.70
CA ILE F 290 46.73 -29.17 51.68
C ILE F 290 47.91 -30.13 51.71
N THR F 291 49.10 -29.60 51.44
CA THR F 291 50.32 -30.40 51.49
C THR F 291 51.03 -30.13 52.81
N MET F 292 51.33 -31.20 53.54
CA MET F 292 51.94 -31.12 54.86
C MET F 292 53.37 -31.63 54.80
N SER F 293 54.31 -30.88 55.36
CA SER F 293 55.70 -31.26 55.37
C SER F 293 56.38 -30.69 56.62
N PRO F 294 57.24 -31.46 57.28
CA PRO F 294 57.93 -30.96 58.46
C PRO F 294 58.93 -29.86 58.10
N GLY F 295 59.26 -29.06 59.11
CA GLY F 295 60.16 -27.94 58.91
C GLY F 295 59.45 -26.70 58.43
N LEU F 296 60.20 -25.60 58.38
CA LEU F 296 59.70 -24.31 57.93
C LEU F 296 60.33 -23.98 56.59
N TYR F 297 59.50 -23.69 55.60
CA TYR F 297 59.93 -23.57 54.21
C TYR F 297 59.57 -22.22 53.63
N GLY F 298 59.81 -21.15 54.38
CA GLY F 298 59.56 -19.81 53.92
C GLY F 298 58.85 -19.01 54.98
N LYS F 299 58.35 -17.85 54.58
CA LYS F 299 57.60 -16.97 55.46
C LYS F 299 56.13 -16.98 55.06
N THR F 300 55.26 -17.12 56.04
CA THR F 300 53.83 -17.20 55.80
C THR F 300 53.27 -15.80 55.63
N THR F 301 52.64 -15.55 54.48
CA THR F 301 52.03 -14.25 54.21
C THR F 301 50.73 -14.05 54.98
N GLY F 302 50.08 -15.12 55.41
CA GLY F 302 48.83 -15.00 56.12
C GLY F 302 47.68 -14.50 55.28
N TYR F 303 47.60 -14.97 54.03
CA TYR F 303 46.54 -14.54 53.10
C TYR F 303 45.88 -15.76 52.50
N ALA F 304 44.55 -15.75 52.47
CA ALA F 304 43.74 -16.76 51.81
C ALA F 304 43.14 -16.13 50.57
N VAL F 305 43.27 -16.84 49.44
CA VAL F 305 42.88 -16.36 48.12
C VAL F 305 41.74 -17.24 47.62
N THR F 306 40.66 -16.59 47.18
CA THR F 306 39.52 -17.29 46.58
C THR F 306 39.28 -16.72 45.19
N HIS F 307 39.55 -17.53 44.17
CA HIS F 307 39.28 -17.11 42.80
C HIS F 307 37.81 -17.36 42.47
N HIS F 308 37.05 -16.29 42.24
CA HIS F 308 35.61 -16.40 42.04
C HIS F 308 35.34 -16.73 40.59
N ALA F 309 35.34 -18.03 40.28
CA ALA F 309 35.05 -18.47 38.93
C ALA F 309 33.64 -18.06 38.49
N ASP F 310 32.74 -17.83 39.43
CA ASP F 310 31.41 -17.32 39.13
C ASP F 310 31.04 -16.27 40.17
N GLY F 311 30.14 -15.38 39.78
CA GLY F 311 29.76 -14.27 40.64
C GLY F 311 29.39 -14.68 42.04
N PHE F 312 29.84 -13.90 43.02
CA PHE F 312 29.49 -14.11 44.43
C PHE F 312 28.89 -12.81 44.96
N LEU F 313 27.60 -12.84 45.25
CA LEU F 313 26.91 -11.67 45.77
C LEU F 313 26.70 -11.83 47.27
N MET F 314 26.82 -10.72 48.00
CA MET F 314 26.52 -10.71 49.43
C MET F 314 25.98 -9.33 49.75
N CYS F 315 24.68 -9.25 50.06
CA CYS F 315 24.03 -7.96 50.24
CA CYS F 315 24.03 -7.96 50.24
C CYS F 315 23.27 -7.95 51.56
N LYS F 316 23.10 -6.74 52.11
CA LYS F 316 22.39 -6.56 53.37
C LYS F 316 20.92 -6.32 53.06
N THR F 317 20.10 -7.34 53.30
CA THR F 317 18.66 -7.26 53.09
C THR F 317 17.95 -6.96 54.41
N THR F 318 16.85 -6.23 54.30
CA THR F 318 16.00 -5.94 55.45
C THR F 318 14.87 -6.95 55.52
N ASP F 319 14.65 -7.51 56.70
CA ASP F 319 13.63 -8.51 56.93
C ASP F 319 12.92 -8.18 58.23
N THR F 320 12.03 -9.07 58.65
CA THR F 320 11.37 -8.96 59.94
C THR F 320 11.54 -10.28 60.67
N VAL F 321 12.17 -10.23 61.84
CA VAL F 321 12.42 -11.40 62.66
C VAL F 321 11.55 -11.28 63.91
N ASP F 322 10.71 -12.28 64.14
CA ASP F 322 9.77 -12.28 65.27
C ASP F 322 8.91 -11.02 65.27
N GLY F 323 8.58 -10.52 64.08
CA GLY F 323 7.77 -9.34 63.95
C GLY F 323 8.49 -8.02 64.09
N GLU F 324 9.79 -8.04 64.34
CA GLU F 324 10.58 -6.82 64.53
C GLU F 324 11.44 -6.58 63.29
N ARG F 325 11.42 -5.35 62.78
CA ARG F 325 12.14 -5.03 61.57
C ARG F 325 13.64 -4.99 61.85
N VAL F 326 14.43 -5.67 61.03
CA VAL F 326 15.88 -5.76 61.20
C VAL F 326 16.53 -5.83 59.83
N SER F 327 17.86 -5.73 59.82
CA SER F 327 18.65 -5.82 58.60
C SER F 327 19.82 -6.76 58.84
N PHE F 328 20.08 -7.65 57.88
CA PHE F 328 21.20 -8.57 58.00
C PHE F 328 21.63 -9.01 56.60
N SER F 329 22.81 -9.62 56.54
CA SER F 329 23.47 -9.90 55.27
C SER F 329 23.19 -11.32 54.81
N VAL F 330 22.90 -11.47 53.53
CA VAL F 330 22.66 -12.77 52.91
C VAL F 330 23.49 -12.85 51.63
N CYS F 331 24.04 -14.03 51.36
CA CYS F 331 24.95 -14.25 50.25
C CYS F 331 24.41 -15.33 49.32
N THR F 332 24.90 -15.31 48.09
CA THR F 332 24.50 -16.28 47.07
C THR F 332 25.58 -16.33 45.99
N TYR F 333 25.53 -17.39 45.18
CA TYR F 333 26.49 -17.62 44.11
C TYR F 333 25.77 -17.53 42.78
N VAL F 334 25.81 -16.34 42.16
CA VAL F 334 25.20 -16.15 40.85
C VAL F 334 26.04 -16.88 39.80
N PRO F 335 25.42 -17.43 38.76
CA PRO F 335 26.21 -18.06 37.70
C PRO F 335 26.98 -17.02 36.89
N ALA F 336 28.07 -17.47 36.27
CA ALA F 336 28.94 -16.55 35.54
C ALA F 336 28.21 -15.92 34.37
N THR F 337 27.41 -16.70 33.64
CA THR F 337 26.73 -16.16 32.46
C THR F 337 25.76 -15.06 32.83
N ILE F 338 25.09 -15.19 33.98
CA ILE F 338 24.17 -14.14 34.42
C ILE F 338 24.93 -12.83 34.62
N CYS F 339 26.10 -12.90 35.28
CA CYS F 339 26.91 -11.71 35.49
C CYS F 339 27.38 -11.13 34.17
N ASP F 340 27.80 -11.99 33.24
CA ASP F 340 28.26 -11.53 31.94
C ASP F 340 27.15 -10.76 31.22
N GLN F 341 25.95 -11.34 31.15
CA GLN F 341 24.83 -10.70 30.48
C GLN F 341 24.26 -9.51 31.25
N MET F 342 24.55 -9.40 32.54
CA MET F 342 24.15 -8.25 33.32
C MET F 342 25.19 -7.14 33.37
N THR F 343 26.39 -7.39 32.81
CA THR F 343 27.40 -6.35 32.74
C THR F 343 26.82 -5.03 32.25
N GLY F 344 26.22 -5.03 31.05
CA GLY F 344 25.74 -3.79 30.47
C GLY F 344 24.68 -3.11 31.32
N ILE F 345 23.69 -3.88 31.79
CA ILE F 345 22.63 -3.30 32.60
C ILE F 345 23.21 -2.71 33.88
N LEU F 346 24.10 -3.44 34.56
CA LEU F 346 24.75 -2.93 35.75
C LEU F 346 25.59 -1.70 35.46
N ALA F 347 25.96 -1.49 34.19
CA ALA F 347 26.58 -0.22 33.81
C ALA F 347 25.67 0.96 34.13
N THR F 348 24.36 0.74 34.19
CA THR F 348 23.39 1.77 34.50
C THR F 348 22.77 1.51 35.86
N GLU F 349 22.24 2.56 36.47
CA GLU F 349 21.44 2.41 37.70
C GLU F 349 20.16 1.66 37.37
N VAL F 350 20.03 0.43 37.86
CA VAL F 350 18.94 -0.47 37.50
C VAL F 350 18.13 -0.77 38.76
N THR F 351 16.82 -0.64 38.65
CA THR F 351 15.94 -0.89 39.78
C THR F 351 15.91 -2.38 40.13
N PRO F 352 15.64 -2.71 41.39
CA PRO F 352 15.44 -4.13 41.73
C PRO F 352 14.34 -4.78 40.92
N GLU F 353 13.26 -4.05 40.63
CA GLU F 353 12.17 -4.61 39.83
C GLU F 353 12.62 -4.87 38.39
N ASP F 354 13.25 -3.88 37.76
CA ASP F 354 13.70 -4.06 36.38
C ASP F 354 14.83 -5.08 36.31
N ALA F 355 15.72 -5.08 37.29
CA ALA F 355 16.76 -6.11 37.35
C ALA F 355 16.15 -7.48 37.49
N GLN F 356 15.09 -7.61 38.30
CA GLN F 356 14.39 -8.88 38.44
C GLN F 356 13.77 -9.32 37.13
N LYS F 357 13.15 -8.38 36.41
CA LYS F 357 12.55 -8.73 35.11
C LYS F 357 13.61 -9.20 34.12
N LEU F 358 14.74 -8.49 34.05
CA LEU F 358 15.81 -8.92 33.14
C LEU F 358 16.40 -10.26 33.58
N LEU F 359 16.50 -10.49 34.89
CA LEU F 359 17.00 -11.77 35.38
C LEU F 359 16.06 -12.91 35.00
N VAL F 360 14.76 -12.69 35.12
CA VAL F 360 13.78 -13.70 34.72
C VAL F 360 13.90 -13.96 33.22
N GLY F 361 14.00 -12.90 32.42
CA GLY F 361 14.17 -13.09 30.99
C GLY F 361 15.43 -13.87 30.65
N LEU F 362 16.54 -13.54 31.31
CA LEU F 362 17.80 -14.25 31.08
C LEU F 362 17.68 -15.71 31.49
N ASN F 363 16.94 -15.99 32.57
CA ASN F 363 16.75 -17.38 32.99
C ASN F 363 16.08 -18.19 31.90
N GLN F 364 15.10 -17.60 31.22
CA GLN F 364 14.45 -18.23 30.07
C GLN F 364 13.33 -17.34 29.53
N THR F 376 13.22 -24.50 31.36
CA THR F 376 14.24 -24.71 32.37
C THR F 376 14.81 -23.38 32.87
N ASN F 377 15.63 -23.45 33.91
CA ASN F 377 16.23 -22.27 34.51
C ASN F 377 17.72 -22.51 34.74
N THR F 378 18.48 -21.42 34.78
CA THR F 378 19.90 -21.48 35.14
C THR F 378 20.14 -21.11 36.59
N MET F 379 19.32 -20.23 37.15
CA MET F 379 19.35 -19.90 38.57
C MET F 379 17.95 -20.05 39.15
N LYS F 380 17.86 -20.60 40.35
CA LYS F 380 16.56 -20.83 40.97
C LYS F 380 15.89 -19.50 41.28
N ASN F 381 14.57 -19.47 41.09
CA ASN F 381 13.85 -18.19 41.09
C ASN F 381 13.65 -17.62 42.48
N TYR F 382 13.75 -18.44 43.53
CA TYR F 382 13.60 -17.89 44.88
C TYR F 382 14.79 -17.03 45.28
N MET F 383 15.88 -17.06 44.52
CA MET F 383 17.03 -16.20 44.76
C MET F 383 17.01 -14.92 43.93
N ILE F 384 16.37 -14.95 42.76
CA ILE F 384 16.32 -13.82 41.85
C ILE F 384 15.87 -12.56 42.58
N PRO F 385 14.85 -12.63 43.45
CA PRO F 385 14.43 -11.41 44.17
C PRO F 385 15.55 -10.78 44.98
N VAL F 386 16.49 -11.56 45.49
CA VAL F 386 17.59 -10.99 46.27
C VAL F 386 18.82 -10.74 45.40
N VAL F 387 19.03 -11.56 44.37
CA VAL F 387 20.10 -11.29 43.41
C VAL F 387 19.89 -9.93 42.76
N ALA F 388 18.66 -9.62 42.37
CA ALA F 388 18.37 -8.34 41.73
C ALA F 388 18.62 -7.19 42.70
N GLN F 389 18.22 -7.34 43.97
CA GLN F 389 18.46 -6.27 44.93
C GLN F 389 19.95 -6.07 45.16
N ALA F 390 20.72 -7.15 45.23
CA ALA F 390 22.16 -7.03 45.37
C ALA F 390 22.77 -6.32 44.17
N PHE F 391 22.36 -6.70 42.96
CA PHE F 391 22.85 -6.04 41.75
C PHE F 391 22.54 -4.56 41.77
N SER F 392 21.31 -4.20 42.14
CA SER F 392 20.91 -2.80 42.14
C SER F 392 21.69 -2.00 43.18
N LYS F 393 21.85 -2.56 44.38
CA LYS F 393 22.61 -1.85 45.41
C LYS F 393 24.06 -1.67 44.99
N TRP F 394 24.65 -2.70 44.38
CA TRP F 394 26.03 -2.60 43.92
C TRP F 394 26.17 -1.54 42.83
N ALA F 395 25.24 -1.53 41.88
CA ALA F 395 25.30 -0.53 40.82
C ALA F 395 25.16 0.88 41.39
N LYS F 396 24.23 1.08 42.32
CA LYS F 396 24.05 2.40 42.90
C LYS F 396 25.30 2.83 43.67
N GLU F 397 25.91 1.90 44.42
CA GLU F 397 27.12 2.24 45.15
C GLU F 397 28.26 2.58 44.19
N CYS F 398 28.39 1.83 43.09
CA CYS F 398 29.41 2.12 42.11
C CYS F 398 29.21 3.52 41.50
N ARG F 399 27.97 3.84 41.13
CA ARG F 399 27.72 5.16 40.56
C ARG F 399 28.00 6.26 41.58
N LYS F 400 27.58 6.08 42.83
CA LYS F 400 27.88 7.09 43.85
C LYS F 400 29.39 7.18 44.08
N ASP F 401 30.11 6.10 43.82
CA ASP F 401 31.57 6.15 43.88
C ASP F 401 32.13 7.02 42.76
N MET F 402 31.69 6.77 41.53
CA MET F 402 32.17 7.56 40.39
C MET F 402 31.59 8.96 40.36
N GLU F 403 30.59 9.24 41.19
CA GLU F 403 30.00 10.58 41.26
C GLU F 403 30.70 11.47 42.28
N ASP F 404 31.69 10.95 42.99
CA ASP F 404 32.48 11.73 43.93
C ASP F 404 33.91 11.21 43.88
N GLU F 405 34.87 12.11 43.74
CA GLU F 405 36.28 11.76 43.61
C GLU F 405 37.10 12.64 44.54
N LYS F 406 37.98 12.01 45.32
CA LYS F 406 38.80 12.70 46.30
C LYS F 406 40.20 12.91 45.74
N LEU F 407 41.11 13.42 46.58
CA LEU F 407 42.47 13.68 46.17
C LEU F 407 43.27 12.39 46.13
N LEU F 408 43.96 12.15 45.00
CA LEU F 408 44.79 10.96 44.88
C LEU F 408 45.98 11.04 45.83
N GLY F 409 46.44 9.87 46.27
CA GLY F 409 47.62 9.75 47.10
C GLY F 409 47.40 9.95 48.57
N VAL F 410 46.23 10.43 48.98
CA VAL F 410 45.95 10.72 50.38
C VAL F 410 44.67 10.00 50.79
N ARG F 411 44.72 9.30 51.92
CA ARG F 411 43.54 8.73 52.54
C ARG F 411 42.90 9.81 53.40
N GLU F 412 41.95 10.54 52.82
CA GLU F 412 41.35 11.69 53.48
C GLU F 412 40.53 11.27 54.69
N PHE F 423 38.61 8.55 59.99
CA PHE F 423 37.97 8.86 58.72
C PHE F 423 36.47 8.66 58.80
N LYS F 424 35.74 9.38 57.94
CA LYS F 424 34.28 9.29 57.91
C LYS F 424 33.89 7.99 57.20
N LYS F 425 34.00 6.89 57.93
CA LYS F 425 33.57 5.60 57.39
C LYS F 425 32.11 5.68 56.99
N GLN F 426 31.79 5.12 55.82
CA GLN F 426 30.47 5.26 55.23
C GLN F 426 29.88 3.88 54.94
N LYS F 427 28.74 3.89 54.25
CA LYS F 427 27.99 2.67 53.99
C LYS F 427 28.71 1.76 53.01
N THR F 428 28.59 0.45 53.24
CA THR F 428 29.03 -0.58 52.30
C THR F 428 28.01 -1.70 52.43
N HIS F 429 26.99 -1.67 51.57
CA HIS F 429 25.85 -2.57 51.66
C HIS F 429 25.81 -3.63 50.58
N THR F 430 26.90 -3.82 49.84
CA THR F 430 26.96 -4.90 48.87
C THR F 430 28.41 -5.34 48.69
N VAL F 431 28.57 -6.62 48.36
CA VAL F 431 29.86 -7.18 47.99
C VAL F 431 29.62 -8.09 46.79
N TYR F 432 29.96 -7.62 45.60
CA TYR F 432 29.79 -8.37 44.37
C TYR F 432 31.18 -8.72 43.84
N LYS F 433 31.51 -10.00 43.91
CA LYS F 433 32.78 -10.51 43.37
C LYS F 433 32.47 -11.17 42.04
N ARG F 434 32.63 -10.41 40.97
CA ARG F 434 32.30 -10.87 39.64
C ARG F 434 33.17 -12.06 39.25
N PRO F 435 32.83 -12.75 38.16
CA PRO F 435 33.67 -13.87 37.71
C PRO F 435 35.07 -13.38 37.35
N ASP F 436 36.06 -14.20 37.66
CA ASP F 436 37.47 -13.96 37.39
C ASP F 436 38.10 -12.94 38.32
N THR F 437 37.41 -12.52 39.38
CA THR F 437 38.03 -11.70 40.41
C THR F 437 38.59 -12.62 41.51
N GLN F 438 39.23 -12.02 42.51
CA GLN F 438 39.80 -12.78 43.60
C GLN F 438 39.54 -12.08 44.92
N SER F 439 39.23 -12.87 45.93
CA SER F 439 39.05 -12.40 47.29
C SER F 439 40.31 -12.70 48.09
N ILE F 440 40.72 -11.73 48.91
CA ILE F 440 41.92 -11.82 49.73
C ILE F 440 41.51 -11.55 51.17
N GLN F 441 41.73 -12.54 52.04
CA GLN F 441 41.46 -12.37 53.46
C GLN F 441 42.70 -12.68 54.28
N LYS F 442 43.02 -11.80 55.23
CA LYS F 442 44.14 -12.04 56.13
C LYS F 442 43.69 -12.99 57.23
N VAL F 443 44.21 -14.22 57.22
CA VAL F 443 43.81 -15.24 58.18
C VAL F 443 45.01 -15.66 59.01
N GLN F 444 44.79 -16.55 59.96
CA GLN F 444 45.87 -17.06 60.80
C GLN F 444 46.66 -18.10 60.02
N ALA F 445 47.99 -17.96 60.05
CA ALA F 445 48.88 -18.85 59.31
C ALA F 445 49.86 -19.61 60.20
N GLU F 446 49.92 -19.28 61.49
CA GLU F 446 50.83 -19.93 62.43
C GLU F 446 50.00 -20.56 63.55
N PHE F 447 49.91 -21.88 63.54
CA PHE F 447 49.16 -22.62 64.54
C PHE F 447 50.13 -23.43 65.41
N ASP F 448 50.01 -23.28 66.72
CA ASP F 448 50.90 -23.94 67.66
C ASP F 448 50.11 -24.60 68.79
N SER F 458 34.84 -45.98 70.34
CA SER F 458 34.74 -45.88 71.79
C SER F 458 33.43 -45.23 72.20
N GLY F 459 32.44 -45.26 71.31
CA GLY F 459 31.14 -44.69 71.59
C GLY F 459 30.00 -45.60 71.18
N LEU F 460 30.33 -46.74 70.56
CA LEU F 460 29.32 -47.69 70.14
C LEU F 460 28.59 -48.27 71.34
N SER F 461 27.28 -48.39 71.23
CA SER F 461 26.45 -48.92 72.31
C SER F 461 26.39 -50.44 72.24
N ILE F 462 26.26 -51.06 73.42
CA ILE F 462 26.18 -52.51 73.48
C ILE F 462 24.99 -53.05 72.71
N PRO F 463 23.77 -52.54 72.90
CA PRO F 463 22.64 -53.05 72.08
C PRO F 463 22.85 -52.87 70.59
N LEU F 464 23.38 -51.72 70.17
CA LEU F 464 23.62 -51.50 68.75
C LEU F 464 24.70 -52.45 68.23
N ARG F 465 25.78 -52.64 69.00
CA ARG F 465 26.83 -53.55 68.58
C ARG F 465 26.29 -54.98 68.44
N THR F 466 25.46 -55.41 69.38
CA THR F 466 24.85 -56.73 69.29
C THR F 466 23.96 -56.84 68.06
N ARG F 467 23.16 -55.80 67.80
CA ARG F 467 22.22 -55.85 66.67
C ARG F 467 22.96 -55.90 65.34
N ILE F 468 24.03 -55.12 65.20
CA ILE F 468 24.71 -55.01 63.90
C ILE F 468 25.19 -56.38 63.45
N LYS F 469 25.72 -57.18 64.37
CA LYS F 469 26.18 -58.52 64.05
C LYS F 469 25.09 -59.32 63.33
N PRO G 3 55.40 -24.63 11.99
CA PRO G 3 54.41 -25.47 12.67
C PRO G 3 54.63 -25.55 14.17
N VAL G 4 53.75 -24.90 14.95
CA VAL G 4 53.84 -24.89 16.39
C VAL G 4 52.48 -25.29 16.96
N TYR G 5 52.50 -25.96 18.10
CA TYR G 5 51.30 -26.52 18.71
C TYR G 5 51.11 -25.91 20.09
N VAL G 6 49.90 -25.38 20.35
CA VAL G 6 49.58 -24.74 21.62
C VAL G 6 48.50 -25.55 22.32
N ASP G 7 48.30 -25.25 23.60
CA ASP G 7 47.38 -25.97 24.47
C ASP G 7 46.09 -25.18 24.72
N ILE G 8 45.61 -24.47 23.71
CA ILE G 8 44.40 -23.64 23.83
C ILE G 8 43.42 -24.07 22.75
N ASP G 9 42.13 -24.07 23.10
CA ASP G 9 41.10 -24.40 22.14
C ASP G 9 41.06 -23.35 21.02
N ALA G 10 40.73 -23.79 19.82
CA ALA G 10 40.80 -22.93 18.64
C ALA G 10 39.79 -21.78 18.68
N ASP G 11 38.79 -21.84 19.55
CA ASP G 11 37.78 -20.79 19.64
C ASP G 11 38.19 -19.65 20.56
N SER G 12 39.37 -19.71 21.17
CA SER G 12 39.81 -18.70 22.12
C SER G 12 40.57 -17.57 21.42
N ALA G 13 40.29 -16.34 21.84
CA ALA G 13 40.97 -15.18 21.25
C ALA G 13 42.46 -15.21 21.53
N PHE G 14 42.88 -15.79 22.66
CA PHE G 14 44.30 -15.79 22.99
C PHE G 14 45.13 -16.54 21.95
N LEU G 15 44.53 -17.46 21.21
CA LEU G 15 45.26 -18.09 20.11
C LEU G 15 45.61 -17.07 19.04
N LYS G 16 44.66 -16.20 18.69
CA LYS G 16 44.94 -15.10 17.77
C LYS G 16 45.98 -14.16 18.36
N ALA G 17 45.86 -13.86 19.65
CA ALA G 17 46.84 -12.99 20.29
C ALA G 17 48.25 -13.58 20.20
N LEU G 18 48.37 -14.89 20.43
CA LEU G 18 49.66 -15.55 20.33
C LEU G 18 50.19 -15.51 18.89
N GLN G 19 49.33 -15.81 17.92
CA GLN G 19 49.74 -15.70 16.52
C GLN G 19 50.30 -14.31 16.23
N ARG G 20 49.61 -13.27 16.68
CA ARG G 20 50.09 -11.92 16.46
C ARG G 20 51.44 -11.69 17.16
N ALA G 21 51.58 -12.22 18.38
CA ALA G 21 52.80 -12.01 19.15
C ALA G 21 53.96 -12.91 18.73
N TYR G 22 53.69 -13.95 17.94
CA TYR G 22 54.73 -14.88 17.49
C TYR G 22 54.60 -15.08 15.99
N PRO G 23 54.97 -14.07 15.20
CA PRO G 23 54.90 -14.22 13.73
C PRO G 23 55.77 -15.33 13.18
N MET G 24 56.95 -15.57 13.77
CA MET G 24 57.88 -16.55 13.20
C MET G 24 57.39 -17.98 13.34
N PHE G 25 56.32 -18.22 14.10
CA PHE G 25 55.80 -19.56 14.32
C PHE G 25 54.38 -19.66 13.81
N GLU G 26 54.06 -20.78 13.16
CA GLU G 26 52.69 -21.11 12.81
C GLU G 26 52.07 -21.86 13.99
N VAL G 27 51.15 -21.23 14.69
CA VAL G 27 50.60 -21.74 15.94
C VAL G 27 49.21 -22.29 15.67
N GLU G 28 48.97 -23.52 16.11
CA GLU G 28 47.66 -24.15 15.98
C GLU G 28 47.21 -24.69 17.33
N PRO G 29 45.91 -24.66 17.60
CA PRO G 29 45.42 -25.11 18.90
C PRO G 29 45.62 -26.60 19.12
N ARG G 30 45.90 -26.97 20.38
CA ARG G 30 45.81 -28.36 20.82
C ARG G 30 45.50 -28.33 22.32
N GLN G 31 44.23 -28.44 22.67
CA GLN G 31 43.78 -28.38 24.06
C GLN G 31 43.24 -29.73 24.50
N VAL G 32 43.71 -30.22 25.65
CA VAL G 32 43.09 -31.38 26.27
C VAL G 32 42.70 -31.07 27.70
N THR G 33 43.69 -30.83 28.56
CA THR G 33 43.46 -30.69 30.00
C THR G 33 43.04 -29.29 30.43
N PRO G 34 43.79 -28.25 30.06
CA PRO G 34 43.65 -26.94 30.73
C PRO G 34 42.61 -26.03 30.08
N ASN G 35 42.02 -25.18 30.93
CA ASN G 35 41.23 -24.05 30.46
C ASN G 35 41.49 -22.76 31.22
N ASP G 36 42.21 -22.79 32.34
CA ASP G 36 42.47 -21.59 33.14
C ASP G 36 43.85 -21.00 32.86
N HIS G 37 44.91 -21.80 33.06
CA HIS G 37 46.28 -21.34 32.87
C HIS G 37 46.84 -21.70 31.50
N ALA G 38 45.97 -21.93 30.52
CA ALA G 38 46.44 -22.26 29.18
C ALA G 38 47.19 -21.11 28.55
N ASN G 39 46.74 -19.87 28.80
CA ASN G 39 47.37 -18.72 28.16
C ASN G 39 48.82 -18.57 28.60
N ALA G 40 49.06 -18.56 29.91
CA ALA G 40 50.42 -18.39 30.41
C ALA G 40 51.31 -19.55 29.99
N ARG G 41 50.79 -20.78 30.07
CA ARG G 41 51.58 -21.94 29.68
C ARG G 41 51.95 -21.87 28.20
N ALA G 42 50.99 -21.49 27.35
CA ALA G 42 51.27 -21.38 25.92
C ALA G 42 52.31 -20.30 25.64
N PHE G 43 52.18 -19.14 26.29
CA PHE G 43 53.15 -18.07 26.07
C PHE G 43 54.54 -18.51 26.52
N SER G 44 54.64 -19.16 27.68
CA SER G 44 55.94 -19.63 28.16
C SER G 44 56.53 -20.68 27.22
N HIS G 45 55.70 -21.60 26.71
CA HIS G 45 56.19 -22.62 25.80
C HIS G 45 56.68 -22.00 24.50
N LEU G 46 55.93 -21.04 23.95
CA LEU G 46 56.37 -20.39 22.71
C LEU G 46 57.65 -19.60 22.93
N ALA G 47 57.76 -18.92 24.07
CA ALA G 47 59.00 -18.21 24.37
C ALA G 47 60.17 -19.18 24.48
N ILE G 48 59.95 -20.32 25.13
CA ILE G 48 61.01 -21.32 25.27
C ILE G 48 61.43 -21.83 23.89
N LYS G 49 60.46 -22.10 23.02
CA LYS G 49 60.78 -22.58 21.67
C LYS G 49 61.55 -21.54 20.89
N LEU G 50 61.13 -20.28 20.95
CA LEU G 50 61.84 -19.23 20.23
C LEU G 50 63.26 -19.07 20.74
N ILE G 51 63.44 -19.13 22.07
CA ILE G 51 64.78 -19.03 22.65
C ILE G 51 65.64 -20.20 22.19
N GLU G 52 65.09 -21.41 22.22
CA GLU G 52 65.84 -22.58 21.79
C GLU G 52 66.27 -22.46 20.34
N GLN G 53 65.36 -22.02 19.47
CA GLN G 53 65.67 -21.93 18.05
C GLN G 53 66.76 -20.89 17.77
N GLU G 54 66.94 -19.93 18.68
CA GLU G 54 67.88 -18.84 18.48
C GLU G 54 69.09 -18.92 19.40
N ILE G 55 69.56 -20.14 19.71
CA ILE G 55 70.74 -20.33 20.53
C ILE G 55 71.58 -21.44 19.93
N ASP G 56 72.83 -21.51 20.38
CA ASP G 56 73.73 -22.57 19.92
C ASP G 56 73.30 -23.90 20.51
N PRO G 57 73.01 -24.92 19.70
CA PRO G 57 72.58 -26.20 20.26
C PRO G 57 73.61 -26.83 21.17
N ASP G 58 74.89 -26.50 21.00
CA ASP G 58 75.97 -27.06 21.81
C ASP G 58 76.48 -26.06 22.84
N SER G 59 75.59 -25.24 23.40
CA SER G 59 75.95 -24.25 24.40
C SER G 59 75.21 -24.55 25.70
N THR G 60 75.95 -24.60 26.79
CA THR G 60 75.34 -24.83 28.10
C THR G 60 74.54 -23.61 28.53
N ILE G 61 73.32 -23.84 28.99
CA ILE G 61 72.38 -22.77 29.31
C ILE G 61 71.84 -22.97 30.72
N LEU G 62 71.85 -21.91 31.52
CA LEU G 62 71.24 -21.95 32.83
C LEU G 62 69.72 -21.87 32.72
N ASP G 63 69.05 -22.26 33.81
CA ASP G 63 67.59 -22.27 33.85
C ASP G 63 67.11 -21.66 35.17
N ILE G 64 67.63 -20.47 35.50
CA ILE G 64 67.37 -19.80 36.77
C ILE G 64 65.90 -19.92 37.16
N GLY G 65 65.01 -19.73 36.20
CA GLY G 65 63.60 -19.98 36.44
C GLY G 65 63.34 -21.46 36.50
N SER G 66 63.89 -22.11 37.52
CA SER G 66 63.98 -23.57 37.54
C SER G 66 62.62 -24.19 37.78
N ALA G 67 62.15 -24.96 36.80
CA ALA G 67 61.01 -25.86 36.94
C ALA G 67 61.43 -27.21 36.37
N PRO G 68 62.32 -27.92 37.07
CA PRO G 68 62.93 -29.11 36.47
C PRO G 68 61.94 -30.14 35.99
N ALA G 69 60.77 -30.22 36.62
CA ALA G 69 59.74 -31.15 36.14
C ALA G 69 59.40 -30.89 34.69
N ARG G 70 59.37 -29.61 34.29
CA ARG G 70 59.07 -29.28 32.89
C ARG G 70 60.13 -29.82 31.95
N ARG G 71 61.41 -29.65 32.29
CA ARG G 71 62.52 -30.03 31.41
C ARG G 71 62.68 -31.54 31.43
N MET G 72 61.87 -32.21 30.62
CA MET G 72 61.97 -33.64 30.43
C MET G 72 62.12 -33.99 28.95
N MET G 73 61.74 -33.05 28.08
CA MET G 73 61.88 -33.23 26.65
C MET G 73 62.99 -32.38 26.04
N SER G 74 63.37 -31.30 26.71
CA SER G 74 64.44 -30.45 26.20
C SER G 74 65.76 -31.22 26.16
N ASP G 75 66.26 -31.48 24.96
CA ASP G 75 67.50 -32.22 24.77
C ASP G 75 68.74 -31.34 24.91
N ARG G 76 68.56 -30.04 25.10
CA ARG G 76 69.69 -29.13 25.22
C ARG G 76 70.31 -29.23 26.61
N LYS G 77 71.54 -28.72 26.73
CA LYS G 77 72.29 -28.78 27.98
C LYS G 77 71.65 -27.80 28.97
N TYR G 78 70.81 -28.32 29.85
CA TYR G 78 70.08 -27.52 30.82
C TYR G 78 70.68 -27.71 32.21
N HIS G 79 70.96 -26.60 32.89
CA HIS G 79 71.46 -26.61 34.27
C HIS G 79 70.43 -25.89 35.12
N CYS G 80 69.42 -26.62 35.59
CA CYS G 80 68.39 -26.04 36.43
C CYS G 80 68.97 -25.60 37.77
N VAL G 81 68.52 -24.45 38.26
CA VAL G 81 68.99 -23.89 39.51
C VAL G 81 67.80 -23.76 40.44
N CYS G 82 67.74 -24.61 41.47
CA CYS G 82 66.63 -24.61 42.42
C CYS G 82 67.16 -24.18 43.78
N PRO G 83 67.09 -22.89 44.13
CA PRO G 83 67.66 -22.44 45.40
C PRO G 83 66.97 -23.02 46.62
N MET G 84 65.75 -23.54 46.49
CA MET G 84 64.99 -24.05 47.63
C MET G 84 64.71 -22.93 48.64
N ARG G 85 64.02 -21.91 48.16
CA ARG G 85 63.70 -20.74 48.98
C ARG G 85 62.25 -20.67 49.41
N SER G 86 61.32 -21.15 48.58
CA SER G 86 59.90 -21.05 48.89
C SER G 86 59.39 -22.34 49.54
N ALA G 87 58.12 -22.32 49.93
CA ALA G 87 57.50 -23.49 50.52
C ALA G 87 57.17 -24.54 49.47
N GLU G 88 56.94 -24.11 48.23
CA GLU G 88 56.51 -25.01 47.16
C GLU G 88 57.67 -25.74 46.49
N ASP G 89 58.90 -25.23 46.59
CA ASP G 89 60.00 -25.85 45.86
C ASP G 89 60.11 -27.35 46.12
N PRO G 90 60.05 -27.84 47.36
CA PRO G 90 60.10 -29.29 47.56
C PRO G 90 59.03 -30.04 46.79
N GLU G 91 57.78 -29.57 46.81
CA GLU G 91 56.74 -30.21 46.02
C GLU G 91 57.21 -30.47 44.60
N ARG G 92 57.55 -29.40 43.87
CA ARG G 92 58.16 -29.57 42.56
C ARG G 92 59.23 -30.65 42.60
N LEU G 93 60.27 -30.45 43.42
CA LEU G 93 61.31 -31.46 43.56
C LEU G 93 60.70 -32.86 43.61
N ALA G 94 59.79 -33.09 44.56
CA ALA G 94 59.17 -34.40 44.69
C ALA G 94 58.72 -34.92 43.34
N ASN G 95 57.79 -34.23 42.68
CA ASN G 95 57.29 -34.73 41.42
C ASN G 95 58.41 -34.92 40.42
N TYR G 96 59.33 -33.95 40.36
CA TYR G 96 60.51 -34.11 39.52
C TYR G 96 61.12 -35.49 39.71
N ALA G 97 61.52 -35.80 40.95
CA ALA G 97 62.08 -37.12 41.21
C ALA G 97 61.13 -38.22 40.73
N ARG G 98 59.86 -38.15 41.14
CA ARG G 98 58.90 -39.13 40.68
C ARG G 98 58.89 -39.21 39.16
N LYS G 99 58.84 -38.06 38.49
CA LYS G 99 58.85 -38.08 37.03
C LYS G 99 60.09 -38.78 36.50
N LEU G 100 61.25 -38.47 37.08
CA LEU G 100 62.46 -39.19 36.68
C LEU G 100 62.27 -40.69 36.83
N ALA G 101 61.75 -41.12 37.98
CA ALA G 101 61.46 -42.54 38.16
C ALA G 101 60.48 -43.03 37.10
N SER G 102 59.45 -42.24 36.82
CA SER G 102 58.50 -42.62 35.78
C SER G 102 59.21 -42.79 34.44
N ALA G 103 60.24 -41.98 34.18
CA ALA G 103 61.01 -42.12 32.95
C ALA G 103 62.24 -43.00 33.14
N ALA G 104 62.50 -43.49 34.35
CA ALA G 104 63.71 -44.26 34.59
C ALA G 104 63.72 -45.58 33.84
N GLY G 105 62.57 -46.06 33.40
CA GLY G 105 62.51 -47.32 32.68
C GLY G 105 61.58 -47.31 31.49
N LYS G 106 61.40 -46.15 30.87
CA LYS G 106 60.54 -46.01 29.71
C LYS G 106 61.32 -45.66 28.44
N VAL G 107 62.09 -44.58 28.45
CA VAL G 107 62.80 -44.11 27.27
C VAL G 107 64.25 -43.85 27.62
N LEU G 108 65.10 -43.92 26.60
CA LEU G 108 66.54 -43.69 26.74
C LEU G 108 67.04 -42.69 25.71
N ASP G 109 66.28 -41.61 25.50
CA ASP G 109 66.66 -40.56 24.56
C ASP G 109 66.86 -39.20 25.19
N ARG G 110 66.33 -38.97 26.40
CA ARG G 110 66.41 -37.67 27.04
C ARG G 110 67.46 -37.62 28.15
N ASN G 111 68.35 -38.60 28.22
CA ASN G 111 69.41 -38.64 29.22
C ASN G 111 68.82 -38.72 30.62
N ILE G 112 67.95 -39.72 30.81
CA ILE G 112 67.32 -39.94 32.10
C ILE G 112 68.34 -40.39 33.14
N SER G 113 69.27 -41.25 32.73
CA SER G 113 70.29 -41.72 33.67
C SER G 113 71.15 -40.58 34.17
N GLY G 114 71.51 -39.64 33.28
CA GLY G 114 72.26 -38.49 33.71
C GLY G 114 71.51 -37.66 34.74
N LYS G 115 70.21 -37.42 34.50
CA LYS G 115 69.42 -36.64 35.44
C LYS G 115 69.35 -37.35 36.80
N ILE G 116 69.10 -38.66 36.79
CA ILE G 116 68.97 -39.38 38.05
C ILE G 116 70.30 -39.38 38.80
N GLY G 117 71.41 -39.59 38.09
CA GLY G 117 72.70 -39.54 38.75
C GLY G 117 73.03 -38.18 39.32
N ASP G 118 72.69 -37.12 38.57
CA ASP G 118 72.91 -35.77 39.07
C ASP G 118 72.09 -35.51 40.33
N LEU G 119 70.83 -35.94 40.34
CA LEU G 119 70.00 -35.76 41.53
C LEU G 119 70.55 -36.55 42.71
N GLN G 120 71.02 -37.78 42.47
CA GLN G 120 71.59 -38.58 43.54
C GLN G 120 72.85 -37.91 44.11
N ALA G 121 73.70 -37.38 43.22
CA ALA G 121 74.90 -36.69 43.69
C ALA G 121 74.53 -35.45 44.50
N VAL G 122 73.52 -34.70 44.06
CA VAL G 122 73.07 -33.54 44.81
C VAL G 122 72.56 -33.94 46.19
N MET G 123 71.78 -35.02 46.25
CA MET G 123 71.26 -35.48 47.52
C MET G 123 72.38 -35.91 48.45
N ALA G 124 73.39 -36.60 47.92
CA ALA G 124 74.53 -37.00 48.75
C ALA G 124 75.24 -35.78 49.33
N VAL G 125 75.45 -34.75 48.53
CA VAL G 125 76.07 -33.52 48.99
C VAL G 125 75.34 -32.33 48.36
N PRO G 126 74.69 -31.48 49.17
CA PRO G 126 73.89 -30.40 48.59
C PRO G 126 74.69 -29.45 47.71
N ASP G 127 75.94 -29.17 48.06
CA ASP G 127 76.74 -28.16 47.39
C ASP G 127 77.41 -28.67 46.12
N THR G 128 76.96 -29.80 45.56
CA THR G 128 77.51 -30.29 44.31
C THR G 128 77.20 -29.32 43.18
N GLU G 129 78.07 -29.30 42.18
CA GLU G 129 77.93 -28.45 41.01
C GLU G 129 77.58 -29.28 39.77
N THR G 130 76.69 -30.26 39.95
CA THR G 130 76.37 -31.18 38.87
C THR G 130 75.76 -30.42 37.69
N PRO G 131 75.98 -30.90 36.46
CA PRO G 131 75.60 -30.11 35.28
C PRO G 131 74.13 -29.71 35.23
N THR G 132 73.22 -30.59 35.65
CA THR G 132 71.79 -30.37 35.44
C THR G 132 71.02 -30.22 36.76
N PHE G 133 71.67 -29.71 37.81
CA PHE G 133 70.95 -29.47 39.05
C PHE G 133 71.89 -28.78 40.03
N CYS G 134 71.30 -27.99 40.93
CA CYS G 134 72.06 -27.35 41.99
C CYS G 134 71.08 -26.88 43.06
N LEU G 135 71.63 -26.46 44.20
CA LEU G 135 70.86 -25.95 45.33
C LEU G 135 71.39 -24.60 45.77
N HIS G 136 71.80 -23.78 44.82
CA HIS G 136 72.34 -22.46 45.10
C HIS G 136 71.53 -21.40 44.37
N THR G 137 71.42 -20.22 44.98
CA THR G 137 70.79 -19.11 44.31
C THR G 137 71.62 -18.69 43.09
N ASP G 138 70.95 -18.06 42.13
CA ASP G 138 71.64 -17.62 40.92
C ASP G 138 72.86 -16.78 41.27
N VAL G 139 72.78 -15.99 42.35
CA VAL G 139 73.94 -15.26 42.83
C VAL G 139 75.04 -16.21 43.27
N SER G 140 74.67 -17.27 44.00
CA SER G 140 75.63 -18.18 44.59
C SER G 140 75.94 -19.39 43.72
N CYS G 141 75.30 -19.53 42.56
CA CYS G 141 75.58 -20.67 41.70
C CYS G 141 77.00 -20.61 41.17
N ARG G 142 77.56 -21.79 40.88
CA ARG G 142 78.94 -21.90 40.42
C ARG G 142 79.09 -22.50 39.02
N GLN G 143 78.09 -23.20 38.52
CA GLN G 143 78.18 -23.79 37.18
C GLN G 143 78.35 -22.70 36.14
N ARG G 144 79.15 -22.98 35.11
CA ARG G 144 79.47 -22.02 34.07
C ARG G 144 78.78 -22.42 32.77
N ALA G 145 78.13 -21.47 32.13
CA ALA G 145 77.39 -21.72 30.90
C ALA G 145 77.63 -20.55 29.95
N ASP G 146 76.86 -20.51 28.87
CA ASP G 146 76.97 -19.46 27.86
C ASP G 146 75.76 -18.53 27.85
N VAL G 147 74.56 -19.08 27.70
CA VAL G 147 73.34 -18.28 27.66
C VAL G 147 72.44 -18.73 28.81
N ALA G 148 71.98 -17.76 29.60
CA ALA G 148 71.13 -18.01 30.76
C ALA G 148 69.72 -17.51 30.48
N ILE G 149 68.73 -18.32 30.84
CA ILE G 149 67.33 -18.00 30.62
C ILE G 149 66.63 -17.94 31.98
N TYR G 150 65.90 -16.84 32.20
CA TYR G 150 65.05 -16.70 33.37
C TYR G 150 63.62 -17.07 33.02
N GLN G 151 62.80 -17.24 34.05
CA GLN G 151 61.38 -17.58 33.85
C GLN G 151 60.63 -17.21 35.11
N ASP G 152 59.70 -16.26 35.00
CA ASP G 152 58.85 -15.83 36.10
C ASP G 152 59.68 -15.59 37.36
N VAL G 153 60.65 -14.69 37.23
CA VAL G 153 61.56 -14.33 38.31
C VAL G 153 61.34 -12.85 38.60
N TYR G 154 60.48 -12.55 39.56
CA TYR G 154 60.15 -11.17 39.92
C TYR G 154 60.55 -10.86 41.37
N ALA G 155 61.63 -11.47 41.85
CA ALA G 155 62.06 -11.27 43.23
C ALA G 155 63.56 -11.05 43.38
N VAL G 156 64.32 -11.03 42.30
CA VAL G 156 65.77 -10.86 42.36
C VAL G 156 66.15 -9.61 41.58
N HIS G 157 67.04 -8.80 42.16
CA HIS G 157 67.54 -7.62 41.48
C HIS G 157 68.15 -8.04 40.14
N ALA G 158 67.62 -7.50 39.05
CA ALA G 158 68.09 -7.87 37.73
C ALA G 158 69.56 -7.55 37.52
N PRO G 159 70.04 -6.33 37.83
CA PRO G 159 71.47 -6.05 37.63
C PRO G 159 72.38 -7.00 38.37
N THR G 160 72.06 -7.34 39.62
CA THR G 160 72.94 -8.18 40.41
C THR G 160 72.99 -9.60 39.88
N SER G 161 71.83 -10.18 39.56
CA SER G 161 71.81 -11.52 39.00
C SER G 161 72.52 -11.57 37.66
N LEU G 162 72.29 -10.57 36.80
CA LEU G 162 72.95 -10.54 35.50
C LEU G 162 74.46 -10.40 35.66
N TYR G 163 74.91 -9.58 36.60
CA TYR G 163 76.33 -9.40 36.85
C TYR G 163 76.96 -10.71 37.33
N HIS G 164 76.33 -11.36 38.32
CA HIS G 164 76.88 -12.59 38.85
C HIS G 164 76.79 -13.74 37.84
N GLN G 165 75.95 -13.59 36.82
CA GLN G 165 75.94 -14.58 35.74
C GLN G 165 77.02 -14.27 34.71
N ALA G 166 77.28 -12.98 34.46
CA ALA G 166 78.33 -12.59 33.54
C ALA G 166 79.70 -13.01 34.06
N ILE G 167 79.96 -12.79 35.35
CA ILE G 167 81.24 -13.22 35.91
C ILE G 167 81.42 -14.71 35.75
N LYS G 168 80.34 -15.46 35.64
CA LYS G 168 80.38 -16.88 35.31
C LYS G 168 80.32 -17.12 33.81
N GLY G 169 80.69 -16.14 33.00
CA GLY G 169 80.69 -16.28 31.56
C GLY G 169 79.32 -16.37 30.92
N VAL G 170 78.37 -15.54 31.34
CA VAL G 170 77.05 -15.48 30.74
C VAL G 170 77.03 -14.24 29.84
N ARG G 171 76.97 -14.47 28.53
CA ARG G 171 76.97 -13.39 27.56
C ARG G 171 75.57 -13.04 27.06
N LEU G 172 74.60 -13.93 27.24
CA LEU G 172 73.25 -13.72 26.78
C LEU G 172 72.28 -14.22 27.84
N ALA G 173 71.19 -13.49 28.03
CA ALA G 173 70.17 -13.88 29.01
C ALA G 173 68.80 -13.52 28.47
N TYR G 174 67.81 -14.32 28.84
CA TYR G 174 66.43 -14.07 28.48
C TYR G 174 65.59 -14.02 29.75
N TRP G 175 64.45 -13.34 29.66
CA TRP G 175 63.58 -13.10 30.81
C TRP G 175 62.14 -13.08 30.32
N VAL G 176 61.44 -14.20 30.50
CA VAL G 176 60.02 -14.32 30.19
C VAL G 176 59.24 -13.99 31.46
N GLY G 177 58.33 -13.03 31.37
CA GLY G 177 57.60 -12.64 32.55
C GLY G 177 56.47 -11.69 32.25
N PHE G 178 56.00 -11.02 33.31
CA PHE G 178 54.93 -10.04 33.17
C PHE G 178 55.52 -8.70 32.77
N ASP G 179 54.81 -7.99 31.88
CA ASP G 179 55.24 -6.67 31.48
C ASP G 179 55.37 -5.77 32.70
N THR G 180 56.48 -5.05 32.77
CA THR G 180 56.79 -4.19 33.92
C THR G 180 56.30 -2.76 33.75
N THR G 181 55.57 -2.47 32.67
CA THR G 181 55.06 -1.12 32.48
C THR G 181 54.17 -0.65 33.62
N PRO G 182 53.24 -1.47 34.15
CA PRO G 182 52.37 -0.98 35.23
C PRO G 182 53.13 -0.54 36.47
N PHE G 183 54.34 -1.07 36.71
CA PHE G 183 55.12 -0.67 37.87
C PHE G 183 56.05 0.50 37.61
N MET G 184 56.41 0.73 36.34
CA MET G 184 57.12 1.96 35.99
C MET G 184 56.19 3.16 35.99
N TYR G 185 54.90 2.95 35.76
CA TYR G 185 53.89 3.99 35.89
C TYR G 185 53.36 4.10 37.30
N ASN G 186 53.76 3.20 38.20
CA ASN G 186 53.40 3.25 39.61
C ASN G 186 51.89 3.21 39.80
N ALA G 187 51.30 2.10 39.37
CA ALA G 187 49.89 1.83 39.60
C ALA G 187 49.69 1.13 40.94
N MET G 188 48.64 1.54 41.66
CA MET G 188 48.34 0.90 42.94
C MET G 188 47.86 -0.53 42.73
N ALA G 189 46.92 -0.74 41.81
CA ALA G 189 46.40 -2.05 41.49
C ALA G 189 46.37 -2.21 39.97
N GLY G 190 46.26 -3.45 39.52
CA GLY G 190 46.21 -3.69 38.09
C GLY G 190 45.81 -5.11 37.79
N ALA G 191 45.56 -5.36 36.51
CA ALA G 191 45.11 -6.66 36.05
C ALA G 191 45.84 -7.05 34.78
N TYR G 192 45.90 -8.35 34.52
CA TYR G 192 46.39 -8.90 33.26
C TYR G 192 45.28 -9.81 32.72
N PRO G 193 44.13 -9.22 32.35
CA PRO G 193 42.92 -10.04 32.17
C PRO G 193 42.95 -10.84 30.89
N SER G 194 44.09 -11.48 30.63
CA SER G 194 44.17 -12.58 29.68
C SER G 194 45.00 -13.75 30.19
N TYR G 195 45.78 -13.56 31.27
CA TYR G 195 46.48 -14.62 31.95
C TYR G 195 45.86 -14.91 33.32
N SER G 196 44.63 -14.46 33.54
CA SER G 196 43.89 -14.71 34.78
C SER G 196 44.69 -14.24 35.99
N THR G 197 45.29 -13.06 35.88
CA THR G 197 46.10 -12.50 36.96
C THR G 197 45.59 -11.13 37.36
N ASN G 198 45.59 -10.88 38.66
CA ASN G 198 45.37 -9.55 39.21
C ASN G 198 46.53 -9.25 40.16
N TRP G 199 46.68 -7.98 40.52
CA TRP G 199 47.66 -7.64 41.54
C TRP G 199 47.23 -6.34 42.21
N ALA G 200 47.58 -6.22 43.49
CA ALA G 200 47.23 -5.02 44.24
C ALA G 200 48.32 -4.73 45.26
N ASP G 201 48.49 -3.43 45.54
CA ASP G 201 49.34 -3.02 46.64
C ASP G 201 48.69 -3.38 47.96
N GLU G 202 49.52 -3.82 48.92
CA GLU G 202 49.00 -4.28 50.21
C GLU G 202 48.10 -3.23 50.87
N GLN G 203 48.18 -1.97 50.46
CA GLN G 203 47.37 -0.91 51.05
C GLN G 203 45.97 -0.84 50.48
N VAL G 204 45.67 -1.60 49.44
CA VAL G 204 44.36 -1.59 48.81
C VAL G 204 43.72 -2.98 48.79
N LEU G 205 44.24 -3.90 49.60
CA LEU G 205 43.71 -5.25 49.64
C LEU G 205 42.30 -5.31 50.22
N LYS G 206 41.88 -4.26 50.93
CA LYS G 206 40.53 -4.18 51.49
C LYS G 206 39.67 -3.18 50.75
N ALA G 207 39.89 -3.04 49.45
CA ALA G 207 39.07 -2.18 48.60
C ALA G 207 37.88 -2.97 48.07
N LYS G 208 36.92 -2.27 47.47
CA LYS G 208 35.65 -2.87 47.08
C LYS G 208 35.66 -3.41 45.65
N ASN G 209 36.14 -2.62 44.68
CA ASN G 209 35.82 -2.88 43.28
C ASN G 209 36.96 -3.48 42.48
N ILE G 210 38.22 -3.34 42.91
CA ILE G 210 39.32 -3.88 42.12
C ILE G 210 39.21 -5.41 42.07
N GLY G 211 39.97 -6.00 41.14
CA GLY G 211 39.85 -7.42 40.90
C GLY G 211 40.59 -8.32 41.88
N LEU G 212 41.30 -7.74 42.85
CA LEU G 212 41.96 -8.49 43.92
C LEU G 212 41.75 -7.70 45.22
N CYS G 213 40.67 -8.02 45.92
CA CYS G 213 40.35 -7.31 47.16
C CYS G 213 39.24 -8.09 47.88
N SER G 214 38.98 -7.67 49.11
CA SER G 214 37.86 -8.23 49.88
C SER G 214 37.47 -7.19 50.91
N THR G 215 36.33 -6.54 50.69
CA THR G 215 35.84 -5.53 51.61
C THR G 215 34.88 -6.18 52.62
N ASP G 216 34.42 -5.39 53.58
CA ASP G 216 33.52 -5.86 54.62
C ASP G 216 32.24 -5.05 54.57
N LEU G 217 31.11 -5.72 54.84
CA LEU G 217 29.79 -5.08 54.77
C LEU G 217 29.56 -4.27 56.04
N THR G 218 30.29 -3.17 56.15
CA THR G 218 30.18 -2.29 57.30
C THR G 218 28.98 -1.37 57.16
N GLU G 219 28.48 -0.90 58.30
CA GLU G 219 27.38 0.05 58.34
C GLU G 219 27.85 1.49 58.29
N GLY G 220 29.15 1.73 58.15
CA GLY G 220 29.67 3.07 58.15
C GLY G 220 29.86 3.63 59.55
N ARG G 221 30.19 4.92 59.58
CA ARG G 221 30.41 5.62 60.85
C ARG G 221 30.41 7.13 60.63
N GLY G 230 47.81 7.85 59.12
CA GLY G 230 48.41 8.64 58.07
C GLY G 230 47.42 9.12 57.03
N LYS G 231 47.76 10.21 56.35
CA LYS G 231 46.92 10.77 55.30
C LYS G 231 47.57 10.72 53.92
N LYS G 232 48.39 9.72 53.64
CA LYS G 232 49.13 9.63 52.38
C LYS G 232 49.09 8.19 51.89
N LEU G 233 48.25 7.91 50.90
CA LEU G 233 48.17 6.60 50.27
C LEU G 233 49.03 6.63 49.00
N GLU G 234 50.20 6.01 49.06
CA GLU G 234 51.10 5.89 47.93
C GLU G 234 51.56 4.46 47.79
N PRO G 235 51.92 4.04 46.57
CA PRO G 235 52.38 2.66 46.38
C PRO G 235 53.58 2.36 47.27
N CYS G 236 53.57 1.16 47.84
CA CYS G 236 54.69 0.66 48.63
C CYS G 236 55.29 -0.56 47.96
N ASP G 237 56.42 -1.02 48.50
CA ASP G 237 57.21 -2.03 47.81
C ASP G 237 56.45 -3.34 47.69
N ARG G 238 55.73 -3.74 48.73
CA ARG G 238 55.08 -5.04 48.76
C ARG G 238 53.77 -5.00 47.98
N VAL G 239 53.66 -5.85 46.96
CA VAL G 239 52.43 -6.01 46.20
C VAL G 239 52.13 -7.50 46.13
N LEU G 240 50.87 -7.81 45.84
CA LEU G 240 50.40 -9.19 45.80
C LEU G 240 49.88 -9.50 44.40
N PHE G 241 50.28 -10.64 43.87
CA PHE G 241 49.85 -11.15 42.57
C PHE G 241 48.97 -12.37 42.78
N SER G 242 47.72 -12.29 42.36
CA SER G 242 46.84 -13.45 42.33
C SER G 242 46.81 -13.95 40.89
N VAL G 243 47.61 -14.98 40.62
CA VAL G 243 47.60 -15.66 39.33
C VAL G 243 46.57 -16.76 39.44
N GLY G 244 45.38 -16.52 38.91
CA GLY G 244 44.27 -17.42 39.12
C GLY G 244 43.92 -17.50 40.59
N SER G 245 44.21 -18.63 41.21
CA SER G 245 43.98 -18.82 42.64
C SER G 245 45.27 -18.89 43.44
N THR G 246 46.42 -18.66 42.81
CA THR G 246 47.71 -18.73 43.49
C THR G 246 48.18 -17.33 43.86
N LEU G 247 48.84 -17.22 45.01
CA LEU G 247 49.29 -15.95 45.53
C LEU G 247 50.81 -15.84 45.46
N TYR G 248 51.29 -14.65 45.10
CA TYR G 248 52.71 -14.38 44.97
C TYR G 248 53.02 -13.00 45.55
N PRO G 249 53.71 -12.92 46.69
CA PRO G 249 54.12 -11.62 47.23
C PRO G 249 55.37 -11.12 46.54
N GLU G 250 55.22 -10.08 45.73
CA GLU G 250 56.32 -9.52 44.96
C GLU G 250 56.68 -8.13 45.47
N SER G 251 57.82 -7.64 44.98
CA SER G 251 58.40 -6.37 45.41
C SER G 251 58.39 -5.38 44.25
N ARG G 252 57.92 -4.16 44.52
CA ARG G 252 57.94 -3.12 43.49
C ARG G 252 59.35 -2.85 43.01
N LYS G 253 60.30 -2.70 43.93
CA LYS G 253 61.65 -2.31 43.56
C LYS G 253 62.34 -3.40 42.75
N LEU G 254 62.01 -4.67 43.02
CA LEU G 254 62.56 -5.76 42.23
C LEU G 254 61.72 -6.07 41.00
N LEU G 255 60.53 -5.46 40.88
CA LEU G 255 59.82 -5.47 39.60
C LEU G 255 60.28 -4.31 38.73
N LYS G 256 60.47 -3.14 39.31
CA LYS G 256 61.09 -2.03 38.58
C LYS G 256 62.60 -2.22 38.60
N SER G 257 63.04 -3.43 38.28
CA SER G 257 64.45 -3.74 38.07
C SER G 257 64.72 -4.54 36.82
N TRP G 258 63.73 -5.27 36.29
CA TRP G 258 63.84 -5.92 35.00
C TRP G 258 63.31 -5.04 33.87
N HIS G 259 62.84 -3.85 34.19
CA HIS G 259 62.56 -2.82 33.19
C HIS G 259 63.87 -2.11 32.83
N LEU G 260 64.76 -2.89 32.23
CA LEU G 260 66.12 -2.41 32.00
C LEU G 260 66.14 -1.46 30.80
N PRO G 261 66.98 -0.44 30.84
CA PRO G 261 67.10 0.47 29.69
C PRO G 261 67.66 -0.26 28.48
N SER G 262 67.63 0.43 27.34
CA SER G 262 68.11 -0.17 26.11
C SER G 262 69.59 -0.51 26.20
N VAL G 263 70.39 0.39 26.76
CA VAL G 263 71.82 0.17 26.99
C VAL G 263 72.13 0.55 28.42
N PHE G 264 72.75 -0.37 29.16
CA PHE G 264 73.12 -0.13 30.54
C PHE G 264 74.49 -0.74 30.83
N HIS G 265 75.21 -0.11 31.76
CA HIS G 265 76.57 -0.50 32.10
C HIS G 265 76.60 -1.14 33.47
N LEU G 266 77.24 -2.30 33.57
CA LEU G 266 77.49 -2.99 34.83
C LEU G 266 78.97 -2.84 35.14
N LYS G 267 79.31 -1.90 36.02
CA LYS G 267 80.68 -1.52 36.30
C LYS G 267 81.07 -2.05 37.68
N GLY G 268 81.90 -3.09 37.70
CA GLY G 268 82.42 -3.64 38.95
C GLY G 268 83.84 -4.10 38.76
N LYS G 269 84.17 -5.26 39.34
CA LYS G 269 85.48 -5.85 39.09
C LYS G 269 85.65 -6.17 37.61
N LEU G 270 84.61 -6.68 36.98
CA LEU G 270 84.55 -6.84 35.53
C LEU G 270 83.49 -5.89 35.00
N SER G 271 83.88 -5.03 34.06
CA SER G 271 82.96 -4.06 33.48
C SER G 271 82.29 -4.63 32.24
N PHE G 272 81.02 -4.29 32.06
CA PHE G 272 80.25 -4.79 30.94
C PHE G 272 79.29 -3.71 30.43
N THR G 273 79.00 -3.76 29.13
CA THR G 273 77.93 -2.99 28.52
C THR G 273 76.91 -3.98 27.99
N CYS G 274 75.63 -3.70 28.24
CA CYS G 274 74.57 -4.66 27.97
C CYS G 274 73.38 -3.96 27.32
N ARG G 275 72.67 -4.68 26.46
CA ARG G 275 71.48 -4.17 25.80
C ARG G 275 70.30 -5.09 26.10
N CYS G 276 69.19 -4.50 26.52
CA CYS G 276 67.94 -5.21 26.72
C CYS G 276 66.93 -4.75 25.67
N ASP G 277 66.40 -5.71 24.92
CA ASP G 277 65.42 -5.42 23.88
C ASP G 277 64.27 -6.40 23.98
N THR G 278 63.05 -5.88 24.18
CA THR G 278 61.88 -6.71 24.32
C THR G 278 61.54 -7.34 22.97
N VAL G 279 61.69 -8.65 22.87
CA VAL G 279 61.47 -9.35 21.60
C VAL G 279 60.00 -9.66 21.39
N VAL G 280 59.35 -10.26 22.38
CA VAL G 280 57.95 -10.69 22.26
C VAL G 280 57.14 -9.97 23.32
N SER G 281 55.91 -9.60 22.97
CA SER G 281 55.00 -8.90 23.86
C SER G 281 53.56 -9.30 23.52
N CYS G 282 52.85 -9.86 24.49
CA CYS G 282 51.50 -10.37 24.26
C CYS G 282 50.63 -10.06 25.47
N GLU G 283 49.76 -9.07 25.34
CA GLU G 283 48.65 -8.84 26.28
C GLU G 283 49.10 -8.69 27.72
N GLY G 284 50.40 -8.48 27.95
CA GLY G 284 50.88 -8.30 29.31
C GLY G 284 52.16 -9.07 29.59
N TYR G 285 52.33 -10.21 28.93
CA TYR G 285 53.58 -10.94 29.04
C TYR G 285 54.61 -10.37 28.07
N VAL G 286 55.88 -10.47 28.46
CA VAL G 286 56.99 -10.00 27.65
C VAL G 286 58.13 -11.01 27.74
N VAL G 287 58.98 -10.98 26.71
CA VAL G 287 60.18 -11.83 26.64
C VAL G 287 61.35 -10.90 26.36
N LYS G 288 61.99 -10.42 27.42
CA LYS G 288 63.12 -9.52 27.29
C LYS G 288 64.39 -10.31 27.02
N ARG G 289 65.31 -9.68 26.29
CA ARG G 289 66.61 -10.27 25.96
C ARG G 289 67.70 -9.28 26.32
N ILE G 290 68.64 -9.70 27.16
CA ILE G 290 69.73 -8.85 27.61
C ILE G 290 71.04 -9.49 27.16
N THR G 291 71.83 -8.75 26.39
CA THR G 291 73.15 -9.20 25.95
C THR G 291 74.20 -8.57 26.84
N MET G 292 75.02 -9.42 27.47
CA MET G 292 76.02 -8.97 28.43
C MET G 292 77.40 -9.14 27.81
N SER G 293 78.20 -8.07 27.83
CA SER G 293 79.52 -8.09 27.23
C SER G 293 80.47 -7.20 28.02
N PRO G 294 81.71 -7.65 28.23
CA PRO G 294 82.67 -6.84 28.97
C PRO G 294 83.06 -5.58 28.22
N GLY G 295 83.56 -4.60 28.96
CA GLY G 295 83.95 -3.34 28.39
C GLY G 295 82.79 -2.37 28.26
N LEU G 296 83.12 -1.14 27.88
CA LEU G 296 82.14 -0.09 27.66
C LEU G 296 82.09 0.23 26.16
N TYR G 297 80.90 0.14 25.59
CA TYR G 297 80.73 0.16 24.14
C TYR G 297 79.76 1.27 23.72
N GLY G 298 79.95 2.46 24.27
CA GLY G 298 79.13 3.61 23.92
C GLY G 298 78.72 4.36 25.16
N LYS G 299 77.78 5.28 24.98
CA LYS G 299 77.23 6.07 26.07
C LYS G 299 75.81 5.61 26.35
N THR G 300 75.51 5.39 27.63
CA THR G 300 74.19 4.91 28.04
C THR G 300 73.24 6.10 28.11
N THR G 301 72.17 6.04 27.31
CA THR G 301 71.18 7.10 27.30
C THR G 301 70.26 7.06 28.50
N GLY G 302 70.18 5.94 29.19
CA GLY G 302 69.32 5.83 30.36
C GLY G 302 67.84 5.90 30.06
N TYR G 303 67.39 5.25 28.99
CA TYR G 303 66.00 5.26 28.59
C TYR G 303 65.54 3.84 28.34
N ALA G 304 64.35 3.52 28.86
CA ALA G 304 63.68 2.25 28.61
C ALA G 304 62.46 2.52 27.75
N VAL G 305 62.31 1.74 26.68
CA VAL G 305 61.27 1.94 25.68
C VAL G 305 60.36 0.71 25.70
N THR G 306 59.06 0.96 25.81
CA THR G 306 58.04 -0.09 25.76
C THR G 306 57.11 0.22 24.59
N HIS G 307 57.13 -0.63 23.57
CA HIS G 307 56.23 -0.46 22.43
C HIS G 307 54.89 -1.12 22.76
N HIS G 308 53.85 -0.31 22.86
CA HIS G 308 52.54 -0.80 23.28
C HIS G 308 51.82 -1.39 22.08
N ALA G 309 52.05 -2.68 21.83
CA ALA G 309 51.38 -3.36 20.73
C ALA G 309 49.88 -3.40 20.92
N ASP G 310 49.40 -3.22 22.15
CA ASP G 310 47.98 -3.11 22.43
C ASP G 310 47.78 -2.05 23.51
N GLY G 311 46.58 -1.49 23.54
CA GLY G 311 46.29 -0.40 24.45
C GLY G 311 46.66 -0.69 25.89
N PHE G 312 47.20 0.31 26.58
CA PHE G 312 47.53 0.22 27.99
C PHE G 312 46.85 1.39 28.70
N LEU G 313 45.85 1.08 29.53
CA LEU G 313 45.13 2.10 30.27
C LEU G 313 45.61 2.12 31.71
N MET G 314 45.69 3.31 32.29
CA MET G 314 45.97 3.45 33.71
C MET G 314 45.21 4.68 34.18
N CYS G 315 44.18 4.49 35.00
CA CYS G 315 43.31 5.58 35.41
CA CYS G 315 43.31 5.58 35.41
C CYS G 315 43.18 5.58 36.93
N LYS G 316 42.93 6.78 37.47
CA LYS G 316 42.75 6.96 38.91
C LYS G 316 41.28 6.76 39.24
N THR G 317 40.96 5.61 39.84
CA THR G 317 39.61 5.31 40.27
C THR G 317 39.46 5.60 41.76
N THR G 318 38.26 6.03 42.14
CA THR G 318 37.93 6.26 43.54
C THR G 318 37.24 5.03 44.10
N ASP G 319 37.71 4.58 45.27
CA ASP G 319 37.18 3.40 45.93
C ASP G 319 36.99 3.74 47.40
N THR G 320 36.61 2.72 48.18
CA THR G 320 36.52 2.85 49.62
C THR G 320 37.35 1.74 50.24
N VAL G 321 38.37 2.11 51.00
CA VAL G 321 39.26 1.17 51.67
C VAL G 321 38.96 1.23 53.16
N ASP G 322 38.60 0.09 53.74
CA ASP G 322 38.22 0.00 55.15
C ASP G 322 37.10 0.99 55.48
N GLY G 323 36.22 1.24 54.52
CA GLY G 323 35.12 2.16 54.71
C GLY G 323 35.44 3.62 54.53
N GLU G 324 36.69 3.96 54.22
CA GLU G 324 37.11 5.35 54.05
C GLU G 324 37.31 5.61 52.56
N ARG G 325 36.73 6.72 52.07
CA ARG G 325 36.78 7.03 50.66
C ARG G 325 38.19 7.49 50.27
N VAL G 326 38.77 6.86 49.25
CA VAL G 326 40.11 7.17 48.78
C VAL G 326 40.13 7.09 47.27
N SER G 327 41.25 7.52 46.68
CA SER G 327 41.46 7.46 45.25
C SER G 327 42.84 6.87 44.97
N PHE G 328 42.91 5.94 44.02
CA PHE G 328 44.18 5.34 43.65
C PHE G 328 44.11 4.85 42.22
N SER G 329 45.28 4.56 41.65
CA SER G 329 45.41 4.30 40.23
C SER G 329 45.41 2.79 39.96
N VAL G 330 44.63 2.39 38.96
CA VAL G 330 44.54 1.00 38.52
C VAL G 330 44.79 0.96 37.01
N CYS G 331 45.52 -0.06 36.56
CA CYS G 331 45.90 -0.19 35.17
C CYS G 331 45.40 -1.51 34.59
N THR G 332 45.33 -1.56 33.27
CA THR G 332 44.88 -2.74 32.55
C THR G 332 45.39 -2.67 31.12
N TYR G 333 45.34 -3.81 30.44
CA TYR G 333 45.81 -3.94 29.06
C TYR G 333 44.60 -4.22 28.16
N VAL G 334 44.09 -3.19 27.53
CA VAL G 334 42.97 -3.33 26.60
C VAL G 334 43.49 -3.98 25.31
N PRO G 335 42.69 -4.80 24.64
CA PRO G 335 43.13 -5.35 23.35
C PRO G 335 43.18 -4.28 22.28
N ALA G 336 44.02 -4.51 21.27
CA ALA G 336 44.21 -3.53 20.21
C ALA G 336 42.91 -3.27 19.44
N THR G 337 42.14 -4.32 19.15
CA THR G 337 40.92 -4.15 18.38
C THR G 337 39.91 -3.27 19.11
N ILE G 338 39.85 -3.38 20.44
CA ILE G 338 38.94 -2.55 21.20
C ILE G 338 39.30 -1.07 21.02
N CYS G 339 40.59 -0.76 21.11
CA CYS G 339 41.03 0.62 20.91
C CYS G 339 40.74 1.09 19.48
N ASP G 340 40.98 0.21 18.50
CA ASP G 340 40.71 0.57 17.11
C ASP G 340 39.24 0.93 16.92
N GLN G 341 38.34 0.07 17.39
CA GLN G 341 36.91 0.31 17.26
C GLN G 341 36.39 1.41 18.17
N MET G 342 37.15 1.81 19.18
CA MET G 342 36.77 2.93 20.03
C MET G 342 37.39 4.25 19.60
N THR G 343 38.27 4.22 18.59
CA THR G 343 38.83 5.47 18.07
C THR G 343 37.74 6.53 17.85
N GLY G 344 36.74 6.22 17.04
CA GLY G 344 35.74 7.21 16.70
C GLY G 344 34.96 7.71 17.90
N ILE G 345 34.50 6.78 18.75
CA ILE G 345 33.76 7.19 19.94
C ILE G 345 34.60 8.08 20.84
N LEU G 346 35.86 7.68 21.07
CA LEU G 346 36.76 8.50 21.86
C LEU G 346 37.02 9.85 21.23
N ALA G 347 36.78 9.96 19.91
CA ALA G 347 36.79 11.28 19.28
C ALA G 347 35.79 12.22 19.94
N THR G 348 34.74 11.68 20.56
CA THR G 348 33.71 12.47 21.22
C THR G 348 33.76 12.23 22.73
N GLU G 349 33.32 13.23 23.49
CA GLU G 349 33.15 13.05 24.92
C GLU G 349 32.11 11.97 25.17
N VAL G 350 32.53 10.85 25.75
CA VAL G 350 31.69 9.67 25.91
C VAL G 350 31.57 9.35 27.39
N THR G 351 30.34 9.10 27.84
CA THR G 351 30.09 8.80 29.23
C THR G 351 30.65 7.43 29.60
N PRO G 352 30.99 7.21 30.86
CA PRO G 352 31.37 5.86 31.29
C PRO G 352 30.27 4.85 31.04
N GLU G 353 29.01 5.25 31.21
CA GLU G 353 27.90 4.32 30.96
C GLU G 353 27.78 3.98 29.48
N ASP G 354 27.79 4.98 28.62
CA ASP G 354 27.67 4.73 27.19
C ASP G 354 28.92 4.03 26.66
N ALA G 355 30.09 4.41 27.17
CA ALA G 355 31.31 3.71 26.79
C ALA G 355 31.26 2.25 27.22
N GLN G 356 30.69 1.98 28.40
CA GLN G 356 30.51 0.61 28.86
C GLN G 356 29.58 -0.16 27.94
N LYS G 357 28.47 0.47 27.53
CA LYS G 357 27.54 -0.18 26.63
C LYS G 357 28.21 -0.51 25.29
N LEU G 358 28.96 0.43 24.73
CA LEU G 358 29.66 0.17 23.48
C LEU G 358 30.72 -0.91 23.66
N LEU G 359 31.41 -0.92 24.80
CA LEU G 359 32.41 -1.95 25.05
C LEU G 359 31.77 -3.33 25.14
N VAL G 360 30.62 -3.42 25.80
CA VAL G 360 29.90 -4.69 25.88
C VAL G 360 29.47 -5.14 24.49
N GLY G 361 28.92 -4.22 23.69
CA GLY G 361 28.54 -4.56 22.33
C GLY G 361 29.72 -5.04 21.50
N LEU G 362 30.87 -4.37 21.64
CA LEU G 362 32.06 -4.79 20.92
C LEU G 362 32.55 -6.15 21.37
N ASN G 363 32.43 -6.44 22.67
CA ASN G 363 32.82 -7.75 23.17
C ASN G 363 32.02 -8.85 22.50
N GLN G 364 30.73 -8.62 22.29
CA GLN G 364 29.88 -9.54 21.54
C GLN G 364 28.44 -9.05 21.53
N THR G 376 31.10 -15.71 23.37
CA THR G 376 32.46 -15.50 23.82
C THR G 376 32.75 -14.01 24.00
N ASN G 377 33.90 -13.70 24.60
CA ASN G 377 34.31 -12.33 24.85
C ASN G 377 35.76 -12.14 24.44
N THR G 378 36.12 -10.89 24.14
CA THR G 378 37.50 -10.54 23.83
C THR G 378 38.23 -9.95 25.02
N MET G 379 37.51 -9.23 25.88
CA MET G 379 38.05 -8.72 27.13
C MET G 379 37.10 -9.10 28.27
N LYS G 380 37.67 -9.51 29.39
CA LYS G 380 36.86 -9.95 30.52
C LYS G 380 36.01 -8.80 31.03
N ASN G 381 34.76 -9.11 31.40
CA ASN G 381 33.78 -8.06 31.67
C ASN G 381 34.00 -7.36 32.99
N TYR G 382 34.68 -7.99 33.96
CA TYR G 382 34.93 -7.31 35.22
C TYR G 382 35.88 -6.13 35.07
N MET G 383 36.57 -6.02 33.93
CA MET G 383 37.43 -4.88 33.63
C MET G 383 36.73 -3.78 32.85
N ILE G 384 35.71 -4.13 32.08
CA ILE G 384 34.96 -3.18 31.25
C ILE G 384 34.52 -1.98 32.08
N PRO G 385 33.99 -2.17 33.29
CA PRO G 385 33.56 -1.01 34.09
C PRO G 385 34.67 -0.01 34.34
N VAL G 386 35.92 -0.44 34.40
CA VAL G 386 37.03 0.47 34.64
C VAL G 386 37.68 0.92 33.33
N VAL G 387 37.70 0.05 32.32
CA VAL G 387 38.17 0.45 31.00
C VAL G 387 37.32 1.60 30.47
N ALA G 388 36.00 1.51 30.64
CA ALA G 388 35.11 2.57 30.17
C ALA G 388 35.38 3.88 30.89
N GLN G 389 35.59 3.83 32.20
CA GLN G 389 35.86 5.06 32.94
C GLN G 389 37.19 5.66 32.52
N ALA G 390 38.21 4.82 32.29
CA ALA G 390 39.49 5.32 31.81
C ALA G 390 39.33 5.98 30.44
N PHE G 391 38.59 5.34 29.54
CA PHE G 391 38.34 5.91 28.21
C PHE G 391 37.65 7.26 28.32
N SER G 392 36.63 7.34 29.17
CA SER G 392 35.88 8.58 29.30
C SER G 392 36.74 9.70 29.88
N LYS G 393 37.53 9.39 30.91
CA LYS G 393 38.39 10.40 31.51
C LYS G 393 39.44 10.86 30.50
N TRP G 394 40.00 9.93 29.73
CA TRP G 394 40.99 10.30 28.72
C TRP G 394 40.37 11.19 27.65
N ALA G 395 39.17 10.84 27.18
CA ALA G 395 38.51 11.66 26.17
C ALA G 395 38.21 13.06 26.71
N LYS G 396 37.73 13.15 27.95
CA LYS G 396 37.44 14.45 28.53
C LYS G 396 38.71 15.29 28.66
N GLU G 397 39.81 14.66 29.10
CA GLU G 397 41.07 15.39 29.22
C GLU G 397 41.56 15.85 27.85
N CYS G 398 41.44 15.00 26.84
CA CYS G 398 41.84 15.39 25.50
C CYS G 398 41.04 16.58 25.00
N ARG G 399 39.72 16.54 25.19
CA ARG G 399 38.89 17.67 24.77
C ARG G 399 39.25 18.94 25.53
N LYS G 400 39.44 18.84 26.84
CA LYS G 400 39.83 20.01 27.62
C LYS G 400 41.19 20.53 27.17
N ASP G 401 42.04 19.65 26.64
CA ASP G 401 43.30 20.08 26.05
C ASP G 401 43.06 20.85 24.76
N MET G 402 42.25 20.30 23.87
CA MET G 402 41.93 20.98 22.61
C MET G 402 41.08 22.21 22.80
N GLU G 403 40.48 22.39 23.98
CA GLU G 403 39.63 23.54 24.26
C GLU G 403 40.41 24.72 24.85
N ASP G 404 41.70 24.54 25.09
CA ASP G 404 42.56 25.63 25.59
C ASP G 404 43.92 25.48 24.94
N GLU G 405 44.43 26.57 24.37
CA GLU G 405 45.70 26.58 23.66
C GLU G 405 46.54 27.76 24.14
N LYS G 406 47.80 27.48 24.49
CA LYS G 406 48.71 28.49 25.01
C LYS G 406 49.65 28.96 23.90
N LEU G 407 50.61 29.81 24.27
CA LEU G 407 51.56 30.33 23.31
C LEU G 407 52.62 29.28 22.99
N LEU G 408 52.87 29.07 21.69
CA LEU G 408 53.88 28.12 21.27
C LEU G 408 55.27 28.61 21.64
N GLY G 409 56.17 27.65 21.89
CA GLY G 409 57.56 27.94 22.14
C GLY G 409 57.90 28.32 23.56
N VAL G 410 56.91 28.52 24.42
CA VAL G 410 57.15 28.97 25.79
C VAL G 410 56.44 28.02 26.74
N ARG G 411 57.16 27.57 27.77
CA ARG G 411 56.56 26.85 28.88
C ARG G 411 55.97 27.88 29.83
N GLU G 412 54.69 28.20 29.65
CA GLU G 412 54.04 29.24 30.43
C GLU G 412 53.91 28.83 31.89
N PHE G 423 55.26 26.43 37.61
CA PHE G 423 54.11 26.40 36.72
C PHE G 423 52.88 25.85 37.45
N LYS G 424 51.70 26.24 36.97
CA LYS G 424 50.45 25.78 37.57
C LYS G 424 50.18 24.35 37.12
N LYS G 425 50.87 23.41 37.76
CA LYS G 425 50.67 22.01 37.46
C LYS G 425 49.20 21.65 37.68
N GLN G 426 48.62 20.95 36.71
CA GLN G 426 47.18 20.68 36.70
C GLN G 426 46.94 19.17 36.76
N LYS G 427 45.66 18.81 36.61
CA LYS G 427 45.23 17.43 36.74
C LYS G 427 45.75 16.57 35.60
N THR G 428 46.06 15.31 35.93
CA THR G 428 46.38 14.27 34.94
C THR G 428 45.85 12.97 35.52
N HIS G 429 44.62 12.61 35.12
CA HIS G 429 43.91 11.51 35.75
C HIS G 429 43.79 10.28 34.85
N THR G 430 44.52 10.24 33.75
CA THR G 430 44.49 9.06 32.88
C THR G 430 45.80 8.97 32.12
N VAL G 431 46.16 7.74 31.75
CA VAL G 431 47.28 7.47 30.87
C VAL G 431 46.84 6.37 29.93
N TYR G 432 46.56 6.72 28.68
CA TYR G 432 46.12 5.78 27.66
C TYR G 432 47.19 5.71 26.59
N LYS G 433 47.89 4.58 26.54
CA LYS G 433 48.91 4.34 25.52
C LYS G 433 48.28 3.45 24.46
N ARG G 434 47.80 4.07 23.39
CA ARG G 434 47.11 3.35 22.34
C ARG G 434 48.06 2.37 21.64
N PRO G 435 47.51 1.46 20.85
CA PRO G 435 48.37 0.52 20.13
C PRO G 435 49.31 1.27 19.19
N ASP G 436 50.54 0.76 19.09
CA ASP G 436 51.60 1.30 18.22
C ASP G 436 52.23 2.57 18.79
N THR G 437 51.92 2.95 20.02
CA THR G 437 52.65 4.04 20.67
C THR G 437 53.83 3.47 21.45
N GLN G 438 54.60 4.35 22.08
CA GLN G 438 55.76 3.93 22.83
C GLN G 438 55.86 4.73 24.12
N SER G 439 56.18 4.03 25.21
CA SER G 439 56.46 4.64 26.49
C SER G 439 57.96 4.73 26.69
N ILE G 440 58.42 5.89 27.16
CA ILE G 440 59.83 6.16 27.39
C ILE G 440 60.00 6.57 28.85
N GLN G 441 60.76 5.78 29.60
CA GLN G 441 61.02 6.07 31.00
C GLN G 441 62.52 6.20 31.23
N LYS G 442 62.92 7.26 31.95
CA LYS G 442 64.32 7.46 32.30
C LYS G 442 64.65 6.60 33.52
N VAL G 443 65.46 5.56 33.31
CA VAL G 443 65.80 4.64 34.38
C VAL G 443 67.29 4.65 34.62
N GLN G 444 67.76 3.88 35.59
CA GLN G 444 69.17 3.81 35.90
C GLN G 444 69.86 2.90 34.89
N ALA G 445 70.99 3.36 34.34
CA ALA G 445 71.72 2.62 33.33
C ALA G 445 73.15 2.30 33.73
N GLU G 446 73.61 2.78 34.88
CA GLU G 446 74.97 2.54 35.36
C GLU G 446 74.89 1.89 36.73
N PHE G 447 75.20 0.60 36.80
CA PHE G 447 75.19 -0.15 38.04
C PHE G 447 76.60 -0.55 38.42
N ASP G 448 77.00 -0.23 39.65
CA ASP G 448 78.35 -0.51 40.12
C ASP G 448 78.32 -1.16 41.50
N SER G 458 71.76 -25.30 49.93
CA SER G 458 72.20 -24.97 51.28
C SER G 458 71.02 -24.60 52.17
N GLY G 459 69.83 -25.03 51.77
CA GLY G 459 68.63 -24.76 52.54
C GLY G 459 67.73 -25.98 52.68
N LEU G 460 68.11 -27.07 52.03
CA LEU G 460 67.33 -28.30 52.12
C LEU G 460 67.35 -28.85 53.54
N SER G 461 66.19 -29.31 54.01
CA SER G 461 66.06 -29.86 55.35
C SER G 461 66.42 -31.34 55.35
N ILE G 462 66.95 -31.80 56.50
CA ILE G 462 67.33 -33.21 56.61
C ILE G 462 66.13 -34.13 56.43
N PRO G 463 64.99 -33.92 57.10
CA PRO G 463 63.84 -34.80 56.85
C PRO G 463 63.39 -34.79 55.41
N LEU G 464 63.36 -33.62 54.77
CA LEU G 464 62.96 -33.56 53.37
C LEU G 464 63.96 -34.29 52.48
N ARG G 465 65.26 -34.10 52.73
CA ARG G 465 66.26 -34.80 51.94
C ARG G 465 66.13 -36.30 52.08
N THR G 466 65.89 -36.78 53.31
CA THR G 466 65.68 -38.21 53.51
C THR G 466 64.45 -38.70 52.78
N ARG G 467 63.35 -37.94 52.84
CA ARG G 467 62.10 -38.38 52.22
C ARG G 467 62.22 -38.42 50.70
N ILE G 468 62.88 -37.44 50.10
CA ILE G 468 62.91 -37.35 48.65
C ILE G 468 63.53 -38.60 48.04
N LYS G 469 64.60 -39.10 48.67
CA LYS G 469 65.26 -40.32 48.20
C LYS G 469 64.26 -41.46 48.02
N PRO H 3 60.11 -8.02 -12.15
CA PRO H 3 59.72 -8.96 -11.10
C PRO H 3 60.53 -8.79 -9.82
N VAL H 4 59.91 -8.28 -8.77
CA VAL H 4 60.56 -8.05 -7.48
C VAL H 4 59.71 -8.70 -6.39
N TYR H 5 60.38 -9.20 -5.36
CA TYR H 5 59.73 -9.93 -4.28
C TYR H 5 59.94 -9.18 -2.97
N VAL H 6 58.85 -8.94 -2.24
CA VAL H 6 58.90 -8.23 -0.97
C VAL H 6 58.46 -9.17 0.15
N ASP H 7 58.72 -8.73 1.38
CA ASP H 7 58.49 -9.53 2.59
C ASP H 7 57.25 -9.07 3.35
N ILE H 8 56.21 -8.68 2.63
CA ILE H 8 54.97 -8.18 3.23
C ILE H 8 53.80 -8.97 2.69
N ASP H 9 52.82 -9.24 3.55
CA ASP H 9 51.62 -9.94 3.13
C ASP H 9 50.84 -9.09 2.12
N ALA H 10 50.18 -9.78 1.18
CA ALA H 10 49.52 -9.11 0.07
C ALA H 10 48.34 -8.24 0.50
N ASP H 11 47.82 -8.42 1.70
CA ASP H 11 46.68 -7.65 2.17
C ASP H 11 47.07 -6.33 2.83
N SER H 12 48.36 -6.02 2.88
CA SER H 12 48.83 -4.80 3.53
C SER H 12 48.91 -3.64 2.54
N ALA H 13 48.47 -2.46 2.99
CA ALA H 13 48.50 -1.28 2.14
C ALA H 13 49.92 -0.88 1.77
N PHE H 14 50.90 -1.18 2.62
CA PHE H 14 52.27 -0.79 2.32
C PHE H 14 52.79 -1.44 1.05
N LEU H 15 52.24 -2.58 0.64
CA LEU H 15 52.63 -3.16 -0.64
C LEU H 15 52.21 -2.25 -1.79
N LYS H 16 50.98 -1.71 -1.72
CA LYS H 16 50.56 -0.72 -2.70
C LYS H 16 51.42 0.54 -2.64
N ALA H 17 51.75 0.97 -1.42
CA ALA H 17 52.59 2.16 -1.28
C ALA H 17 53.95 1.93 -1.94
N LEU H 18 54.54 0.74 -1.75
CA LEU H 18 55.80 0.42 -2.38
C LEU H 18 55.68 0.38 -3.90
N GLN H 19 54.62 -0.26 -4.42
CA GLN H 19 54.40 -0.24 -5.85
C GLN H 19 54.38 1.18 -6.38
N ARG H 20 53.65 2.07 -5.71
CA ARG H 20 53.61 3.46 -6.15
C ARG H 20 54.98 4.10 -6.09
N ALA H 21 55.75 3.80 -5.03
CA ALA H 21 57.05 4.42 -4.84
C ALA H 21 58.14 3.78 -5.70
N TYR H 22 57.88 2.61 -6.28
CA TYR H 22 58.86 1.90 -7.11
C TYR H 22 58.21 1.46 -8.41
N PRO H 23 57.92 2.41 -9.31
CA PRO H 23 57.32 2.04 -10.60
C PRO H 23 58.20 1.12 -11.44
N MET H 24 59.52 1.28 -11.38
CA MET H 24 60.41 0.52 -12.24
C MET H 24 60.44 -0.97 -11.91
N PHE H 25 59.87 -1.37 -10.78
CA PHE H 25 59.89 -2.77 -10.35
C PHE H 25 58.47 -3.28 -10.20
N GLU H 26 58.26 -4.53 -10.59
CA GLU H 26 57.01 -5.24 -10.31
C GLU H 26 57.17 -5.95 -8.97
N VAL H 27 56.47 -5.46 -7.95
CA VAL H 27 56.64 -5.91 -6.57
C VAL H 27 55.48 -6.83 -6.21
N GLU H 28 55.80 -8.00 -5.70
CA GLU H 28 54.80 -8.95 -5.26
C GLU H 28 55.09 -9.39 -3.83
N PRO H 29 54.05 -9.64 -3.03
CA PRO H 29 54.27 -10.01 -1.62
C PRO H 29 54.95 -11.36 -1.47
N ARG H 30 55.81 -11.46 -0.45
CA ARG H 30 56.30 -12.75 0.05
C ARG H 30 56.61 -12.57 1.53
N GLN H 31 55.67 -12.95 2.39
CA GLN H 31 55.82 -12.80 3.84
C GLN H 31 55.91 -14.16 4.50
N VAL H 32 56.93 -14.35 5.34
CA VAL H 32 56.99 -15.53 6.19
C VAL H 32 57.15 -15.13 7.65
N THR H 33 58.29 -14.52 7.99
CA THR H 33 58.63 -14.25 9.38
C THR H 33 58.05 -12.93 9.92
N PRO H 34 58.25 -11.81 9.23
CA PRO H 34 58.01 -10.51 9.87
C PRO H 34 56.58 -9.99 9.73
N ASN H 35 56.18 -9.20 10.72
CA ASN H 35 54.97 -8.40 10.61
C ASN H 35 55.13 -6.98 11.16
N ASP H 36 56.21 -6.66 11.87
CA ASP H 36 56.40 -5.33 12.45
C ASP H 36 57.34 -4.47 11.60
N HIS H 37 58.56 -4.95 11.36
CA HIS H 37 59.56 -4.19 10.60
C HIS H 37 59.60 -4.60 9.13
N ALA H 38 58.52 -5.18 8.62
CA ALA H 38 58.51 -5.57 7.21
C ALA H 38 58.57 -4.36 6.29
N ASN H 39 57.93 -3.26 6.67
CA ASN H 39 57.88 -2.09 5.80
C ASN H 39 59.28 -1.52 5.56
N ALA H 40 60.01 -1.26 6.64
CA ALA H 40 61.34 -0.67 6.50
C ALA H 40 62.29 -1.63 5.78
N ARG H 41 62.22 -2.92 6.11
CA ARG H 41 63.08 -3.90 5.45
C ARG H 41 62.79 -3.96 3.95
N ALA H 42 61.51 -3.95 3.57
CA ALA H 42 61.14 -4.00 2.17
C ALA H 42 61.61 -2.74 1.45
N PHE H 43 61.43 -1.57 2.05
CA PHE H 43 61.88 -0.34 1.42
C PHE H 43 63.39 -0.35 1.23
N SER H 44 64.13 -0.77 2.26
CA SER H 44 65.58 -0.83 2.14
C SER H 44 66.02 -1.82 1.06
N HIS H 45 65.35 -2.97 0.99
CA HIS H 45 65.70 -3.96 -0.02
C HIS H 45 65.44 -3.43 -1.42
N LEU H 46 64.29 -2.77 -1.62
CA LEU H 46 63.98 -2.23 -2.93
C LEU H 46 64.96 -1.12 -3.32
N ALA H 47 65.32 -0.27 -2.35
CA ALA H 47 66.31 0.77 -2.63
C ALA H 47 67.65 0.15 -2.99
N ILE H 48 68.05 -0.90 -2.29
CA ILE H 48 69.32 -1.57 -2.60
C ILE H 48 69.28 -2.15 -4.00
N LYS H 49 68.17 -2.79 -4.36
CA LYS H 49 68.05 -3.36 -5.70
C LYS H 49 68.12 -2.29 -6.77
N LEU H 50 67.40 -1.18 -6.56
CA LEU H 50 67.42 -0.09 -7.54
C LEU H 50 68.82 0.49 -7.68
N ILE H 51 69.52 0.68 -6.56
CA ILE H 51 70.87 1.21 -6.62
C ILE H 51 71.80 0.25 -7.37
N GLU H 52 71.68 -1.05 -7.07
CA GLU H 52 72.50 -2.04 -7.75
C GLU H 52 72.25 -2.04 -9.25
N GLN H 53 70.97 -1.96 -9.65
CA GLN H 53 70.63 -2.03 -11.06
C GLN H 53 71.02 -0.76 -11.81
N GLU H 54 71.41 0.30 -11.10
CA GLU H 54 71.86 1.54 -11.70
C GLU H 54 73.32 1.87 -11.36
N ILE H 55 74.18 0.86 -11.24
CA ILE H 55 75.59 1.06 -10.99
C ILE H 55 76.40 0.12 -11.88
N ASP H 56 77.68 0.45 -12.03
CA ASP H 56 78.58 -0.41 -12.80
C ASP H 56 78.84 -1.71 -12.06
N PRO H 57 78.56 -2.87 -12.65
CA PRO H 57 78.78 -4.13 -11.92
C PRO H 57 80.24 -4.34 -11.53
N ASP H 58 81.18 -3.70 -12.22
CA ASP H 58 82.61 -3.84 -11.94
C ASP H 58 83.17 -2.60 -11.26
N SER H 59 82.40 -1.96 -10.40
CA SER H 59 82.83 -0.77 -9.67
C SER H 59 82.77 -1.06 -8.17
N THR H 60 83.87 -0.77 -7.48
CA THR H 60 83.92 -0.97 -6.04
C THR H 60 83.04 0.07 -5.34
N ILE H 61 82.23 -0.40 -4.39
CA ILE H 61 81.23 0.43 -3.74
C ILE H 61 81.40 0.30 -2.23
N LEU H 62 81.41 1.44 -1.54
CA LEU H 62 81.42 1.43 -0.08
C LEU H 62 80.03 1.13 0.45
N ASP H 63 79.99 0.74 1.74
CA ASP H 63 78.74 0.37 2.41
C ASP H 63 78.69 1.02 3.79
N ILE H 64 78.94 2.33 3.84
CA ILE H 64 79.04 3.08 5.09
C ILE H 64 77.95 2.65 6.06
N GLY H 65 76.72 2.50 5.57
CA GLY H 65 75.66 1.94 6.39
C GLY H 65 75.88 0.46 6.59
N SER H 66 76.97 0.12 7.27
CA SER H 66 77.47 -1.25 7.26
C SER H 66 76.58 -2.16 8.12
N ALA H 67 75.97 -3.15 7.46
CA ALA H 67 75.32 -4.28 8.13
C ALA H 67 75.83 -5.54 7.47
N PRO H 68 77.09 -5.90 7.71
CA PRO H 68 77.71 -6.97 6.91
C PRO H 68 76.94 -8.28 6.93
N ALA H 69 76.22 -8.56 8.01
CA ALA H 69 75.39 -9.76 8.05
C ALA H 69 74.43 -9.80 6.87
N ARG H 70 73.89 -8.64 6.48
CA ARG H 70 72.97 -8.59 5.35
C ARG H 70 73.66 -8.99 4.05
N ARG H 71 74.86 -8.46 3.81
CA ARG H 71 75.57 -8.68 2.55
C ARG H 71 76.14 -10.08 2.53
N MET H 72 75.30 -11.04 2.13
CA MET H 72 75.71 -12.42 1.95
C MET H 72 75.39 -12.90 0.53
N MET H 73 74.42 -12.25 -0.11
CA MET H 73 74.03 -12.59 -1.47
C MET H 73 74.50 -11.57 -2.50
N SER H 74 74.77 -10.33 -2.09
CA SER H 74 75.25 -9.32 -3.02
C SER H 74 76.61 -9.73 -3.58
N ASP H 75 76.64 -10.03 -4.88
CA ASP H 75 77.86 -10.47 -5.53
C ASP H 75 78.74 -9.31 -5.97
N ARG H 76 78.31 -8.08 -5.75
CA ARG H 76 79.08 -6.91 -6.15
C ARG H 76 80.21 -6.66 -5.16
N LYS H 77 81.17 -5.84 -5.59
CA LYS H 77 82.33 -5.53 -4.76
C LYS H 77 81.91 -4.61 -3.62
N TYR H 78 81.67 -5.19 -2.45
CA TYR H 78 81.19 -4.47 -1.29
C TYR H 78 82.33 -4.31 -0.29
N HIS H 79 82.52 -3.08 0.20
CA HIS H 79 83.50 -2.76 1.23
C HIS H 79 82.76 -2.21 2.43
N CYS H 80 82.29 -3.09 3.30
CA CYS H 80 81.56 -2.67 4.49
C CYS H 80 82.48 -1.91 5.43
N VAL H 81 81.95 -0.87 6.04
CA VAL H 81 82.69 -0.02 6.97
C VAL H 81 81.99 -0.08 8.31
N CYS H 82 82.62 -0.74 9.29
CA CYS H 82 82.05 -0.89 10.62
C CYS H 82 82.93 -0.16 11.64
N PRO H 83 82.64 1.11 11.94
CA PRO H 83 83.53 1.86 12.85
C PRO H 83 83.57 1.31 14.27
N MET H 84 82.60 0.49 14.67
CA MET H 84 82.52 -0.01 16.04
C MET H 84 82.37 1.14 17.03
N ARG H 85 81.28 1.88 16.87
CA ARG H 85 81.00 3.03 17.71
C ARG H 85 79.88 2.80 18.71
N SER H 86 78.86 2.01 18.35
CA SER H 86 77.73 1.77 19.22
C SER H 86 77.92 0.49 20.02
N ALA H 87 77.02 0.27 20.98
CA ALA H 87 77.08 -0.94 21.80
C ALA H 87 76.67 -2.17 21.00
N GLU H 88 75.79 -2.00 20.03
CA GLU H 88 75.26 -3.11 19.25
C GLU H 88 76.23 -3.59 18.17
N ASP H 89 77.22 -2.80 17.79
CA ASP H 89 78.10 -3.17 16.69
C ASP H 89 78.68 -4.57 16.87
N PRO H 90 79.25 -4.94 18.03
CA PRO H 90 79.76 -6.31 18.17
C PRO H 90 78.71 -7.37 17.90
N GLU H 91 77.50 -7.23 18.43
CA GLU H 91 76.44 -8.20 18.16
C GLU H 91 76.38 -8.52 16.68
N ARG H 92 76.10 -7.52 15.85
CA ARG H 92 76.17 -7.69 14.40
C ARG H 92 77.43 -8.47 14.02
N LEU H 93 78.60 -7.90 14.32
CA LEU H 93 79.85 -8.59 14.04
C LEU H 93 79.73 -10.08 14.39
N ALA H 94 79.38 -10.37 15.64
CA ALA H 94 79.26 -11.77 16.07
C ALA H 94 78.49 -12.58 15.05
N ASN H 95 77.21 -12.23 14.83
CA ASN H 95 76.42 -13.04 13.91
C ASN H 95 77.06 -13.07 12.53
N TYR H 96 77.55 -11.91 12.06
CA TYR H 96 78.30 -11.89 10.81
C TYR H 96 79.31 -13.04 10.77
N ALA H 97 80.23 -13.06 11.73
CA ALA H 97 81.20 -14.16 11.77
C ALA H 97 80.49 -15.51 11.76
N ARG H 98 79.53 -15.69 12.67
CA ARG H 98 78.78 -16.94 12.68
C ARG H 98 78.21 -17.24 11.31
N LYS H 99 77.56 -16.25 10.70
CA LYS H 99 76.98 -16.48 9.37
C LYS H 99 78.05 -16.92 8.39
N LEU H 100 79.21 -16.25 8.40
CA LEU H 100 80.31 -16.70 7.55
C LEU H 100 80.63 -18.16 7.82
N ALA H 101 80.76 -18.53 9.09
CA ALA H 101 80.99 -19.94 9.41
C ALA H 101 79.86 -20.80 8.89
N SER H 102 78.61 -20.33 9.07
CA SER H 102 77.47 -21.08 8.54
C SER H 102 77.59 -21.28 7.03
N ALA H 103 78.16 -20.29 6.34
CA ALA H 103 78.39 -20.41 4.90
C ALA H 103 79.78 -20.91 4.55
N ALA H 104 80.64 -21.12 5.55
CA ALA H 104 82.01 -21.53 5.28
C ALA H 104 82.09 -22.88 4.60
N GLY H 105 81.07 -23.72 4.73
CA GLY H 105 81.10 -25.04 4.13
C GLY H 105 79.79 -25.43 3.46
N LYS H 106 79.06 -24.45 2.94
CA LYS H 106 77.79 -24.71 2.25
C LYS H 106 77.86 -24.37 0.77
N VAL H 107 78.23 -23.15 0.42
CA VAL H 107 78.22 -22.69 -0.96
C VAL H 107 79.56 -22.03 -1.29
N LEU H 108 79.89 -22.01 -2.58
CA LEU H 108 81.13 -21.41 -3.07
C LEU H 108 80.85 -20.48 -4.24
N ASP H 109 79.79 -19.67 -4.13
CA ASP H 109 79.44 -18.71 -5.16
C ASP H 109 79.48 -17.26 -4.70
N ARG H 110 79.44 -17.00 -3.39
CA ARG H 110 79.40 -15.64 -2.87
C ARG H 110 80.74 -15.18 -2.31
N ASN H 111 81.83 -15.88 -2.62
CA ASN H 111 83.17 -15.51 -2.17
C ASN H 111 83.23 -15.53 -0.64
N ILE H 112 82.83 -16.68 -0.08
CA ILE H 112 82.87 -16.85 1.37
C ILE H 112 84.30 -16.88 1.89
N SER H 113 85.21 -17.53 1.15
CA SER H 113 86.60 -17.60 1.58
C SER H 113 87.22 -16.22 1.63
N GLY H 114 86.91 -15.37 0.65
CA GLY H 114 87.42 -14.00 0.70
C GLY H 114 86.94 -13.25 1.93
N LYS H 115 85.65 -13.37 2.25
CA LYS H 115 85.12 -12.69 3.42
C LYS H 115 85.79 -13.19 4.69
N ILE H 116 85.93 -14.52 4.83
CA ILE H 116 86.54 -15.06 6.05
C ILE H 116 87.99 -14.62 6.16
N GLY H 117 88.74 -14.66 5.06
CA GLY H 117 90.12 -14.21 5.10
C GLY H 117 90.24 -12.74 5.44
N ASP H 118 89.36 -11.92 4.89
CA ASP H 118 89.37 -10.50 5.21
C ASP H 118 89.08 -10.27 6.69
N LEU H 119 88.11 -10.99 7.24
CA LEU H 119 87.82 -10.86 8.66
C LEU H 119 89.01 -11.31 9.52
N GLN H 120 89.66 -12.40 9.14
CA GLN H 120 90.83 -12.85 9.89
C GLN H 120 91.95 -11.81 9.84
N ALA H 121 92.17 -11.22 8.66
CA ALA H 121 93.19 -10.18 8.54
C ALA H 121 92.84 -8.97 9.41
N VAL H 122 91.56 -8.59 9.44
CA VAL H 122 91.14 -7.48 10.28
C VAL H 122 91.38 -7.80 11.75
N MET H 123 91.04 -9.02 12.16
CA MET H 123 91.24 -9.41 13.55
C MET H 123 92.72 -9.39 13.92
N ALA H 124 93.57 -9.86 13.02
CA ALA H 124 95.01 -9.84 13.28
C ALA H 124 95.51 -8.42 13.48
N VAL H 125 95.05 -7.49 12.63
CA VAL H 125 95.43 -6.08 12.74
C VAL H 125 94.20 -5.22 12.47
N PRO H 126 93.71 -4.47 13.44
CA PRO H 126 92.47 -3.71 13.22
C PRO H 126 92.56 -2.72 12.06
N ASP H 127 93.71 -2.10 11.85
CA ASP H 127 93.85 -1.04 10.86
C ASP H 127 94.08 -1.56 9.44
N THR H 128 93.76 -2.82 9.18
CA THR H 128 93.88 -3.35 7.83
C THR H 128 92.87 -2.65 6.91
N GLU H 129 93.25 -2.54 5.63
CA GLU H 129 92.41 -1.93 4.62
C GLU H 129 91.85 -2.98 3.66
N THR H 130 91.43 -4.11 4.21
CA THR H 130 90.98 -5.22 3.39
C THR H 130 89.76 -4.81 2.56
N PRO H 131 89.59 -5.40 1.38
CA PRO H 131 88.55 -4.90 0.46
C PRO H 131 87.14 -4.89 1.02
N THR H 132 86.77 -5.89 1.82
CA THR H 132 85.38 -6.06 2.25
C THR H 132 85.20 -5.91 3.76
N PHE H 133 86.04 -5.12 4.42
CA PHE H 133 85.84 -4.89 5.84
C PHE H 133 86.86 -3.86 6.31
N CYS H 134 86.48 -3.10 7.33
CA CYS H 134 87.37 -2.14 7.95
C CYS H 134 86.81 -1.78 9.32
N LEU H 135 87.64 -1.11 10.13
CA LEU H 135 87.28 -0.66 11.46
C LEU H 135 87.52 0.84 11.61
N HIS H 136 87.29 1.58 10.54
CA HIS H 136 87.49 3.02 10.51
C HIS H 136 86.18 3.72 10.18
N THR H 137 85.98 4.89 10.76
CA THR H 137 84.83 5.70 10.39
C THR H 137 84.95 6.14 8.93
N ASP H 138 83.81 6.44 8.33
CA ASP H 138 83.81 6.85 6.93
C ASP H 138 84.78 8.01 6.70
N VAL H 139 84.89 8.91 7.68
CA VAL H 139 85.89 9.97 7.61
C VAL H 139 87.30 9.38 7.59
N SER H 140 87.55 8.38 8.44
CA SER H 140 88.89 7.82 8.62
C SER H 140 89.17 6.62 7.72
N CYS H 141 88.18 6.14 6.97
CA CYS H 141 88.41 4.99 6.10
C CYS H 141 89.40 5.35 5.00
N ARG H 142 90.12 4.33 4.52
CA ARG H 142 91.16 4.51 3.52
C ARG H 142 90.90 3.80 2.21
N GLN H 143 90.02 2.79 2.19
CA GLN H 143 89.75 2.07 0.95
C GLN H 143 89.16 3.01 -0.09
N ARG H 144 89.53 2.79 -1.35
CA ARG H 144 89.11 3.64 -2.46
C ARG H 144 88.11 2.89 -3.32
N ALA H 145 87.01 3.55 -3.67
CA ALA H 145 85.95 2.95 -4.47
C ALA H 145 85.44 3.99 -5.45
N ASP H 146 84.31 3.67 -6.10
CA ASP H 146 83.71 4.56 -7.09
C ASP H 146 82.38 5.14 -6.60
N VAL H 147 81.44 4.29 -6.21
CA VAL H 147 80.12 4.73 -5.75
C VAL H 147 79.94 4.28 -4.31
N ALA H 148 79.56 5.21 -3.43
CA ALA H 148 79.39 4.94 -2.01
C ALA H 148 77.90 4.97 -1.67
N ILE H 149 77.47 4.01 -0.88
CA ILE H 149 76.07 3.88 -0.47
C ILE H 149 75.99 4.03 1.05
N TYR H 150 75.08 4.89 1.50
CA TYR H 150 74.76 5.02 2.91
C TYR H 150 73.47 4.26 3.21
N GLN H 151 73.23 4.02 4.50
CA GLN H 151 72.03 3.33 4.92
C GLN H 151 71.77 3.67 6.38
N ASP H 152 70.64 4.33 6.65
CA ASP H 152 70.24 4.69 8.00
C ASP H 152 71.39 5.32 8.79
N VAL H 153 71.93 6.38 8.21
CA VAL H 153 73.05 7.12 8.80
C VAL H 153 72.54 8.52 9.10
N TYR H 154 72.08 8.74 10.33
CA TYR H 154 71.54 10.02 10.76
C TYR H 154 72.38 10.65 11.86
N ALA H 155 73.68 10.37 11.88
CA ALA H 155 74.54 10.87 12.94
C ALA H 155 75.84 11.50 12.44
N VAL H 156 76.09 11.53 11.13
CA VAL H 156 77.32 12.05 10.58
C VAL H 156 76.98 13.25 9.69
N HIS H 157 77.75 14.32 9.83
CA HIS H 157 77.58 15.48 8.97
C HIS H 157 77.70 15.05 7.50
N ALA H 158 76.63 15.27 6.74
CA ALA H 158 76.63 14.83 5.35
C ALA H 158 77.73 15.50 4.53
N PRO H 159 77.91 16.82 4.58
CA PRO H 159 78.98 17.44 3.78
C PRO H 159 80.35 16.87 4.09
N THR H 160 80.67 16.63 5.36
CA THR H 160 82.01 16.16 5.72
C THR H 160 82.25 14.74 5.23
N SER H 161 81.27 13.85 5.43
CA SER H 161 81.42 12.48 4.97
C SER H 161 81.51 12.43 3.45
N LEU H 162 80.68 13.21 2.75
CA LEU H 162 80.73 13.23 1.30
C LEU H 162 82.06 13.78 0.82
N TYR H 163 82.59 14.81 1.48
CA TYR H 163 83.89 15.36 1.14
C TYR H 163 84.99 14.30 1.29
N HIS H 164 85.04 13.65 2.46
CA HIS H 164 86.09 12.68 2.71
C HIS H 164 85.94 11.45 1.83
N GLN H 165 84.74 11.21 1.29
CA GLN H 165 84.57 10.13 0.32
C GLN H 165 85.00 10.56 -1.07
N ALA H 166 84.76 11.84 -1.42
CA ALA H 166 85.19 12.35 -2.71
C ALA H 166 86.71 12.37 -2.80
N ILE H 167 87.39 12.80 -1.74
CA ILE H 167 88.84 12.79 -1.76
C ILE H 167 89.38 11.37 -1.95
N LYS H 168 88.58 10.37 -1.59
CA LYS H 168 88.90 8.98 -1.88
C LYS H 168 88.32 8.51 -3.21
N GLY H 169 88.03 9.44 -4.12
CA GLY H 169 87.48 9.09 -5.42
C GLY H 169 86.07 8.55 -5.41
N VAL H 170 85.18 9.17 -4.64
CA VAL H 170 83.77 8.81 -4.62
C VAL H 170 83.04 9.85 -5.45
N ARG H 171 82.57 9.43 -6.63
CA ARG H 171 81.86 10.33 -7.54
C ARG H 171 80.35 10.23 -7.40
N LEU H 172 79.84 9.20 -6.74
CA LEU H 172 78.41 8.99 -6.59
C LEU H 172 78.15 8.41 -5.22
N ALA H 173 77.03 8.83 -4.61
CA ALA H 173 76.66 8.35 -3.29
C ALA H 173 75.15 8.28 -3.20
N TYR H 174 74.66 7.32 -2.42
CA TYR H 174 73.24 7.17 -2.16
C TYR H 174 72.99 7.19 -0.66
N TRP H 175 71.77 7.54 -0.28
CA TRP H 175 71.41 7.72 1.12
C TRP H 175 69.95 7.30 1.29
N VAL H 176 69.75 6.08 1.78
CA VAL H 176 68.42 5.57 2.11
C VAL H 176 68.16 5.87 3.58
N GLY H 177 67.06 6.54 3.88
CA GLY H 177 66.79 6.91 5.25
C GLY H 177 65.42 7.50 5.43
N PHE H 178 65.24 8.16 6.57
CA PHE H 178 63.98 8.83 6.87
C PHE H 178 63.95 10.20 6.21
N ASP H 179 62.78 10.58 5.70
CA ASP H 179 62.62 11.91 5.12
C ASP H 179 62.97 12.97 6.15
N THR H 180 63.74 13.97 5.73
CA THR H 180 64.22 15.01 6.61
C THR H 180 63.32 16.24 6.61
N THR H 181 62.16 16.18 5.96
CA THR H 181 61.25 17.32 5.97
C THR H 181 60.80 17.71 7.37
N PRO H 182 60.45 16.77 8.27
CA PRO H 182 59.99 17.18 9.61
C PRO H 182 61.02 17.98 10.38
N PHE H 183 62.31 17.80 10.09
CA PHE H 183 63.35 18.54 10.79
C PHE H 183 63.72 19.84 10.10
N MET H 184 63.43 19.98 8.81
CA MET H 184 63.53 21.27 8.15
C MET H 184 62.39 22.19 8.54
N TYR H 185 61.22 21.65 8.86
CA TYR H 185 60.11 22.42 9.39
C TYR H 185 60.21 22.62 10.90
N ASN H 186 61.21 22.02 11.54
CA ASN H 186 61.48 22.20 12.96
C ASN H 186 60.28 21.80 13.82
N ALA H 187 59.93 20.52 13.74
CA ALA H 187 58.86 19.96 14.55
C ALA H 187 59.42 19.44 15.88
N MET H 188 58.63 19.62 16.94
CA MET H 188 59.03 19.11 18.25
C MET H 188 58.95 17.58 18.29
N ALA H 189 57.84 17.02 17.81
CA ALA H 189 57.63 15.59 17.78
C ALA H 189 57.02 15.21 16.44
N GLY H 190 57.10 13.93 16.11
CA GLY H 190 56.56 13.48 14.84
C GLY H 190 56.50 11.98 14.77
N ALA H 191 55.87 11.49 13.71
CA ALA H 191 55.67 10.06 13.52
C ALA H 191 55.90 9.69 12.07
N TYR H 192 56.20 8.41 11.85
CA TYR H 192 56.28 7.81 10.51
C TYR H 192 55.35 6.61 10.52
N PRO H 193 54.04 6.83 10.68
CA PRO H 193 53.15 5.72 11.06
C PRO H 193 52.88 4.76 9.92
N SER H 194 53.93 4.39 9.19
CA SER H 194 53.94 3.22 8.33
C SER H 194 55.20 2.39 8.49
N TYR H 195 56.26 2.93 9.09
CA TYR H 195 57.46 2.18 9.45
C TYR H 195 57.55 1.93 10.95
N SER H 196 56.44 2.10 11.66
CA SER H 196 56.37 1.85 13.10
C SER H 196 57.42 2.67 13.85
N THR H 197 57.55 3.94 13.47
CA THR H 197 58.52 4.83 14.08
C THR H 197 57.83 6.07 14.64
N ASN H 198 58.25 6.47 15.83
CA ASN H 198 57.90 7.76 16.40
C ASN H 198 59.20 8.49 16.75
N TRP H 199 59.10 9.79 17.00
CA TRP H 199 60.27 10.51 17.48
C TRP H 199 59.81 11.74 18.23
N ALA H 200 60.59 12.11 19.25
CA ALA H 200 60.25 13.28 20.05
C ALA H 200 61.53 13.98 20.48
N ASP H 201 61.42 15.29 20.66
CA ASP H 201 62.49 16.07 21.27
C ASP H 201 62.56 15.76 22.76
N GLU H 202 63.78 15.68 23.28
CA GLU H 202 63.98 15.33 24.68
C GLU H 202 63.17 16.22 25.62
N GLN H 203 62.73 17.39 25.17
CA GLN H 203 61.98 18.30 26.01
C GLN H 203 60.49 17.95 26.08
N VAL H 204 60.04 16.96 25.32
CA VAL H 204 58.64 16.55 25.32
C VAL H 204 58.50 15.05 25.58
N LEU H 205 59.53 14.42 26.14
CA LEU H 205 59.46 13.00 26.42
C LEU H 205 58.49 12.67 27.55
N LYS H 206 58.15 13.65 28.38
CA LYS H 206 57.18 13.48 29.46
C LYS H 206 55.84 14.11 29.12
N ALA H 207 55.49 14.12 27.84
CA ALA H 207 54.19 14.62 27.39
C ALA H 207 53.16 13.50 27.44
N LYS H 208 51.89 13.85 27.23
CA LYS H 208 50.79 12.91 27.42
C LYS H 208 50.37 12.19 26.14
N ASN H 209 50.15 12.93 25.05
CA ASN H 209 49.40 12.39 23.93
C ASN H 209 50.25 12.00 22.72
N ILE H 210 51.47 12.53 22.58
CA ILE H 210 52.27 12.18 21.42
C ILE H 210 52.60 10.69 21.44
N GLY H 211 53.04 10.17 20.30
CA GLY H 211 53.26 8.75 20.16
C GLY H 211 54.52 8.20 20.79
N LEU H 212 55.37 9.07 21.35
CA LEU H 212 56.57 8.65 22.07
C LEU H 212 56.68 9.54 23.31
N CYS H 213 56.10 9.08 24.41
CA CYS H 213 56.11 9.85 25.66
C CYS H 213 55.68 8.93 26.79
N SER H 214 55.86 9.42 28.01
CA SER H 214 55.40 8.70 29.19
C SER H 214 55.16 9.73 30.28
N THR H 215 53.90 10.10 30.49
CA THR H 215 53.55 11.06 31.51
C THR H 215 53.33 10.34 32.84
N ASP H 216 52.99 11.11 33.87
CA ASP H 216 52.76 10.58 35.21
C ASP H 216 51.40 11.04 35.70
N LEU H 217 50.74 10.18 36.49
CA LEU H 217 49.40 10.47 36.99
C LEU H 217 49.51 11.32 38.25
N THR H 218 49.88 12.59 38.04
CA THR H 218 50.03 13.53 39.12
C THR H 218 48.67 14.11 39.53
N GLU H 219 48.62 14.62 40.75
CA GLU H 219 47.42 15.26 41.28
C GLU H 219 47.38 16.75 40.99
N GLY H 220 48.34 17.28 40.24
CA GLY H 220 48.39 18.70 39.95
C GLY H 220 48.94 19.50 41.10
N ARG H 221 48.83 20.82 40.96
CA ARG H 221 49.31 21.75 41.99
C ARG H 221 48.80 23.16 41.72
N GLY H 230 62.92 28.08 32.87
CA GLY H 230 62.92 28.43 31.47
C GLY H 230 61.54 28.50 30.86
N LYS H 231 61.15 29.70 30.43
CA LYS H 231 59.85 29.94 29.80
C LYS H 231 59.89 29.83 28.28
N LYS H 232 60.86 29.12 27.71
CA LYS H 232 61.02 29.04 26.26
C LYS H 232 61.23 27.58 25.86
N LEU H 233 60.19 26.98 25.28
CA LEU H 233 60.27 25.61 24.76
C LEU H 233 60.50 25.68 23.26
N GLU H 234 61.71 25.36 22.83
CA GLU H 234 62.08 25.29 21.43
C GLU H 234 62.81 23.99 21.14
N PRO H 235 62.75 23.49 19.91
CA PRO H 235 63.43 22.24 19.60
C PRO H 235 64.92 22.34 19.90
N CYS H 236 65.46 21.25 20.44
CA CYS H 236 66.89 21.15 20.74
C CYS H 236 67.52 20.08 19.86
N ASP H 237 68.84 20.02 19.90
CA ASP H 237 69.57 19.16 18.98
C ASP H 237 69.25 17.69 19.21
N ARG H 238 69.09 17.29 20.47
CA ARG H 238 68.92 15.88 20.80
C ARG H 238 67.45 15.48 20.64
N VAL H 239 67.19 14.53 19.73
CA VAL H 239 65.88 13.94 19.57
C VAL H 239 66.02 12.44 19.68
N LEU H 240 64.90 11.78 19.98
CA LEU H 240 64.87 10.33 20.16
C LEU H 240 63.93 9.71 19.15
N PHE H 241 64.40 8.63 18.51
CA PHE H 241 63.62 7.86 17.55
C PHE H 241 63.29 6.51 18.16
N SER H 242 62.01 6.20 18.29
CA SER H 242 61.55 4.87 18.67
C SER H 242 61.11 4.17 17.40
N VAL H 243 62.00 3.34 16.84
CA VAL H 243 61.68 2.49 15.70
C VAL H 243 61.16 1.18 16.29
N GLY H 244 59.83 1.04 16.30
CA GLY H 244 59.23 -0.06 17.01
C GLY H 244 59.55 -0.01 18.49
N SER H 245 60.41 -0.92 18.95
CA SER H 245 60.85 -0.94 20.34
C SER H 245 62.31 -0.55 20.50
N THR H 246 62.98 -0.15 19.42
CA THR H 246 64.39 0.23 19.46
C THR H 246 64.53 1.74 19.58
N LEU H 247 65.51 2.18 20.36
CA LEU H 247 65.74 3.60 20.60
C LEU H 247 66.99 4.06 19.88
N TYR H 248 66.92 5.25 19.30
CA TYR H 248 68.01 5.86 18.56
C TYR H 248 68.11 7.34 18.92
N PRO H 249 69.14 7.74 19.66
CA PRO H 249 69.34 9.17 19.94
C PRO H 249 70.04 9.86 18.78
N GLU H 250 69.30 10.70 18.08
CA GLU H 250 69.81 11.40 16.91
C GLU H 250 69.91 12.90 17.17
N SER H 251 70.56 13.59 16.24
CA SER H 251 70.85 15.02 16.34
C SER H 251 70.05 15.78 15.29
N ARG H 252 69.43 16.87 15.70
CA ARG H 252 68.71 17.72 14.74
C ARG H 252 69.67 18.28 13.70
N LYS H 253 70.83 18.78 14.12
CA LYS H 253 71.73 19.44 13.19
C LYS H 253 72.31 18.43 12.20
N LEU H 254 72.60 17.21 12.64
CA LEU H 254 73.06 16.18 11.74
C LEU H 254 71.93 15.49 10.99
N LEU H 255 70.68 15.78 11.35
CA LEU H 255 69.56 15.39 10.50
C LEU H 255 69.25 16.47 9.49
N LYS H 256 69.29 17.74 9.89
CA LYS H 256 69.22 18.83 8.94
C LYS H 256 70.60 19.02 8.31
N SER H 257 71.18 17.91 7.85
CA SER H 257 72.41 17.93 7.07
C SER H 257 72.34 17.05 5.83
N TRP H 258 71.47 16.04 5.79
CA TRP H 258 71.21 15.26 4.59
C TRP H 258 70.04 15.80 3.79
N HIS H 259 69.44 16.89 4.26
CA HIS H 259 68.50 17.67 3.45
C HIS H 259 69.30 18.62 2.56
N LEU H 260 70.02 18.03 1.62
CA LEU H 260 70.97 18.78 0.83
C LEU H 260 70.27 19.52 -0.30
N PRO H 261 70.72 20.72 -0.65
CA PRO H 261 70.12 21.43 -1.79
C PRO H 261 70.38 20.68 -3.09
N SER H 262 69.71 21.15 -4.15
CA SER H 262 69.84 20.49 -5.45
C SER H 262 71.26 20.60 -5.97
N VAL H 263 71.90 21.75 -5.80
CA VAL H 263 73.29 21.96 -6.18
C VAL H 263 74.02 22.59 -5.00
N PHE H 264 75.11 21.96 -4.57
CA PHE H 264 75.91 22.47 -3.46
C PHE H 264 77.39 22.28 -3.77
N HIS H 265 78.20 23.19 -3.26
CA HIS H 265 79.63 23.22 -3.52
C HIS H 265 80.40 22.81 -2.28
N LEU H 266 81.33 21.88 -2.43
CA LEU H 266 82.25 21.47 -1.38
C LEU H 266 83.62 22.03 -1.74
N LYS H 267 83.98 23.16 -1.13
CA LYS H 267 85.17 23.91 -1.49
C LYS H 267 86.22 23.74 -0.39
N GLY H 268 87.30 23.04 -0.72
CA GLY H 268 88.42 22.88 0.20
C GLY H 268 89.71 22.70 -0.56
N LYS H 269 90.52 21.73 -0.14
CA LYS H 269 91.73 21.41 -0.89
C LYS H 269 91.37 20.91 -2.28
N LEU H 270 90.34 20.09 -2.39
CA LEU H 270 89.75 19.70 -3.66
C LEU H 270 88.34 20.25 -3.73
N SER H 271 88.05 21.01 -4.77
CA SER H 271 86.74 21.63 -4.94
C SER H 271 85.83 20.73 -5.75
N PHE H 272 84.56 20.66 -5.35
CA PHE H 272 83.58 19.82 -6.03
C PHE H 272 82.24 20.53 -6.10
N THR H 273 81.49 20.22 -7.14
CA THR H 273 80.09 20.61 -7.26
C THR H 273 79.26 19.34 -7.28
N CYS H 274 78.18 19.32 -6.49
CA CYS H 274 77.42 18.10 -6.29
C CYS H 274 75.93 18.40 -6.38
N ARG H 275 75.16 17.39 -6.76
CA ARG H 275 73.71 17.51 -6.90
C ARG H 275 73.03 16.41 -6.09
N CYS H 276 72.05 16.79 -5.30
CA CYS H 276 71.21 15.86 -4.56
C CYS H 276 69.82 15.86 -5.15
N ASP H 277 69.35 14.69 -5.59
CA ASP H 277 68.03 14.54 -6.17
C ASP H 277 67.34 13.34 -5.55
N THR H 278 66.23 13.58 -4.85
CA THR H 278 65.49 12.50 -4.22
C THR H 278 64.83 11.63 -5.28
N VAL H 279 65.24 10.36 -5.35
CA VAL H 279 64.76 9.46 -6.38
C VAL H 279 63.49 8.74 -5.94
N VAL H 280 63.51 8.14 -4.76
CA VAL H 280 62.40 7.36 -4.24
C VAL H 280 61.89 8.00 -2.95
N SER H 281 60.57 8.02 -2.78
CA SER H 281 59.93 8.59 -1.61
C SER H 281 58.68 7.79 -1.29
N CYS H 282 58.61 7.24 -0.08
CA CYS H 282 57.48 6.38 0.29
C CYS H 282 57.14 6.63 1.76
N GLU H 283 56.04 7.36 1.98
CA GLU H 283 55.39 7.45 3.29
C GLU H 283 56.34 7.91 4.41
N GLY H 284 57.49 8.47 4.04
CA GLY H 284 58.41 8.95 5.06
C GLY H 284 59.85 8.57 4.77
N TYR H 285 60.06 7.42 4.15
CA TYR H 285 61.40 7.05 3.73
C TYR H 285 61.74 7.70 2.40
N VAL H 286 63.03 8.00 2.22
CA VAL H 286 63.54 8.60 1.00
C VAL H 286 64.85 7.92 0.63
N VAL H 287 65.16 8.01 -0.67
CA VAL H 287 66.42 7.48 -1.22
C VAL H 287 67.05 8.62 -2.00
N LYS H 288 67.90 9.39 -1.33
CA LYS H 288 68.57 10.51 -1.98
C LYS H 288 69.80 10.04 -2.73
N ARG H 289 70.14 10.78 -3.79
CA ARG H 289 71.32 10.48 -4.61
C ARG H 289 72.12 11.76 -4.79
N ILE H 290 73.39 11.71 -4.42
CA ILE H 290 74.29 12.87 -4.50
C ILE H 290 75.43 12.52 -5.45
N THR H 291 75.63 13.35 -6.47
CA THR H 291 76.72 13.18 -7.41
C THR H 291 77.84 14.14 -7.06
N MET H 292 79.03 13.61 -6.81
CA MET H 292 80.19 14.40 -6.42
C MET H 292 81.15 14.50 -7.59
N SER H 293 81.58 15.72 -7.92
CA SER H 293 82.47 15.95 -9.03
C SER H 293 83.36 17.16 -8.75
N PRO H 294 84.65 17.08 -9.05
CA PRO H 294 85.55 18.21 -8.83
C PRO H 294 85.21 19.38 -9.73
N GLY H 295 85.62 20.57 -9.30
CA GLY H 295 85.36 21.78 -10.03
C GLY H 295 84.02 22.40 -9.69
N LEU H 296 83.80 23.60 -10.21
CA LEU H 296 82.57 24.35 -10.01
C LEU H 296 81.82 24.41 -11.33
N TYR H 297 80.57 23.96 -11.32
CA TYR H 297 79.81 23.72 -12.55
C TYR H 297 78.49 24.50 -12.53
N GLY H 298 78.54 25.77 -12.17
CA GLY H 298 77.38 26.62 -12.16
C GLY H 298 77.31 27.40 -10.88
N LYS H 299 76.15 28.03 -10.66
CA LYS H 299 75.89 28.80 -9.45
C LYS H 299 74.89 28.06 -8.58
N THR H 300 75.22 27.95 -7.30
CA THR H 300 74.39 27.23 -6.35
C THR H 300 73.23 28.13 -5.92
N THR H 301 72.00 27.70 -6.17
CA THR H 301 70.83 28.48 -5.80
C THR H 301 70.53 28.41 -4.30
N GLY H 302 71.06 27.41 -3.61
CA GLY H 302 70.81 27.29 -2.18
C GLY H 302 69.38 26.94 -1.84
N TYR H 303 68.76 26.03 -2.58
CA TYR H 303 67.39 25.63 -2.36
C TYR H 303 67.30 24.11 -2.32
N ALA H 304 66.56 23.60 -1.34
CA ALA H 304 66.23 22.19 -1.23
C ALA H 304 64.74 22.02 -1.51
N VAL H 305 64.43 21.08 -2.40
CA VAL H 305 63.08 20.85 -2.90
C VAL H 305 62.64 19.46 -2.47
N THR H 306 61.47 19.39 -1.83
CA THR H 306 60.86 18.13 -1.43
C THR H 306 59.50 18.01 -2.12
N HIS H 307 59.35 17.01 -2.98
CA HIS H 307 58.07 16.78 -3.64
C HIS H 307 57.22 15.87 -2.76
N HIS H 308 56.13 16.41 -2.24
CA HIS H 308 55.28 15.69 -1.28
C HIS H 308 54.35 14.76 -2.05
N ALA H 309 54.85 13.56 -2.38
CA ALA H 309 54.04 12.58 -3.07
C ALA H 309 52.80 12.20 -2.25
N ASP H 310 52.84 12.38 -0.94
CA ASP H 310 51.69 12.17 -0.08
C ASP H 310 51.63 13.29 0.95
N GLY H 311 50.43 13.56 1.44
CA GLY H 311 50.22 14.65 2.36
C GLY H 311 51.21 14.68 3.50
N PHE H 312 51.60 15.88 3.92
CA PHE H 312 52.48 16.08 5.07
C PHE H 312 51.84 17.12 5.96
N LEU H 313 51.38 16.70 7.14
CA LEU H 313 50.76 17.60 8.10
C LEU H 313 51.75 17.94 9.19
N MET H 314 51.74 19.20 9.63
CA MET H 314 52.56 19.62 10.77
C MET H 314 51.76 20.69 11.50
N CYS H 315 51.26 20.37 12.69
CA CYS H 315 50.37 21.27 13.41
CA CYS H 315 50.38 21.28 13.40
C CYS H 315 50.86 21.42 14.84
N LYS H 316 50.55 22.57 15.44
CA LYS H 316 50.91 22.85 16.83
C LYS H 316 49.79 22.34 17.73
N THR H 317 50.06 21.26 18.44
CA THR H 317 49.13 20.72 19.41
C THR H 317 49.49 21.19 20.81
N THR H 318 48.46 21.35 21.64
CA THR H 318 48.64 21.70 23.04
C THR H 318 48.64 20.42 23.88
N ASP H 319 49.62 20.31 24.76
CA ASP H 319 49.77 19.13 25.60
C ASP H 319 50.10 19.61 27.01
N THR H 320 50.39 18.66 27.89
CA THR H 320 50.87 18.97 29.24
C THR H 320 52.16 18.20 29.46
N VAL H 321 53.23 18.92 29.76
CA VAL H 321 54.54 18.33 30.01
C VAL H 321 54.86 18.53 31.48
N ASP H 322 55.11 17.43 32.19
CA ASP H 322 55.37 17.46 33.62
C ASP H 322 54.26 18.19 34.37
N GLY H 323 53.02 18.05 33.90
CA GLY H 323 51.88 18.68 34.52
C GLY H 323 51.66 20.14 34.16
N GLU H 324 52.52 20.73 33.34
CA GLU H 324 52.40 22.13 32.96
C GLU H 324 51.89 22.22 31.52
N ARG H 325 50.87 23.04 31.31
CA ARG H 325 50.26 23.17 29.99
C ARG H 325 51.21 23.90 29.06
N VAL H 326 51.43 23.33 27.87
CA VAL H 326 52.35 23.89 26.88
C VAL H 326 51.80 23.58 25.49
N SER H 327 52.45 24.17 24.49
CA SER H 327 52.08 23.97 23.10
C SER H 327 53.35 23.70 22.29
N PHE H 328 53.29 22.72 21.40
CA PHE H 328 54.44 22.40 20.56
C PHE H 328 53.95 21.71 19.30
N SER H 329 54.83 21.66 18.30
CA SER H 329 54.45 21.23 16.96
C SER H 329 54.76 19.75 16.76
N VAL H 330 53.83 19.03 16.16
CA VAL H 330 53.97 17.61 15.84
C VAL H 330 53.58 17.42 14.37
N CYS H 331 54.29 16.53 13.69
CA CYS H 331 54.10 16.30 12.26
C CYS H 331 53.83 14.83 11.99
N THR H 332 53.23 14.58 10.82
CA THR H 332 52.89 13.23 10.39
C THR H 332 52.75 13.23 8.88
N TYR H 333 52.77 12.04 8.30
CA TYR H 333 52.66 11.83 6.85
C TYR H 333 51.34 11.13 6.56
N VAL H 334 50.32 11.92 6.20
CA VAL H 334 49.02 11.36 5.84
C VAL H 334 49.15 10.68 4.48
N PRO H 335 48.42 9.59 4.24
CA PRO H 335 48.44 8.99 2.90
C PRO H 335 47.73 9.87 1.88
N ALA H 336 48.12 9.70 0.62
CA ALA H 336 47.57 10.55 -0.44
C ALA H 336 46.07 10.36 -0.59
N THR H 337 45.59 9.13 -0.51
CA THR H 337 44.16 8.86 -0.72
C THR H 337 43.31 9.56 0.34
N ILE H 338 43.80 9.63 1.58
CA ILE H 338 43.06 10.30 2.63
C ILE H 338 42.90 11.79 2.28
N CYS H 339 43.98 12.42 1.82
CA CYS H 339 43.90 13.81 1.42
C CYS H 339 42.94 14.00 0.24
N ASP H 340 43.03 13.10 -0.74
CA ASP H 340 42.12 13.19 -1.89
C ASP H 340 40.67 13.13 -1.44
N GLN H 341 40.33 12.15 -0.61
CA GLN H 341 38.95 11.99 -0.14
C GLN H 341 38.53 13.04 0.88
N MET H 342 39.48 13.76 1.47
CA MET H 342 39.17 14.85 2.38
C MET H 342 39.17 16.21 1.70
N THR H 343 39.54 16.27 0.42
CA THR H 343 39.47 17.53 -0.32
C THR H 343 38.14 18.24 -0.09
N GLY H 344 37.03 17.58 -0.40
CA GLY H 344 35.73 18.23 -0.30
C GLY H 344 35.40 18.69 1.11
N ILE H 345 35.61 17.80 2.09
CA ILE H 345 35.33 18.16 3.48
C ILE H 345 36.16 19.36 3.91
N LEU H 346 37.47 19.33 3.61
CA LEU H 346 38.33 20.46 3.94
C LEU H 346 37.91 21.72 3.20
N ALA H 347 37.14 21.58 2.11
CA ALA H 347 36.53 22.75 1.50
C ALA H 347 35.64 23.50 2.49
N THR H 348 35.14 22.81 3.51
CA THR H 348 34.28 23.40 4.53
C THR H 348 34.99 23.41 5.88
N GLU H 349 34.60 24.36 6.73
CA GLU H 349 35.08 24.36 8.11
C GLU H 349 34.60 23.10 8.81
N VAL H 350 35.53 22.21 9.16
CA VAL H 350 35.20 20.89 9.68
C VAL H 350 35.80 20.77 11.08
N THR H 351 34.97 20.31 12.02
CA THR H 351 35.43 20.15 13.39
C THR H 351 36.44 19.02 13.52
N PRO H 352 37.31 19.07 14.53
CA PRO H 352 38.18 17.91 14.78
C PRO H 352 37.41 16.65 15.04
N GLU H 353 36.27 16.74 15.72
CA GLU H 353 35.45 15.56 15.99
C GLU H 353 34.85 14.98 14.71
N ASP H 354 34.25 15.83 13.88
CA ASP H 354 33.64 15.35 12.64
C ASP H 354 34.71 14.92 11.66
N ALA H 355 35.83 15.64 11.60
CA ALA H 355 36.94 15.20 10.78
C ALA H 355 37.46 13.84 11.24
N GLN H 356 37.52 13.62 12.56
CA GLN H 356 37.94 12.33 13.09
C GLN H 356 36.97 11.22 12.68
N LYS H 357 35.67 11.49 12.76
CA LYS H 357 34.67 10.51 12.35
C LYS H 357 34.82 10.17 10.87
N LEU H 358 34.99 11.19 10.02
CA LEU H 358 35.17 10.94 8.60
C LEU H 358 36.47 10.18 8.33
N LEU H 359 37.53 10.49 9.08
CA LEU H 359 38.79 9.77 8.92
C LEU H 359 38.64 8.31 9.30
N VAL H 360 37.92 8.03 10.39
CA VAL H 360 37.68 6.65 10.78
C VAL H 360 36.88 5.92 9.70
N GLY H 361 35.83 6.58 9.18
CA GLY H 361 35.06 5.97 8.11
C GLY H 361 35.91 5.68 6.88
N LEU H 362 36.77 6.64 6.50
CA LEU H 362 37.63 6.44 5.34
C LEU H 362 38.63 5.30 5.59
N ASN H 363 39.10 5.18 6.83
CA ASN H 363 40.03 4.09 7.16
C ASN H 363 39.38 2.74 6.91
N GLN H 364 38.11 2.60 7.27
CA GLN H 364 37.34 1.40 6.98
C GLN H 364 35.94 1.50 7.59
N THR H 376 40.96 -3.93 8.27
CA THR H 376 42.27 -3.32 8.12
C THR H 376 42.17 -1.80 8.10
N ASN H 377 43.31 -1.13 8.15
CA ASN H 377 43.37 0.33 8.14
C ASN H 377 44.42 0.80 7.16
N THR H 378 44.25 2.02 6.68
CA THR H 378 45.24 2.66 5.81
C THR H 378 46.17 3.58 6.58
N MET H 379 45.69 4.18 7.66
CA MET H 379 46.50 5.00 8.56
C MET H 379 46.23 4.57 9.99
N LYS H 380 47.29 4.48 10.78
CA LYS H 380 47.15 4.02 12.15
C LYS H 380 46.29 4.99 12.96
N ASN H 381 45.44 4.44 13.83
CA ASN H 381 44.40 5.23 14.47
C ASN H 381 44.93 6.15 15.57
N TYR H 382 46.10 5.85 16.13
CA TYR H 382 46.64 6.73 17.16
C TYR H 382 47.06 8.09 16.59
N MET H 383 47.16 8.21 15.26
CA MET H 383 47.47 9.48 14.61
C MET H 383 46.23 10.24 14.19
N ILE H 384 45.12 9.55 13.93
CA ILE H 384 43.87 10.17 13.48
C ILE H 384 43.48 11.33 14.39
N PRO H 385 43.57 11.17 15.72
CA PRO H 385 43.17 12.29 16.60
C PRO H 385 43.95 13.57 16.34
N VAL H 386 45.18 13.48 15.86
CA VAL H 386 45.97 14.68 15.58
C VAL H 386 45.89 15.06 14.10
N VAL H 387 45.77 14.08 13.21
CA VAL H 387 45.53 14.38 11.80
C VAL H 387 44.26 15.20 11.64
N ALA H 388 43.20 14.81 12.35
CA ALA H 388 41.94 15.56 12.25
C ALA H 388 42.09 16.98 12.76
N GLN H 389 42.80 17.16 13.88
CA GLN H 389 42.99 18.51 14.40
C GLN H 389 43.81 19.37 13.44
N ALA H 390 44.84 18.79 12.82
CA ALA H 390 45.62 19.52 11.83
C ALA H 390 44.75 19.90 10.64
N PHE H 391 43.94 18.97 10.15
CA PHE H 391 43.04 19.25 9.03
C PHE H 391 42.09 20.39 9.38
N SER H 392 41.51 20.35 10.58
CA SER H 392 40.54 21.37 10.96
C SER H 392 41.21 22.74 11.12
N LYS H 393 42.39 22.77 11.73
CA LYS H 393 43.09 24.05 11.88
C LYS H 393 43.47 24.62 10.52
N TRP H 394 43.91 23.75 9.60
CA TRP H 394 44.26 24.21 8.26
C TRP H 394 43.04 24.75 7.53
N ALA H 395 41.92 24.05 7.62
CA ALA H 395 40.70 24.52 6.98
C ALA H 395 40.26 25.86 7.55
N LYS H 396 40.31 26.01 8.88
CA LYS H 396 39.91 27.27 9.48
C LYS H 396 40.83 28.40 9.06
N GLU H 397 42.14 28.14 9.01
CA GLU H 397 43.08 29.16 8.56
C GLU H 397 42.83 29.53 7.11
N CYS H 398 42.55 28.54 6.26
CA CYS H 398 42.26 28.83 4.86
C CYS H 398 41.02 29.71 4.73
N ARG H 399 39.96 29.38 5.48
CA ARG H 399 38.75 30.19 5.41
C ARG H 399 38.99 31.60 5.92
N LYS H 400 39.71 31.74 7.04
CA LYS H 400 40.01 33.07 7.55
C LYS H 400 40.90 33.84 6.58
N ASP H 401 41.68 33.12 5.76
CA ASP H 401 42.43 33.76 4.69
C ASP H 401 41.50 34.28 3.60
N MET H 402 40.64 33.41 3.09
CA MET H 402 39.70 33.79 2.04
C MET H 402 38.61 34.73 2.55
N GLU H 403 38.49 34.92 3.86
CA GLU H 403 37.51 35.82 4.43
C GLU H 403 38.05 37.24 4.61
N ASP H 404 39.32 37.47 4.31
CA ASP H 404 39.93 38.79 4.38
C ASP H 404 40.92 38.92 3.24
N GLU H 405 40.84 40.01 2.49
CA GLU H 405 41.67 40.23 1.32
C GLU H 405 42.24 41.64 1.36
N LYS H 406 43.56 41.74 1.16
CA LYS H 406 44.27 43.01 1.22
C LYS H 406 44.51 43.54 -0.19
N LEU H 407 45.26 44.63 -0.29
CA LEU H 407 45.55 45.24 -1.57
C LEU H 407 46.63 44.45 -2.32
N LEU H 408 46.37 44.13 -3.58
CA LEU H 408 47.34 43.41 -4.38
C LEU H 408 48.57 44.28 -4.67
N GLY H 409 49.71 43.62 -4.81
CA GLY H 409 50.94 44.29 -5.19
C GLY H 409 51.71 44.94 -4.06
N VAL H 410 51.14 45.01 -2.86
CA VAL H 410 51.76 45.69 -1.73
C VAL H 410 51.81 44.74 -0.54
N ARG H 411 52.97 44.65 0.08
CA ARG H 411 53.11 43.96 1.37
C ARG H 411 52.70 44.94 2.46
N GLU H 412 51.42 44.92 2.84
CA GLU H 412 50.89 45.86 3.80
C GLU H 412 51.50 45.66 5.18
N PHE H 423 55.65 44.51 9.85
CA PHE H 423 54.29 44.09 9.54
C PHE H 423 53.67 43.36 10.72
N LYS H 424 52.33 43.39 10.79
CA LYS H 424 51.61 42.71 11.87
C LYS H 424 51.61 41.21 11.58
N LYS H 425 52.73 40.57 11.88
CA LYS H 425 52.83 39.14 11.72
C LYS H 425 51.73 38.45 12.52
N GLN H 426 51.06 37.50 11.90
CA GLN H 426 49.88 36.89 12.50
C GLN H 426 50.07 35.40 12.71
N LYS H 427 48.96 34.75 13.08
CA LYS H 427 48.94 33.35 13.47
C LYS H 427 49.19 32.42 12.29
N THR H 428 49.91 31.33 12.55
CA THR H 428 50.10 30.24 11.58
C THR H 428 50.33 28.95 12.36
N HIS H 429 49.26 28.15 12.51
CA HIS H 429 49.31 26.98 13.37
C HIS H 429 49.24 25.67 12.59
N THR H 430 49.39 25.70 11.27
CA THR H 430 49.34 24.46 10.51
C THR H 430 50.19 24.60 9.25
N VAL H 431 50.74 23.47 8.80
CA VAL H 431 51.44 23.36 7.54
C VAL H 431 50.96 22.06 6.91
N TYR H 432 50.08 22.16 5.94
CA TYR H 432 49.55 21.01 5.22
C TYR H 432 50.08 21.05 3.80
N LYS H 433 50.98 20.13 3.48
CA LYS H 433 51.54 20.01 2.14
C LYS H 433 50.83 18.84 1.47
N ARG H 434 49.80 19.17 0.69
CA ARG H 434 48.97 18.15 0.05
C ARG H 434 49.79 17.34 -0.94
N PRO H 435 49.26 16.23 -1.42
CA PRO H 435 49.98 15.45 -2.43
C PRO H 435 50.22 16.27 -3.68
N ASP H 436 51.39 16.08 -4.29
CA ASP H 436 51.82 16.72 -5.52
C ASP H 436 52.22 18.19 -5.32
N THR H 437 52.36 18.65 -4.08
CA THR H 437 52.93 19.96 -3.84
C THR H 437 54.43 19.82 -3.61
N GLN H 438 55.11 20.95 -3.40
CA GLN H 438 56.54 20.96 -3.19
C GLN H 438 56.89 21.92 -2.07
N SER H 439 57.82 21.50 -1.22
CA SER H 439 58.40 22.34 -0.19
C SER H 439 59.75 22.84 -0.66
N ILE H 440 60.02 24.11 -0.41
CA ILE H 440 61.25 24.79 -0.82
C ILE H 440 61.86 25.45 0.40
N GLN H 441 63.06 25.00 0.77
CA GLN H 441 63.78 25.59 1.90
C GLN H 441 65.14 26.10 1.47
N LYS H 442 65.48 27.32 1.89
CA LYS H 442 66.78 27.89 1.60
C LYS H 442 67.80 27.33 2.59
N VAL H 443 68.71 26.49 2.10
CA VAL H 443 69.69 25.84 2.96
C VAL H 443 71.09 26.25 2.52
N GLN H 444 72.11 25.78 3.24
CA GLN H 444 73.49 26.08 2.91
C GLN H 444 73.92 25.23 1.72
N ALA H 445 74.58 25.86 0.75
CA ALA H 445 75.02 25.18 -0.46
C ALA H 445 76.52 25.27 -0.69
N GLU H 446 77.24 26.04 0.12
CA GLU H 446 78.68 26.21 -0.01
C GLU H 446 79.34 25.76 1.29
N PHE H 447 80.00 24.61 1.25
CA PHE H 447 80.69 24.06 2.42
C PHE H 447 82.20 24.08 2.16
N ASP H 448 82.94 24.66 3.11
CA ASP H 448 84.38 24.78 2.98
C ASP H 448 85.08 24.33 4.27
N SER H 458 89.75 0.88 15.24
CA SER H 458 90.60 1.48 16.26
C SER H 458 89.83 1.66 17.56
N GLY H 459 88.74 0.90 17.72
CA GLY H 459 87.94 0.96 18.92
C GLY H 459 87.56 -0.40 19.46
N LEU H 460 87.94 -1.44 18.73
CA LEU H 460 87.64 -2.80 19.17
C LEU H 460 88.37 -3.13 20.46
N SER H 461 87.67 -3.79 21.37
CA SER H 461 88.24 -4.16 22.67
C SER H 461 88.98 -5.49 22.56
N ILE H 462 90.03 -5.64 23.38
CA ILE H 462 90.80 -6.87 23.38
C ILE H 462 89.95 -8.08 23.74
N PRO H 463 89.16 -8.06 24.81
CA PRO H 463 88.31 -9.22 25.11
C PRO H 463 87.34 -9.54 24.00
N LEU H 464 86.71 -8.52 23.40
CA LEU H 464 85.78 -8.77 22.31
C LEU H 464 86.50 -9.34 21.09
N ARG H 465 87.67 -8.79 20.76
CA ARG H 465 88.43 -9.31 19.63
C ARG H 465 88.82 -10.76 19.85
N THR H 466 89.24 -11.10 21.06
CA THR H 466 89.58 -12.48 21.37
C THR H 466 88.35 -13.38 21.25
N ARG H 467 87.20 -12.93 21.75
CA ARG H 467 86.01 -13.75 21.73
C ARG H 467 85.51 -13.99 20.31
N ILE H 468 85.56 -12.97 19.46
CA ILE H 468 84.97 -13.10 18.12
C ILE H 468 85.64 -14.24 17.35
N LYS H 469 86.96 -14.38 17.47
CA LYS H 469 87.67 -15.46 16.81
C LYS H 469 87.06 -16.81 17.14
N PRO I 3 49.69 5.51 -36.35
CA PRO I 3 50.10 4.64 -35.25
C PRO I 3 51.26 5.24 -34.44
N VAL I 4 50.96 5.72 -33.24
CA VAL I 4 51.96 6.31 -32.35
C VAL I 4 51.84 5.65 -30.99
N TYR I 5 52.97 5.47 -30.33
CA TYR I 5 53.06 4.75 -29.06
C TYR I 5 53.57 5.69 -27.97
N VAL I 6 52.84 5.77 -26.86
CA VAL I 6 53.20 6.65 -25.76
C VAL I 6 53.54 5.81 -24.53
N ASP I 7 54.13 6.46 -23.54
CA ASP I 7 54.63 5.81 -22.33
C ASP I 7 53.73 6.07 -21.13
N ILE I 8 52.42 6.09 -21.35
CA ILE I 8 51.45 6.35 -20.29
C ILE I 8 50.45 5.21 -20.25
N ASP I 9 50.02 4.83 -19.05
CA ASP I 9 49.01 3.80 -18.91
C ASP I 9 47.69 4.26 -19.51
N ALA I 10 46.94 3.31 -20.09
CA ALA I 10 45.72 3.64 -20.82
C ALA I 10 44.63 4.21 -19.93
N ASP I 11 44.73 4.08 -18.62
CA ASP I 11 43.71 4.59 -17.71
C ASP I 11 43.92 6.05 -17.33
N SER I 12 44.97 6.69 -17.84
CA SER I 12 45.28 8.07 -17.48
C SER I 12 44.60 9.05 -18.42
N ALA I 13 44.06 10.13 -17.85
CA ALA I 13 43.39 11.14 -18.66
C ALA I 13 44.36 11.83 -19.62
N PHE I 14 45.65 11.89 -19.27
CA PHE I 14 46.60 12.57 -20.13
C PHE I 14 46.74 11.89 -21.49
N LEU I 15 46.42 10.60 -21.59
CA LEU I 15 46.39 9.97 -22.89
C LEU I 15 45.31 10.59 -23.77
N LYS I 16 44.13 10.82 -23.20
CA LYS I 16 43.08 11.54 -23.92
C LYS I 16 43.51 12.96 -24.25
N ALA I 17 44.17 13.63 -23.30
CA ALA I 17 44.62 14.99 -23.57
C ALA I 17 45.60 15.03 -24.74
N LEU I 18 46.53 14.08 -24.79
CA LEU I 18 47.47 14.01 -25.90
C LEU I 18 46.74 13.70 -27.21
N GLN I 19 45.81 12.74 -27.19
CA GLN I 19 45.03 12.46 -28.39
C GLN I 19 44.38 13.74 -28.92
N ARG I 20 43.75 14.51 -28.02
CA ARG I 20 43.15 15.77 -28.45
C ARG I 20 44.19 16.73 -29.00
N ALA I 21 45.35 16.79 -28.36
CA ALA I 21 46.38 17.74 -28.76
C ALA I 21 47.18 17.28 -29.98
N TYR I 22 47.08 16.02 -30.37
CA TYR I 22 47.80 15.48 -31.52
C TYR I 22 46.84 14.71 -32.41
N PRO I 23 45.96 15.42 -33.12
CA PRO I 23 45.02 14.73 -34.03
C PRO I 23 45.70 13.95 -35.13
N MET I 24 46.83 14.42 -35.66
CA MET I 24 47.44 13.78 -36.82
C MET I 24 48.04 12.42 -36.48
N PHE I 25 48.13 12.06 -35.21
CA PHE I 25 48.71 10.80 -34.78
C PHE I 25 47.69 9.97 -34.04
N GLU I 26 47.72 8.66 -34.26
CA GLU I 26 46.95 7.70 -33.48
C GLU I 26 47.82 7.25 -32.31
N VAL I 27 47.48 7.71 -31.11
CA VAL I 27 48.31 7.53 -29.93
C VAL I 27 47.69 6.42 -29.07
N GLU I 28 48.51 5.43 -28.72
CA GLU I 28 48.08 4.34 -27.86
C GLU I 28 49.07 4.19 -26.70
N PRO I 29 48.57 3.79 -25.53
CA PRO I 29 49.45 3.70 -24.36
C PRO I 29 50.50 2.60 -24.47
N ARG I 30 51.67 2.86 -23.88
CA ARG I 30 52.65 1.82 -23.58
C ARG I 30 53.46 2.30 -22.37
N GLN I 31 53.09 1.84 -21.18
CA GLN I 31 53.76 2.22 -19.95
C GLN I 31 54.50 1.04 -19.36
N VAL I 32 55.78 1.22 -19.04
CA VAL I 32 56.51 0.23 -18.27
C VAL I 32 57.12 0.85 -17.02
N THR I 33 58.09 1.76 -17.21
CA THR I 33 58.86 2.32 -16.11
C THR I 33 58.19 3.51 -15.41
N PRO I 34 57.77 4.54 -16.15
CA PRO I 34 57.45 5.81 -15.51
C PRO I 34 56.00 5.94 -15.07
N ASN I 35 55.81 6.75 -14.01
CA ASN I 35 54.49 7.21 -13.63
C ASN I 35 54.43 8.67 -13.23
N ASP I 36 55.57 9.35 -13.05
CA ASP I 36 55.58 10.76 -12.64
C ASP I 36 55.81 11.69 -13.83
N HIS I 37 56.92 11.51 -14.55
CA HIS I 37 57.26 12.37 -15.68
C HIS I 37 56.82 11.79 -17.00
N ALA I 38 55.84 10.89 -17.00
CA ALA I 38 55.37 10.29 -18.25
C ALA I 38 54.71 11.33 -19.14
N ASN I 39 53.97 12.28 -18.56
CA ASN I 39 53.26 13.25 -19.35
C ASN I 39 54.21 14.11 -20.18
N ALA I 40 55.21 14.71 -19.52
CA ALA I 40 56.15 15.58 -20.21
C ALA I 40 56.95 14.80 -21.25
N ARG I 41 57.39 13.59 -20.89
CA ARG I 41 58.15 12.78 -21.83
C ARG I 41 57.32 12.44 -23.06
N ALA I 42 56.05 12.07 -22.86
CA ALA I 42 55.19 11.74 -23.97
C ALA I 42 54.95 12.96 -24.87
N PHE I 43 54.71 14.12 -24.26
CA PHE I 43 54.50 15.33 -25.06
C PHE I 43 55.74 15.66 -25.86
N SER I 44 56.91 15.57 -25.24
CA SER I 44 58.16 15.87 -25.96
C SER I 44 58.38 14.87 -27.09
N HIS I 45 58.11 13.59 -26.85
CA HIS I 45 58.29 12.59 -27.89
C HIS I 45 57.33 12.83 -29.06
N LEU I 46 56.07 13.14 -28.77
CA LEU I 46 55.12 13.41 -29.83
C LEU I 46 55.50 14.66 -30.62
N ALA I 47 55.96 15.71 -29.93
CA ALA I 47 56.43 16.89 -30.62
C ALA I 47 57.62 16.58 -31.51
N ILE I 48 58.55 15.77 -31.01
CA ILE I 48 59.71 15.40 -31.81
C ILE I 48 59.28 14.63 -33.05
N LYS I 49 58.34 13.69 -32.89
CA LYS I 49 57.85 12.93 -34.03
C LYS I 49 57.17 13.82 -35.06
N LEU I 50 56.32 14.73 -34.60
CA LEU I 50 55.64 15.64 -35.52
C LEU I 50 56.63 16.52 -36.26
N ILE I 51 57.65 17.03 -35.55
CA ILE I 51 58.66 17.87 -36.20
C ILE I 51 59.43 17.05 -37.24
N GLU I 52 59.80 15.82 -36.88
CA GLU I 52 60.53 14.97 -37.82
C GLU I 52 59.70 14.70 -39.07
N GLN I 53 58.42 14.40 -38.91
CA GLN I 53 57.58 14.07 -40.05
C GLN I 53 57.40 15.27 -40.97
N GLU I 54 57.56 16.50 -40.46
CA GLU I 54 57.33 17.72 -41.22
C GLU I 54 58.62 18.46 -41.55
N ILE I 55 59.72 17.73 -41.76
CA ILE I 55 60.99 18.32 -42.15
C ILE I 55 61.60 17.48 -43.26
N ASP I 56 62.54 18.08 -43.98
CA ASP I 56 63.24 17.37 -45.04
C ASP I 56 64.17 16.33 -44.44
N PRO I 57 64.03 15.05 -44.81
CA PRO I 57 64.90 14.02 -44.21
C PRO I 57 66.37 14.25 -44.47
N ASP I 58 66.72 14.98 -45.54
CA ASP I 58 68.11 15.24 -45.91
C ASP I 58 68.54 16.66 -45.55
N SER I 59 68.02 17.19 -44.44
CA SER I 59 68.38 18.53 -43.99
C SER I 59 69.01 18.46 -42.61
N THR I 60 70.18 19.09 -42.46
CA THR I 60 70.85 19.12 -41.18
C THR I 60 70.08 20.00 -40.20
N ILE I 61 69.87 19.48 -38.99
CA ILE I 61 69.03 20.12 -37.98
C ILE I 61 69.81 20.26 -36.68
N LEU I 62 69.76 21.44 -36.09
CA LEU I 62 70.37 21.65 -34.78
C LEU I 62 69.47 21.10 -33.68
N ASP I 63 70.06 20.90 -32.51
CA ASP I 63 69.37 20.34 -31.35
C ASP I 63 69.68 21.15 -30.10
N ILE I 64 69.53 22.47 -30.20
CA ILE I 64 69.89 23.41 -29.13
C ILE I 64 69.44 22.87 -27.77
N GLY I 65 68.23 22.33 -27.71
CA GLY I 65 67.80 21.64 -26.51
C GLY I 65 68.50 20.31 -26.38
N SER I 66 69.82 20.36 -26.20
CA SER I 66 70.66 19.18 -26.36
C SER I 66 70.47 18.20 -25.21
N ALA I 67 69.98 17.02 -25.53
CA ALA I 67 69.99 15.86 -24.63
C ALA I 67 70.54 14.68 -25.42
N PRO I 68 71.85 14.69 -25.70
CA PRO I 68 72.39 13.71 -26.66
C PRO I 68 72.11 12.27 -26.27
N ALA I 69 71.96 11.98 -24.98
CA ALA I 69 71.59 10.62 -24.58
C ALA I 69 70.29 10.19 -25.24
N ARG I 70 69.36 11.12 -25.41
CA ARG I 70 68.09 10.79 -26.07
C ARG I 70 68.30 10.43 -27.53
N ARG I 71 69.07 11.24 -28.26
CA ARG I 71 69.25 11.06 -29.70
C ARG I 71 70.17 9.88 -29.94
N MET I 72 69.59 8.68 -29.90
CA MET I 72 70.34 7.45 -30.13
C MET I 72 69.62 6.62 -31.19
N MET I 73 68.33 6.89 -31.39
CA MET I 73 67.54 6.24 -32.43
C MET I 73 67.24 7.16 -33.60
N SER I 74 67.24 8.47 -33.39
CA SER I 74 66.98 9.41 -34.47
C SER I 74 68.04 9.28 -35.56
N ASP I 75 67.64 8.80 -36.72
CA ASP I 75 68.55 8.60 -37.84
C ASP I 75 68.80 9.87 -38.64
N ARG I 76 68.12 10.97 -38.31
CA ARG I 76 68.30 12.21 -39.04
C ARG I 76 69.60 12.89 -38.63
N LYS I 77 70.02 13.85 -39.45
CA LYS I 77 71.29 14.56 -39.22
C LYS I 77 71.11 15.49 -38.03
N TYR I 78 71.54 15.04 -36.85
CA TYR I 78 71.39 15.77 -35.61
C TYR I 78 72.73 16.35 -35.19
N HIS I 79 72.74 17.65 -34.87
CA HIS I 79 73.93 18.34 -34.37
C HIS I 79 73.60 18.87 -32.98
N CYS I 80 73.79 18.04 -31.97
CA CYS I 80 73.51 18.43 -30.60
C CYS I 80 74.48 19.53 -30.15
N VAL I 81 73.97 20.47 -29.39
CA VAL I 81 74.74 21.60 -28.89
C VAL I 81 74.69 21.57 -27.37
N CYS I 82 75.81 21.21 -26.74
CA CYS I 82 75.88 21.12 -25.29
C CYS I 82 76.84 22.18 -24.76
N PRO I 83 76.33 23.36 -24.37
CA PRO I 83 77.25 24.44 -23.95
C PRO I 83 78.02 24.13 -22.68
N MET I 84 77.59 23.16 -21.87
CA MET I 84 78.23 22.86 -20.60
C MET I 84 78.17 24.07 -19.66
N ARG I 85 76.95 24.49 -19.35
CA ARG I 85 76.71 25.65 -18.51
C ARG I 85 76.21 25.31 -17.12
N SER I 86 75.44 24.24 -16.97
CA SER I 86 74.85 23.87 -15.68
C SER I 86 75.72 22.83 -14.97
N ALA I 87 75.31 22.47 -13.76
CA ALA I 87 76.01 21.44 -13.02
C ALA I 87 75.69 20.05 -13.55
N GLU I 88 74.51 19.89 -14.17
CA GLU I 88 74.04 18.59 -14.62
C GLU I 88 74.63 18.16 -15.96
N ASP I 89 75.07 19.10 -16.80
CA ASP I 89 75.51 18.75 -18.15
C ASP I 89 76.52 17.62 -18.16
N PRO I 90 77.55 17.62 -17.33
CA PRO I 90 78.48 16.46 -17.32
C PRO I 90 77.77 15.13 -17.12
N GLU I 91 76.89 15.04 -16.11
CA GLU I 91 76.14 13.80 -15.90
C GLU I 91 75.59 13.27 -17.22
N ARG I 92 74.73 14.06 -17.87
CA ARG I 92 74.26 13.69 -19.20
C ARG I 92 75.41 13.21 -20.06
N LEU I 93 76.39 14.09 -20.31
CA LEU I 93 77.56 13.70 -21.08
C LEU I 93 78.03 12.31 -20.68
N ALA I 94 78.32 12.11 -19.39
CA ALA I 94 78.78 10.82 -18.92
C ALA I 94 77.93 9.70 -19.48
N ASN I 95 76.63 9.68 -19.13
CA ASN I 95 75.80 8.57 -19.59
C ASN I 95 75.81 8.47 -21.10
N TYR I 96 75.76 9.60 -21.80
CA TYR I 96 75.82 9.55 -23.26
C TYR I 96 77.04 8.76 -23.70
N ALA I 97 78.22 9.13 -23.21
CA ALA I 97 79.41 8.35 -23.53
C ALA I 97 79.19 6.87 -23.21
N ARG I 98 78.77 6.58 -21.98
CA ARG I 98 78.49 5.20 -21.62
C ARG I 98 77.51 4.59 -22.61
N LYS I 99 76.43 5.30 -22.93
CA LYS I 99 75.45 4.75 -23.88
C LYS I 99 76.12 4.46 -25.21
N LEU I 100 76.96 5.38 -25.69
CA LEU I 100 77.70 5.11 -26.91
C LEU I 100 78.49 3.82 -26.78
N ALA I 101 79.21 3.66 -25.67
CA ALA I 101 79.93 2.41 -25.45
C ALA I 101 78.96 1.24 -25.45
N SER I 102 77.80 1.40 -24.79
CA SER I 102 76.81 0.33 -24.79
C SER I 102 76.39 -0.01 -26.21
N ALA I 103 76.33 0.99 -27.09
CA ALA I 103 76.00 0.73 -28.49
C ALA I 103 77.22 0.56 -29.37
N ALA I 104 78.43 0.69 -28.81
CA ALA I 104 79.63 0.59 -29.63
C ALA I 104 79.83 -0.80 -30.22
N GLY I 105 79.19 -1.81 -29.66
CA GLY I 105 79.36 -3.16 -30.15
C GLY I 105 78.07 -3.96 -30.20
N LYS I 106 76.94 -3.28 -30.38
CA LYS I 106 75.65 -3.95 -30.46
C LYS I 106 75.01 -3.81 -31.84
N VAL I 107 74.85 -2.59 -32.35
CA VAL I 107 74.16 -2.34 -33.61
C VAL I 107 75.01 -1.44 -34.48
N LEU I 108 74.78 -1.52 -35.78
CA LEU I 108 75.49 -0.72 -36.77
C LEU I 108 74.52 -0.06 -37.74
N ASP I 109 73.41 0.46 -37.22
CA ASP I 109 72.42 1.13 -38.03
C ASP I 109 72.20 2.59 -37.68
N ARG I 110 72.58 3.02 -36.47
CA ARG I 110 72.36 4.39 -36.02
C ARG I 110 73.62 5.24 -36.10
N ASN I 111 74.64 4.79 -36.81
CA ASN I 111 75.89 5.52 -36.96
C ASN I 111 76.50 5.74 -35.57
N ILE I 112 76.87 4.62 -34.95
CA ILE I 112 77.54 4.67 -33.65
C ILE I 112 78.98 5.12 -33.79
N SER I 113 79.67 4.62 -34.83
CA SER I 113 81.06 4.99 -35.03
C SER I 113 81.21 6.49 -35.26
N GLY I 114 80.30 7.08 -36.03
CA GLY I 114 80.34 8.51 -36.24
C GLY I 114 80.20 9.28 -34.93
N LYS I 115 79.24 8.89 -34.09
CA LYS I 115 79.07 9.58 -32.82
C LYS I 115 80.30 9.44 -31.94
N ILE I 116 80.87 8.23 -31.86
CA ILE I 116 82.03 8.03 -31.00
C ILE I 116 83.22 8.83 -31.52
N GLY I 117 83.45 8.82 -32.83
CA GLY I 117 84.55 9.60 -33.38
C GLY I 117 84.36 11.09 -33.17
N ASP I 118 83.12 11.57 -33.33
CA ASP I 118 82.85 12.98 -33.08
C ASP I 118 83.13 13.35 -31.63
N LEU I 119 82.71 12.49 -30.69
CA LEU I 119 82.98 12.76 -29.29
C LEU I 119 84.48 12.75 -29.00
N GLN I 120 85.22 11.81 -29.59
CA GLN I 120 86.66 11.78 -29.40
C GLN I 120 87.32 13.03 -29.94
N ALA I 121 86.88 13.49 -31.12
CA ALA I 121 87.42 14.73 -31.69
C ALA I 121 87.12 15.92 -30.79
N VAL I 122 85.91 15.97 -30.24
CA VAL I 122 85.56 17.06 -29.33
C VAL I 122 86.45 17.03 -28.10
N MET I 123 86.67 15.83 -27.54
CA MET I 123 87.51 15.70 -26.36
C MET I 123 88.94 16.13 -26.65
N ALA I 124 89.47 15.77 -27.82
CA ALA I 124 90.81 16.20 -28.19
C ALA I 124 90.90 17.71 -28.26
N VAL I 125 89.91 18.36 -28.87
CA VAL I 125 89.87 19.82 -28.96
C VAL I 125 88.44 20.28 -28.71
N PRO I 126 88.18 21.02 -27.63
CA PRO I 126 86.79 21.41 -27.32
C PRO I 126 86.12 22.20 -28.43
N ASP I 127 86.87 23.06 -29.13
CA ASP I 127 86.28 23.98 -30.11
C ASP I 127 86.05 23.33 -31.47
N THR I 128 86.03 22.00 -31.56
CA THR I 128 85.74 21.34 -32.81
C THR I 128 84.29 21.62 -33.23
N GLU I 129 84.07 21.62 -34.54
CA GLU I 129 82.76 21.85 -35.12
C GLU I 129 82.20 20.57 -35.72
N THR I 130 82.38 19.46 -35.02
CA THR I 130 81.97 18.18 -35.55
C THR I 130 80.47 18.14 -35.80
N PRO I 131 80.02 17.36 -36.78
CA PRO I 131 78.60 17.44 -37.19
C PRO I 131 77.61 17.15 -36.07
N THR I 132 77.90 16.20 -35.18
CA THR I 132 76.93 15.73 -34.20
C THR I 132 77.36 16.04 -32.76
N PHE I 133 78.06 17.14 -32.55
CA PHE I 133 78.43 17.53 -31.19
C PHE I 133 79.14 18.86 -31.23
N CYS I 134 79.15 19.55 -30.09
CA CYS I 134 79.87 20.80 -29.92
C CYS I 134 79.84 21.19 -28.46
N LEU I 135 80.62 22.21 -28.11
CA LEU I 135 80.70 22.73 -26.76
C LEU I 135 80.54 24.25 -26.75
N HIS I 136 79.71 24.75 -27.65
CA HIS I 136 79.47 26.18 -27.79
C HIS I 136 78.00 26.47 -27.55
N THR I 137 77.73 27.65 -26.99
CA THR I 137 76.35 28.09 -26.86
C THR I 137 75.73 28.33 -28.23
N ASP I 138 74.41 28.23 -28.29
CA ASP I 138 73.72 28.43 -29.56
C ASP I 138 74.12 29.75 -30.20
N VAL I 139 74.35 30.78 -29.39
CA VAL I 139 74.86 32.03 -29.91
C VAL I 139 76.25 31.83 -30.51
N SER I 140 77.10 31.08 -29.84
CA SER I 140 78.49 30.91 -30.25
C SER I 140 78.73 29.70 -31.14
N CYS I 141 77.71 28.89 -31.39
CA CYS I 141 77.89 27.71 -32.24
C CYS I 141 78.22 28.14 -33.67
N ARG I 142 78.93 27.27 -34.38
CA ARG I 142 79.38 27.56 -35.73
C ARG I 142 78.85 26.61 -36.79
N GLN I 143 78.38 25.41 -36.41
CA GLN I 143 77.85 24.48 -37.40
C GLN I 143 76.65 25.08 -38.11
N ARG I 144 76.53 24.79 -39.41
CA ARG I 144 75.49 25.34 -40.25
C ARG I 144 74.49 24.25 -40.60
N ALA I 145 73.20 24.56 -40.45
CA ALA I 145 72.12 23.60 -40.71
C ALA I 145 70.99 24.33 -41.41
N ASP I 146 69.84 23.66 -41.51
CA ASP I 146 68.67 24.22 -42.17
C ASP I 146 67.54 24.51 -41.18
N VAL I 147 67.12 23.52 -40.40
CA VAL I 147 66.05 23.67 -39.43
C VAL I 147 66.59 23.39 -38.04
N ALA I 148 66.36 24.32 -37.11
CA ALA I 148 66.83 24.20 -35.74
C ALA I 148 65.66 23.97 -34.80
N ILE I 149 65.81 23.00 -33.90
CA ILE I 149 64.77 22.64 -32.94
C ILE I 149 65.28 22.93 -31.54
N TYR I 150 64.49 23.66 -30.76
CA TYR I 150 64.77 23.87 -29.35
C TYR I 150 63.99 22.86 -28.52
N GLN I 151 64.36 22.77 -27.23
CA GLN I 151 63.67 21.87 -26.32
C GLN I 151 63.93 22.33 -24.90
N ASP I 152 62.87 22.72 -24.20
CA ASP I 152 62.94 23.15 -22.81
C ASP I 152 64.09 24.14 -22.60
N VAL I 153 64.03 25.24 -23.34
CA VAL I 153 65.03 26.29 -23.30
C VAL I 153 64.33 27.56 -22.84
N TYR I 154 64.36 27.82 -21.53
CA TYR I 154 63.69 28.98 -20.95
C TYR I 154 64.70 29.95 -20.33
N ALA I 155 65.91 30.01 -20.87
CA ALA I 155 66.95 30.87 -20.32
C ALA I 155 67.68 31.70 -21.35
N VAL I 156 67.31 31.62 -22.63
CA VAL I 156 68.00 32.34 -23.70
C VAL I 156 67.01 33.29 -24.36
N HIS I 157 67.45 34.52 -24.59
CA HIS I 157 66.63 35.47 -25.33
C HIS I 157 66.28 34.89 -26.69
N ALA I 158 64.98 34.71 -26.94
CA ALA I 158 64.55 34.10 -28.19
C ALA I 158 64.98 34.91 -29.41
N PRO I 159 64.79 36.22 -29.46
CA PRO I 159 65.23 36.96 -30.66
C PRO I 159 66.71 36.80 -30.94
N THR I 160 67.57 36.82 -29.91
CA THR I 160 69.00 36.76 -30.15
C THR I 160 69.42 35.37 -30.64
N SER I 161 68.91 34.32 -30.02
CA SER I 161 69.25 32.97 -30.46
C SER I 161 68.74 32.73 -31.88
N LEU I 162 67.51 33.16 -32.18
CA LEU I 162 66.97 32.98 -33.52
C LEU I 162 67.79 33.77 -34.53
N TYR I 163 68.22 34.99 -34.17
CA TYR I 163 69.06 35.78 -35.06
C TYR I 163 70.36 35.08 -35.36
N HIS I 164 71.07 34.65 -34.32
CA HIS I 164 72.37 34.01 -34.51
C HIS I 164 72.23 32.65 -35.18
N GLN I 165 71.03 32.07 -35.17
CA GLN I 165 70.80 30.85 -35.95
C GLN I 165 70.50 31.17 -37.40
N ALA I 166 69.80 32.29 -37.65
CA ALA I 166 69.52 32.71 -39.02
C ALA I 166 70.80 33.09 -39.76
N ILE I 167 71.69 33.83 -39.10
CA ILE I 167 72.95 34.19 -39.74
C ILE I 167 73.75 32.95 -40.09
N LYS I 168 73.47 31.82 -39.41
CA LYS I 168 74.03 30.54 -39.77
C LYS I 168 73.14 29.75 -40.72
N GLY I 169 72.24 30.43 -41.42
CA GLY I 169 71.36 29.77 -42.37
C GLY I 169 70.29 28.90 -41.74
N VAL I 170 69.62 29.40 -40.70
CA VAL I 170 68.51 28.70 -40.07
C VAL I 170 67.23 29.39 -40.54
N ARG I 171 66.45 28.68 -41.36
CA ARG I 171 65.21 29.23 -41.91
C ARG I 171 63.98 28.78 -41.14
N LEU I 172 64.08 27.73 -40.34
CA LEU I 172 62.96 27.20 -39.59
C LEU I 172 63.43 26.78 -38.21
N ALA I 173 62.60 27.03 -37.20
CA ALA I 173 62.94 26.65 -35.84
C ALA I 173 61.69 26.22 -35.11
N TYR I 174 61.86 25.28 -34.17
CA TYR I 174 60.78 24.82 -33.33
C TYR I 174 61.17 24.98 -31.88
N TRP I 175 60.16 25.08 -31.01
CA TRP I 175 60.37 25.37 -29.60
C TRP I 175 59.28 24.63 -28.81
N VAL I 176 59.65 23.48 -28.24
CA VAL I 176 58.77 22.72 -27.36
C VAL I 176 59.05 23.17 -25.93
N GLY I 177 58.01 23.54 -25.20
CA GLY I 177 58.21 24.01 -23.85
C GLY I 177 56.92 24.27 -23.12
N PHE I 178 57.03 25.02 -22.02
CA PHE I 178 55.87 25.40 -21.24
C PHE I 178 55.19 26.62 -21.86
N ASP I 179 53.87 26.62 -21.83
CA ASP I 179 53.11 27.77 -22.33
C ASP I 179 53.53 29.02 -21.57
N THR I 180 53.74 30.11 -22.31
CA THR I 180 54.21 31.36 -21.73
C THR I 180 53.08 32.31 -21.36
N THR I 181 51.83 31.87 -21.49
CA THR I 181 50.71 32.74 -21.12
C THR I 181 50.77 33.19 -19.66
N PRO I 182 51.10 32.34 -18.69
CA PRO I 182 51.11 32.82 -17.29
C PRO I 182 52.12 33.92 -17.03
N PHE I 183 53.15 34.07 -17.88
CA PHE I 183 54.13 35.11 -17.69
C PHE I 183 53.81 36.37 -18.49
N MET I 184 53.01 36.26 -19.54
CA MET I 184 52.47 37.45 -20.19
C MET I 184 51.36 38.08 -19.36
N TYR I 185 50.67 37.31 -18.53
CA TYR I 185 49.69 37.82 -17.59
C TYR I 185 50.32 38.24 -16.27
N ASN I 186 51.61 37.97 -16.08
CA ASN I 186 52.35 38.38 -14.89
C ASN I 186 51.71 37.81 -13.62
N ALA I 187 51.70 36.48 -13.55
CA ALA I 187 51.27 35.78 -12.35
C ALA I 187 52.46 35.59 -11.41
N MET I 188 52.21 35.76 -10.11
CA MET I 188 53.27 35.55 -9.12
C MET I 188 53.61 34.07 -8.97
N ALA I 189 52.59 33.22 -8.90
CA ALA I 189 52.78 31.79 -8.77
C ALA I 189 51.83 31.09 -9.74
N GLY I 190 52.15 29.85 -10.05
CA GLY I 190 51.31 29.10 -10.98
C GLY I 190 51.65 27.63 -10.97
N ALA I 191 50.79 26.85 -11.63
CA ALA I 191 50.95 25.41 -11.68
C ALA I 191 50.66 24.92 -13.08
N TYR I 192 51.22 23.75 -13.40
CA TYR I 192 50.91 23.01 -14.63
C TYR I 192 50.46 21.62 -14.18
N PRO I 193 49.33 21.53 -13.48
CA PRO I 193 49.04 20.31 -12.73
C PRO I 193 48.60 19.15 -13.61
N SER I 194 49.33 18.97 -14.71
CA SER I 194 49.34 17.71 -15.45
C SER I 194 50.74 17.28 -15.85
N TYR I 195 51.73 18.16 -15.78
CA TYR I 195 53.13 17.83 -15.97
C TYR I 195 53.89 17.81 -14.64
N SER I 196 53.17 17.78 -13.52
CA SER I 196 53.77 17.72 -12.19
C SER I 196 54.75 18.87 -11.98
N THR I 197 54.36 20.07 -12.41
CA THR I 197 55.19 21.24 -12.27
C THR I 197 54.46 22.34 -11.53
N ASN I 198 55.19 23.02 -10.64
CA ASN I 198 54.73 24.26 -10.04
C ASN I 198 55.79 25.32 -10.26
N TRP I 199 55.44 26.57 -10.03
CA TRP I 199 56.46 27.62 -10.10
C TRP I 199 56.00 28.79 -9.25
N ALA I 200 56.97 29.52 -8.72
CA ALA I 200 56.67 30.67 -7.89
C ALA I 200 57.76 31.71 -8.02
N ASP I 201 57.35 32.98 -7.88
CA ASP I 201 58.32 34.06 -7.76
C ASP I 201 59.04 33.98 -6.43
N GLU I 202 60.34 34.28 -6.45
CA GLU I 202 61.15 34.16 -5.25
C GLU I 202 60.58 34.96 -4.08
N GLN I 203 59.69 35.90 -4.34
CA GLN I 203 59.09 36.70 -3.27
C GLN I 203 57.93 36.01 -2.58
N VAL I 204 57.50 34.85 -3.05
CA VAL I 204 56.40 34.12 -2.46
C VAL I 204 56.79 32.68 -2.11
N LEU I 205 58.10 32.40 -2.05
CA LEU I 205 58.56 31.06 -1.73
C LEU I 205 58.25 30.67 -0.29
N LYS I 206 58.03 31.65 0.59
CA LYS I 206 57.67 31.39 1.98
C LYS I 206 56.19 31.63 2.23
N ALA I 207 55.36 31.38 1.21
CA ALA I 207 53.91 31.46 1.34
C ALA I 207 53.37 30.12 1.86
N LYS I 208 52.10 30.11 2.23
CA LYS I 208 51.50 28.96 2.91
C LYS I 208 50.83 27.98 1.94
N ASN I 209 50.00 28.47 1.02
CA ASN I 209 49.05 27.62 0.33
C ASN I 209 49.43 27.27 -1.11
N ILE I 210 50.27 28.08 -1.78
CA ILE I 210 50.60 27.76 -3.15
C ILE I 210 51.35 26.42 -3.23
N GLY I 211 51.36 25.83 -4.42
CA GLY I 211 51.90 24.50 -4.59
C GLY I 211 53.41 24.40 -4.57
N LEU I 212 54.12 25.52 -4.47
CA LEU I 212 55.58 25.53 -4.33
C LEU I 212 55.92 26.59 -3.28
N CYS I 213 56.01 26.16 -2.03
CA CYS I 213 56.30 27.08 -0.93
C CYS I 213 56.66 26.26 0.30
N SER I 214 57.14 26.95 1.32
CA SER I 214 57.42 26.33 2.61
C SER I 214 57.35 27.42 3.67
N THR I 215 56.28 27.42 4.45
CA THR I 215 56.11 28.41 5.50
C THR I 215 56.64 27.86 6.82
N ASP I 216 56.58 28.68 7.87
CA ASP I 216 57.05 28.30 9.19
C ASP I 216 55.93 28.49 10.19
N LEU I 217 55.89 27.60 11.20
CA LEU I 217 54.85 27.62 12.21
C LEU I 217 55.19 28.68 13.27
N THR I 218 55.04 29.94 12.86
CA THR I 218 55.34 31.06 13.74
C THR I 218 54.15 31.33 14.66
N GLU I 219 54.45 31.98 15.79
CA GLU I 219 53.44 32.37 16.76
C GLU I 219 52.86 33.75 16.46
N GLY I 220 53.23 34.38 15.36
CA GLY I 220 52.76 35.70 15.03
C GLY I 220 53.45 36.79 15.84
N ARG I 221 52.90 37.99 15.71
CA ARG I 221 53.44 39.15 16.42
C ARG I 221 52.45 40.31 16.39
N GLY I 230 59.85 47.33 2.25
CA GLY I 230 59.21 47.39 0.95
C GLY I 230 57.74 47.04 0.99
N LYS I 231 56.89 48.04 0.76
CA LYS I 231 55.44 47.88 0.73
C LYS I 231 54.90 47.58 -0.66
N LYS I 232 55.71 47.06 -1.58
CA LYS I 232 55.28 46.82 -2.96
C LYS I 232 55.72 45.42 -3.38
N LEU I 233 54.77 44.50 -3.41
CA LEU I 233 55.01 43.13 -3.87
C LEU I 233 54.59 43.02 -5.33
N GLU I 234 55.58 42.95 -6.22
CA GLU I 234 55.35 42.78 -7.65
C GLU I 234 56.25 41.67 -8.18
N PRO I 235 55.85 41.01 -9.25
CA PRO I 235 56.68 39.93 -9.81
C PRO I 235 58.06 40.44 -10.17
N CYS I 236 59.06 39.63 -9.85
CA CYS I 236 60.45 39.93 -10.19
C CYS I 236 60.94 38.93 -11.24
N ASP I 237 62.10 39.22 -11.80
CA ASP I 237 62.59 38.43 -12.93
C ASP I 237 62.83 36.98 -12.55
N ARG I 238 63.36 36.74 -11.34
CA ARG I 238 63.73 35.40 -10.93
C ARG I 238 62.50 34.63 -10.46
N VAL I 239 62.24 33.49 -11.08
CA VAL I 239 61.19 32.57 -10.66
C VAL I 239 61.79 31.18 -10.57
N LEU I 240 61.13 30.32 -9.81
CA LEU I 240 61.58 28.96 -9.59
C LEU I 240 60.53 27.98 -10.10
N PHE I 241 60.99 26.96 -10.82
CA PHE I 241 60.15 25.91 -11.37
C PHE I 241 60.49 24.60 -10.68
N SER I 242 59.51 24.01 -10.00
CA SER I 242 59.65 22.67 -9.43
C SER I 242 58.94 21.70 -10.37
N VAL I 243 59.72 21.06 -11.24
CA VAL I 243 59.22 20.00 -12.09
C VAL I 243 59.38 18.70 -11.31
N GLY I 244 58.28 18.23 -10.72
CA GLY I 244 58.35 17.13 -9.79
C GLY I 244 59.21 17.49 -8.60
N SER I 245 60.40 16.90 -8.51
CA SER I 245 61.35 17.21 -7.45
C SER I 245 62.58 17.96 -7.95
N THR I 246 62.59 18.36 -9.22
CA THR I 246 63.73 19.07 -9.80
C THR I 246 63.48 20.57 -9.81
N LEU I 247 64.51 21.33 -9.47
CA LEU I 247 64.42 22.78 -9.38
C LEU I 247 65.11 23.43 -10.58
N TYR I 248 64.45 24.44 -11.14
CA TYR I 248 64.96 25.20 -12.28
C TYR I 248 64.77 26.69 -12.02
N PRO I 249 65.85 27.45 -11.84
CA PRO I 249 65.73 28.90 -11.70
C PRO I 249 65.66 29.56 -13.07
N GLU I 250 64.50 30.14 -13.40
CA GLU I 250 64.26 30.75 -14.68
C GLU I 250 64.03 32.25 -14.53
N SER I 251 64.06 32.94 -15.67
CA SER I 251 63.93 34.39 -15.73
C SER I 251 62.60 34.76 -16.37
N ARG I 252 61.89 35.70 -15.75
CA ARG I 252 60.65 36.19 -16.33
C ARG I 252 60.88 36.81 -17.70
N LYS I 253 61.92 37.65 -17.81
CA LYS I 253 62.14 38.37 -19.06
C LYS I 253 62.52 37.41 -20.19
N LEU I 254 63.29 36.38 -19.88
CA LEU I 254 63.62 35.38 -20.89
C LEU I 254 62.53 34.34 -21.06
N LEU I 255 61.51 34.35 -20.20
CA LEU I 255 60.31 33.58 -20.47
C LEU I 255 59.32 34.39 -21.30
N LYS I 256 59.17 35.67 -20.98
CA LYS I 256 58.41 36.57 -21.84
C LYS I 256 59.30 37.01 -23.00
N SER I 257 59.94 36.03 -23.64
CA SER I 257 60.69 36.25 -24.87
C SER I 257 60.41 35.21 -25.95
N TRP I 258 59.92 34.03 -25.59
CA TRP I 258 59.46 33.05 -26.56
C TRP I 258 57.96 33.15 -26.80
N HIS I 259 57.30 34.11 -26.15
CA HIS I 259 55.94 34.50 -26.50
C HIS I 259 55.99 35.48 -27.68
N LEU I 260 56.44 34.97 -28.81
CA LEU I 260 56.73 35.81 -29.95
C LEU I 260 55.44 36.19 -30.68
N PRO I 261 55.35 37.40 -31.22
CA PRO I 261 54.18 37.78 -32.01
C PRO I 261 54.07 36.92 -33.27
N SER I 262 52.93 37.06 -33.94
CA SER I 262 52.70 36.27 -35.15
C SER I 262 53.69 36.65 -36.25
N VAL I 263 53.99 37.93 -36.38
CA VAL I 263 54.99 38.42 -37.33
C VAL I 263 55.92 39.38 -36.60
N PHE I 264 57.22 39.10 -36.65
CA PHE I 264 58.22 39.94 -36.00
C PHE I 264 59.44 40.09 -36.91
N HIS I 265 60.08 41.23 -36.82
CA HIS I 265 61.21 41.58 -37.67
C HIS I 265 62.50 41.56 -36.86
N LEU I 266 63.51 40.87 -37.37
CA LEU I 266 64.87 40.87 -36.81
C LEU I 266 65.73 41.71 -37.74
N LYS I 267 65.97 42.96 -37.36
CA LYS I 267 66.64 43.95 -38.20
C LYS I 267 68.04 44.19 -37.66
N GLY I 268 69.05 43.72 -38.38
CA GLY I 268 70.45 43.97 -38.03
C GLY I 268 71.31 44.01 -39.26
N LYS I 269 72.45 43.35 -39.20
CA LYS I 269 73.29 43.23 -40.40
C LYS I 269 72.56 42.47 -41.49
N LEU I 270 71.86 41.40 -41.12
CA LEU I 270 70.96 40.70 -42.02
C LEU I 270 69.55 40.87 -41.49
N SER I 271 68.66 41.39 -42.33
CA SER I 271 67.27 41.63 -41.93
C SER I 271 66.41 40.41 -42.26
N PHE I 272 65.47 40.11 -41.36
CA PHE I 272 64.58 38.97 -41.54
C PHE I 272 63.19 39.32 -41.05
N THR I 273 62.20 38.70 -41.69
CA THR I 273 60.82 38.70 -41.21
C THR I 273 60.46 37.27 -40.85
N CYS I 274 59.85 37.08 -39.68
CA CYS I 274 59.60 35.75 -39.14
C CYS I 274 58.19 35.67 -38.59
N ARG I 275 57.65 34.45 -38.60
CA ARG I 275 56.30 34.18 -38.12
C ARG I 275 56.35 33.07 -37.08
N CYS I 276 55.70 33.28 -35.94
CA CYS I 276 55.55 32.27 -34.91
C CYS I 276 54.09 31.84 -34.84
N ASP I 277 53.86 30.54 -34.99
CA ASP I 277 52.51 29.99 -34.92
C ASP I 277 52.52 28.75 -34.04
N THR I 278 51.82 28.83 -32.90
CA THR I 278 51.74 27.72 -31.97
C THR I 278 50.99 26.57 -32.62
N VAL I 279 51.70 25.47 -32.88
CA VAL I 279 51.12 24.34 -33.60
C VAL I 279 50.38 23.40 -32.66
N VAL I 280 51.01 22.99 -31.57
CA VAL I 280 50.45 22.04 -30.62
C VAL I 280 50.37 22.69 -29.25
N SER I 281 49.30 22.38 -28.51
CA SER I 281 49.06 22.92 -27.18
C SER I 281 48.31 21.90 -26.36
N CYS I 282 48.88 21.51 -25.22
CA CYS I 282 48.30 20.47 -24.37
C CYS I 282 48.51 20.85 -22.90
N GLU I 283 47.44 21.29 -22.25
CA GLU I 283 47.37 21.41 -20.79
C GLU I 283 48.50 22.25 -20.20
N GLY I 284 49.19 23.02 -21.03
CA GLY I 284 50.26 23.86 -20.52
C GLY I 284 51.51 23.82 -21.39
N TYR I 285 51.77 22.68 -22.00
CA TYR I 285 52.87 22.60 -22.95
C TYR I 285 52.46 23.13 -24.31
N VAL I 286 53.42 23.68 -25.03
CA VAL I 286 53.21 24.23 -26.37
C VAL I 286 54.39 23.87 -27.25
N VAL I 287 54.13 23.84 -28.55
CA VAL I 287 55.15 23.56 -29.57
C VAL I 287 55.05 24.71 -30.58
N LYS I 288 55.84 25.76 -30.36
CA LYS I 288 55.84 26.90 -31.25
C LYS I 288 56.74 26.65 -32.45
N ARG I 289 56.38 27.26 -33.58
CA ARG I 289 57.16 27.17 -34.81
C ARG I 289 57.43 28.57 -35.33
N ILE I 290 58.70 28.88 -35.57
CA ILE I 290 59.11 30.19 -36.05
C ILE I 290 59.81 30.02 -37.39
N THR I 291 59.30 30.68 -38.42
CA THR I 291 59.90 30.65 -39.74
C THR I 291 60.72 31.93 -39.94
N MET I 292 61.99 31.76 -40.31
CA MET I 292 62.92 32.87 -40.46
C MET I 292 63.26 33.04 -41.93
N SER I 293 63.20 34.28 -42.41
CA SER I 293 63.50 34.58 -43.80
C SER I 293 64.04 36.00 -43.91
N PRO I 294 65.08 36.20 -44.72
CA PRO I 294 65.64 37.55 -44.88
C PRO I 294 64.66 38.48 -45.59
N GLY I 295 64.87 39.78 -45.38
CA GLY I 295 63.99 40.79 -45.96
C GLY I 295 62.78 41.06 -45.10
N LEU I 296 62.02 42.07 -45.51
CA LEU I 296 60.80 42.48 -44.82
C LEU I 296 59.61 42.14 -45.70
N TYR I 297 58.66 41.40 -45.14
CA TYR I 297 57.57 40.80 -45.89
C TYR I 297 56.22 41.23 -45.36
N GLY I 298 56.06 42.52 -45.09
CA GLY I 298 54.81 43.06 -44.62
C GLY I 298 55.03 43.97 -43.43
N LYS I 299 53.93 44.32 -42.77
CA LYS I 299 53.97 45.17 -41.58
C LYS I 299 53.64 44.32 -40.36
N THR I 300 54.43 44.50 -39.30
CA THR I 300 54.27 43.71 -38.09
C THR I 300 53.17 44.35 -37.23
N THR I 301 52.15 43.57 -36.92
CA THR I 301 51.05 44.05 -36.09
C THR I 301 51.44 44.14 -34.61
N GLY I 302 52.47 43.42 -34.19
CA GLY I 302 52.88 43.44 -32.80
C GLY I 302 51.88 42.80 -31.85
N TYR I 303 51.27 41.69 -32.25
CA TYR I 303 50.28 41.00 -31.44
C TYR I 303 50.63 39.53 -31.34
N ALA I 304 50.57 39.00 -30.13
CA ALA I 304 50.73 37.58 -29.85
C ALA I 304 49.37 37.00 -29.49
N VAL I 305 49.03 35.89 -30.13
CA VAL I 305 47.74 35.24 -30.03
C VAL I 305 47.92 33.89 -29.36
N THR I 306 47.14 33.62 -28.32
CA THR I 306 47.13 32.34 -27.63
C THR I 306 45.72 31.78 -27.66
N HIS I 307 45.51 30.71 -28.42
CA HIS I 307 44.21 30.05 -28.45
C HIS I 307 44.10 29.11 -27.26
N HIS I 308 43.18 29.39 -26.35
CA HIS I 308 43.07 28.63 -25.11
C HIS I 308 42.21 27.40 -25.36
N ALA I 309 42.86 26.32 -25.81
CA ALA I 309 42.15 25.07 -26.05
C ALA I 309 41.52 24.53 -24.78
N ASP I 310 42.03 24.91 -23.62
CA ASP I 310 41.43 24.54 -22.34
C ASP I 310 41.48 25.75 -21.42
N GLY I 311 40.56 25.77 -20.46
CA GLY I 311 40.43 26.90 -19.56
C GLY I 311 41.73 27.33 -18.92
N PHE I 312 41.95 28.64 -18.84
CA PHE I 312 43.11 29.22 -18.17
C PHE I 312 42.61 30.19 -17.12
N LEU I 313 42.80 29.84 -15.86
CA LEU I 313 42.38 30.68 -14.75
C LEU I 313 43.59 31.41 -14.17
N MET I 314 43.37 32.66 -13.76
CA MET I 314 44.42 33.43 -13.08
C MET I 314 43.70 34.35 -12.11
N CYS I 315 43.84 34.08 -10.81
CA CYS I 315 43.09 34.81 -9.80
CA CYS I 315 43.09 34.82 -9.80
C CYS I 315 44.03 35.33 -8.72
N LYS I 316 43.62 36.43 -8.08
CA LYS I 316 44.40 37.04 -7.01
C LYS I 316 43.97 36.43 -5.69
N THR I 317 44.82 35.56 -5.15
CA THR I 317 44.56 34.92 -3.86
C THR I 317 45.31 35.64 -2.75
N THR I 318 44.71 35.64 -1.57
CA THR I 318 45.33 36.20 -0.38
C THR I 318 46.03 35.10 0.40
N ASP I 319 47.28 35.36 0.78
CA ASP I 319 48.09 34.40 1.51
C ASP I 319 48.81 35.15 2.62
N THR I 320 49.69 34.44 3.32
CA THR I 320 50.55 35.05 4.33
C THR I 320 51.99 34.66 4.01
N VAL I 321 52.83 35.67 3.79
CA VAL I 321 54.24 35.46 3.47
C VAL I 321 55.05 35.96 4.66
N ASP I 322 55.88 35.08 5.22
CA ASP I 322 56.68 35.39 6.41
C ASP I 322 55.80 35.92 7.54
N GLY I 323 54.58 35.40 7.64
CA GLY I 323 53.66 35.81 8.68
C GLY I 323 52.89 37.08 8.41
N GLU I 324 53.12 37.74 7.28
CA GLU I 324 52.46 39.00 6.95
C GLU I 324 51.42 38.75 5.87
N ARG I 325 50.20 39.26 6.09
CA ARG I 325 49.11 39.03 5.15
C ARG I 325 49.35 39.83 3.88
N VAL I 326 49.22 39.17 2.72
CA VAL I 326 49.45 39.79 1.42
C VAL I 326 48.50 39.17 0.42
N SER I 327 48.47 39.76 -0.77
CA SER I 327 47.65 39.26 -1.88
C SER I 327 48.49 39.23 -3.14
N PHE I 328 48.40 38.14 -3.90
CA PHE I 328 49.15 38.02 -5.14
C PHE I 328 48.42 37.04 -6.06
N SER I 329 48.82 37.05 -7.33
CA SER I 329 48.08 36.34 -8.37
C SER I 329 48.70 34.99 -8.64
N VAL I 330 47.85 33.98 -8.79
CA VAL I 330 48.26 32.61 -9.11
C VAL I 330 47.40 32.11 -10.26
N CYS I 331 48.02 31.36 -11.16
CA CYS I 331 47.36 30.89 -12.38
C CYS I 331 47.40 29.36 -12.44
N THR I 332 46.49 28.81 -13.24
CA THR I 332 46.39 27.37 -13.44
C THR I 332 45.65 27.11 -14.75
N TYR I 333 45.77 25.87 -15.23
CA TYR I 333 45.16 25.43 -16.48
C TYR I 333 44.10 24.40 -16.17
N VAL I 334 42.84 24.85 -16.06
CA VAL I 334 41.73 23.94 -15.83
C VAL I 334 41.47 23.12 -17.10
N PRO I 335 41.06 21.86 -16.98
CA PRO I 335 40.72 21.10 -18.18
C PRO I 335 39.45 21.62 -18.83
N ALA I 336 39.33 21.37 -20.14
CA ALA I 336 38.19 21.89 -20.90
C ALA I 336 36.88 21.32 -20.39
N THR I 337 36.85 20.03 -20.08
CA THR I 337 35.59 19.40 -19.65
C THR I 337 35.09 20.00 -18.34
N ILE I 338 36.00 20.34 -17.43
CA ILE I 338 35.60 20.97 -16.18
C ILE I 338 34.89 22.29 -16.46
N CYS I 339 35.46 23.11 -17.36
CA CYS I 339 34.83 24.37 -17.71
C CYS I 339 33.48 24.14 -18.37
N ASP I 340 33.39 23.16 -19.26
CA ASP I 340 32.12 22.87 -19.92
C ASP I 340 31.05 22.51 -18.90
N GLN I 341 31.35 21.59 -17.98
CA GLN I 341 30.39 21.17 -16.96
C GLN I 341 30.15 22.23 -15.90
N MET I 342 31.03 23.22 -15.77
CA MET I 342 30.81 24.32 -14.85
C MET I 342 30.13 25.52 -15.49
N THR I 343 29.92 25.48 -16.81
CA THR I 343 29.19 26.56 -17.49
C THR I 343 27.92 26.93 -16.73
N GLY I 344 27.03 25.96 -16.53
CA GLY I 344 25.75 26.26 -15.90
C GLY I 344 25.89 26.82 -14.50
N ILE I 345 26.72 26.19 -13.67
CA ILE I 345 26.90 26.67 -12.30
C ILE I 345 27.46 28.08 -12.31
N LEU I 346 28.48 28.34 -13.13
CA LEU I 346 29.03 29.68 -13.24
C LEU I 346 28.01 30.68 -13.75
N ALA I 347 26.95 30.19 -14.41
CA ALA I 347 25.83 31.07 -14.74
C ALA I 347 25.24 31.72 -13.49
N THR I 348 25.40 31.08 -12.33
CA THR I 348 24.90 31.59 -11.06
C THR I 348 26.06 32.00 -10.18
N GLU I 349 25.79 32.89 -9.22
CA GLU I 349 26.77 33.21 -8.18
C GLU I 349 26.99 31.99 -7.30
N VAL I 350 28.18 31.40 -7.38
CA VAL I 350 28.49 30.13 -6.73
C VAL I 350 29.60 30.37 -5.71
N THR I 351 29.40 29.87 -4.49
CA THR I 351 30.37 30.05 -3.44
C THR I 351 31.63 29.23 -3.72
N PRO I 352 32.78 29.67 -3.20
CA PRO I 352 33.99 28.83 -3.31
C PRO I 352 33.80 27.45 -2.72
N GLU I 353 33.06 27.35 -1.61
CA GLU I 353 32.82 26.04 -1.00
C GLU I 353 31.94 25.16 -1.89
N ASP I 354 30.83 25.70 -2.38
CA ASP I 354 29.95 24.91 -3.24
C ASP I 354 30.62 24.61 -4.57
N ALA I 355 31.38 25.57 -5.11
CA ALA I 355 32.13 25.31 -6.32
C ALA I 355 33.16 24.21 -6.09
N GLN I 356 33.80 24.21 -4.93
CA GLN I 356 34.75 23.14 -4.60
C GLN I 356 34.05 21.79 -4.53
N LYS I 357 32.87 21.74 -3.92
CA LYS I 357 32.13 20.48 -3.83
C LYS I 357 31.75 19.98 -5.22
N LEU I 358 31.24 20.86 -6.09
CA LEU I 358 30.90 20.44 -7.44
C LEU I 358 32.13 20.03 -8.22
N LEU I 359 33.27 20.71 -8.00
CA LEU I 359 34.51 20.33 -8.67
C LEU I 359 34.97 18.94 -8.23
N VAL I 360 34.87 18.65 -6.93
CA VAL I 360 35.24 17.32 -6.45
C VAL I 360 34.31 16.27 -7.06
N GLY I 361 33.01 16.56 -7.08
CA GLY I 361 32.08 15.62 -7.70
C GLY I 361 32.39 15.38 -9.18
N LEU I 362 32.70 16.45 -9.91
CA LEU I 362 33.04 16.32 -11.32
C LEU I 362 34.33 15.53 -11.51
N ASN I 363 35.28 15.70 -10.58
CA ASN I 363 36.53 14.93 -10.67
C ASN I 363 36.25 13.44 -10.59
N GLN I 364 35.32 13.04 -9.72
CA GLN I 364 34.88 11.65 -9.63
C GLN I 364 33.85 11.49 -8.51
N THR I 376 40.02 7.67 -9.87
CA THR I 376 40.94 8.55 -10.57
C THR I 376 40.44 9.98 -10.58
N ASN I 377 41.27 10.90 -11.06
CA ASN I 377 40.93 12.32 -11.11
C ASN I 377 41.31 12.88 -12.47
N THR I 378 40.62 13.95 -12.85
CA THR I 378 40.96 14.69 -14.07
C THR I 378 41.79 15.93 -13.77
N MET I 379 41.59 16.54 -12.61
CA MET I 379 42.41 17.65 -12.15
C MET I 379 42.90 17.34 -10.73
N LYS I 380 44.16 17.67 -10.46
CA LYS I 380 44.73 17.37 -9.16
C LYS I 380 44.04 18.20 -8.08
N ASN I 381 43.83 17.59 -6.92
CA ASN I 381 42.96 18.17 -5.90
C ASN I 381 43.60 19.33 -5.16
N TYR I 382 44.93 19.44 -5.16
CA TYR I 382 45.55 20.58 -4.50
C TYR I 382 45.29 21.89 -5.22
N MET I 383 44.80 21.84 -6.46
CA MET I 383 44.43 23.03 -7.22
C MET I 383 42.95 23.39 -7.10
N ILE I 384 42.10 22.40 -6.85
CA ILE I 384 40.65 22.61 -6.76
C ILE I 384 40.33 23.74 -5.79
N PRO I 385 40.99 23.82 -4.63
CA PRO I 385 40.68 24.93 -3.71
C PRO I 385 40.87 26.30 -4.32
N VAL I 386 41.81 26.45 -5.25
CA VAL I 386 42.03 27.75 -5.87
C VAL I 386 41.25 27.89 -7.17
N VAL I 387 41.04 26.78 -7.90
CA VAL I 387 40.19 26.81 -9.08
C VAL I 387 38.79 27.25 -8.70
N ALA I 388 38.25 26.73 -7.59
CA ALA I 388 36.92 27.11 -7.16
C ALA I 388 36.86 28.59 -6.79
N GLN I 389 37.88 29.10 -6.11
CA GLN I 389 37.88 30.51 -5.75
C GLN I 389 37.95 31.39 -7.00
N ALA I 390 38.75 30.99 -7.99
CA ALA I 390 38.81 31.74 -9.23
C ALA I 390 37.47 31.73 -9.94
N PHE I 391 36.82 30.57 -10.01
CA PHE I 391 35.50 30.47 -10.63
C PHE I 391 34.51 31.38 -9.94
N SER I 392 34.50 31.36 -8.60
CA SER I 392 33.54 32.16 -7.85
C SER I 392 33.79 33.65 -8.05
N LYS I 393 35.06 34.07 -8.00
CA LYS I 393 35.36 35.48 -8.21
C LYS I 393 34.97 35.93 -9.61
N TRP I 394 35.24 35.08 -10.61
CA TRP I 394 34.87 35.41 -11.98
C TRP I 394 33.36 35.53 -12.13
N ALA I 395 32.62 34.59 -11.55
CA ALA I 395 31.16 34.65 -11.63
C ALA I 395 30.62 35.90 -10.95
N LYS I 396 31.15 36.24 -9.78
CA LYS I 396 30.68 37.43 -9.08
C LYS I 396 30.99 38.69 -9.89
N GLU I 397 32.19 38.76 -10.48
CA GLU I 397 32.54 39.91 -11.30
C GLU I 397 31.63 40.01 -12.52
N CYS I 398 31.34 38.87 -13.15
CA CYS I 398 30.43 38.88 -14.31
C CYS I 398 29.04 39.37 -13.92
N ARG I 399 28.52 38.89 -12.79
CA ARG I 399 27.20 39.35 -12.35
C ARG I 399 27.21 40.83 -12.02
N LYS I 400 28.24 41.30 -11.33
CA LYS I 400 28.33 42.74 -11.03
C LYS I 400 28.47 43.54 -12.31
N ASP I 401 29.03 42.92 -13.36
CA ASP I 401 29.08 43.57 -14.66
C ASP I 401 27.69 43.71 -15.26
N MET I 402 26.93 42.60 -15.29
CA MET I 402 25.59 42.64 -15.85
C MET I 402 24.60 43.35 -14.93
N GLU I 403 24.98 43.66 -13.69
CA GLU I 403 24.12 44.38 -12.77
C GLU I 403 24.29 45.89 -12.87
N ASP I 404 25.20 46.37 -13.72
CA ASP I 404 25.39 47.79 -13.97
C ASP I 404 25.74 47.97 -15.43
N GLU I 405 25.04 48.88 -16.10
CA GLU I 405 25.23 49.12 -17.52
C GLU I 405 25.35 50.61 -17.78
N LYS I 406 26.37 51.01 -18.52
CA LYS I 406 26.65 52.41 -18.80
C LYS I 406 26.14 52.77 -20.21
N LEU I 407 26.44 53.99 -20.64
CA LEU I 407 25.99 54.46 -21.95
C LEU I 407 26.86 53.86 -23.05
N LEU I 408 26.21 53.28 -24.06
CA LEU I 408 26.94 52.73 -25.19
C LEU I 408 27.63 53.84 -25.99
N GLY I 409 28.76 53.48 -26.60
CA GLY I 409 29.47 54.38 -27.49
C GLY I 409 30.43 55.33 -26.80
N VAL I 410 30.37 55.44 -25.47
CA VAL I 410 31.19 56.38 -24.74
C VAL I 410 31.95 55.64 -23.65
N ARG I 411 33.26 55.87 -23.57
CA ARG I 411 34.06 55.39 -22.46
C ARG I 411 33.95 56.40 -21.32
N GLU I 412 33.00 56.17 -20.42
CA GLU I 412 32.69 57.12 -19.36
C GLU I 412 33.85 57.26 -18.37
N PHE I 423 39.54 57.86 -15.84
CA PHE I 423 38.37 57.05 -15.55
C PHE I 423 38.52 56.37 -14.19
N LYS I 424 37.39 56.04 -13.57
CA LYS I 424 37.39 55.38 -12.26
C LYS I 424 37.72 53.90 -12.46
N LYS I 425 39.01 53.64 -12.66
CA LYS I 425 39.46 52.26 -12.78
C LYS I 425 39.08 51.48 -11.53
N GLN I 426 38.58 50.26 -11.72
CA GLN I 426 38.02 49.47 -10.64
C GLN I 426 38.72 48.12 -10.57
N LYS I 427 38.18 47.25 -9.72
CA LYS I 427 38.80 45.96 -9.44
C LYS I 427 38.70 45.02 -10.63
N THR I 428 39.76 44.22 -10.82
CA THR I 428 39.77 43.11 -11.77
C THR I 428 40.59 42.01 -11.10
N HIS I 429 39.90 41.11 -10.41
CA HIS I 429 40.55 40.11 -9.58
C HIS I 429 40.47 38.70 -10.14
N THR I 430 40.08 38.55 -11.41
CA THR I 430 40.10 37.24 -12.04
C THR I 430 40.30 37.40 -13.55
N VAL I 431 40.92 36.39 -14.14
CA VAL I 431 41.07 36.29 -15.59
C VAL I 431 40.79 34.84 -15.96
N TYR I 432 39.61 34.56 -16.48
CA TYR I 432 39.20 33.23 -16.88
C TYR I 432 39.09 33.21 -18.40
N LYS I 433 40.01 32.52 -19.05
CA LYS I 433 39.99 32.34 -20.50
C LYS I 433 39.45 30.95 -20.78
N ARG I 434 38.15 30.88 -21.04
CA ARG I 434 37.47 29.62 -21.24
C ARG I 434 38.02 28.91 -22.47
N PRO I 435 37.67 27.65 -22.66
CA PRO I 435 38.11 26.95 -23.87
C PRO I 435 37.56 27.60 -25.12
N ASP I 436 38.37 27.62 -26.18
CA ASP I 436 38.04 28.19 -27.48
C ASP I 436 38.06 29.70 -27.50
N THR I 437 38.54 30.36 -26.45
CA THR I 437 38.77 31.80 -26.50
C THR I 437 40.21 32.07 -26.95
N GLN I 438 40.55 33.34 -27.09
CA GLN I 438 41.89 33.71 -27.53
C GLN I 438 42.38 34.89 -26.71
N SER I 439 43.66 34.84 -26.35
CA SER I 439 44.34 35.94 -25.66
C SER I 439 45.16 36.72 -26.66
N ILE I 440 45.10 38.05 -26.57
CA ILE I 440 45.80 38.97 -27.45
C ILE I 440 46.66 39.87 -26.60
N GLN I 441 47.97 39.82 -26.81
CA GLN I 441 48.89 40.70 -26.09
C GLN I 441 49.78 41.45 -27.06
N LYS I 442 49.89 42.76 -26.85
CA LYS I 442 50.76 43.59 -27.68
C LYS I 442 52.19 43.43 -27.20
N VAL I 443 53.03 42.80 -28.03
CA VAL I 443 54.41 42.52 -27.66
C VAL I 443 55.34 43.22 -28.65
N GLN I 444 56.65 43.10 -28.41
CA GLN I 444 57.63 43.70 -29.31
C GLN I 444 57.79 42.84 -30.55
N ALA I 445 57.75 43.48 -31.72
CA ALA I 445 57.83 42.77 -32.99
C ALA I 445 59.03 43.19 -33.84
N GLU I 446 59.75 44.22 -33.44
CA GLU I 446 60.91 44.72 -34.17
C GLU I 446 62.14 44.65 -33.27
N PHE I 447 63.02 43.69 -33.55
CA PHE I 447 64.25 43.51 -32.79
C PHE I 447 65.44 43.87 -33.65
N ASP I 448 66.31 44.73 -33.12
CA ASP I 448 67.49 45.19 -33.85
C ASP I 448 68.73 45.12 -32.97
N SER I 458 83.87 25.38 -24.42
CA SER I 458 84.88 26.30 -23.88
C SER I 458 84.71 26.48 -22.38
N GLY I 459 84.05 25.51 -21.74
CA GLY I 459 83.83 25.56 -20.31
C GLY I 459 84.11 24.23 -19.63
N LEU I 460 84.43 23.22 -20.43
CA LEU I 460 84.73 21.90 -19.87
C LEU I 460 86.00 21.96 -19.02
N SER I 461 85.95 21.28 -17.87
CA SER I 461 87.08 21.26 -16.95
C SER I 461 88.05 20.15 -17.33
N ILE I 462 89.34 20.39 -17.04
CA ILE I 462 90.36 19.40 -17.36
C ILE I 462 90.12 18.08 -16.63
N PRO I 463 89.88 18.06 -15.31
CA PRO I 463 89.59 16.77 -14.66
C PRO I 463 88.38 16.07 -15.23
N LEU I 464 87.30 16.81 -15.52
CA LEU I 464 86.12 16.19 -16.10
C LEU I 464 86.41 15.65 -17.49
N ARG I 465 87.13 16.41 -18.31
CA ARG I 465 87.47 15.94 -19.65
C ARG I 465 88.30 14.67 -19.59
N THR I 466 89.27 14.62 -18.67
CA THR I 466 90.08 13.43 -18.51
C THR I 466 89.22 12.24 -18.06
N ARG I 467 88.31 12.48 -17.11
CA ARG I 467 87.48 11.38 -16.60
C ARG I 467 86.56 10.83 -17.68
N ILE I 468 85.95 11.70 -18.48
CA ILE I 468 84.95 11.25 -19.45
C ILE I 468 85.56 10.22 -20.39
N LYS I 469 86.78 10.45 -20.84
CA LYS I 469 87.47 9.51 -21.72
C LYS I 469 87.44 8.10 -21.15
N PRO J 3 27.04 12.47 -54.16
CA PRO J 3 28.07 11.91 -53.28
C PRO J 3 29.24 12.87 -53.07
N VAL J 4 29.35 13.43 -51.88
CA VAL J 4 30.42 14.37 -51.53
C VAL J 4 31.07 13.89 -50.24
N TYR J 5 32.37 14.12 -50.12
CA TYR J 5 33.16 13.65 -48.99
C TYR J 5 33.75 14.84 -48.24
N VAL J 6 33.55 14.87 -46.92
CA VAL J 6 34.05 15.96 -46.10
C VAL J 6 35.07 15.40 -45.11
N ASP J 7 35.80 16.32 -44.48
CA ASP J 7 36.91 15.99 -43.58
C ASP J 7 36.53 16.18 -42.11
N ILE J 8 35.29 15.85 -41.76
CA ILE J 8 34.79 16.01 -40.40
C ILE J 8 34.25 14.67 -39.92
N ASP J 9 34.47 14.37 -38.64
CA ASP J 9 33.95 13.14 -38.05
C ASP J 9 32.42 13.17 -38.05
N ALA J 10 31.83 12.00 -38.22
CA ALA J 10 30.38 11.89 -38.38
C ALA J 10 29.61 12.30 -37.13
N ASP J 11 30.26 12.40 -35.98
CA ASP J 11 29.58 12.77 -34.74
C ASP J 11 29.51 14.29 -34.53
N SER J 12 30.03 15.08 -35.46
CA SER J 12 30.06 16.52 -35.31
C SER J 12 28.81 17.17 -35.90
N ALA J 13 28.28 18.16 -35.19
CA ALA J 13 27.08 18.86 -35.66
C ALA J 13 27.34 19.61 -36.96
N PHE J 14 28.58 20.07 -37.18
CA PHE J 14 28.86 20.83 -38.38
C PHE J 14 28.63 20.01 -39.65
N LEU J 15 28.69 18.68 -39.56
CA LEU J 15 28.32 17.87 -40.72
C LEU J 15 26.85 18.06 -41.07
N LYS J 16 25.98 18.05 -40.05
CA LYS J 16 24.57 18.36 -40.28
C LYS J 16 24.40 19.78 -40.80
N ALA J 17 25.15 20.73 -40.24
CA ALA J 17 25.05 22.10 -40.72
C ALA J 17 25.42 22.21 -42.20
N LEU J 18 26.48 21.50 -42.60
CA LEU J 18 26.89 21.50 -44.00
C LEU J 18 25.82 20.85 -44.88
N GLN J 19 25.28 19.71 -44.46
CA GLN J 19 24.19 19.10 -45.22
C GLN J 19 23.06 20.10 -45.43
N ARG J 20 22.66 20.81 -44.37
CA ARG J 20 21.60 21.79 -44.51
C ARG J 20 22.00 22.90 -45.48
N ALA J 21 23.26 23.34 -45.41
CA ALA J 21 23.72 24.44 -46.24
C ALA J 21 24.05 24.02 -47.67
N TYR J 22 24.17 22.73 -47.95
CA TYR J 22 24.49 22.23 -49.28
C TYR J 22 23.51 21.12 -49.65
N PRO J 23 22.26 21.48 -49.94
CA PRO J 23 21.28 20.45 -50.34
C PRO J 23 21.65 19.70 -51.60
N MET J 24 22.28 20.36 -52.57
CA MET J 24 22.54 19.72 -53.86
C MET J 24 23.59 18.62 -53.77
N PHE J 25 24.29 18.50 -52.64
CA PHE J 25 25.34 17.51 -52.47
C PHE J 25 25.00 16.57 -51.33
N GLU J 26 25.27 15.29 -51.53
CA GLU J 26 25.18 14.30 -50.46
C GLU J 26 26.55 14.25 -49.77
N VAL J 27 26.61 14.75 -48.55
CA VAL J 27 27.85 14.95 -47.82
C VAL J 27 27.99 13.85 -46.77
N GLU J 28 29.14 13.18 -46.77
CA GLU J 28 29.43 12.15 -45.79
C GLU J 28 30.78 12.43 -45.13
N PRO J 29 30.92 12.10 -43.85
CA PRO J 29 32.17 12.39 -43.14
C PRO J 29 33.35 11.58 -43.68
N ARG J 30 34.53 12.21 -43.67
CA ARG J 30 35.80 11.50 -43.85
C ARG J 30 36.87 12.31 -43.12
N GLN J 31 37.17 11.95 -41.89
CA GLN J 31 38.14 12.66 -41.07
C GLN J 31 39.36 11.80 -40.81
N VAL J 32 40.55 12.35 -41.05
CA VAL J 32 41.77 11.69 -40.62
C VAL J 32 42.61 12.62 -39.77
N THR J 33 43.11 13.70 -40.36
CA THR J 33 44.06 14.59 -39.70
C THR J 33 43.42 15.64 -38.80
N PRO J 34 42.47 16.43 -39.31
CA PRO J 34 42.08 17.67 -38.62
C PRO J 34 40.95 17.49 -37.61
N ASN J 35 41.00 18.36 -36.59
CA ASN J 35 39.86 18.52 -35.69
C ASN J 35 39.55 19.98 -35.36
N ASP J 36 40.42 20.93 -35.70
CA ASP J 36 40.21 22.35 -35.38
C ASP J 36 39.64 23.12 -36.57
N HIS J 37 40.36 23.12 -37.70
CA HIS J 37 39.95 23.87 -38.89
C HIS J 37 39.20 23.00 -39.90
N ALA J 38 38.61 21.89 -39.44
CA ALA J 38 37.87 21.03 -40.34
C ALA J 38 36.64 21.74 -40.90
N ASN J 39 35.97 22.56 -40.08
CA ASN J 39 34.74 23.21 -40.52
C ASN J 39 35.00 24.15 -41.69
N ALA J 40 35.97 25.05 -41.53
CA ALA J 40 36.26 26.02 -42.58
C ALA J 40 36.76 25.32 -43.84
N ARG J 41 37.64 24.32 -43.68
CA ARG J 41 38.15 23.60 -44.83
C ARG J 41 37.03 22.89 -45.58
N ALA J 42 36.11 22.25 -44.84
CA ALA J 42 35.00 21.56 -45.47
C ALA J 42 34.09 22.54 -46.21
N PHE J 43 33.78 23.68 -45.58
CA PHE J 43 32.93 24.67 -46.25
C PHE J 43 33.59 25.19 -47.52
N SER J 44 34.89 25.49 -47.45
CA SER J 44 35.60 25.98 -48.64
C SER J 44 35.63 24.92 -49.74
N HIS J 45 35.85 23.66 -49.37
CA HIS J 45 35.88 22.59 -50.36
C HIS J 45 34.52 22.41 -51.02
N LEU J 46 33.45 22.44 -50.22
CA LEU J 46 32.11 22.30 -50.80
C LEU J 46 31.77 23.48 -51.69
N ALA J 47 32.15 24.69 -51.29
CA ALA J 47 31.94 25.85 -52.14
C ALA J 47 32.70 25.72 -53.45
N ILE J 48 33.95 25.25 -53.37
CA ILE J 48 34.75 25.07 -54.59
C ILE J 48 34.09 24.04 -55.50
N LYS J 49 33.60 22.94 -54.94
CA LYS J 49 32.95 21.91 -55.75
C LYS J 49 31.69 22.46 -56.40
N LEU J 50 30.87 23.19 -55.65
CA LEU J 50 29.65 23.74 -56.21
C LEU J 50 29.96 24.74 -57.33
N ILE J 51 30.98 25.58 -57.13
CA ILE J 51 31.38 26.53 -58.16
C ILE J 51 31.85 25.79 -59.41
N GLU J 52 32.68 24.76 -59.22
CA GLU J 52 33.17 23.99 -60.36
C GLU J 52 32.04 23.36 -61.13
N GLN J 53 31.07 22.77 -60.43
CA GLN J 53 29.97 22.08 -61.10
C GLN J 53 29.09 23.05 -61.89
N GLU J 54 29.12 24.34 -61.53
CA GLU J 54 28.27 25.34 -62.15
C GLU J 54 29.03 26.33 -63.02
N ILE J 55 30.09 25.87 -63.70
CA ILE J 55 30.87 26.71 -64.60
C ILE J 55 31.20 25.91 -65.85
N ASP J 56 31.61 26.63 -66.88
CA ASP J 56 32.02 25.99 -68.13
C ASP J 56 33.34 25.27 -67.93
N PRO J 57 33.41 23.96 -68.18
CA PRO J 57 34.68 23.25 -67.98
C PRO J 57 35.81 23.79 -68.84
N ASP J 58 35.50 24.41 -69.97
CA ASP J 58 36.50 24.96 -70.88
C ASP J 58 36.60 26.47 -70.78
N SER J 59 36.43 27.03 -69.58
CA SER J 59 36.51 28.46 -69.34
C SER J 59 37.65 28.76 -68.38
N THR J 60 38.51 29.69 -68.76
CA THR J 60 39.61 30.08 -67.88
C THR J 60 39.09 30.87 -66.69
N ILE J 61 39.54 30.51 -65.50
CA ILE J 61 39.03 31.05 -64.25
C ILE J 61 40.19 31.57 -63.41
N LEU J 62 40.06 32.79 -62.89
CA LEU J 62 41.04 33.32 -61.97
C LEU J 62 40.86 32.70 -60.59
N ASP J 63 41.90 32.84 -59.75
CA ASP J 63 41.91 32.28 -58.41
C ASP J 63 42.46 33.31 -57.42
N ILE J 64 41.91 34.53 -57.48
CA ILE J 64 42.38 35.67 -56.69
C ILE J 64 42.71 35.23 -55.27
N GLY J 65 41.84 34.42 -54.67
CA GLY J 65 42.15 33.84 -53.38
C GLY J 65 43.19 32.76 -53.53
N SER J 66 44.39 33.16 -53.92
CA SER J 66 45.39 32.21 -54.39
C SER J 66 45.96 31.38 -53.25
N ALA J 67 45.73 30.08 -53.31
CA ALA J 67 46.42 29.10 -52.47
C ALA J 67 46.92 27.99 -53.39
N PRO J 68 47.95 28.29 -54.19
CA PRO J 68 48.32 27.35 -55.27
C PRO J 68 48.64 25.95 -54.77
N ALA J 69 49.12 25.81 -53.53
CA ALA J 69 49.37 24.49 -53.00
C ALA J 69 48.11 23.63 -53.02
N ARG J 70 46.95 24.26 -52.76
CA ARG J 70 45.69 23.51 -52.80
C ARG J 70 45.39 22.98 -54.20
N ARG J 71 45.56 23.83 -55.22
CA ARG J 71 45.20 23.47 -56.59
C ARG J 71 46.24 22.51 -57.16
N MET J 72 46.07 21.23 -56.83
CA MET J 72 46.90 20.17 -57.37
C MET J 72 46.05 19.10 -58.03
N MET J 73 44.76 19.05 -57.67
CA MET J 73 43.84 18.11 -58.26
C MET J 73 42.84 18.76 -59.22
N SER J 74 42.61 20.06 -59.08
CA SER J 74 41.70 20.75 -59.98
C SER J 74 42.23 20.72 -61.41
N ASP J 75 41.53 20.01 -62.28
CA ASP J 75 41.93 19.88 -63.67
C ASP J 75 41.47 21.05 -64.52
N ARG J 76 40.73 22.00 -63.95
CA ARG J 76 40.23 23.14 -64.71
C ARG J 76 41.34 24.16 -64.90
N LYS J 77 41.13 25.06 -65.86
CA LYS J 77 42.10 26.09 -66.20
C LYS J 77 42.16 27.12 -65.07
N TYR J 78 43.14 26.96 -64.18
CA TYR J 78 43.29 27.82 -63.02
C TYR J 78 44.45 28.77 -63.22
N HIS J 79 44.22 30.06 -62.98
CA HIS J 79 45.25 31.10 -63.04
C HIS J 79 45.36 31.71 -61.65
N CYS J 80 46.17 31.09 -60.79
CA CYS J 80 46.37 31.60 -59.44
C CYS J 80 47.08 32.94 -59.48
N VAL J 81 46.64 33.86 -58.61
CA VAL J 81 47.21 35.20 -58.53
C VAL J 81 47.77 35.36 -57.13
N CYS J 82 49.09 35.42 -57.02
CA CYS J 82 49.77 35.56 -55.74
C CYS J 82 50.50 36.89 -55.70
N PRO J 83 49.88 37.95 -55.18
CA PRO J 83 50.54 39.27 -55.20
C PRO J 83 51.81 39.35 -54.38
N MET J 84 52.03 38.41 -53.45
CA MET J 84 53.19 38.46 -52.56
C MET J 84 53.17 39.73 -51.71
N ARG J 85 52.10 39.88 -50.92
CA ARG J 85 51.91 41.04 -50.08
C ARG J 85 52.14 40.77 -48.60
N SER J 86 51.83 39.57 -48.12
CA SER J 86 51.94 39.26 -46.70
C SER J 86 53.28 38.58 -46.41
N ALA J 87 53.52 38.32 -45.12
CA ALA J 87 54.73 37.63 -44.71
C ALA J 87 54.65 36.14 -45.01
N GLU J 88 53.44 35.59 -45.00
CA GLU J 88 53.25 34.14 -45.17
C GLU J 88 53.29 33.70 -46.62
N ASP J 89 53.05 34.60 -47.58
CA ASP J 89 52.96 34.19 -48.98
C ASP J 89 54.17 33.36 -49.42
N PRO J 90 55.40 33.75 -49.14
CA PRO J 90 56.54 32.89 -49.54
C PRO J 90 56.44 31.48 -48.99
N GLU J 91 56.10 31.33 -47.70
CA GLU J 91 55.93 30.00 -47.14
C GLU J 91 55.06 29.13 -48.05
N ARG J 92 53.82 29.55 -48.28
CA ARG J 92 52.99 28.88 -49.27
C ARG J 92 53.77 28.58 -50.53
N LEU J 93 54.27 29.63 -51.20
CA LEU J 93 55.09 29.43 -52.40
C LEU J 93 56.05 28.27 -52.20
N ALA J 94 56.88 28.33 -51.16
CA ALA J 94 57.84 27.27 -50.92
C ALA J 94 57.19 25.90 -51.04
N ASN J 95 56.21 25.61 -50.17
CA ASN J 95 55.61 24.29 -50.20
C ASN J 95 55.02 24.00 -51.59
N TYR J 96 54.36 24.99 -52.18
CA TYR J 96 53.87 24.83 -53.55
C TYR J 96 54.97 24.25 -54.43
N ALA J 97 56.10 24.96 -54.53
CA ALA J 97 57.20 24.43 -55.33
C ALA J 97 57.56 23.01 -54.90
N ARG J 98 57.78 22.81 -53.60
CA ARG J 98 58.08 21.47 -53.12
C ARG J 98 57.01 20.48 -53.57
N LYS J 99 55.74 20.84 -53.40
CA LYS J 99 54.68 19.93 -53.83
C LYS J 99 54.79 19.62 -55.31
N LEU J 100 55.05 20.65 -56.13
CA LEU J 100 55.26 20.40 -57.55
C LEU J 100 56.39 19.38 -57.74
N ALA J 101 57.51 19.59 -57.05
CA ALA J 101 58.60 18.61 -57.13
C ALA J 101 58.12 17.24 -56.67
N SER J 102 57.34 17.20 -55.59
CA SER J 102 56.81 15.93 -55.12
C SER J 102 55.96 15.27 -56.20
N ALA J 103 55.25 16.08 -56.99
CA ALA J 103 54.46 15.53 -58.10
C ALA J 103 55.22 15.54 -59.41
N ALA J 104 56.46 16.05 -59.44
CA ALA J 104 57.19 16.15 -60.69
C ALA J 104 57.52 14.79 -61.28
N GLY J 105 57.49 13.73 -60.48
CA GLY J 105 57.82 12.40 -60.98
C GLY J 105 56.90 11.31 -60.46
N LYS J 106 55.65 11.66 -60.16
CA LYS J 106 54.67 10.69 -59.66
C LYS J 106 53.54 10.47 -60.65
N VAL J 107 52.84 11.53 -61.06
CA VAL J 107 51.66 11.41 -61.91
C VAL J 107 51.79 12.38 -63.08
N LEU J 108 51.11 12.04 -64.17
CA LEU J 108 51.10 12.85 -65.39
C LEU J 108 49.68 13.10 -65.86
N ASP J 109 48.77 13.41 -64.93
CA ASP J 109 47.38 13.70 -65.26
C ASP J 109 46.94 15.11 -64.89
N ARG J 110 47.65 15.79 -64.00
CA ARG J 110 47.25 17.11 -63.52
C ARG J 110 48.06 18.24 -64.15
N ASN J 111 48.80 17.96 -65.22
CA ASN J 111 49.60 18.97 -65.91
C ASN J 111 50.67 19.53 -64.99
N ILE J 112 51.46 18.62 -64.42
CA ILE J 112 52.54 19.01 -63.53
C ILE J 112 53.64 19.74 -64.29
N SER J 113 53.95 19.27 -65.50
CA SER J 113 54.99 19.92 -66.29
C SER J 113 54.61 21.36 -66.63
N GLY J 114 53.33 21.59 -66.95
CA GLY J 114 52.89 22.95 -67.20
C GLY J 114 53.06 23.84 -65.99
N LYS J 115 52.69 23.35 -64.80
CA LYS J 115 52.83 24.14 -63.59
C LYS J 115 54.31 24.46 -63.33
N ILE J 116 55.18 23.46 -63.46
CA ILE J 116 56.60 23.69 -63.18
C ILE J 116 57.18 24.67 -64.18
N GLY J 117 56.83 24.54 -65.47
CA GLY J 117 57.32 25.48 -66.45
C GLY J 117 56.83 26.89 -66.21
N ASP J 118 55.55 27.02 -65.82
CA ASP J 118 55.01 28.34 -65.51
C ASP J 118 55.75 28.96 -64.33
N LEU J 119 56.01 28.18 -63.28
CA LEU J 119 56.74 28.70 -62.13
C LEU J 119 58.16 29.10 -62.52
N GLN J 120 58.83 28.30 -63.35
CA GLN J 120 60.17 28.64 -63.79
C GLN J 120 60.17 29.93 -64.59
N ALA J 121 59.19 30.09 -65.49
CA ALA J 121 59.10 31.33 -66.26
C ALA J 121 58.86 32.53 -65.35
N VAL J 122 58.00 32.36 -64.34
CA VAL J 122 57.75 33.45 -63.40
C VAL J 122 59.02 33.81 -62.65
N MET J 123 59.77 32.80 -62.20
CA MET J 123 61.01 33.05 -61.49
C MET J 123 62.02 33.78 -62.37
N ALA J 124 62.11 33.38 -63.64
CA ALA J 124 63.02 34.06 -64.55
C ALA J 124 62.66 35.54 -64.70
N VAL J 125 61.37 35.84 -64.84
CA VAL J 125 60.90 37.21 -64.94
C VAL J 125 59.61 37.35 -64.12
N PRO J 126 59.62 38.16 -63.06
CA PRO J 126 58.43 38.23 -62.19
C PRO J 126 57.17 38.66 -62.92
N ASP J 127 57.28 39.56 -63.89
CA ASP J 127 56.12 40.16 -64.54
C ASP J 127 55.55 39.30 -65.67
N THR J 128 55.88 38.01 -65.71
CA THR J 128 55.31 37.12 -66.71
C THR J 128 53.81 36.97 -66.49
N GLU J 129 53.09 36.72 -67.57
CA GLU J 129 51.65 36.52 -67.55
C GLU J 129 51.29 35.07 -67.81
N THR J 130 52.05 34.15 -67.21
CA THR J 130 51.87 32.74 -67.48
C THR J 130 50.47 32.30 -67.05
N PRO J 131 49.89 31.29 -67.73
CA PRO J 131 48.48 30.98 -67.51
C PRO J 131 48.13 30.63 -66.07
N THR J 132 49.00 29.92 -65.35
CA THR J 132 48.67 29.38 -64.04
C THR J 132 49.52 29.98 -62.91
N PHE J 133 49.96 31.23 -63.06
CA PHE J 133 50.69 31.86 -61.98
C PHE J 133 50.98 33.31 -62.37
N CYS J 134 51.09 34.16 -61.36
CA CYS J 134 51.46 35.56 -61.57
C CYS J 134 51.91 36.14 -60.24
N LEU J 135 52.47 37.35 -60.30
CA LEU J 135 52.94 38.08 -59.13
C LEU J 135 52.38 39.48 -59.11
N HIS J 136 51.12 39.63 -59.55
CA HIS J 136 50.46 40.92 -59.60
C HIS J 136 49.19 40.87 -58.76
N THR J 137 48.84 42.01 -58.17
CA THR J 137 47.57 42.11 -57.48
C THR J 137 46.41 41.98 -58.47
N ASP J 138 45.26 41.56 -57.96
CA ASP J 138 44.09 41.39 -58.82
C ASP J 138 43.81 42.67 -59.61
N VAL J 139 44.08 43.83 -59.01
CA VAL J 139 43.96 45.09 -59.74
C VAL J 139 44.97 45.14 -60.88
N SER J 140 46.21 44.72 -60.62
CA SER J 140 47.29 44.84 -61.59
C SER J 140 47.47 43.60 -62.45
N CYS J 141 46.69 42.54 -62.23
CA CYS J 141 46.83 41.34 -63.05
C CYS J 141 46.45 41.63 -64.49
N ARG J 142 47.04 40.86 -65.41
CA ARG J 142 46.82 41.05 -66.84
C ARG J 142 46.20 39.84 -67.54
N GLN J 143 46.27 38.66 -66.96
CA GLN J 143 45.69 37.48 -67.60
C GLN J 143 44.18 37.66 -67.75
N ARG J 144 43.64 37.15 -68.85
CA ARG J 144 42.24 37.30 -69.18
C ARG J 144 41.53 35.96 -69.04
N ALA J 145 40.39 35.95 -68.36
CA ALA J 145 39.63 34.74 -68.11
C ALA J 145 38.15 35.05 -68.27
N ASP J 146 37.31 34.11 -67.86
CA ASP J 146 35.85 34.26 -67.97
C ASP J 146 35.19 34.41 -66.61
N VAL J 147 35.41 33.47 -65.70
CA VAL J 147 34.81 33.50 -64.37
C VAL J 147 35.93 33.55 -63.34
N ALA J 148 35.85 34.51 -62.43
CA ALA J 148 36.85 34.70 -61.39
C ALA J 148 36.27 34.32 -60.03
N ILE J 149 37.05 33.59 -59.24
CA ILE J 149 36.64 33.12 -57.93
C ILE J 149 37.57 33.72 -56.88
N TYR J 150 36.98 34.32 -55.85
CA TYR J 150 37.72 34.79 -54.68
C TYR J 150 37.67 33.75 -53.58
N GLN J 151 38.52 33.94 -52.58
CA GLN J 151 38.56 33.03 -51.43
C GLN J 151 39.21 33.75 -50.27
N ASP J 152 38.47 33.96 -49.20
CA ASP J 152 38.97 34.59 -47.98
C ASP J 152 39.76 35.86 -48.31
N VAL J 153 39.08 36.78 -48.99
CA VAL J 153 39.66 38.05 -49.42
C VAL J 153 38.86 39.15 -48.72
N TYR J 154 39.35 39.61 -47.58
CA TYR J 154 38.67 40.64 -46.79
C TYR J 154 39.54 41.89 -46.66
N ALA J 155 40.34 42.20 -47.68
CA ALA J 155 41.23 43.35 -47.62
C ALA J 155 41.24 44.19 -48.89
N VAL J 156 40.45 43.85 -49.90
CA VAL J 156 40.42 44.57 -51.16
C VAL J 156 39.01 45.11 -51.39
N HIS J 157 38.92 46.37 -51.81
CA HIS J 157 37.63 46.95 -52.15
C HIS J 157 36.94 46.09 -53.21
N ALA J 158 35.76 45.58 -52.89
CA ALA J 158 35.06 44.70 -53.82
C ALA J 158 34.73 45.39 -55.13
N PRO J 159 34.14 46.58 -55.14
CA PRO J 159 33.84 47.23 -56.43
C PRO J 159 35.06 47.39 -57.32
N THR J 160 36.20 47.80 -56.75
CA THR J 160 37.39 48.06 -57.57
C THR J 160 37.95 46.77 -58.16
N SER J 161 38.06 45.73 -57.35
CA SER J 161 38.56 44.45 -57.86
C SER J 161 37.62 43.88 -58.91
N LEU J 162 36.31 43.95 -58.66
CA LEU J 162 35.36 43.44 -59.64
C LEU J 162 35.42 44.23 -60.94
N TYR J 163 35.56 45.56 -60.85
CA TYR J 163 35.67 46.39 -62.05
C TYR J 163 36.92 46.04 -62.84
N HIS J 164 38.07 45.94 -62.16
CA HIS J 164 39.32 45.64 -62.85
C HIS J 164 39.35 44.21 -63.38
N GLN J 165 38.47 43.34 -62.85
CA GLN J 165 38.34 42.01 -63.42
C GLN J 165 37.41 42.01 -64.62
N ALA J 166 36.37 42.86 -64.59
CA ALA J 166 35.46 42.97 -65.72
C ALA J 166 36.17 43.54 -66.93
N ILE J 167 36.98 44.58 -66.74
CA ILE J 167 37.71 45.14 -67.88
C ILE J 167 38.63 44.10 -68.49
N LYS J 168 39.01 43.09 -67.72
CA LYS J 168 39.72 41.93 -68.24
C LYS J 168 38.77 40.82 -68.69
N GLY J 169 37.52 41.16 -68.99
CA GLY J 169 36.55 40.18 -69.44
C GLY J 169 36.11 39.18 -68.39
N VAL J 170 35.81 39.64 -67.19
CA VAL J 170 35.29 38.78 -66.12
C VAL J 170 33.79 39.07 -66.03
N ARG J 171 32.98 38.08 -66.40
CA ARG J 171 31.53 38.22 -66.38
C ARG J 171 30.89 37.61 -65.15
N LEU J 172 31.60 36.72 -64.45
CA LEU J 172 31.07 36.05 -63.28
C LEU J 172 32.16 35.96 -62.23
N ALA J 173 31.79 36.16 -60.97
CA ALA J 173 32.73 36.09 -59.87
C ALA J 173 32.06 35.46 -58.66
N TYR J 174 32.85 34.74 -57.87
CA TYR J 174 32.38 34.15 -56.63
C TYR J 174 33.25 34.62 -55.49
N TRP J 175 32.69 34.58 -54.28
CA TRP J 175 33.35 35.10 -53.08
C TRP J 175 32.94 34.24 -51.90
N VAL J 176 33.82 33.31 -51.51
CA VAL J 176 33.61 32.48 -50.33
C VAL J 176 34.31 33.17 -49.17
N GLY J 177 33.58 33.41 -48.09
CA GLY J 177 34.16 34.11 -46.97
C GLY J 177 33.27 34.14 -45.76
N PHE J 178 33.58 35.04 -44.84
CA PHE J 178 32.79 35.21 -43.63
C PHE J 178 31.60 36.12 -43.91
N ASP J 179 30.45 35.77 -43.33
CA ASP J 179 29.27 36.61 -43.47
C ASP J 179 29.57 38.02 -42.99
N THR J 180 29.16 39.00 -43.79
CA THR J 180 29.44 40.41 -43.51
C THR J 180 28.34 41.09 -42.72
N THR J 181 27.32 40.34 -42.28
CA THR J 181 26.26 40.95 -41.49
C THR J 181 26.77 41.60 -40.22
N PRO J 182 27.68 41.01 -39.44
CA PRO J 182 28.13 41.66 -38.20
C PRO J 182 28.76 43.02 -38.42
N PHE J 183 29.31 43.28 -39.61
CA PHE J 183 29.93 44.57 -39.89
C PHE J 183 28.98 45.58 -40.50
N MET J 184 27.89 45.12 -41.12
CA MET J 184 26.82 46.02 -41.52
C MET J 184 25.98 46.47 -40.35
N TYR J 185 25.92 45.67 -39.28
CA TYR J 185 25.28 46.06 -38.04
C TYR J 185 26.24 46.80 -37.11
N ASN J 186 27.52 46.89 -37.47
CA ASN J 186 28.52 47.65 -36.72
C ASN J 186 28.64 47.12 -35.28
N ALA J 187 29.05 45.87 -35.17
CA ALA J 187 29.36 45.27 -33.89
C ALA J 187 30.81 45.53 -33.52
N MET J 188 31.05 45.83 -32.24
CA MET J 188 32.41 46.06 -31.78
C MET J 188 33.21 44.76 -31.78
N ALA J 189 32.64 43.70 -31.23
CA ALA J 189 33.27 42.39 -31.20
C ALA J 189 32.27 41.34 -31.65
N GLY J 190 32.78 40.17 -32.04
CA GLY J 190 31.89 39.12 -32.48
C GLY J 190 32.61 37.80 -32.59
N ALA J 191 31.82 36.75 -32.80
CA ALA J 191 32.34 35.39 -32.86
C ALA J 191 31.68 34.64 -34.01
N TYR J 192 32.37 33.61 -34.48
CA TYR J 192 31.85 32.65 -35.45
C TYR J 192 32.02 31.27 -34.84
N PRO J 193 31.33 30.99 -33.72
CA PRO J 193 31.71 29.84 -32.89
C PRO J 193 31.32 28.50 -33.51
N SER J 194 31.58 28.37 -34.81
CA SER J 194 31.62 27.06 -35.47
C SER J 194 32.81 26.91 -36.39
N TYR J 195 33.50 28.01 -36.75
CA TYR J 195 34.75 27.98 -37.49
C TYR J 195 35.93 28.37 -36.61
N SER J 196 35.75 28.33 -35.29
CA SER J 196 36.81 28.62 -34.33
C SER J 196 37.41 30.00 -34.58
N THR J 197 36.55 30.98 -34.84
CA THR J 197 36.99 32.34 -35.12
C THR J 197 36.34 33.32 -34.15
N ASN J 198 37.14 34.29 -33.71
CA ASN J 198 36.64 35.45 -33.00
C ASN J 198 37.17 36.70 -33.70
N TRP J 199 36.58 37.85 -33.38
CA TRP J 199 37.13 39.09 -33.90
C TRP J 199 36.74 40.21 -32.95
N ALA J 200 37.60 41.22 -32.87
CA ALA J 200 37.34 42.36 -32.01
C ALA J 200 37.92 43.62 -32.63
N ASP J 201 37.26 44.75 -32.35
CA ASP J 201 37.81 46.04 -32.70
C ASP J 201 39.02 46.34 -31.82
N GLU J 202 40.04 46.96 -32.42
CA GLU J 202 41.28 47.23 -31.70
C GLU J 202 41.04 47.99 -30.41
N GLN J 203 39.89 48.64 -30.25
CA GLN J 203 39.60 49.41 -29.05
C GLN J 203 39.08 48.55 -27.90
N VAL J 204 38.82 47.27 -28.14
CA VAL J 204 38.31 46.37 -27.11
C VAL J 204 39.21 45.15 -26.92
N LEU J 205 40.45 45.23 -27.42
CA LEU J 205 41.37 44.11 -27.29
C LEU J 205 41.79 43.88 -25.84
N LYS J 206 41.60 44.85 -24.96
CA LYS J 206 41.92 44.72 -23.55
C LYS J 206 40.67 44.61 -22.69
N ALA J 207 39.63 43.99 -23.23
CA ALA J 207 38.40 43.73 -22.48
C ALA J 207 38.51 42.40 -21.77
N LYS J 208 37.57 42.14 -20.86
CA LYS J 208 37.65 40.98 -19.98
C LYS J 208 36.96 39.74 -20.54
N ASN J 209 35.73 39.87 -21.03
CA ASN J 209 34.86 38.71 -21.22
C ASN J 209 34.71 38.26 -22.66
N ILE J 210 34.96 39.13 -23.65
CA ILE J 210 34.77 38.70 -25.04
C ILE J 210 35.77 37.60 -25.37
N GLY J 211 35.51 36.92 -26.49
CA GLY J 211 36.30 35.76 -26.86
C GLY J 211 37.64 36.05 -27.50
N LEU J 212 37.98 37.31 -27.72
CA LEU J 212 39.30 37.70 -28.21
C LEU J 212 39.72 38.95 -27.45
N CYS J 213 40.42 38.74 -26.33
CA CYS J 213 40.85 39.84 -25.48
C CYS J 213 41.86 39.32 -24.48
N SER J 214 42.48 40.26 -23.76
CA SER J 214 43.40 39.90 -22.67
C SER J 214 43.44 41.09 -21.73
N THR J 215 42.80 40.95 -20.57
CA THR J 215 42.79 42.00 -19.58
C THR J 215 43.95 41.79 -18.59
N ASP J 216 44.11 42.75 -17.67
CA ASP J 216 45.16 42.70 -16.67
C ASP J 216 44.54 42.71 -15.29
N LEU J 217 45.16 41.97 -14.36
CA LEU J 217 44.64 41.84 -13.00
C LEU J 217 45.03 43.08 -12.19
N THR J 218 44.39 44.20 -12.53
CA THR J 218 44.64 45.46 -11.86
C THR J 218 43.87 45.52 -10.54
N GLU J 219 44.38 46.34 -9.64
CA GLU J 219 43.75 46.59 -8.34
C GLU J 219 42.74 47.72 -8.40
N GLY J 220 42.52 48.32 -9.56
CA GLY J 220 41.63 49.45 -9.67
C GLY J 220 42.28 50.75 -9.29
N ARG J 221 41.45 51.79 -9.22
CA ARG J 221 41.91 53.13 -8.87
C ARG J 221 40.74 54.04 -8.53
N GLY J 230 39.62 60.51 -24.73
CA GLY J 230 38.33 60.66 -25.36
C GLY J 230 37.21 59.96 -24.61
N LYS J 231 35.99 60.41 -24.83
CA LYS J 231 34.81 59.83 -24.20
C LYS J 231 33.84 59.21 -25.20
N LYS J 232 34.35 58.66 -26.31
CA LYS J 232 33.50 58.12 -27.37
C LYS J 232 34.10 56.82 -27.88
N LEU J 233 33.54 55.70 -27.46
CA LEU J 233 33.96 54.38 -27.94
C LEU J 233 33.03 53.96 -29.07
N GLU J 234 33.52 54.04 -30.30
CA GLU J 234 32.79 53.63 -31.48
C GLU J 234 33.67 52.74 -32.35
N PRO J 235 33.07 51.86 -33.14
CA PRO J 235 33.88 50.98 -33.99
C PRO J 235 34.77 51.78 -34.93
N CYS J 236 35.99 51.31 -35.09
CA CYS J 236 36.94 51.90 -36.03
C CYS J 236 37.28 50.89 -37.11
N ASP J 237 38.03 51.35 -38.10
CA ASP J 237 38.24 50.56 -39.30
C ASP J 237 39.01 49.28 -39.01
N ARG J 238 40.02 49.36 -38.14
CA ARG J 238 40.91 48.23 -37.91
C ARG J 238 40.27 47.26 -36.91
N VAL J 239 40.08 46.01 -37.35
CA VAL J 239 39.60 44.95 -36.48
C VAL J 239 40.54 43.76 -36.64
N LEU J 240 40.51 42.88 -35.65
CA LEU J 240 41.39 41.72 -35.61
C LEU J 240 40.55 40.45 -35.62
N PHE J 241 40.95 39.50 -36.46
CA PHE J 241 40.32 38.19 -36.57
C PHE J 241 41.27 37.14 -36.04
N SER J 242 40.87 36.43 -34.99
CA SER J 242 41.61 35.27 -34.51
C SER J 242 40.88 34.03 -35.04
N VAL J 243 41.40 33.49 -36.14
CA VAL J 243 40.91 32.23 -36.68
C VAL J 243 41.71 31.13 -36.00
N GLY J 244 41.12 30.49 -35.00
CA GLY J 244 41.85 29.57 -34.17
C GLY J 244 42.98 30.28 -33.45
N SER J 245 44.21 30.00 -33.85
CA SER J 245 45.38 30.65 -33.28
C SER J 245 46.06 31.60 -34.25
N THR J 246 45.47 31.83 -35.42
CA THR J 246 46.05 32.71 -36.43
C THR J 246 45.40 34.09 -36.37
N LEU J 247 46.19 35.12 -36.61
CA LEU J 247 45.73 36.50 -36.53
C LEU J 247 45.65 37.12 -37.92
N TYR J 248 44.59 37.91 -38.14
CA TYR J 248 44.35 38.58 -39.40
C TYR J 248 43.86 40.00 -39.13
N PRO J 249 44.66 41.02 -39.42
CA PRO J 249 44.18 42.41 -39.27
C PRO J 249 43.38 42.83 -40.49
N GLU J 250 42.08 42.98 -40.30
CA GLU J 250 41.16 43.33 -41.38
C GLU J 250 40.61 44.74 -41.18
N SER J 251 39.95 45.23 -42.23
CA SER J 251 39.42 46.59 -42.28
C SER J 251 37.91 46.54 -42.33
N ARG J 252 37.26 47.37 -41.49
CA ARG J 252 35.81 47.45 -41.52
C ARG J 252 35.30 47.90 -42.88
N LYS J 253 35.91 48.95 -43.45
CA LYS J 253 35.42 49.52 -44.69
C LYS J 253 35.58 48.55 -45.85
N LEU J 254 36.62 47.72 -45.82
CA LEU J 254 36.79 46.71 -46.85
C LEU J 254 36.06 45.41 -46.52
N LEU J 255 35.53 45.28 -45.30
CA LEU J 255 34.58 44.22 -45.01
C LEU J 255 33.16 44.65 -45.36
N LYS J 256 32.81 45.89 -45.05
CA LYS J 256 31.54 46.44 -45.52
C LYS J 256 31.73 46.93 -46.96
N SER J 257 32.32 46.07 -47.79
CA SER J 257 32.41 46.30 -49.22
C SER J 257 32.03 45.09 -50.05
N TRP J 258 32.12 43.88 -49.50
CA TRP J 258 31.60 42.68 -50.15
C TRP J 258 30.17 42.39 -49.75
N HIS J 259 29.58 43.21 -48.89
CA HIS J 259 28.15 43.19 -48.64
C HIS J 259 27.43 43.97 -49.75
N LEU J 260 27.54 43.43 -50.96
CA LEU J 260 27.08 44.15 -52.13
C LEU J 260 25.56 44.08 -52.24
N PRO J 261 24.93 45.14 -52.72
CA PRO J 261 23.47 45.11 -52.91
C PRO J 261 23.09 44.10 -53.97
N SER J 262 21.78 43.85 -54.08
CA SER J 262 21.29 42.86 -55.04
C SER J 262 21.63 43.28 -56.46
N VAL J 263 21.45 44.57 -56.79
CA VAL J 263 21.81 45.12 -58.08
C VAL J 263 22.63 46.38 -57.85
N PHE J 264 23.80 46.44 -58.47
CA PHE J 264 24.68 47.60 -58.34
C PHE J 264 25.34 47.90 -59.68
N HIS J 265 25.63 49.18 -59.90
CA HIS J 265 26.18 49.65 -61.17
C HIS J 265 27.62 50.09 -60.98
N LEU J 266 28.50 49.61 -61.84
CA LEU J 266 29.90 50.04 -61.90
C LEU J 266 30.06 50.91 -63.14
N LYS J 267 30.07 52.22 -62.94
CA LYS J 267 30.07 53.20 -64.02
C LYS J 267 31.46 53.83 -64.13
N GLY J 268 32.19 53.46 -65.16
CA GLY J 268 33.50 54.04 -65.44
C GLY J 268 33.71 54.17 -66.92
N LYS J 269 34.93 53.86 -67.38
CA LYS J 269 35.18 53.82 -68.81
C LYS J 269 34.33 52.77 -69.48
N LEU J 270 34.17 51.62 -68.84
CA LEU J 270 33.21 50.60 -69.24
C LEU J 270 32.13 50.51 -68.16
N SER J 271 30.88 50.67 -68.55
CA SER J 271 29.77 50.63 -67.61
C SER J 271 29.22 49.21 -67.50
N PHE J 272 28.81 48.83 -66.29
CA PHE J 272 28.30 47.49 -66.04
C PHE J 272 27.18 47.54 -65.02
N THR J 273 26.24 46.60 -65.16
CA THR J 273 25.22 46.32 -64.16
C THR J 273 25.48 44.91 -63.63
N CYS J 274 25.44 44.75 -62.31
CA CYS J 274 25.86 43.51 -61.68
C CYS J 274 24.88 43.13 -60.58
N ARG J 275 24.72 41.82 -60.37
CA ARG J 275 23.85 41.29 -59.33
C ARG J 275 24.66 40.38 -58.41
N CYS J 276 24.54 40.60 -57.11
CA CYS J 276 25.13 39.74 -56.10
C CYS J 276 24.03 39.02 -55.35
N ASP J 277 24.10 37.68 -55.34
CA ASP J 277 23.12 36.86 -54.66
C ASP J 277 23.82 35.80 -53.84
N THR J 278 23.58 35.79 -52.53
CA THR J 278 24.22 34.83 -51.64
C THR J 278 23.63 33.45 -51.88
N VAL J 279 24.45 32.54 -52.41
CA VAL J 279 23.98 31.20 -52.77
C VAL J 279 23.99 30.28 -51.56
N VAL J 280 25.10 30.21 -50.84
CA VAL J 280 25.27 29.29 -49.71
C VAL J 280 25.54 30.11 -48.47
N SER J 281 25.00 29.66 -47.34
CA SER J 281 25.16 30.32 -46.05
C SER J 281 25.13 29.27 -44.94
N CYS J 282 26.21 29.20 -44.17
CA CYS J 282 26.34 28.17 -43.13
C CYS J 282 27.01 28.78 -41.91
N GLU J 283 26.21 29.04 -40.87
CA GLU J 283 26.71 29.32 -39.51
C GLU J 283 27.70 30.49 -39.48
N GLY J 284 27.76 31.29 -40.55
CA GLY J 284 28.65 32.43 -40.55
C GLY J 284 29.41 32.59 -41.85
N TYR J 285 29.70 31.47 -42.51
CA TYR J 285 30.31 31.53 -43.83
C TYR J 285 29.24 31.74 -44.90
N VAL J 286 29.64 32.41 -45.97
CA VAL J 286 28.75 32.68 -47.10
C VAL J 286 29.52 32.50 -48.40
N VAL J 287 28.78 32.22 -49.45
CA VAL J 287 29.33 32.07 -50.80
C VAL J 287 28.53 33.00 -51.70
N LYS J 288 29.01 34.24 -51.86
CA LYS J 288 28.32 35.21 -52.69
C LYS J 288 28.70 35.01 -54.16
N ARG J 289 27.76 35.36 -55.03
CA ARG J 289 27.96 35.27 -56.47
C ARG J 289 27.57 36.60 -57.10
N ILE J 290 28.51 37.20 -57.84
CA ILE J 290 28.30 38.49 -58.50
C ILE J 290 28.43 38.29 -60.00
N THR J 291 27.37 38.62 -60.73
CA THR J 291 27.39 38.57 -62.19
C THR J 291 27.65 39.97 -62.72
N MET J 292 28.71 40.10 -63.53
CA MET J 292 29.17 41.39 -64.01
C MET J 292 28.91 41.48 -65.51
N SER J 293 28.19 42.52 -65.93
CA SER J 293 27.82 42.66 -67.33
C SER J 293 27.81 44.13 -67.73
N PRO J 294 28.31 44.44 -68.93
CA PRO J 294 28.32 45.84 -69.39
C PRO J 294 26.92 46.38 -69.62
N GLY J 295 26.82 47.71 -69.59
CA GLY J 295 25.55 48.38 -69.77
C GLY J 295 24.77 48.50 -68.49
N LEU J 296 23.67 49.23 -68.57
CA LEU J 296 22.76 49.45 -67.45
C LEU J 296 21.45 48.72 -67.75
N TYR J 297 21.06 47.82 -66.85
CA TYR J 297 19.97 46.89 -67.11
C TYR J 297 18.88 47.02 -66.03
N GLY J 298 18.50 48.24 -65.71
CA GLY J 298 17.45 48.50 -64.76
C GLY J 298 17.85 49.60 -63.80
N LYS J 299 17.06 49.75 -62.74
CA LYS J 299 17.31 50.73 -61.71
C LYS J 299 17.78 50.03 -60.44
N THR J 300 18.87 50.54 -59.87
CA THR J 300 19.46 49.95 -58.68
C THR J 300 18.68 50.42 -57.45
N THR J 301 18.10 49.46 -56.72
CA THR J 301 17.34 49.79 -55.52
C THR J 301 18.24 50.15 -54.34
N GLY J 302 19.51 49.77 -54.37
CA GLY J 302 20.41 50.06 -53.28
C GLY J 302 20.09 49.34 -51.98
N TYR J 303 19.74 48.07 -52.07
CA TYR J 303 19.39 47.27 -50.89
C TYR J 303 20.16 45.97 -50.93
N ALA J 304 20.72 45.59 -49.79
CA ALA J 304 21.37 44.30 -49.59
C ALA J 304 20.52 43.48 -48.64
N VAL J 305 20.26 42.24 -49.03
CA VAL J 305 19.36 41.35 -48.31
C VAL J 305 20.17 40.16 -47.80
N THR J 306 20.05 39.88 -46.50
CA THR J 306 20.69 38.72 -45.87
C THR J 306 19.60 37.85 -45.27
N HIS J 307 19.42 36.65 -45.82
CA HIS J 307 18.45 35.72 -45.28
C HIS J 307 19.09 34.93 -44.14
N HIS J 308 18.59 35.14 -42.93
CA HIS J 308 19.19 34.54 -41.73
C HIS J 308 18.67 33.12 -41.59
N ALA J 309 19.37 32.17 -42.22
CA ALA J 309 19.01 30.77 -42.11
C ALA J 309 19.13 30.26 -40.69
N ASP J 310 19.90 30.94 -39.84
CA ASP J 310 19.99 30.63 -38.43
C ASP J 310 20.06 31.94 -37.65
N GLY J 311 19.68 31.86 -36.38
CA GLY J 311 19.61 33.05 -35.55
C GLY J 311 20.87 33.88 -35.56
N PHE J 312 20.72 35.20 -35.59
CA PHE J 312 21.83 36.13 -35.50
C PHE J 312 21.54 37.09 -34.36
N LEU J 313 22.33 36.99 -33.29
CA LEU J 313 22.17 37.86 -32.14
C LEU J 313 23.24 38.94 -32.15
N MET J 314 22.86 40.15 -31.74
CA MET J 314 23.82 41.22 -31.55
C MET J 314 23.32 42.05 -30.37
N CYS J 315 24.02 42.01 -29.24
CA CYS J 315 23.57 42.66 -28.03
CA CYS J 315 23.57 42.66 -28.03
C CYS J 315 24.67 43.54 -27.47
N LYS J 316 24.26 44.59 -26.76
CA LYS J 316 25.19 45.52 -26.13
C LYS J 316 25.54 45.01 -24.74
N THR J 317 26.74 44.47 -24.59
CA THR J 317 27.22 43.99 -23.31
C THR J 317 28.11 45.04 -22.66
N THR J 318 28.08 45.08 -21.34
CA THR J 318 28.93 45.96 -20.56
C THR J 318 30.16 45.20 -20.11
N ASP J 319 31.33 45.79 -20.32
CA ASP J 319 32.61 45.17 -19.98
C ASP J 319 33.46 46.23 -19.29
N THR J 320 34.71 45.86 -19.00
CA THR J 320 35.69 46.79 -18.47
C THR J 320 36.92 46.74 -19.37
N VAL J 321 37.27 47.87 -19.97
CA VAL J 321 38.41 47.98 -20.85
C VAL J 321 39.47 48.82 -20.13
N ASP J 322 40.65 48.24 -19.95
CA ASP J 322 41.73 48.89 -19.21
C ASP J 322 41.27 49.34 -17.83
N GLY J 323 40.37 48.57 -17.22
CA GLY J 323 39.87 48.88 -15.90
C GLY J 323 38.74 49.89 -15.85
N GLU J 324 38.33 50.45 -16.99
CA GLU J 324 37.27 51.44 -17.05
C GLU J 324 36.00 50.80 -17.58
N ARG J 325 34.89 51.03 -16.90
CA ARG J 325 33.63 50.39 -17.27
C ARG J 325 33.08 51.03 -18.53
N VAL J 326 32.77 50.20 -19.53
CA VAL J 326 32.25 50.66 -20.82
C VAL J 326 31.19 49.69 -21.29
N SER J 327 30.50 50.07 -22.37
CA SER J 327 29.49 49.23 -22.99
C SER J 327 29.72 49.20 -24.49
N PHE J 328 29.64 48.01 -25.09
CA PHE J 328 29.82 47.88 -26.53
C PHE J 328 29.09 46.65 -27.02
N SER J 329 28.90 46.56 -28.33
CA SER J 329 28.04 45.57 -28.92
C SER J 329 28.85 44.37 -29.41
N VAL J 330 28.37 43.17 -29.10
CA VAL J 330 28.98 41.92 -29.53
C VAL J 330 27.90 41.07 -30.20
N CYS J 331 28.28 40.38 -31.28
CA CYS J 331 27.35 39.59 -32.06
C CYS J 331 27.80 38.13 -32.13
N THR J 332 26.86 37.27 -32.46
CA THR J 332 27.12 35.84 -32.58
C THR J 332 26.02 35.22 -33.43
N TYR J 333 26.29 34.00 -33.91
CA TYR J 333 25.37 33.25 -34.77
C TYR J 333 24.88 32.03 -33.99
N VAL J 334 23.69 32.15 -33.42
CA VAL J 334 23.07 31.04 -32.70
C VAL J 334 22.57 30.01 -33.73
N PRO J 335 22.61 28.72 -33.42
CA PRO J 335 22.04 27.73 -34.34
C PRO J 335 20.53 27.83 -34.40
N ALA J 336 19.97 27.38 -35.52
CA ALA J 336 18.53 27.48 -35.73
C ALA J 336 17.76 26.68 -34.68
N THR J 337 18.23 25.48 -34.35
CA THR J 337 17.51 24.63 -33.41
C THR J 337 17.43 25.28 -32.03
N ILE J 338 18.48 26.00 -31.63
CA ILE J 338 18.45 26.67 -30.33
C ILE J 338 17.33 27.71 -30.31
N CYS J 339 17.23 28.50 -31.38
CA CYS J 339 16.15 29.49 -31.47
C CYS J 339 14.78 28.82 -31.48
N ASP J 340 14.66 27.72 -32.23
CA ASP J 340 13.38 27.02 -32.27
C ASP J 340 12.96 26.56 -30.89
N GLN J 341 13.86 25.90 -30.16
CA GLN J 341 13.56 25.41 -28.82
C GLN J 341 13.47 26.52 -27.77
N MET J 342 13.97 27.71 -28.08
CA MET J 342 13.83 28.85 -27.17
C MET J 342 12.64 29.73 -27.50
N THR J 343 11.93 29.44 -28.61
CA THR J 343 10.72 30.20 -28.93
C THR J 343 9.82 30.37 -27.70
N GLY J 344 9.40 29.25 -27.10
CA GLY J 344 8.45 29.33 -26.00
C GLY J 344 8.98 30.09 -24.82
N ILE J 345 10.22 29.80 -24.40
CA ILE J 345 10.80 30.51 -23.26
C ILE J 345 10.89 32.00 -23.54
N LEU J 346 11.36 32.37 -24.73
CA LEU J 346 11.42 33.78 -25.10
C LEU J 346 10.04 34.41 -25.16
N ALA J 347 8.98 33.59 -25.29
CA ALA J 347 7.64 34.11 -25.11
C ALA J 347 7.46 34.76 -23.75
N THR J 348 8.25 34.36 -22.76
CA THR J 348 8.18 34.89 -21.40
C THR J 348 9.45 35.67 -21.08
N GLU J 349 9.32 36.64 -20.18
CA GLU J 349 10.50 37.33 -19.66
C GLU J 349 11.38 36.33 -18.94
N VAL J 350 12.58 36.09 -19.47
CA VAL J 350 13.47 35.04 -18.97
C VAL J 350 14.77 35.68 -18.52
N THR J 351 15.23 35.29 -17.33
CA THR J 351 16.46 35.84 -16.78
C THR J 351 17.66 35.35 -17.57
N PRO J 352 18.76 36.12 -17.58
CA PRO J 352 19.99 35.59 -18.18
C PRO J 352 20.47 34.32 -17.52
N GLU J 353 20.29 34.19 -16.21
CA GLU J 353 20.69 32.97 -15.51
C GLU J 353 19.84 31.78 -15.92
N ASP J 354 18.52 31.94 -15.91
CA ASP J 354 17.63 30.84 -16.28
C ASP J 354 17.74 30.54 -17.77
N ALA J 355 17.90 31.58 -18.59
CA ALA J 355 18.13 31.35 -20.01
C ALA J 355 19.43 30.59 -20.24
N GLN J 356 20.47 30.91 -19.46
CA GLN J 356 21.73 30.18 -19.54
C GLN J 356 21.55 28.72 -19.16
N LYS J 357 20.78 28.46 -18.09
CA LYS J 357 20.53 27.09 -17.67
C LYS J 357 19.79 26.31 -18.76
N LEU J 358 18.76 26.91 -19.35
CA LEU J 358 18.03 26.25 -20.42
C LEU J 358 18.92 26.03 -21.64
N LEU J 359 19.79 27.00 -21.95
CA LEU J 359 20.70 26.84 -23.08
C LEU J 359 21.68 25.70 -22.84
N VAL J 360 22.20 25.59 -21.62
CA VAL J 360 23.09 24.48 -21.29
C VAL J 360 22.35 23.16 -21.42
N GLY J 361 21.13 23.08 -20.88
CA GLY J 361 20.35 21.87 -21.02
C GLY J 361 20.09 21.50 -22.48
N LEU J 362 19.78 22.49 -23.31
CA LEU J 362 19.56 22.24 -24.72
C LEU J 362 20.83 21.77 -25.42
N ASN J 363 21.97 22.33 -25.02
CA ASN J 363 23.25 21.89 -25.59
C ASN J 363 23.47 20.41 -25.35
N GLN J 364 23.12 19.93 -24.16
CA GLN J 364 23.17 18.50 -23.85
C GLN J 364 22.79 18.26 -22.40
N THR J 376 28.72 15.88 -26.14
CA THR J 376 28.94 16.85 -27.20
C THR J 376 28.08 18.09 -27.01
N ASN J 377 28.34 19.12 -27.81
CA ASN J 377 27.61 20.37 -27.73
C ASN J 377 27.23 20.83 -29.13
N THR J 378 26.17 21.64 -29.20
CA THR J 378 25.75 22.24 -30.46
C THR J 378 26.25 23.66 -30.62
N MET J 379 26.37 24.40 -29.52
CA MET J 379 26.96 25.72 -29.51
C MET J 379 28.04 25.78 -28.43
N LYS J 380 29.15 26.42 -28.74
CA LYS J 380 30.26 26.48 -27.79
C LYS J 380 29.83 27.25 -26.54
N ASN J 381 30.28 26.77 -25.38
CA ASN J 381 29.74 27.25 -24.11
C ASN J 381 30.25 28.63 -23.74
N TYR J 382 31.40 29.06 -24.26
CA TYR J 382 31.89 30.40 -23.94
C TYR J 382 31.00 31.49 -24.53
N MET J 383 30.11 31.14 -25.46
CA MET J 383 29.15 32.08 -26.03
C MET J 383 27.80 32.07 -25.30
N ILE J 384 27.44 30.96 -24.68
CA ILE J 384 26.18 30.81 -23.97
C ILE J 384 25.96 31.96 -23.00
N PRO J 385 26.96 32.36 -22.22
CA PRO J 385 26.76 33.47 -21.28
C PRO J 385 26.30 34.76 -21.95
N VAL J 386 26.67 34.99 -23.20
CA VAL J 386 26.26 36.21 -23.89
C VAL J 386 25.02 35.97 -24.74
N VAL J 387 24.86 34.76 -25.29
CA VAL J 387 23.63 34.42 -25.99
C VAL J 387 22.44 34.54 -25.05
N ALA J 388 22.59 34.06 -23.81
CA ALA J 388 21.49 34.14 -22.84
C ALA J 388 21.15 35.59 -22.52
N GLN J 389 22.16 36.44 -22.35
CA GLN J 389 21.89 37.84 -22.05
C GLN J 389 21.20 38.53 -23.23
N ALA J 390 21.63 38.21 -24.45
CA ALA J 390 20.97 38.76 -25.63
C ALA J 390 19.51 38.32 -25.69
N PHE J 391 19.26 37.03 -25.45
CA PHE J 391 17.89 36.51 -25.45
C PHE J 391 17.04 37.23 -24.41
N SER J 392 17.58 37.40 -23.21
CA SER J 392 16.82 38.03 -22.14
C SER J 392 16.52 39.49 -22.45
N LYS J 393 17.52 40.22 -22.97
CA LYS J 393 17.29 41.62 -23.32
C LYS J 393 16.27 41.74 -24.44
N TRP J 394 16.34 40.85 -25.43
CA TRP J 394 15.38 40.88 -26.52
C TRP J 394 13.97 40.59 -26.02
N ALA J 395 13.82 39.59 -25.15
CA ALA J 395 12.51 39.27 -24.61
C ALA J 395 11.95 40.43 -23.79
N LYS J 396 12.79 41.06 -22.97
CA LYS J 396 12.33 42.20 -22.18
C LYS J 396 11.90 43.35 -23.08
N GLU J 397 12.68 43.63 -24.13
CA GLU J 397 12.31 44.70 -25.05
C GLU J 397 11.00 44.37 -25.77
N CYS J 398 10.83 43.12 -26.19
CA CYS J 398 9.59 42.73 -26.83
C CYS J 398 8.39 42.92 -25.91
N ARG J 399 8.53 42.49 -24.65
CA ARG J 399 7.43 42.67 -23.71
C ARG J 399 7.14 44.15 -23.47
N LYS J 400 8.18 44.96 -23.29
CA LYS J 400 7.97 46.39 -23.10
C LYS J 400 7.33 47.01 -24.34
N ASP J 401 7.56 46.42 -25.51
CA ASP J 401 6.87 46.86 -26.72
C ASP J 401 5.39 46.50 -26.66
N MET J 402 5.08 45.25 -26.32
CA MET J 402 3.69 44.82 -26.21
C MET J 402 2.97 45.45 -25.03
N GLU J 403 3.71 46.05 -24.08
CA GLU J 403 3.11 46.67 -22.92
C GLU J 403 2.77 48.15 -23.14
N ASP J 404 3.10 48.69 -24.30
CA ASP J 404 2.77 50.07 -24.63
C ASP J 404 2.42 50.12 -26.12
N GLU J 405 1.28 50.72 -26.46
CA GLU J 405 0.79 50.79 -27.82
C GLU J 405 0.38 52.22 -28.13
N LYS J 406 0.84 52.75 -29.26
CA LYS J 406 0.57 54.11 -29.66
C LYS J 406 -0.54 54.14 -30.72
N LEU J 407 -0.80 55.33 -31.26
CA LEU J 407 -1.84 55.48 -32.28
C LEU J 407 -1.34 54.98 -33.62
N LEU J 408 -2.13 54.14 -34.29
CA LEU J 408 -1.78 53.63 -35.60
C LEU J 408 -1.79 54.74 -36.63
N GLY J 409 -0.95 54.60 -37.65
CA GLY J 409 -0.93 55.51 -38.78
C GLY J 409 -0.12 56.77 -38.58
N VAL J 410 0.35 57.03 -37.36
CA VAL J 410 1.07 58.27 -37.06
C VAL J 410 2.39 57.93 -36.41
N ARG J 411 3.47 58.52 -36.90
CA ARG J 411 4.76 58.48 -36.22
C ARG J 411 4.75 59.53 -35.12
N GLU J 412 4.35 59.13 -33.92
CA GLU J 412 4.22 60.06 -32.80
C GLU J 412 5.57 60.62 -32.37
N PHE J 423 11.44 63.02 -32.63
CA PHE J 423 10.77 62.00 -31.83
C PHE J 423 11.65 61.58 -30.65
N LYS J 424 11.00 61.09 -29.59
CA LYS J 424 11.71 60.64 -28.40
C LYS J 424 12.34 59.28 -28.68
N LYS J 425 13.46 59.30 -29.39
CA LYS J 425 14.19 58.08 -29.67
C LYS J 425 14.55 57.39 -28.36
N GLN J 426 14.29 56.08 -28.30
CA GLN J 426 14.43 55.32 -27.06
C GLN J 426 15.48 54.23 -27.23
N LYS J 427 15.57 53.38 -26.21
CA LYS J 427 16.60 52.35 -26.15
C LYS J 427 16.35 51.27 -27.19
N THR J 428 17.45 50.72 -27.73
CA THR J 428 17.43 49.54 -28.59
C THR J 428 18.72 48.80 -28.29
N HIS J 429 18.65 47.82 -27.39
CA HIS J 429 19.83 47.17 -26.85
C HIS J 429 19.99 45.73 -27.34
N THR J 430 19.22 45.31 -28.34
CA THR J 430 19.38 43.97 -28.88
C THR J 430 18.92 43.96 -30.33
N VAL J 431 19.49 43.04 -31.10
CA VAL J 431 19.05 42.75 -32.46
C VAL J 431 19.09 41.25 -32.62
N TYR J 432 17.92 40.61 -32.63
CA TYR J 432 17.80 39.17 -32.78
C TYR J 432 17.08 38.90 -34.09
N LYS J 433 17.82 38.37 -35.06
CA LYS J 433 17.26 37.98 -36.35
C LYS J 433 17.07 36.48 -36.32
N ARG J 434 15.85 36.06 -36.02
CA ARG J 434 15.54 34.65 -35.88
C ARG J 434 15.71 33.93 -37.22
N PRO J 435 15.74 32.60 -37.20
CA PRO J 435 15.85 31.86 -38.47
C PRO J 435 14.68 32.17 -39.38
N ASP J 436 14.98 32.25 -40.68
CA ASP J 436 14.03 32.51 -41.76
C ASP J 436 13.59 33.98 -41.82
N THR J 437 14.24 34.87 -41.08
CA THR J 437 14.00 36.29 -41.26
C THR J 437 14.99 36.85 -42.27
N GLN J 438 14.88 38.15 -42.56
CA GLN J 438 15.76 38.79 -43.53
C GLN J 438 16.18 40.15 -43.03
N SER J 439 17.45 40.46 -43.20
CA SER J 439 18.00 41.79 -42.90
C SER J 439 18.12 42.56 -44.20
N ILE J 440 17.71 43.83 -44.17
CA ILE J 440 17.72 44.71 -45.33
C ILE J 440 18.53 45.95 -44.96
N GLN J 441 19.64 46.16 -45.65
CA GLN J 441 20.48 47.33 -45.41
C GLN J 441 20.61 48.15 -46.69
N LYS J 442 20.43 49.47 -46.56
CA LYS J 442 20.60 50.38 -47.68
C LYS J 442 22.08 50.67 -47.87
N VAL J 443 22.65 50.16 -48.95
CA VAL J 443 24.07 50.30 -49.22
C VAL J 443 24.28 51.06 -50.51
N GLN J 444 25.53 51.32 -50.87
CA GLN J 444 25.85 52.01 -52.11
C GLN J 444 25.74 51.04 -53.28
N ALA J 445 25.06 51.47 -54.35
CA ALA J 445 24.83 50.63 -55.51
C ALA J 445 25.38 51.22 -56.79
N GLU J 446 25.91 52.44 -56.76
CA GLU J 446 26.47 53.10 -57.94
C GLU J 446 27.92 53.46 -57.64
N PHE J 447 28.85 52.75 -58.27
CA PHE J 447 30.28 52.99 -58.10
C PHE J 447 30.86 53.51 -59.40
N ASP J 448 31.56 54.64 -59.32
CA ASP J 448 32.14 55.27 -60.51
C ASP J 448 33.59 55.66 -60.26
N SER J 458 55.92 41.70 -58.46
CA SER J 458 56.70 42.92 -58.38
C SER J 458 57.08 43.25 -56.94
N GLY J 459 57.04 42.24 -56.08
CA GLY J 459 57.39 42.42 -54.68
C GLY J 459 58.29 41.32 -54.16
N LEU J 460 58.56 40.32 -54.99
CA LEU J 460 59.43 39.23 -54.58
C LEU J 460 60.85 39.72 -54.34
N SER J 461 61.47 39.23 -53.28
CA SER J 461 62.82 39.63 -52.92
C SER J 461 63.84 38.76 -53.66
N ILE J 462 65.00 39.36 -53.93
CA ILE J 462 66.06 38.63 -54.63
C ILE J 462 66.52 37.41 -53.84
N PRO J 463 66.84 37.51 -52.55
CA PRO J 463 67.23 36.30 -51.81
C PRO J 463 66.15 35.24 -51.80
N LEU J 464 64.89 35.63 -51.62
CA LEU J 464 63.81 34.65 -51.64
C LEU J 464 63.66 34.02 -53.01
N ARG J 465 63.74 34.83 -54.07
CA ARG J 465 63.63 34.28 -55.42
C ARG J 465 64.75 33.28 -55.69
N THR J 466 65.98 33.60 -55.26
CA THR J 466 67.09 32.66 -55.42
C THR J 466 66.84 31.39 -54.63
N ARG J 467 66.35 31.52 -53.39
CA ARG J 467 66.16 30.34 -52.55
C ARG J 467 65.09 29.41 -53.10
N ILE J 468 63.98 29.98 -53.60
CA ILE J 468 62.85 29.16 -54.02
C ILE J 468 63.27 28.17 -55.10
N LYS J 469 64.10 28.63 -56.04
CA LYS J 469 64.60 27.75 -57.09
C LYS J 469 65.23 26.49 -56.51
N PRO K 3 -1.84 10.93 -60.83
CA PRO K 3 -0.43 10.77 -60.45
C PRO K 3 0.41 11.99 -60.78
N VAL K 4 0.83 12.73 -59.76
CA VAL K 4 1.63 13.93 -59.92
C VAL K 4 2.85 13.83 -59.01
N TYR K 5 3.97 14.37 -59.47
CA TYR K 5 5.24 14.28 -58.77
C TYR K 5 5.71 15.67 -58.38
N VAL K 6 6.06 15.85 -57.10
CA VAL K 6 6.51 17.14 -56.59
C VAL K 6 7.95 17.01 -56.12
N ASP K 7 8.58 18.16 -55.89
CA ASP K 7 9.99 18.25 -55.55
C ASP K 7 10.20 18.55 -54.06
N ILE K 8 9.39 17.96 -53.20
CA ILE K 8 9.47 18.18 -51.76
C ILE K 8 9.57 16.84 -51.06
N ASP K 9 10.35 16.80 -49.99
CA ASP K 9 10.48 15.58 -49.20
C ASP K 9 9.14 15.24 -48.55
N ALA K 10 8.89 13.93 -48.39
CA ALA K 10 7.60 13.45 -47.92
C ALA K 10 7.30 13.83 -46.48
N ASP K 11 8.30 14.25 -45.70
CA ASP K 11 8.09 14.61 -44.31
C ASP K 11 7.70 16.07 -44.11
N SER K 12 7.54 16.83 -45.20
CA SER K 12 7.22 18.25 -45.10
C SER K 12 5.72 18.46 -45.14
N ALA K 13 5.24 19.37 -44.29
CA ALA K 13 3.81 19.67 -44.24
C ALA K 13 3.30 20.28 -45.54
N PHE K 14 4.17 20.98 -46.28
CA PHE K 14 3.72 21.61 -47.51
C PHE K 14 3.24 20.60 -48.53
N LEU K 15 3.70 19.35 -48.46
CA LEU K 15 3.15 18.32 -49.34
C LEU K 15 1.68 18.08 -49.03
N LYS K 16 1.33 18.00 -47.74
CA LYS K 16 -0.08 17.91 -47.36
C LYS K 16 -0.85 19.15 -47.79
N ALA K 17 -0.25 20.33 -47.62
CA ALA K 17 -0.92 21.56 -48.03
C ALA K 17 -1.20 21.54 -49.53
N LEU K 18 -0.25 21.07 -50.34
CA LEU K 18 -0.46 20.97 -51.77
C LEU K 18 -1.56 19.96 -52.10
N GLN K 19 -1.53 18.79 -51.45
CA GLN K 19 -2.61 17.83 -51.66
C GLN K 19 -3.96 18.48 -51.40
N ARG K 20 -4.09 19.20 -50.28
CA ARG K 20 -5.35 19.87 -50.00
C ARG K 20 -5.70 20.89 -51.06
N ALA K 21 -4.70 21.65 -51.54
CA ALA K 21 -4.94 22.70 -52.53
C ALA K 21 -5.11 22.16 -53.93
N TYR K 22 -4.75 20.90 -54.20
CA TYR K 22 -4.86 20.30 -55.52
C TYR K 22 -5.54 18.94 -55.41
N PRO K 23 -6.85 18.93 -55.16
CA PRO K 23 -7.57 17.64 -55.07
C PRO K 23 -7.54 16.85 -56.36
N MET K 24 -7.54 17.52 -57.52
CA MET K 24 -7.63 16.82 -58.80
C MET K 24 -6.38 16.03 -59.13
N PHE K 25 -5.29 16.21 -58.38
CA PHE K 25 -4.03 15.54 -58.64
C PHE K 25 -3.62 14.70 -57.44
N GLU K 26 -3.10 13.51 -57.71
CA GLU K 26 -2.46 12.70 -56.69
C GLU K 26 -0.98 13.09 -56.65
N VAL K 27 -0.59 13.79 -55.59
CA VAL K 27 0.74 14.40 -55.47
C VAL K 27 1.58 13.53 -54.56
N GLU K 28 2.78 13.17 -55.03
CA GLU K 28 3.72 12.39 -54.24
C GLU K 28 5.08 13.09 -54.23
N PRO K 29 5.80 13.00 -53.12
CA PRO K 29 7.09 13.69 -53.02
C PRO K 29 8.14 13.13 -53.97
N ARG K 30 8.98 14.02 -54.48
CA ARG K 30 10.24 13.63 -55.15
C ARG K 30 11.21 14.78 -54.97
N GLN K 31 12.08 14.68 -53.96
CA GLN K 31 13.04 15.73 -53.63
C GLN K 31 14.46 15.25 -53.91
N VAL K 32 15.22 16.03 -54.65
CA VAL K 32 16.65 15.76 -54.78
C VAL K 32 17.47 17.00 -54.40
N THR K 33 17.34 18.07 -55.18
CA THR K 33 18.18 19.25 -55.02
C THR K 33 17.68 20.24 -53.96
N PRO K 34 16.43 20.68 -54.04
CA PRO K 34 16.01 21.85 -53.29
C PRO K 34 15.51 21.56 -51.88
N ASN K 35 15.70 22.54 -50.99
CA ASN K 35 15.03 22.55 -49.70
C ASN K 35 14.49 23.91 -49.29
N ASP K 36 14.83 25.00 -49.99
CA ASP K 36 14.36 26.34 -49.64
C ASP K 36 13.18 26.78 -50.51
N HIS K 37 13.37 26.79 -51.83
CA HIS K 37 12.33 27.24 -52.75
C HIS K 37 11.53 26.08 -53.33
N ALA K 38 11.50 24.95 -52.64
CA ALA K 38 10.74 23.80 -53.14
C ALA K 38 9.25 24.10 -53.13
N ASN K 39 8.76 24.83 -52.13
CA ASN K 39 7.33 25.08 -52.01
C ASN K 39 6.80 25.88 -53.21
N ALA K 40 7.45 27.01 -53.50
CA ALA K 40 6.99 27.85 -54.60
C ALA K 40 7.13 27.13 -55.93
N ARG K 41 8.24 26.42 -56.13
CA ARG K 41 8.43 25.68 -57.38
C ARG K 41 7.36 24.62 -57.56
N ALA K 42 7.04 23.88 -56.49
CA ALA K 42 6.02 22.85 -56.56
C ALA K 42 4.66 23.45 -56.86
N PHE K 43 4.31 24.55 -56.20
CA PHE K 43 3.03 25.18 -56.46
C PHE K 43 2.94 25.67 -57.90
N SER K 44 4.00 26.29 -58.40
CA SER K 44 4.00 26.76 -59.78
C SER K 44 3.88 25.60 -60.77
N HIS K 45 4.59 24.50 -60.49
CA HIS K 45 4.52 23.34 -61.37
C HIS K 45 3.12 22.74 -61.38
N LEU K 46 2.50 22.61 -60.21
CA LEU K 46 1.15 22.06 -60.15
C LEU K 46 0.16 22.97 -60.85
N ALA K 47 0.29 24.29 -60.67
CA ALA K 47 -0.58 25.22 -61.37
C ALA K 47 -0.40 25.10 -62.88
N ILE K 48 0.85 24.98 -63.34
CA ILE K 48 1.12 24.84 -64.77
C ILE K 48 0.48 23.56 -65.30
N LYS K 49 0.59 22.46 -64.55
CA LYS K 49 0.01 21.20 -64.99
C LYS K 49 -1.51 21.31 -65.06
N LEU K 50 -2.13 21.91 -64.04
CA LEU K 50 -3.58 22.06 -64.04
C LEU K 50 -4.05 22.92 -65.21
N ILE K 51 -3.33 24.02 -65.48
CA ILE K 51 -3.69 24.88 -66.61
C ILE K 51 -3.55 24.13 -67.92
N GLU K 52 -2.46 23.36 -68.07
CA GLU K 52 -2.26 22.60 -69.29
C GLU K 52 -3.38 21.58 -69.50
N GLN K 53 -3.77 20.88 -68.44
CA GLN K 53 -4.81 19.86 -68.58
C GLN K 53 -6.15 20.47 -68.96
N GLU K 54 -6.38 21.74 -68.65
CA GLU K 54 -7.66 22.39 -68.89
C GLU K 54 -7.61 23.40 -70.02
N ILE K 55 -6.82 23.13 -71.06
CA ILE K 55 -6.75 24.00 -72.23
C ILE K 55 -6.72 23.13 -73.48
N ASP K 56 -7.00 23.77 -74.62
CA ASP K 56 -6.97 23.08 -75.90
C ASP K 56 -5.52 22.76 -76.26
N PRO K 57 -5.18 21.48 -76.49
CA PRO K 57 -3.79 21.17 -76.84
C PRO K 57 -3.31 21.84 -78.12
N ASP K 58 -4.22 22.20 -79.01
CA ASP K 58 -3.88 22.84 -80.28
C ASP K 58 -4.18 24.33 -80.26
N SER K 59 -4.01 24.99 -79.12
CA SER K 59 -4.26 26.41 -78.98
C SER K 59 -2.97 27.11 -78.58
N THR K 60 -2.61 28.16 -79.33
CA THR K 60 -1.42 28.93 -79.01
C THR K 60 -1.62 29.72 -77.71
N ILE K 61 -0.64 29.65 -76.83
CA ILE K 61 -0.74 30.23 -75.48
C ILE K 61 0.46 31.14 -75.24
N LEU K 62 0.19 32.33 -74.75
CA LEU K 62 1.27 33.23 -74.34
C LEU K 62 1.84 32.80 -72.98
N ASP K 63 3.04 33.29 -72.69
CA ASP K 63 3.75 32.97 -71.46
C ASP K 63 4.33 34.23 -70.83
N ILE K 64 3.49 35.26 -70.69
CA ILE K 64 3.91 36.57 -70.21
C ILE K 64 4.88 36.45 -69.04
N GLY K 65 4.59 35.55 -68.11
CA GLY K 65 5.54 35.26 -67.06
C GLY K 65 6.69 34.44 -67.60
N SER K 66 7.45 35.06 -68.50
CA SER K 66 8.40 34.32 -69.33
C SER K 66 9.60 33.86 -68.52
N ALA K 67 9.78 32.55 -68.43
CA ALA K 67 11.01 31.93 -67.95
C ALA K 67 11.39 30.86 -68.95
N PRO K 68 11.85 31.26 -70.14
CA PRO K 68 12.00 30.29 -71.24
C PRO K 68 12.88 29.10 -70.89
N ALA K 69 13.84 29.28 -69.98
CA ALA K 69 14.65 28.15 -69.55
C ALA K 69 13.78 27.02 -69.01
N ARG K 70 12.71 27.36 -68.31
CA ARG K 70 11.81 26.34 -67.78
C ARG K 70 11.15 25.55 -68.89
N ARG K 71 10.64 26.23 -69.92
CA ARG K 71 9.87 25.59 -70.98
C ARG K 71 10.83 24.84 -71.91
N MET K 72 11.16 23.61 -71.50
CA MET K 72 11.97 22.72 -72.32
C MET K 72 11.25 21.40 -72.55
N MET K 73 10.28 21.09 -71.69
CA MET K 73 9.50 19.86 -71.81
C MET K 73 8.07 20.12 -72.26
N SER K 74 7.54 21.32 -72.05
CA SER K 74 6.18 21.63 -72.48
C SER K 74 6.09 21.55 -73.99
N ASP K 75 5.35 20.55 -74.48
CA ASP K 75 5.19 20.33 -75.91
C ASP K 75 4.12 21.22 -76.53
N ARG K 76 3.42 22.02 -75.72
CA ARG K 76 2.36 22.88 -76.22
C ARG K 76 2.96 24.10 -76.90
N LYS K 77 2.13 24.79 -77.68
CA LYS K 77 2.56 25.97 -78.43
C LYS K 77 2.77 27.12 -77.46
N TYR K 78 4.02 27.35 -77.06
CA TYR K 78 4.37 28.36 -76.09
C TYR K 78 5.03 29.54 -76.80
N HIS K 79 4.57 30.75 -76.50
CA HIS K 79 5.14 31.98 -77.03
C HIS K 79 5.63 32.81 -75.84
N CYS K 80 6.85 32.54 -75.40
CA CYS K 80 7.42 33.26 -74.29
C CYS K 80 7.63 34.73 -74.64
N VAL K 81 7.37 35.61 -73.69
CA VAL K 81 7.50 37.05 -73.88
C VAL K 81 8.51 37.56 -72.86
N CYS K 82 9.69 37.96 -73.34
CA CYS K 82 10.76 38.44 -72.48
C CYS K 82 11.02 39.91 -72.79
N PRO K 83 10.39 40.85 -72.09
CA PRO K 83 10.57 42.27 -72.43
C PRO K 83 11.99 42.77 -72.21
N MET K 84 12.82 42.07 -71.43
CA MET K 84 14.16 42.54 -71.12
C MET K 84 14.12 43.88 -70.37
N ARG K 85 13.46 43.85 -69.21
CA ARG K 85 13.29 45.05 -68.39
C ARG K 85 14.16 45.05 -67.14
N SER K 86 14.40 43.89 -66.54
CA SER K 86 15.17 43.82 -65.30
C SER K 86 16.64 43.50 -65.60
N ALA K 87 17.46 43.58 -64.56
CA ALA K 87 18.88 43.28 -64.71
C ALA K 87 19.12 41.79 -64.91
N GLU K 88 18.25 40.95 -64.34
CA GLU K 88 18.42 39.51 -64.39
C GLU K 88 17.97 38.90 -65.71
N ASP K 89 17.18 39.62 -66.51
CA ASP K 89 16.66 39.04 -67.74
C ASP K 89 17.75 38.44 -68.61
N PRO K 90 18.87 39.11 -68.89
CA PRO K 90 19.93 38.47 -69.69
C PRO K 90 20.40 37.16 -69.11
N GLU K 91 20.67 37.11 -67.80
CA GLU K 91 21.09 35.85 -67.18
C GLU K 91 20.22 34.69 -67.64
N ARG K 92 18.92 34.77 -67.34
CA ARG K 92 17.98 33.78 -67.87
C ARG K 92 18.26 33.51 -69.34
N LEU K 93 18.13 34.55 -70.18
CA LEU K 93 18.42 34.39 -71.60
C LEU K 93 19.67 33.55 -71.81
N ALA K 94 20.79 33.96 -71.20
CA ALA K 94 22.03 33.22 -71.35
C ALA K 94 21.81 31.73 -71.15
N ASN K 95 21.37 31.33 -69.96
CA ASN K 95 21.21 29.91 -69.70
C ASN K 95 20.24 29.29 -70.70
N TYR K 96 19.13 29.99 -70.97
CA TYR K 96 18.21 29.54 -72.01
C TYR K 96 18.98 29.12 -73.26
N ALA K 97 19.73 30.06 -73.84
CA ALA K 97 20.53 29.72 -75.02
C ALA K 97 21.41 28.51 -74.74
N ARG K 98 22.18 28.56 -73.66
CA ARG K 98 23.02 27.42 -73.30
C ARG K 98 22.19 26.14 -73.25
N LYS K 99 21.04 26.19 -72.56
CA LYS K 99 20.21 24.99 -72.47
C LYS K 99 19.82 24.52 -73.86
N LEU K 100 19.41 25.44 -74.73
CA LEU K 100 19.11 25.05 -76.10
C LEU K 100 20.30 24.34 -76.73
N ALA K 101 21.50 24.92 -76.59
CA ALA K 101 22.70 24.24 -77.09
C ALA K 101 22.86 22.88 -76.43
N SER K 102 22.63 22.80 -75.12
CA SER K 102 22.71 21.53 -74.43
C SER K 102 21.74 20.53 -75.04
N ALA K 103 20.57 20.99 -75.47
CA ALA K 103 19.60 20.13 -76.12
C ALA K 103 19.73 20.13 -77.64
N ALA K 104 20.64 20.92 -78.20
CA ALA K 104 20.75 21.03 -79.65
C ALA K 104 21.17 19.72 -80.29
N GLY K 105 21.80 18.82 -79.55
CA GLY K 105 22.24 17.55 -80.10
C GLY K 105 21.98 16.36 -79.22
N LYS K 106 20.91 16.43 -78.41
CA LYS K 106 20.55 15.32 -77.53
C LYS K 106 19.23 14.68 -77.92
N VAL K 107 18.15 15.45 -78.03
CA VAL K 107 16.82 14.91 -78.29
C VAL K 107 16.18 15.70 -79.42
N LEU K 108 15.23 15.05 -80.09
CA LEU K 108 14.50 15.65 -81.20
C LEU K 108 12.99 15.46 -81.03
N ASP K 109 12.50 15.67 -79.80
CA ASP K 109 11.08 15.55 -79.51
C ASP K 109 10.44 16.84 -79.02
N ARG K 110 11.22 17.80 -78.54
CA ARG K 110 10.69 19.04 -77.98
C ARG K 110 10.84 20.23 -78.92
N ASN K 111 11.10 19.99 -80.20
CA ASN K 111 11.22 21.05 -81.19
C ASN K 111 12.37 22.00 -80.81
N ILE K 112 13.54 21.40 -80.62
CA ILE K 112 14.73 22.18 -80.27
C ILE K 112 15.16 23.04 -81.45
N SER K 113 15.09 22.51 -82.66
CA SER K 113 15.50 23.27 -83.84
C SER K 113 14.62 24.50 -84.02
N GLY K 114 13.32 24.36 -83.79
CA GLY K 114 12.45 25.52 -83.86
C GLY K 114 12.83 26.60 -82.86
N LYS K 115 13.10 26.20 -81.61
CA LYS K 115 13.50 27.17 -80.61
C LYS K 115 14.80 27.88 -80.99
N ILE K 116 15.79 27.11 -81.45
CA ILE K 116 17.07 27.72 -81.81
C ILE K 116 16.90 28.67 -82.99
N GLY K 117 16.14 28.27 -84.00
CA GLY K 117 15.90 29.15 -85.13
C GLY K 117 15.16 30.41 -84.74
N ASP K 118 14.17 30.28 -83.86
CA ASP K 118 13.46 31.45 -83.38
C ASP K 118 14.38 32.41 -82.64
N LEU K 119 15.25 31.86 -81.79
CA LEU K 119 16.21 32.70 -81.07
C LEU K 119 17.17 33.39 -82.03
N GLN K 120 17.65 32.67 -83.06
CA GLN K 120 18.53 33.29 -84.03
C GLN K 120 17.83 34.41 -84.78
N ALA K 121 16.57 34.19 -85.17
CA ALA K 121 15.80 35.23 -85.84
C ALA K 121 15.63 36.45 -84.94
N VAL K 122 15.34 36.22 -83.66
CA VAL K 122 15.20 37.33 -82.73
C VAL K 122 16.51 38.10 -82.61
N MET K 123 17.63 37.38 -82.51
CA MET K 123 18.92 38.05 -82.41
C MET K 123 19.23 38.86 -83.66
N ALA K 124 18.90 38.34 -84.83
CA ALA K 124 19.12 39.08 -86.07
C ALA K 124 18.31 40.37 -86.07
N VAL K 125 17.06 40.31 -85.65
CA VAL K 125 16.21 41.49 -85.57
C VAL K 125 15.37 41.42 -84.29
N PRO K 126 15.57 42.34 -83.34
CA PRO K 126 14.86 42.24 -82.07
C PRO K 126 13.35 42.24 -82.20
N ASP K 127 12.80 42.99 -83.15
CA ASP K 127 11.36 43.17 -83.28
C ASP K 127 10.68 42.03 -84.03
N THR K 128 11.33 40.88 -84.16
CA THR K 128 10.68 39.73 -84.80
C THR K 128 9.51 39.25 -83.96
N GLU K 129 8.51 38.70 -84.63
CA GLU K 129 7.31 38.16 -83.99
C GLU K 129 7.31 36.64 -84.04
N THR K 130 8.47 36.03 -83.81
CA THR K 130 8.60 34.59 -83.93
C THR K 130 7.67 33.89 -82.95
N PRO K 131 7.20 32.68 -83.28
CA PRO K 131 6.15 32.05 -82.46
C PRO K 131 6.52 31.85 -81.00
N THR K 132 7.78 31.50 -80.71
CA THR K 132 8.17 31.10 -79.36
C THR K 132 9.18 32.06 -78.72
N PHE K 133 9.15 33.34 -79.08
CA PHE K 133 10.04 34.28 -78.43
C PHE K 133 9.72 35.68 -78.95
N CYS K 134 9.94 36.67 -78.10
CA CYS K 134 9.78 38.07 -78.48
C CYS K 134 10.52 38.93 -77.47
N LEU K 135 10.68 40.20 -77.81
CA LEU K 135 11.37 41.19 -76.97
C LEU K 135 10.47 42.40 -76.74
N HIS K 136 9.16 42.16 -76.63
CA HIS K 136 8.19 43.21 -76.42
C HIS K 136 7.43 42.96 -75.12
N THR K 137 7.06 44.04 -74.45
CA THR K 137 6.22 43.91 -73.28
C THR K 137 4.84 43.37 -73.69
N ASP K 138 4.16 42.74 -72.72
CA ASP K 138 2.85 42.17 -73.01
C ASP K 138 1.93 43.20 -73.65
N VAL K 139 2.05 44.47 -73.23
CA VAL K 139 1.31 45.55 -73.87
C VAL K 139 1.74 45.70 -75.33
N SER K 140 3.04 45.62 -75.60
CA SER K 140 3.59 45.88 -76.92
C SER K 140 3.75 44.63 -77.77
N CYS K 141 3.49 43.45 -77.21
CA CYS K 141 3.63 42.22 -77.99
C CYS K 141 2.61 42.18 -79.12
N ARG K 142 2.97 41.48 -80.20
CA ARG K 142 2.13 41.40 -81.38
C ARG K 142 1.63 40.01 -81.72
N GLN K 143 2.28 38.96 -81.20
CA GLN K 143 1.84 37.60 -81.50
C GLN K 143 0.42 37.37 -81.00
N ARG K 144 -0.35 36.59 -81.75
CA ARG K 144 -1.75 36.33 -81.46
C ARG K 144 -1.91 34.89 -81.00
N ALA K 145 -2.64 34.70 -79.90
CA ALA K 145 -2.85 33.38 -79.33
C ALA K 145 -4.29 33.28 -78.85
N ASP K 146 -4.59 32.23 -78.10
CA ASP K 146 -5.93 31.99 -77.59
C ASP K 146 -6.01 32.16 -76.07
N VAL K 147 -5.17 31.45 -75.32
CA VAL K 147 -5.16 31.51 -73.86
C VAL K 147 -3.79 32.00 -73.41
N ALA K 148 -3.79 33.02 -72.56
CA ALA K 148 -2.57 33.63 -72.06
C ALA K 148 -2.38 33.28 -70.59
N ILE K 149 -1.15 32.93 -70.22
CA ILE K 149 -0.81 32.54 -68.87
C ILE K 149 0.20 33.54 -68.31
N TYR K 150 -0.07 34.05 -67.12
CA TYR K 150 0.88 34.87 -66.37
C TYR K 150 1.58 34.02 -65.32
N GLN K 151 2.68 34.56 -64.79
CA GLN K 151 3.43 33.86 -63.76
C GLN K 151 4.27 34.88 -63.00
N ASP K 152 3.98 35.06 -61.71
CA ASP K 152 4.73 35.97 -60.85
C ASP K 152 4.91 37.34 -61.51
N VAL K 153 3.79 37.93 -61.89
CA VAL K 153 3.75 39.24 -62.54
C VAL K 153 3.01 40.18 -61.60
N TYR K 154 3.76 40.90 -60.76
CA TYR K 154 3.18 41.82 -59.79
C TYR K 154 3.60 43.27 -60.07
N ALA K 155 3.84 43.60 -61.33
CA ALA K 155 4.30 44.93 -61.69
C ALA K 155 3.56 45.57 -62.84
N VAL K 156 2.58 44.89 -63.44
CA VAL K 156 1.84 45.40 -64.59
C VAL K 156 0.38 45.53 -64.20
N HIS K 157 -0.23 46.66 -64.57
CA HIS K 157 -1.65 46.86 -64.35
C HIS K 157 -2.43 45.72 -65.00
N ALA K 158 -3.17 44.97 -64.18
CA ALA K 158 -3.89 43.82 -64.71
C ALA K 158 -4.92 44.21 -65.75
N PRO K 159 -5.78 45.21 -65.53
CA PRO K 159 -6.74 45.58 -66.58
C PRO K 159 -6.10 45.92 -67.91
N THR K 160 -4.99 46.66 -67.89
CA THR K 160 -4.38 47.09 -69.15
C THR K 160 -3.77 45.92 -69.90
N SER K 161 -3.04 45.04 -69.19
CA SER K 161 -2.46 43.87 -69.84
C SER K 161 -3.54 42.95 -70.38
N LEU K 162 -4.59 42.72 -69.60
CA LEU K 162 -5.68 41.86 -70.07
C LEU K 162 -6.38 42.48 -71.27
N TYR K 163 -6.55 43.80 -71.27
CA TYR K 163 -7.16 44.49 -72.40
C TYR K 163 -6.31 44.30 -73.66
N HIS K 164 -5.01 44.59 -73.57
CA HIS K 164 -4.14 44.50 -74.73
C HIS K 164 -3.96 43.05 -75.19
N GLN K 165 -4.22 42.09 -74.30
CA GLN K 165 -4.23 40.69 -74.73
C GLN K 165 -5.55 40.32 -75.39
N ALA K 166 -6.64 40.92 -74.93
CA ALA K 166 -7.94 40.67 -75.55
C ALA K 166 -7.98 41.21 -76.98
N ILE K 167 -7.43 42.41 -77.20
CA ILE K 167 -7.37 42.92 -78.57
C ILE K 167 -6.55 41.99 -79.46
N LYS K 168 -5.65 41.22 -78.88
CA LYS K 168 -4.91 40.20 -79.61
C LYS K 168 -5.60 38.84 -79.57
N GLY K 169 -6.92 38.82 -79.35
CA GLY K 169 -7.66 37.58 -79.32
C GLY K 169 -7.33 36.67 -78.16
N VAL K 170 -7.20 37.21 -76.96
CA VAL K 170 -6.96 36.42 -75.75
C VAL K 170 -8.31 36.33 -75.03
N ARG K 171 -8.92 35.15 -75.07
CA ARG K 171 -10.21 34.93 -74.43
C ARG K 171 -10.09 34.35 -73.04
N LEU K 172 -8.92 33.84 -72.66
CA LEU K 172 -8.71 33.23 -71.37
C LEU K 172 -7.31 33.57 -70.88
N ALA K 173 -7.18 33.79 -69.57
CA ALA K 173 -5.89 34.11 -68.99
C ALA K 173 -5.81 33.52 -67.59
N TYR K 174 -4.61 33.14 -67.18
CA TYR K 174 -4.36 32.64 -65.85
C TYR K 174 -3.27 33.47 -65.18
N TRP K 175 -3.26 33.46 -63.86
CA TRP K 175 -2.36 34.30 -63.07
C TRP K 175 -1.99 33.53 -61.80
N VAL K 176 -0.82 32.92 -61.81
CA VAL K 176 -0.27 32.25 -60.64
C VAL K 176 0.61 33.25 -59.90
N GLY K 177 0.33 33.46 -58.62
CA GLY K 177 1.10 34.44 -57.88
C GLY K 177 0.78 34.41 -56.40
N PHE K 178 1.18 35.49 -55.72
CA PHE K 178 0.92 35.63 -54.30
C PHE K 178 -0.49 36.15 -54.08
N ASP K 179 -1.16 35.63 -53.05
CA ASP K 179 -2.49 36.12 -52.70
C ASP K 179 -2.43 37.62 -52.44
N THR K 180 -3.40 38.35 -52.99
CA THR K 180 -3.44 39.80 -52.89
C THR K 180 -4.30 40.28 -51.73
N THR K 181 -4.77 39.38 -50.87
CA THR K 181 -5.56 39.80 -49.72
C THR K 181 -4.79 40.75 -48.79
N PRO K 182 -3.51 40.52 -48.47
CA PRO K 182 -2.82 41.43 -47.55
C PRO K 182 -2.75 42.87 -48.07
N PHE K 183 -2.82 43.07 -49.38
CA PHE K 183 -2.77 44.42 -49.93
C PHE K 183 -4.14 45.04 -50.11
N MET K 184 -5.20 44.23 -50.17
CA MET K 184 -6.55 44.75 -50.10
C MET K 184 -6.93 45.16 -48.69
N TYR K 185 -6.35 44.52 -47.67
CA TYR K 185 -6.52 44.93 -46.28
C TYR K 185 -5.53 46.03 -45.89
N ASN K 186 -4.63 46.41 -46.79
CA ASN K 186 -3.70 47.52 -46.57
C ASN K 186 -2.84 47.28 -45.33
N ALA K 187 -2.03 46.23 -45.40
CA ALA K 187 -1.08 45.91 -44.33
C ALA K 187 0.26 46.59 -44.61
N MET K 188 0.90 47.05 -43.53
CA MET K 188 2.22 47.66 -43.65
C MET K 188 3.28 46.61 -44.00
N ALA K 189 3.28 45.49 -43.27
CA ALA K 189 4.21 44.40 -43.48
C ALA K 189 3.47 43.08 -43.41
N GLY K 190 4.09 42.04 -43.94
CA GLY K 190 3.44 40.74 -43.92
C GLY K 190 4.40 39.64 -44.32
N ALA K 191 3.94 38.41 -44.16
CA ALA K 191 4.75 37.24 -44.42
C ALA K 191 3.93 36.19 -45.15
N TYR K 192 4.64 35.29 -45.84
CA TYR K 192 4.07 34.10 -46.46
C TYR K 192 4.87 32.91 -45.94
N PRO K 193 4.79 32.64 -44.63
CA PRO K 193 5.80 31.76 -44.01
C PRO K 193 5.59 30.30 -44.35
N SER K 194 5.34 30.03 -45.63
CA SER K 194 5.50 28.70 -46.21
C SER K 194 6.21 28.73 -47.55
N TYR K 195 6.32 29.89 -48.19
CA TYR K 195 7.11 30.08 -49.40
C TYR K 195 8.39 30.86 -49.13
N SER K 196 8.78 30.96 -47.86
CA SER K 196 10.01 31.64 -47.46
C SER K 196 10.03 33.08 -47.98
N THR K 197 8.90 33.77 -47.84
CA THR K 197 8.78 35.14 -48.31
C THR K 197 8.33 36.05 -47.18
N ASN K 198 8.95 37.22 -47.12
CA ASN K 198 8.48 38.31 -46.28
C ASN K 198 8.30 39.54 -47.16
N TRP K 199 7.59 40.55 -46.65
CA TRP K 199 7.51 41.80 -47.39
C TRP K 199 7.20 42.91 -46.41
N ALA K 200 7.73 44.10 -46.73
CA ALA K 200 7.52 45.25 -45.87
C ALA K 200 7.40 46.50 -46.72
N ASP K 201 6.63 47.47 -46.21
CA ASP K 201 6.59 48.78 -46.80
C ASP K 201 7.91 49.52 -46.53
N GLU K 202 8.37 50.28 -47.52
CA GLU K 202 9.64 50.97 -47.41
C GLU K 202 9.73 51.83 -46.15
N GLN K 203 8.59 52.18 -45.56
CA GLN K 203 8.57 53.02 -44.36
C GLN K 203 8.83 52.24 -43.08
N VAL K 204 8.92 50.92 -43.15
CA VAL K 204 9.15 50.08 -41.97
C VAL K 204 10.36 49.16 -42.16
N LEU K 205 11.22 49.47 -43.14
CA LEU K 205 12.39 48.64 -43.39
C LEU K 205 13.41 48.73 -42.27
N LYS K 206 13.34 49.77 -41.45
CA LYS K 206 14.23 49.93 -40.30
C LYS K 206 13.50 49.62 -38.98
N ALA K 207 12.55 48.70 -39.02
CA ALA K 207 11.85 48.25 -37.84
C ALA K 207 12.62 47.11 -37.18
N LYS K 208 12.19 46.71 -35.99
CA LYS K 208 12.94 45.75 -35.18
C LYS K 208 12.47 44.32 -35.35
N ASN K 209 11.16 44.06 -35.26
CA ASN K 209 10.67 42.71 -35.04
C ASN K 209 10.06 42.04 -36.28
N ILE K 210 9.64 42.81 -37.29
CA ILE K 210 9.04 42.17 -38.45
C ILE K 210 10.08 41.30 -39.16
N GLY K 211 9.60 40.42 -40.04
CA GLY K 211 10.46 39.45 -40.67
C GLY K 211 11.33 39.96 -41.79
N LEU K 212 11.18 41.23 -42.17
CA LEU K 212 12.03 41.87 -43.18
C LEU K 212 12.35 43.28 -42.67
N CYS K 213 13.45 43.41 -41.94
CA CYS K 213 13.84 44.69 -41.39
C CYS K 213 15.29 44.59 -40.93
N SER K 214 15.87 45.74 -40.61
CA SER K 214 17.22 45.79 -40.06
C SER K 214 17.32 47.07 -39.24
N THR K 215 17.19 46.95 -37.92
CA THR K 215 17.29 48.09 -37.04
C THR K 215 18.75 48.33 -36.65
N ASP K 216 18.98 49.36 -35.85
CA ASP K 216 20.32 49.71 -35.38
C ASP K 216 20.32 49.79 -33.87
N LEU K 217 21.46 49.41 -33.27
CA LEU K 217 21.60 49.39 -31.81
C LEU K 217 21.95 50.80 -31.32
N THR K 218 20.94 51.67 -31.37
CA THR K 218 21.12 53.04 -30.94
C THR K 218 20.99 53.14 -29.42
N GLU K 219 21.54 54.22 -28.88
CA GLU K 219 21.46 54.51 -27.45
C GLU K 219 20.24 55.34 -27.09
N GLY K 220 19.35 55.62 -28.04
CA GLY K 220 18.19 56.43 -27.78
C GLY K 220 18.51 57.91 -27.72
N ARG K 221 17.51 58.68 -27.30
CA ARG K 221 17.65 60.12 -27.19
C ARG K 221 16.49 60.72 -26.41
N GLY K 230 7.05 64.29 -40.55
CA GLY K 230 5.78 63.66 -40.87
C GLY K 230 5.24 62.80 -39.75
N LYS K 231 4.10 63.19 -39.19
CA LYS K 231 3.44 62.46 -38.12
C LYS K 231 2.39 61.48 -38.63
N LYS K 232 2.49 61.02 -39.87
CA LYS K 232 1.47 60.14 -40.46
C LYS K 232 2.16 58.99 -41.16
N LEU K 233 2.12 57.80 -40.54
CA LEU K 233 2.66 56.58 -41.13
C LEU K 233 1.52 55.80 -41.76
N GLU K 234 1.46 55.80 -43.09
CA GLU K 234 0.47 55.04 -43.84
C GLU K 234 1.17 54.27 -44.95
N PRO K 235 0.59 53.15 -45.39
CA PRO K 235 1.23 52.37 -46.45
C PRO K 235 1.43 53.21 -47.70
N CYS K 236 2.57 53.02 -48.35
CA CYS K 236 2.90 53.70 -49.59
C CYS K 236 3.00 52.68 -50.72
N ASP K 237 3.11 53.20 -51.94
CA ASP K 237 3.02 52.33 -53.10
C ASP K 237 4.18 51.34 -53.14
N ARG K 238 5.37 51.77 -52.76
CA ARG K 238 6.56 50.93 -52.89
C ARG K 238 6.66 49.98 -51.71
N VAL K 239 6.65 48.68 -51.99
CA VAL K 239 6.88 47.66 -50.98
C VAL K 239 7.99 46.74 -51.49
N LEU K 240 8.61 46.03 -50.57
CA LEU K 240 9.72 45.15 -50.88
C LEU K 240 9.37 43.72 -50.48
N PHE K 241 9.65 42.79 -51.38
CA PHE K 241 9.44 41.36 -51.17
C PHE K 241 10.79 40.67 -51.06
N SER K 242 11.05 40.03 -49.94
CA SER K 242 12.22 39.18 -49.78
C SER K 242 11.74 37.74 -49.93
N VAL K 243 11.92 37.18 -51.12
CA VAL K 243 11.64 35.78 -51.39
C VAL K 243 12.94 35.04 -51.11
N GLY K 244 13.01 34.42 -49.93
CA GLY K 244 14.26 33.86 -49.47
C GLY K 244 15.32 34.93 -49.33
N SER K 245 16.31 34.92 -50.23
CA SER K 245 17.36 35.93 -50.24
C SER K 245 17.25 36.87 -51.43
N THR K 246 16.20 36.76 -52.24
CA THR K 246 16.02 37.60 -53.41
C THR K 246 15.10 38.77 -53.09
N LEU K 247 15.38 39.92 -53.67
CA LEU K 247 14.62 41.14 -53.41
C LEU K 247 13.81 41.52 -54.65
N TYR K 248 12.57 41.95 -54.41
CA TYR K 248 11.64 42.35 -55.46
C TYR K 248 10.91 43.62 -55.05
N PRO K 249 11.22 44.76 -55.65
CA PRO K 249 10.47 45.99 -55.36
C PRO K 249 9.17 46.03 -56.15
N GLU K 250 8.05 45.88 -55.44
CA GLU K 250 6.74 45.84 -56.06
C GLU K 250 5.93 47.07 -55.66
N SER K 251 4.80 47.23 -56.34
CA SER K 251 3.91 48.38 -56.18
C SER K 251 2.60 47.94 -55.54
N ARG K 252 2.14 48.69 -54.54
CA ARG K 252 0.85 48.40 -53.93
C ARG K 252 -0.27 48.52 -54.96
N LYS K 253 -0.26 49.59 -55.76
CA LYS K 253 -1.37 49.83 -56.68
C LYS K 253 -1.41 48.77 -57.77
N LEU K 254 -0.25 48.31 -58.24
CA LEU K 254 -0.20 47.24 -59.21
C LEU K 254 -0.32 45.87 -58.57
N LEU K 255 -0.29 45.78 -57.24
CA LEU K 255 -0.68 44.55 -56.57
C LEU K 255 -2.17 44.55 -56.28
N LYS K 256 -2.72 45.68 -55.85
CA LYS K 256 -4.17 45.82 -55.77
C LYS K 256 -4.72 46.11 -57.15
N SER K 257 -4.29 45.30 -58.12
CA SER K 257 -4.85 45.32 -59.47
C SER K 257 -5.16 43.94 -60.01
N TRP K 258 -4.54 42.87 -59.49
CA TRP K 258 -4.90 41.50 -59.82
C TRP K 258 -5.89 40.92 -58.83
N HIS K 259 -6.30 41.71 -57.84
CA HIS K 259 -7.44 41.38 -57.00
C HIS K 259 -8.72 41.80 -57.72
N LEU K 260 -9.00 41.10 -58.82
CA LEU K 260 -10.06 41.52 -59.71
C LEU K 260 -11.41 41.05 -59.19
N PRO K 261 -12.47 41.83 -59.37
CA PRO K 261 -13.80 41.39 -58.96
C PRO K 261 -14.24 40.18 -59.77
N SER K 262 -15.36 39.59 -59.33
CA SER K 262 -15.87 38.40 -60.00
C SER K 262 -16.29 38.71 -61.43
N VAL K 263 -16.92 39.86 -61.65
CA VAL K 263 -17.30 40.33 -62.97
C VAL K 263 -16.84 41.76 -63.13
N PHE K 264 -16.07 42.03 -64.19
CA PHE K 264 -15.57 43.37 -64.46
C PHE K 264 -15.63 43.64 -65.96
N HIS K 265 -15.85 44.90 -66.31
CA HIS K 265 -16.02 45.33 -67.69
C HIS K 265 -14.81 46.12 -68.14
N LEU K 266 -14.26 45.75 -69.30
CA LEU K 266 -13.19 46.49 -69.96
C LEU K 266 -13.80 47.18 -71.17
N LYS K 267 -14.11 48.47 -71.01
CA LYS K 267 -14.86 49.25 -71.99
C LYS K 267 -13.92 50.23 -72.69
N GLY K 268 -13.65 49.98 -73.96
CA GLY K 268 -12.84 50.89 -74.78
C GLY K 268 -13.24 50.79 -76.22
N LYS K 269 -12.23 50.72 -77.11
CA LYS K 269 -12.52 50.51 -78.52
C LYS K 269 -13.23 49.17 -78.74
N LEU K 270 -12.78 48.14 -78.03
CA LEU K 270 -13.46 46.85 -77.98
C LEU K 270 -13.93 46.63 -76.54
N SER K 271 -15.23 46.40 -76.37
CA SER K 271 -15.80 46.20 -75.05
C SER K 271 -15.80 44.72 -74.70
N PHE K 272 -15.50 44.42 -73.44
CA PHE K 272 -15.46 43.04 -72.96
C PHE K 272 -16.03 42.95 -71.56
N THR K 273 -16.61 41.80 -71.25
CA THR K 273 -17.00 41.43 -69.90
C THR K 273 -16.18 40.23 -69.49
N CYS K 274 -15.61 40.27 -68.28
CA CYS K 274 -14.66 39.25 -67.85
C CYS K 274 -14.97 38.82 -66.44
N ARG K 275 -14.60 37.58 -66.11
CA ARG K 275 -14.83 37.00 -64.80
C ARG K 275 -13.50 36.48 -64.25
N CYS K 276 -13.20 36.83 -63.01
CA CYS K 276 -12.05 36.31 -62.29
C CYS K 276 -12.53 35.40 -61.18
N ASP K 277 -12.07 34.15 -61.19
CA ASP K 277 -12.44 33.17 -60.18
C ASP K 277 -11.18 32.44 -59.70
N THR K 278 -10.87 32.60 -58.42
CA THR K 278 -9.69 31.95 -57.84
C THR K 278 -9.91 30.44 -57.80
N VAL K 279 -9.10 29.70 -58.55
CA VAL K 279 -9.25 28.26 -58.64
C VAL K 279 -8.48 27.53 -57.56
N VAL K 280 -7.20 27.86 -57.40
CA VAL K 280 -6.32 27.19 -56.45
C VAL K 280 -5.82 28.22 -55.44
N SER K 281 -5.75 27.81 -54.17
CA SER K 281 -5.29 28.67 -53.09
C SER K 281 -4.56 27.82 -52.07
N CYS K 282 -3.29 28.15 -51.81
CA CYS K 282 -2.46 27.35 -50.90
C CYS K 282 -1.56 28.29 -50.09
N GLU K 283 -1.92 28.48 -48.82
CA GLU K 283 -1.03 29.09 -47.83
C GLU K 283 -0.50 30.46 -48.25
N GLY K 284 -1.11 31.07 -49.25
CA GLY K 284 -0.66 32.39 -49.68
C GLY K 284 -0.57 32.53 -51.18
N TYR K 285 -0.25 31.44 -51.87
CA TYR K 285 -0.27 31.46 -53.32
C TYR K 285 -1.68 31.23 -53.83
N VAL K 286 -1.98 31.83 -54.99
CA VAL K 286 -3.27 31.70 -55.65
C VAL K 286 -3.05 31.53 -57.14
N VAL K 287 -4.05 30.92 -57.78
CA VAL K 287 -4.06 30.72 -59.23
C VAL K 287 -5.39 31.28 -59.72
N LYS K 288 -5.40 32.55 -60.10
CA LYS K 288 -6.61 33.19 -60.59
C LYS K 288 -6.81 32.89 -62.06
N ARG K 289 -8.08 32.88 -62.48
CA ARG K 289 -8.45 32.65 -63.87
C ARG K 289 -9.43 33.73 -64.31
N ILE K 290 -9.09 34.42 -65.38
CA ILE K 290 -9.90 35.52 -65.92
C ILE K 290 -10.33 35.15 -67.33
N THR K 291 -11.64 35.18 -67.57
CA THR K 291 -12.18 34.92 -68.90
C THR K 291 -12.55 36.24 -69.55
N MET K 292 -11.97 36.50 -70.72
CA MET K 292 -12.19 37.74 -71.45
C MET K 292 -13.09 37.47 -72.65
N SER K 293 -14.14 38.28 -72.80
CA SER K 293 -15.09 38.11 -73.88
C SER K 293 -15.67 39.46 -74.28
N PRO K 294 -15.80 39.73 -75.57
CA PRO K 294 -16.38 41.00 -76.01
C PRO K 294 -17.84 41.11 -75.64
N GLY K 295 -18.32 42.36 -75.57
CA GLY K 295 -19.69 42.64 -75.21
C GLY K 295 -19.88 42.73 -73.71
N LEU K 296 -21.09 43.15 -73.33
CA LEU K 296 -21.48 43.29 -71.94
C LEU K 296 -22.51 42.22 -71.61
N TYR K 297 -22.24 41.43 -70.58
CA TYR K 297 -23.00 40.22 -70.31
C TYR K 297 -23.55 40.23 -68.88
N GLY K 298 -24.12 41.35 -68.48
CA GLY K 298 -24.73 41.46 -67.16
C GLY K 298 -24.32 42.76 -66.51
N LYS K 299 -24.61 42.87 -65.22
CA LYS K 299 -24.26 44.03 -64.42
C LYS K 299 -23.14 43.66 -63.46
N THR K 300 -22.11 44.51 -63.43
CA THR K 300 -20.95 44.26 -62.58
C THR K 300 -21.29 44.69 -61.14
N THR K 301 -21.21 43.74 -60.22
CA THR K 301 -21.49 44.04 -58.82
C THR K 301 -20.36 44.79 -58.13
N GLY K 302 -19.15 44.75 -58.69
CA GLY K 302 -18.02 45.43 -58.09
C GLY K 302 -17.57 44.85 -56.77
N TYR K 303 -17.53 43.52 -56.66
CA TYR K 303 -17.12 42.84 -55.44
C TYR K 303 -16.08 41.78 -55.78
N ALA K 304 -15.02 41.73 -54.97
CA ALA K 304 -14.01 40.69 -55.04
C ALA K 304 -14.13 39.84 -53.79
N VAL K 305 -14.19 38.52 -54.00
CA VAL K 305 -14.44 37.55 -52.94
C VAL K 305 -13.21 36.66 -52.81
N THR K 306 -12.70 36.54 -51.59
CA THR K 306 -11.57 35.67 -51.29
C THR K 306 -12.05 34.63 -50.27
N HIS K 307 -12.01 33.35 -50.63
CA HIS K 307 -12.36 32.29 -49.71
C HIS K 307 -11.12 31.87 -48.93
N HIS K 308 -11.14 32.12 -47.63
CA HIS K 308 -9.96 31.88 -46.79
C HIS K 308 -9.93 30.41 -46.39
N ALA K 309 -9.35 29.59 -47.28
CA ALA K 309 -9.22 28.17 -47.00
C ALA K 309 -8.40 27.91 -45.73
N ASP K 310 -7.55 28.86 -45.35
CA ASP K 310 -6.81 28.79 -44.10
C ASP K 310 -6.81 30.16 -43.44
N GLY K 311 -6.66 30.16 -42.13
CA GLY K 311 -6.73 31.40 -41.37
C GLY K 311 -5.88 32.51 -41.94
N PHE K 312 -6.37 33.74 -41.85
CA PHE K 312 -5.63 34.92 -42.27
C PHE K 312 -5.69 35.93 -41.14
N LEU K 313 -4.55 36.19 -40.50
CA LEU K 313 -4.47 37.14 -39.41
C LEU K 313 -3.86 38.44 -39.91
N MET K 314 -4.38 39.56 -39.42
CA MET K 314 -3.81 40.87 -39.73
C MET K 314 -4.02 41.73 -38.50
N CYS K 315 -2.95 42.04 -37.78
CA CYS K 315 -3.05 42.74 -36.51
CA CYS K 315 -3.05 42.74 -36.51
C CYS K 315 -2.09 43.92 -36.50
N LYS K 316 -2.43 44.94 -35.72
CA LYS K 316 -1.61 46.14 -35.57
C LYS K 316 -0.63 45.91 -34.43
N THR K 317 0.63 45.70 -34.78
CA THR K 317 1.70 45.55 -33.79
C THR K 317 2.42 46.87 -33.59
N THR K 318 2.91 47.07 -32.37
CA THR K 318 3.71 48.24 -32.04
C THR K 318 5.18 47.88 -32.15
N ASP K 319 5.94 48.72 -32.83
CA ASP K 319 7.36 48.50 -33.04
C ASP K 319 8.09 49.82 -32.81
N THR K 320 9.39 49.83 -33.09
CA THR K 320 10.18 51.04 -33.06
C THR K 320 10.91 51.17 -34.39
N VAL K 321 10.67 52.26 -35.09
CA VAL K 321 11.29 52.54 -36.38
C VAL K 321 12.25 53.70 -36.19
N ASP K 322 13.52 53.47 -36.53
CA ASP K 322 14.56 54.48 -36.34
C ASP K 322 14.59 55.00 -34.91
N GLY K 323 14.29 54.13 -33.95
CA GLY K 323 14.30 54.49 -32.55
C GLY K 323 13.05 55.18 -32.05
N GLU K 324 12.06 55.41 -32.91
CA GLU K 324 10.83 56.09 -32.53
C GLU K 324 9.70 55.08 -32.45
N ARG K 325 8.95 55.12 -31.34
CA ARG K 325 7.89 54.14 -31.12
C ARG K 325 6.72 54.44 -32.06
N VAL K 326 6.24 53.42 -32.77
CA VAL K 326 5.16 53.56 -33.73
C VAL K 326 4.32 52.29 -33.71
N SER K 327 3.20 52.33 -34.43
CA SER K 327 2.30 51.19 -34.55
C SER K 327 1.92 51.02 -36.01
N PHE K 328 1.94 49.78 -36.49
CA PHE K 328 1.57 49.51 -37.87
C PHE K 328 1.09 48.06 -37.98
N SER K 329 0.42 47.77 -39.09
CA SER K 329 -0.28 46.50 -39.24
C SER K 329 0.57 45.49 -39.99
N VAL K 330 0.59 44.26 -39.51
CA VAL K 330 1.31 43.15 -40.12
C VAL K 330 0.36 41.97 -40.23
N CYS K 331 0.47 41.22 -41.34
CA CYS K 331 -0.43 40.12 -41.64
C CYS K 331 0.35 38.83 -41.87
N THR K 332 -0.36 37.72 -41.72
CA THR K 332 0.22 36.40 -41.90
C THR K 332 -0.90 35.41 -42.20
N TYR K 333 -0.51 34.25 -42.72
CA TYR K 333 -1.44 33.18 -43.09
C TYR K 333 -1.23 32.00 -42.15
N VAL K 334 -2.05 31.91 -41.12
CA VAL K 334 -1.98 30.79 -40.18
C VAL K 334 -2.52 29.54 -40.86
N PRO K 335 -1.98 28.36 -40.58
CA PRO K 335 -2.56 27.13 -41.14
C PRO K 335 -3.92 26.84 -40.54
N ALA K 336 -4.73 26.10 -41.30
CA ALA K 336 -6.10 25.82 -40.87
C ALA K 336 -6.13 25.00 -39.58
N THR K 337 -5.24 24.02 -39.46
CA THR K 337 -5.26 23.15 -38.29
C THR K 337 -4.98 23.93 -37.01
N ILE K 338 -4.10 24.93 -37.09
CA ILE K 338 -3.80 25.75 -35.91
C ILE K 338 -5.06 26.48 -35.46
N CYS K 339 -5.80 27.06 -36.41
CA CYS K 339 -7.04 27.73 -36.07
C CYS K 339 -8.06 26.76 -35.49
N ASP K 340 -8.18 25.57 -36.08
CA ASP K 340 -9.10 24.58 -35.56
C ASP K 340 -8.78 24.24 -34.11
N GLN K 341 -7.51 23.94 -33.83
CA GLN K 341 -7.09 23.57 -32.48
C GLN K 341 -7.07 24.75 -31.51
N MET K 342 -7.08 25.98 -32.02
CA MET K 342 -7.16 27.16 -31.16
C MET K 342 -8.58 27.67 -30.99
N THR K 343 -9.55 27.07 -31.68
CA THR K 343 -10.95 27.45 -31.48
C THR K 343 -11.29 27.56 -29.99
N GLY K 344 -11.10 26.48 -29.25
CA GLY K 344 -11.51 26.46 -27.85
C GLY K 344 -10.79 27.51 -27.02
N ILE K 345 -9.48 27.60 -27.18
CA ILE K 345 -8.70 28.58 -26.41
C ILE K 345 -9.17 29.99 -26.73
N LEU K 346 -9.33 30.31 -28.02
CA LEU K 346 -9.83 31.62 -28.41
C LEU K 346 -11.24 31.86 -27.88
N ALA K 347 -11.97 30.80 -27.53
CA ALA K 347 -13.22 30.97 -26.81
C ALA K 347 -13.02 31.74 -25.52
N THR K 348 -11.82 31.71 -24.96
CA THR K 348 -11.49 32.38 -23.71
C THR K 348 -10.48 33.50 -23.98
N GLU K 349 -10.51 34.51 -23.11
CA GLU K 349 -9.48 35.55 -23.16
C GLU K 349 -8.12 34.92 -22.86
N VAL K 350 -7.24 34.90 -23.86
CA VAL K 350 -5.97 34.19 -23.76
C VAL K 350 -4.84 35.19 -23.95
N THR K 351 -3.86 35.12 -23.05
CA THR K 351 -2.73 36.04 -23.11
C THR K 351 -1.84 35.74 -24.32
N PRO K 352 -1.11 36.74 -24.81
CA PRO K 352 -0.12 36.45 -25.86
C PRO K 352 0.91 35.43 -25.42
N GLU K 353 1.31 35.45 -24.15
CA GLU K 353 2.29 34.50 -23.66
C GLU K 353 1.72 33.08 -23.63
N ASP K 354 0.51 32.92 -23.07
CA ASP K 354 -0.09 31.60 -23.00
C ASP K 354 -0.49 31.11 -24.40
N ALA K 355 -0.99 32.01 -25.24
CA ALA K 355 -1.27 31.65 -26.62
C ALA K 355 0.00 31.20 -27.33
N GLN K 356 1.12 31.89 -27.07
CA GLN K 356 2.40 31.49 -27.66
C GLN K 356 2.81 30.11 -27.18
N LYS K 357 2.65 29.83 -25.89
CA LYS K 357 2.99 28.50 -25.37
C LYS K 357 2.13 27.42 -26.03
N LEU K 358 0.82 27.66 -26.14
CA LEU K 358 -0.05 26.69 -26.78
C LEU K 358 0.30 26.53 -28.27
N LEU K 359 0.68 27.61 -28.93
CA LEU K 359 1.07 27.53 -30.34
C LEU K 359 2.34 26.71 -30.50
N VAL K 360 3.30 26.90 -29.59
CA VAL K 360 4.52 26.10 -29.64
C VAL K 360 4.19 24.62 -29.42
N GLY K 361 3.34 24.34 -28.43
CA GLY K 361 2.94 22.96 -28.20
C GLY K 361 2.25 22.34 -29.41
N LEU K 362 1.35 23.10 -30.04
CA LEU K 362 0.66 22.60 -31.22
C LEU K 362 1.64 22.38 -32.37
N ASN K 363 2.65 23.24 -32.49
CA ASN K 363 3.65 23.06 -33.55
C ASN K 363 4.36 21.73 -33.39
N GLN K 364 4.68 21.35 -32.16
CA GLN K 364 5.26 20.04 -31.87
C GLN K 364 5.60 19.92 -30.39
N THR K 376 9.92 18.62 -36.29
CA THR K 376 9.43 19.47 -37.36
C THR K 376 8.39 20.46 -36.84
N ASN K 377 7.98 21.39 -37.71
CA ASN K 377 7.01 22.41 -37.36
C ASN K 377 5.99 22.55 -38.48
N THR K 378 4.80 23.02 -38.12
CA THR K 378 3.76 23.32 -39.10
C THR K 378 3.74 24.79 -39.49
N MET K 379 4.12 25.67 -38.57
CA MET K 379 4.25 27.10 -38.83
C MET K 379 5.58 27.59 -38.29
N LYS K 380 6.26 28.42 -39.06
CA LYS K 380 7.58 28.89 -38.67
C LYS K 380 7.49 29.71 -37.38
N ASN K 381 8.48 29.52 -36.50
CA ASN K 381 8.39 30.04 -35.15
C ASN K 381 8.60 31.55 -35.06
N TYR K 382 9.25 32.16 -36.05
CA TYR K 382 9.42 33.61 -36.01
C TYR K 382 8.10 34.35 -36.18
N MET K 383 7.04 33.66 -36.62
CA MET K 383 5.72 34.26 -36.75
C MET K 383 4.85 34.03 -35.52
N ILE K 384 5.10 32.96 -34.77
CA ILE K 384 4.32 32.61 -33.58
C ILE K 384 4.19 33.80 -32.64
N PRO K 385 5.28 34.55 -32.39
CA PRO K 385 5.16 35.69 -31.46
C PRO K 385 4.12 36.72 -31.90
N VAL K 386 3.87 36.85 -33.19
CA VAL K 386 2.87 37.81 -33.67
C VAL K 386 1.53 37.14 -33.91
N VAL K 387 1.53 35.87 -34.32
CA VAL K 387 0.28 35.12 -34.43
C VAL K 387 -0.43 35.09 -33.08
N ALA K 388 0.32 34.83 -32.02
CA ALA K 388 -0.29 34.78 -30.68
C ALA K 388 -0.87 36.12 -30.28
N GLN K 389 -0.15 37.22 -30.56
CA GLN K 389 -0.67 38.53 -30.22
C GLN K 389 -1.93 38.86 -31.00
N ALA K 390 -1.96 38.49 -32.29
CA ALA K 390 -3.17 38.70 -33.08
C ALA K 390 -4.33 37.89 -32.52
N PHE K 391 -4.08 36.62 -32.18
CA PHE K 391 -5.12 35.78 -31.60
C PHE K 391 -5.66 36.40 -30.32
N SER K 392 -4.77 36.87 -29.44
CA SER K 392 -5.20 37.42 -28.17
C SER K 392 -5.99 38.72 -28.36
N LYS K 393 -5.53 39.58 -29.26
CA LYS K 393 -6.26 40.83 -29.51
C LYS K 393 -7.64 40.53 -30.09
N TRP K 394 -7.72 39.55 -31.00
CA TRP K 394 -9.01 39.18 -31.57
C TRP K 394 -9.94 38.62 -30.52
N ALA K 395 -9.44 37.75 -29.65
CA ALA K 395 -10.26 37.19 -28.59
C ALA K 395 -10.76 38.29 -27.65
N LYS K 396 -9.88 39.22 -27.27
CA LYS K 396 -10.30 40.29 -26.39
C LYS K 396 -11.34 41.17 -27.04
N GLU K 397 -11.17 41.49 -28.34
CA GLU K 397 -12.16 42.29 -29.04
C GLU K 397 -13.49 41.56 -29.14
N CYS K 398 -13.45 40.24 -29.39
CA CYS K 398 -14.69 39.47 -29.45
C CYS K 398 -15.41 39.50 -28.10
N ARG K 399 -14.67 39.31 -27.01
CA ARG K 399 -15.30 39.34 -25.69
C ARG K 399 -15.87 40.72 -25.38
N LYS K 400 -15.12 41.78 -25.68
CA LYS K 400 -15.63 43.13 -25.44
C LYS K 400 -16.84 43.40 -26.32
N ASP K 401 -16.94 42.73 -27.47
CA ASP K 401 -18.13 42.81 -28.29
C ASP K 401 -19.31 42.13 -27.62
N MET K 402 -19.13 40.88 -27.21
CA MET K 402 -20.19 40.12 -26.55
C MET K 402 -20.48 40.64 -25.14
N GLU K 403 -19.64 41.53 -24.61
CA GLU K 403 -19.86 42.11 -23.29
C GLU K 403 -20.67 43.40 -23.34
N ASP K 404 -21.02 43.87 -24.55
CA ASP K 404 -21.83 45.07 -24.72
C ASP K 404 -22.73 44.85 -25.92
N GLU K 405 -24.03 45.11 -25.75
CA GLU K 405 -25.02 44.87 -26.78
C GLU K 405 -25.92 46.09 -26.92
N LYS K 406 -26.10 46.56 -28.15
CA LYS K 406 -26.89 47.74 -28.43
C LYS K 406 -28.29 47.34 -28.92
N LEU K 407 -29.07 48.33 -29.34
CA LEU K 407 -30.43 48.06 -29.81
C LEU K 407 -30.40 47.51 -31.22
N LEU K 408 -31.11 46.40 -31.44
CA LEU K 408 -31.20 45.81 -32.75
C LEU K 408 -31.96 46.72 -33.72
N GLY K 409 -31.59 46.64 -34.99
CA GLY K 409 -32.29 47.35 -36.04
C GLY K 409 -31.87 48.78 -36.25
N VAL K 410 -31.05 49.34 -35.35
CA VAL K 410 -30.67 50.75 -35.42
C VAL K 410 -29.15 50.85 -35.37
N ARG K 411 -28.59 51.63 -36.29
CA ARG K 411 -27.18 51.99 -36.24
C ARG K 411 -27.05 53.18 -35.28
N GLU K 412 -26.78 52.88 -34.01
CA GLU K 412 -26.74 53.91 -32.97
C GLU K 412 -25.56 54.86 -33.20
N PHE K 423 -21.24 58.55 -35.99
CA PHE K 423 -21.23 57.52 -34.94
C PHE K 423 -19.88 57.50 -34.23
N LYS K 424 -19.88 57.02 -32.98
CA LYS K 424 -18.65 56.94 -32.19
C LYS K 424 -17.84 55.74 -32.68
N LYS K 425 -17.15 55.95 -33.80
CA LYS K 425 -16.28 54.92 -34.32
C LYS K 425 -15.24 54.54 -33.27
N GLN K 426 -14.98 53.24 -33.14
CA GLN K 426 -14.17 52.73 -32.04
C GLN K 426 -13.01 51.89 -32.58
N LYS K 427 -12.35 51.22 -31.64
CA LYS K 427 -11.13 50.45 -31.90
C LYS K 427 -11.42 49.20 -32.73
N THR K 428 -10.51 48.90 -33.65
CA THR K 428 -10.52 47.64 -34.41
C THR K 428 -9.05 47.32 -34.71
N HIS K 429 -8.45 46.48 -33.88
CA HIS K 429 -7.02 46.23 -33.96
C HIS K 429 -6.68 44.81 -34.43
N THR K 430 -7.65 44.08 -34.97
CA THR K 430 -7.36 42.76 -35.50
C THR K 430 -8.35 42.41 -36.60
N VAL K 431 -7.90 41.59 -37.54
CA VAL K 431 -8.74 41.01 -38.58
C VAL K 431 -8.33 39.55 -38.69
N TYR K 432 -9.16 38.67 -38.13
CA TYR K 432 -8.92 37.24 -38.18
C TYR K 432 -9.99 36.62 -39.07
N LYS K 433 -9.58 36.14 -40.24
CA LYS K 433 -10.47 35.45 -41.17
C LYS K 433 -10.20 33.96 -41.02
N ARG K 434 -11.02 33.30 -40.22
CA ARG K 434 -10.82 31.89 -39.93
C ARG K 434 -11.00 31.05 -41.19
N PRO K 435 -10.61 29.78 -41.14
CA PRO K 435 -10.80 28.92 -42.31
C PRO K 435 -12.28 28.81 -42.66
N ASP K 436 -12.56 28.77 -43.96
CA ASP K 436 -13.89 28.63 -44.52
C ASP K 436 -14.72 29.91 -44.43
N THR K 437 -14.11 31.04 -44.09
CA THR K 437 -14.80 32.31 -44.18
C THR K 437 -14.50 32.97 -45.52
N GLN K 438 -15.09 34.13 -45.77
CA GLN K 438 -14.90 34.84 -47.02
C GLN K 438 -14.71 36.31 -46.76
N SER K 439 -13.77 36.91 -47.47
CA SER K 439 -13.56 38.35 -47.48
C SER K 439 -14.20 38.93 -48.73
N ILE K 440 -14.86 40.07 -48.58
CA ILE K 440 -15.59 40.72 -49.65
C ILE K 440 -15.18 42.19 -49.68
N GLN K 441 -14.51 42.60 -50.75
CA GLN K 441 -14.07 43.98 -50.91
C GLN K 441 -14.69 44.60 -52.16
N LYS K 442 -15.20 45.83 -52.01
CA LYS K 442 -15.76 46.57 -53.14
C LYS K 442 -14.62 47.18 -53.94
N VAL K 443 -14.39 46.67 -55.15
CA VAL K 443 -13.29 47.14 -55.98
C VAL K 443 -13.85 47.71 -57.28
N GLN K 444 -12.97 48.24 -58.13
CA GLN K 444 -13.39 48.78 -59.41
C GLN K 444 -13.68 47.64 -60.38
N ALA K 445 -14.80 47.74 -61.09
CA ALA K 445 -15.22 46.71 -62.03
C ALA K 445 -15.39 47.23 -63.45
N GLU K 446 -15.30 48.54 -63.67
CA GLU K 446 -15.47 49.15 -64.98
C GLU K 446 -14.19 49.89 -65.34
N PHE K 447 -13.42 49.35 -66.27
CA PHE K 447 -12.18 49.95 -66.72
C PHE K 447 -12.34 50.41 -68.17
N ASP K 448 -12.01 51.68 -68.42
CA ASP K 448 -12.15 52.26 -69.75
C ASP K 448 -10.88 53.02 -70.15
N SER K 458 13.16 45.52 -77.72
CA SER K 458 13.54 46.89 -78.05
C SER K 458 14.37 47.52 -76.92
N GLY K 459 14.96 46.66 -76.09
CA GLY K 459 15.78 47.13 -74.98
C GLY K 459 17.09 46.37 -74.86
N LEU K 460 17.27 45.35 -75.69
CA LEU K 460 18.49 44.57 -75.67
C LEU K 460 19.68 45.44 -76.06
N SER K 461 20.79 45.26 -75.34
CA SER K 461 22.00 46.02 -75.59
C SER K 461 22.84 45.34 -76.66
N ILE K 462 23.58 46.16 -77.42
CA ILE K 462 24.43 45.62 -78.48
C ILE K 462 25.49 44.68 -77.93
N PRO K 463 26.25 45.04 -76.88
CA PRO K 463 27.23 44.08 -76.34
C PRO K 463 26.58 42.80 -75.85
N LEU K 464 25.44 42.89 -75.18
CA LEU K 464 24.77 41.68 -74.70
C LEU K 464 24.29 40.83 -75.88
N ARG K 465 23.70 41.47 -76.89
CA ARG K 465 23.24 40.72 -78.06
C ARG K 465 24.40 40.01 -78.75
N THR K 466 25.54 40.69 -78.88
CA THR K 466 26.71 40.06 -79.48
C THR K 466 27.19 38.89 -78.64
N ARG K 467 27.23 39.07 -77.32
CA ARG K 467 27.73 38.01 -76.44
C ARG K 467 26.84 36.77 -76.48
N ILE K 468 25.51 36.97 -76.48
CA ILE K 468 24.60 35.83 -76.36
C ILE K 468 24.83 34.85 -77.50
N LYS K 469 25.04 35.35 -78.71
CA LYS K 469 25.32 34.49 -79.85
C LYS K 469 26.45 33.52 -79.57
N PRO L 3 -29.11 1.25 -54.52
CA PRO L 3 -27.70 1.49 -54.82
C PRO L 3 -27.47 2.84 -55.49
N VAL L 4 -26.92 3.80 -54.74
CA VAL L 4 -26.64 5.14 -55.23
C VAL L 4 -25.18 5.46 -54.93
N TYR L 5 -24.55 6.21 -55.82
CA TYR L 5 -23.13 6.53 -55.73
C TYR L 5 -22.95 8.04 -55.63
N VAL L 6 -22.20 8.48 -54.61
CA VAL L 6 -21.98 9.91 -54.39
C VAL L 6 -20.49 10.21 -54.58
N ASP L 7 -20.18 11.50 -54.66
CA ASP L 7 -18.84 11.99 -54.95
C ASP L 7 -18.15 12.55 -53.71
N ILE L 8 -18.37 11.91 -52.56
CA ILE L 8 -17.79 12.35 -51.29
C ILE L 8 -17.02 11.19 -50.67
N ASP L 9 -15.89 11.50 -50.05
CA ASP L 9 -15.11 10.49 -49.36
C ASP L 9 -15.91 9.91 -48.20
N ALA L 10 -15.70 8.61 -47.94
CA ALA L 10 -16.50 7.90 -46.94
C ALA L 10 -16.28 8.40 -45.52
N ASP L 11 -15.21 9.15 -45.27
CA ASP L 11 -14.92 9.64 -43.92
C ASP L 11 -15.62 10.96 -43.61
N SER L 12 -16.39 11.51 -44.54
CA SER L 12 -17.04 12.80 -44.35
C SER L 12 -18.43 12.62 -43.72
N ALA L 13 -18.75 13.49 -42.77
CA ALA L 13 -20.04 13.43 -42.11
C ALA L 13 -21.19 13.69 -43.08
N PHE L 14 -20.93 14.46 -44.15
CA PHE L 14 -22.00 14.77 -45.08
C PHE L 14 -22.54 13.54 -45.78
N LEU L 15 -21.75 12.47 -45.88
CA LEU L 15 -22.29 11.22 -46.40
C LEU L 15 -23.39 10.68 -45.48
N LYS L 16 -23.15 10.72 -44.17
CA LYS L 16 -24.19 10.35 -43.22
C LYS L 16 -25.38 11.30 -43.31
N ALA L 17 -25.13 12.60 -43.47
CA ALA L 17 -26.22 13.54 -43.59
C ALA L 17 -27.09 13.22 -44.80
N LEU L 18 -26.45 12.91 -45.94
CA LEU L 18 -27.20 12.55 -47.14
C LEU L 18 -27.98 11.25 -46.93
N GLN L 19 -27.34 10.24 -46.32
CA GLN L 19 -28.05 9.01 -46.00
C GLN L 19 -29.32 9.31 -45.22
N ARG L 20 -29.22 10.14 -44.19
CA ARG L 20 -30.40 10.51 -43.41
C ARG L 20 -31.42 11.23 -44.27
N ALA L 21 -30.95 12.13 -45.14
CA ALA L 21 -31.87 12.95 -45.94
C ALA L 21 -32.43 12.20 -47.15
N TYR L 22 -31.86 11.06 -47.52
CA TYR L 22 -32.32 10.28 -48.66
C TYR L 22 -32.49 8.81 -48.24
N PRO L 23 -33.52 8.52 -47.44
CA PRO L 23 -33.75 7.13 -47.04
C PRO L 23 -34.02 6.18 -48.20
N MET L 24 -34.70 6.64 -49.25
CA MET L 24 -35.09 5.73 -50.32
C MET L 24 -33.91 5.23 -51.15
N PHE L 25 -32.72 5.82 -50.96
CA PHE L 25 -31.54 5.44 -51.73
C PHE L 25 -30.46 4.92 -50.81
N GLU L 26 -29.76 3.88 -51.26
CA GLU L 26 -28.55 3.42 -50.60
C GLU L 26 -27.37 4.16 -51.20
N VAL L 27 -26.81 5.10 -50.45
CA VAL L 27 -25.78 6.00 -50.94
C VAL L 27 -24.43 5.55 -50.41
N GLU L 28 -23.46 5.39 -51.30
CA GLU L 28 -22.11 5.00 -50.95
C GLU L 28 -21.12 6.00 -51.55
N PRO L 29 -20.00 6.25 -50.87
CA PRO L 29 -19.05 7.25 -51.35
C PRO L 29 -18.36 6.85 -52.65
N ARG L 30 -18.08 7.85 -53.49
CA ARG L 30 -17.12 7.71 -54.58
C ARG L 30 -16.53 9.10 -54.84
N GLN L 31 -15.35 9.36 -54.29
CA GLN L 31 -14.69 10.65 -54.45
C GLN L 31 -13.43 10.49 -55.28
N VAL L 32 -13.29 11.33 -56.31
CA VAL L 32 -12.02 11.40 -57.04
C VAL L 32 -11.51 12.83 -57.07
N THR L 33 -12.23 13.72 -57.75
CA THR L 33 -11.77 15.08 -57.99
C THR L 33 -12.08 16.05 -56.85
N PRO L 34 -13.33 16.15 -56.41
CA PRO L 34 -13.74 17.28 -55.57
C PRO L 34 -13.53 17.07 -54.08
N ASN L 35 -13.30 18.19 -53.39
CA ASN L 35 -13.36 18.21 -51.93
C ASN L 35 -14.06 19.43 -51.37
N ASP L 36 -14.36 20.46 -52.16
CA ASP L 36 -15.01 21.68 -51.67
C ASP L 36 -16.50 21.68 -51.96
N HIS L 37 -16.89 21.56 -53.23
CA HIS L 37 -18.29 21.59 -53.63
C HIS L 37 -18.89 20.21 -53.78
N ALA L 38 -18.30 19.20 -53.12
CA ALA L 38 -18.83 17.85 -53.21
C ALA L 38 -20.21 17.75 -52.58
N ASN L 39 -20.44 18.46 -51.47
CA ASN L 39 -21.70 18.36 -50.78
C ASN L 39 -22.86 18.82 -51.65
N ALA L 40 -22.75 20.03 -52.21
CA ALA L 40 -23.83 20.57 -53.04
C ALA L 40 -24.04 19.72 -54.29
N ARG L 41 -22.95 19.29 -54.92
CA ARG L 41 -23.08 18.46 -56.12
C ARG L 41 -23.77 17.15 -55.79
N ALA L 42 -23.41 16.51 -54.68
CA ALA L 42 -24.04 15.26 -54.30
C ALA L 42 -25.52 15.46 -54.00
N PHE L 43 -25.86 16.53 -53.27
CA PHE L 43 -27.27 16.78 -52.98
C PHE L 43 -28.06 17.01 -54.26
N SER L 44 -27.52 17.80 -55.19
CA SER L 44 -28.20 18.05 -56.45
C SER L 44 -28.36 16.76 -57.25
N HIS L 45 -27.32 15.93 -57.28
CA HIS L 45 -27.41 14.68 -58.03
C HIS L 45 -28.46 13.74 -57.42
N LEU L 46 -28.49 13.64 -56.10
CA LEU L 46 -29.48 12.79 -55.45
C LEU L 46 -30.90 13.32 -55.69
N ALA L 47 -31.08 14.64 -55.62
CA ALA L 47 -32.37 15.22 -55.92
C ALA L 47 -32.79 14.92 -57.36
N ILE L 48 -31.85 15.05 -58.29
CA ILE L 48 -32.16 14.77 -59.70
C ILE L 48 -32.56 13.31 -59.86
N LYS L 49 -31.84 12.40 -59.20
CA LYS L 49 -32.17 10.98 -59.30
C LYS L 49 -33.55 10.69 -58.73
N LEU L 50 -33.86 11.27 -57.56
CA LEU L 50 -35.16 11.05 -56.95
C LEU L 50 -36.28 11.60 -57.84
N ILE L 51 -36.08 12.78 -58.42
CA ILE L 51 -37.08 13.35 -59.30
C ILE L 51 -37.27 12.47 -60.53
N GLU L 52 -36.17 11.99 -61.11
CA GLU L 52 -36.26 11.12 -62.29
C GLU L 52 -37.03 9.85 -61.97
N GLN L 53 -36.74 9.23 -60.81
CA GLN L 53 -37.40 7.98 -60.47
C GLN L 53 -38.89 8.16 -60.24
N GLU L 54 -39.32 9.38 -59.91
CA GLU L 54 -40.71 9.66 -59.57
C GLU L 54 -41.43 10.47 -60.65
N ILE L 55 -41.06 10.28 -61.91
CA ILE L 55 -41.71 10.95 -63.03
C ILE L 55 -41.95 9.94 -64.14
N ASP L 56 -42.86 10.29 -65.04
CA ASP L 56 -43.14 9.42 -66.19
C ASP L 56 -41.96 9.44 -67.15
N PRO L 57 -41.38 8.29 -67.48
CA PRO L 57 -40.22 8.30 -68.39
C PRO L 57 -40.52 8.89 -69.76
N ASP L 58 -41.79 8.86 -70.18
CA ASP L 58 -42.19 9.38 -71.49
C ASP L 58 -42.88 10.73 -71.38
N SER L 59 -42.44 11.57 -70.46
CA SER L 59 -43.01 12.91 -70.27
C SER L 59 -41.91 13.95 -70.49
N THR L 60 -42.20 14.93 -71.34
CA THR L 60 -41.26 16.02 -71.57
C THR L 60 -41.15 16.90 -70.35
N ILE L 61 -39.91 17.21 -69.96
CA ILE L 61 -39.63 17.93 -68.71
C ILE L 61 -38.75 19.13 -69.02
N LEU L 62 -39.11 20.28 -68.47
CA LEU L 62 -38.26 21.46 -68.59
C LEU L 62 -37.10 21.39 -67.61
N ASP L 63 -36.09 22.22 -67.86
CA ASP L 63 -34.87 22.26 -67.06
C ASP L 63 -34.49 23.71 -66.76
N ILE L 64 -35.47 24.50 -66.29
CA ILE L 64 -35.29 25.92 -66.05
C ILE L 64 -33.95 26.21 -65.41
N GLY L 65 -33.57 25.40 -64.42
CA GLY L 65 -32.23 25.49 -63.87
C GLY L 65 -31.22 24.94 -64.85
N SER L 66 -31.09 25.61 -65.99
CA SER L 66 -30.38 25.04 -67.13
C SER L 66 -28.88 25.00 -66.89
N ALA L 67 -28.33 23.79 -66.86
CA ALA L 67 -26.88 23.56 -66.93
C ALA L 67 -26.66 22.49 -67.99
N PRO L 68 -26.83 22.84 -69.27
CA PRO L 68 -26.86 21.80 -70.31
C PRO L 68 -25.61 20.94 -70.34
N ALA L 69 -24.47 21.47 -69.91
CA ALA L 69 -23.26 20.65 -69.83
C ALA L 69 -23.49 19.43 -68.95
N ARG L 70 -24.27 19.59 -67.87
CA ARG L 70 -24.56 18.46 -67.00
C ARG L 70 -25.40 17.39 -67.71
N ARG L 71 -26.47 17.81 -68.40
CA ARG L 71 -27.40 16.88 -69.02
C ARG L 71 -26.75 16.29 -70.28
N MET L 72 -25.93 15.27 -70.06
CA MET L 72 -25.25 14.57 -71.15
C MET L 72 -25.48 13.08 -71.01
N MET L 73 -25.85 12.62 -69.81
CA MET L 73 -26.20 11.24 -69.58
C MET L 73 -27.70 11.02 -69.38
N SER L 74 -28.43 12.06 -68.97
CA SER L 74 -29.86 11.93 -68.78
C SER L 74 -30.54 11.60 -70.10
N ASP L 75 -31.10 10.39 -70.19
CA ASP L 75 -31.76 9.93 -71.40
C ASP L 75 -33.20 10.43 -71.51
N ARG L 76 -33.72 11.10 -70.49
CA ARG L 76 -35.09 11.57 -70.52
C ARG L 76 -35.20 12.81 -71.42
N LYS L 77 -36.44 13.14 -71.78
CA LYS L 77 -36.72 14.25 -72.67
C LYS L 77 -36.48 15.56 -71.92
N TYR L 78 -35.28 16.13 -72.09
CA TYR L 78 -34.88 17.34 -71.39
C TYR L 78 -34.92 18.53 -72.34
N HIS L 79 -35.56 19.60 -71.90
CA HIS L 79 -35.63 20.86 -72.65
C HIS L 79 -34.97 21.95 -71.81
N CYS L 80 -33.64 22.06 -71.93
CA CYS L 80 -32.91 23.06 -71.17
C CYS L 80 -33.30 24.46 -71.63
N VAL L 81 -33.39 25.39 -70.67
CA VAL L 81 -33.76 26.77 -70.93
C VAL L 81 -32.62 27.65 -70.46
N CYS L 82 -31.88 28.23 -71.40
CA CYS L 82 -30.75 29.08 -71.07
C CYS L 82 -31.04 30.51 -71.51
N PRO L 83 -31.57 31.35 -70.62
CA PRO L 83 -31.96 32.72 -71.04
C PRO L 83 -30.80 33.60 -71.46
N MET L 84 -29.55 33.25 -71.10
CA MET L 84 -28.39 34.08 -71.40
C MET L 84 -28.52 35.46 -70.75
N ARG L 85 -28.62 35.45 -69.42
CA ARG L 85 -28.79 36.66 -68.65
C ARG L 85 -27.54 37.08 -67.88
N SER L 86 -26.73 36.13 -67.42
CA SER L 86 -25.55 36.43 -66.62
C SER L 86 -24.30 36.50 -67.50
N ALA L 87 -23.18 36.83 -66.87
CA ALA L 87 -21.92 36.86 -67.58
C ALA L 87 -21.38 35.45 -67.82
N GLU L 88 -21.76 34.50 -66.97
CA GLU L 88 -21.22 33.15 -67.03
C GLU L 88 -21.91 32.27 -68.06
N ASP L 89 -23.15 32.58 -68.45
CA ASP L 89 -23.90 31.69 -69.33
C ASP L 89 -23.12 31.31 -70.58
N PRO L 90 -22.47 32.23 -71.29
CA PRO L 90 -21.66 31.81 -72.45
C PRO L 90 -20.64 30.75 -72.11
N GLU L 91 -19.85 30.94 -71.04
CA GLU L 91 -18.88 29.92 -70.63
C GLU L 91 -19.51 28.53 -70.65
N ARG L 92 -20.55 28.33 -69.83
CA ARG L 92 -21.29 27.08 -69.88
C ARG L 92 -21.57 26.69 -71.32
N LEU L 93 -22.32 27.52 -72.04
CA LEU L 93 -22.59 27.24 -73.45
C LEU L 93 -21.35 26.73 -74.15
N ALA L 94 -20.25 27.50 -74.10
CA ALA L 94 -19.02 27.09 -74.75
C ALA L 94 -18.70 25.64 -74.43
N ASN L 95 -18.47 25.33 -73.15
CA ASN L 95 -18.07 23.96 -72.82
C ASN L 95 -19.12 22.97 -73.30
N TYR L 96 -20.41 23.29 -73.13
CA TYR L 96 -21.44 22.40 -73.63
C TYR L 96 -21.21 22.06 -75.09
N ALA L 97 -21.05 23.08 -75.93
CA ALA L 97 -20.74 22.82 -77.33
C ALA L 97 -19.51 21.92 -77.44
N ARG L 98 -18.41 22.31 -76.78
CA ARG L 98 -17.22 21.47 -76.79
C ARG L 98 -17.57 20.05 -76.35
N LYS L 99 -18.31 19.92 -75.25
CA LYS L 99 -18.67 18.59 -74.79
C LYS L 99 -19.44 17.83 -75.86
N LEU L 100 -20.39 18.50 -76.52
CA LEU L 100 -21.09 17.86 -77.62
C LEU L 100 -20.10 17.37 -78.67
N ALA L 101 -19.16 18.23 -79.05
CA ALA L 101 -18.12 17.79 -79.99
C ALA L 101 -17.35 16.61 -79.42
N SER L 102 -17.01 16.66 -78.13
CA SER L 102 -16.32 15.54 -77.51
C SER L 102 -17.14 14.26 -77.62
N ALA L 103 -18.47 14.39 -77.55
CA ALA L 103 -19.33 13.23 -77.71
C ALA L 103 -19.84 13.05 -79.14
N ALA L 104 -19.47 13.96 -80.05
CA ALA L 104 -19.98 13.88 -81.41
C ALA L 104 -19.48 12.65 -82.15
N GLY L 105 -18.38 12.04 -81.68
CA GLY L 105 -17.83 10.88 -82.35
C GLY L 105 -17.38 9.79 -81.40
N LYS L 106 -18.00 9.70 -80.22
CA LYS L 106 -17.64 8.67 -79.24
C LYS L 106 -18.77 7.68 -79.03
N VAL L 107 -19.97 8.14 -78.68
CA VAL L 107 -21.08 7.26 -78.34
C VAL L 107 -22.32 7.69 -79.13
N LEU L 108 -23.23 6.74 -79.31
CA LEU L 108 -24.48 6.95 -80.04
C LEU L 108 -25.66 6.42 -79.24
N ASP L 109 -25.67 6.67 -77.93
CA ASP L 109 -26.75 6.24 -77.06
C ASP L 109 -27.48 7.38 -76.36
N ARG L 110 -26.88 8.56 -76.25
CA ARG L 110 -27.48 9.68 -75.55
C ARG L 110 -28.09 10.70 -76.49
N ASN L 111 -28.26 10.36 -77.77
CA ASN L 111 -28.84 11.26 -78.77
C ASN L 111 -27.95 12.51 -78.87
N ILE L 112 -26.71 12.28 -79.30
CA ILE L 112 -25.77 13.38 -79.52
C ILE L 112 -26.14 14.17 -80.76
N SER L 113 -26.55 13.47 -81.83
CA SER L 113 -26.89 14.14 -83.07
C SER L 113 -28.08 15.09 -82.87
N GLY L 114 -29.07 14.66 -82.08
CA GLY L 114 -30.18 15.54 -81.80
C GLY L 114 -29.75 16.80 -81.07
N LYS L 115 -28.89 16.67 -80.06
CA LYS L 115 -28.41 17.85 -79.34
C LYS L 115 -27.65 18.78 -80.26
N ILE L 116 -26.75 18.23 -81.09
CA ILE L 116 -25.95 19.07 -81.97
C ILE L 116 -26.84 19.78 -82.98
N GLY L 117 -27.80 19.06 -83.57
CA GLY L 117 -28.70 19.69 -84.53
C GLY L 117 -29.55 20.77 -83.88
N ASP L 118 -30.03 20.52 -82.66
CA ASP L 118 -30.80 21.52 -81.95
C ASP L 118 -29.97 22.78 -81.70
N LEU L 119 -28.72 22.59 -81.28
CA LEU L 119 -27.85 23.75 -81.05
C LEU L 119 -27.59 24.52 -82.34
N GLN L 120 -27.37 23.79 -83.45
CA GLN L 120 -27.16 24.47 -84.72
C GLN L 120 -28.40 25.25 -85.13
N ALA L 121 -29.59 24.67 -84.95
CA ALA L 121 -30.82 25.38 -85.27
C ALA L 121 -30.98 26.62 -84.40
N VAL L 122 -30.65 26.52 -83.11
CA VAL L 122 -30.71 27.68 -82.24
C VAL L 122 -29.75 28.76 -82.71
N MET L 123 -28.53 28.37 -83.08
CA MET L 123 -27.56 29.34 -83.55
C MET L 123 -28.02 30.03 -84.83
N ALA L 124 -28.63 29.27 -85.75
CA ALA L 124 -29.15 29.87 -86.97
C ALA L 124 -30.22 30.90 -86.66
N VAL L 125 -31.12 30.58 -85.74
CA VAL L 125 -32.18 31.50 -85.33
C VAL L 125 -32.35 31.40 -83.81
N PRO L 126 -32.07 32.48 -83.07
CA PRO L 126 -32.13 32.37 -81.59
C PRO L 126 -33.50 31.97 -81.07
N ASP L 127 -34.59 32.42 -81.72
CA ASP L 127 -35.94 32.22 -81.21
C ASP L 127 -36.51 30.85 -81.58
N THR L 128 -35.68 29.89 -81.94
CA THR L 128 -36.16 28.54 -82.22
C THR L 128 -36.69 27.91 -80.94
N GLU L 129 -37.68 27.03 -81.11
CA GLU L 129 -38.30 26.30 -80.01
C GLU L 129 -37.90 24.84 -80.03
N THR L 130 -36.62 24.58 -80.29
CA THR L 130 -36.14 23.22 -80.43
C THR L 130 -36.35 22.44 -79.12
N PRO L 131 -36.56 21.13 -79.20
CA PRO L 131 -36.96 20.37 -78.00
C PRO L 131 -35.97 20.46 -76.85
N THR L 132 -34.67 20.47 -77.13
CA THR L 132 -33.65 20.37 -76.08
C THR L 132 -32.78 21.62 -75.98
N PHE L 133 -33.35 22.79 -76.25
CA PHE L 133 -32.60 24.03 -76.09
C PHE L 133 -33.52 25.21 -76.40
N CYS L 134 -33.13 26.37 -75.88
CA CYS L 134 -33.84 27.62 -76.16
C CYS L 134 -33.02 28.76 -75.60
N LEU L 135 -33.43 29.98 -75.93
CA LEU L 135 -32.79 31.21 -75.48
C LEU L 135 -33.81 32.18 -74.91
N HIS L 136 -34.84 31.65 -74.27
CA HIS L 136 -35.91 32.45 -73.70
C HIS L 136 -35.97 32.21 -72.19
N THR L 137 -36.36 33.25 -71.46
CA THR L 137 -36.60 33.10 -70.03
C THR L 137 -37.78 32.17 -69.81
N ASP L 138 -37.80 31.54 -68.62
CA ASP L 138 -38.89 30.62 -68.31
C ASP L 138 -40.24 31.29 -68.50
N VAL L 139 -40.33 32.58 -68.19
CA VAL L 139 -41.55 33.33 -68.46
C VAL L 139 -41.83 33.37 -69.97
N SER L 140 -40.79 33.60 -70.77
CA SER L 140 -40.94 33.80 -72.20
C SER L 140 -40.77 32.51 -73.02
N CYS L 141 -40.44 31.40 -72.37
CA CYS L 141 -40.27 30.15 -73.10
C CYS L 141 -41.61 29.70 -73.70
N ARG L 142 -41.51 28.95 -74.80
CA ARG L 142 -42.70 28.50 -75.52
C ARG L 142 -42.85 26.99 -75.59
N GLN L 143 -41.78 26.22 -75.38
CA GLN L 143 -41.89 24.76 -75.44
C GLN L 143 -42.86 24.26 -74.38
N ARG L 144 -43.62 23.23 -74.71
CA ARG L 144 -44.64 22.68 -73.85
C ARG L 144 -44.18 21.32 -73.33
N ALA L 145 -44.34 21.11 -72.02
CA ALA L 145 -43.90 19.88 -71.38
C ALA L 145 -44.94 19.48 -70.34
N ASP L 146 -44.60 18.50 -69.50
CA ASP L 146 -45.48 18.02 -68.46
C ASP L 146 -44.99 18.38 -67.06
N VAL L 147 -43.76 18.02 -66.72
CA VAL L 147 -43.18 18.28 -65.41
C VAL L 147 -41.95 19.16 -65.59
N ALA L 148 -41.88 20.26 -64.87
CA ALA L 148 -40.79 21.21 -64.94
C ALA L 148 -39.97 21.17 -63.66
N ILE L 149 -38.65 21.11 -63.80
CA ILE L 149 -37.73 21.04 -62.66
C ILE L 149 -36.88 22.30 -62.65
N TYR L 150 -36.82 22.96 -61.50
CA TYR L 150 -35.91 24.08 -61.29
C TYR L 150 -34.64 23.59 -60.62
N GLN L 151 -33.62 24.45 -60.61
CA GLN L 151 -32.36 24.12 -59.96
C GLN L 151 -31.62 25.42 -59.66
N ASP L 152 -31.40 25.70 -58.38
CA ASP L 152 -30.66 26.86 -57.93
C ASP L 152 -31.14 28.13 -58.65
N VAL L 153 -32.44 28.39 -58.50
CA VAL L 153 -33.09 29.55 -59.13
C VAL L 153 -33.63 30.41 -58.00
N TYR L 154 -32.84 31.40 -57.58
CA TYR L 154 -33.20 32.30 -56.48
C TYR L 154 -33.37 33.73 -56.96
N ALA L 155 -33.77 33.92 -58.22
CA ALA L 155 -33.92 35.25 -58.77
C ALA L 155 -35.22 35.48 -59.51
N VAL L 156 -36.12 34.50 -59.56
CA VAL L 156 -37.37 34.61 -60.30
C VAL L 156 -38.53 34.47 -59.32
N HIS L 157 -39.52 35.34 -59.45
CA HIS L 157 -40.73 35.21 -58.65
C HIS L 157 -41.35 33.85 -58.88
N ALA L 158 -41.45 33.05 -57.81
CA ALA L 158 -41.97 31.70 -57.94
C ALA L 158 -43.40 31.67 -58.48
N PRO L 159 -44.33 32.46 -57.94
CA PRO L 159 -45.70 32.42 -58.49
C PRO L 159 -45.76 32.72 -59.98
N THR L 160 -45.00 33.71 -60.46
CA THR L 160 -45.08 34.09 -61.87
C THR L 160 -44.51 33.01 -62.77
N SER L 161 -43.34 32.46 -62.41
CA SER L 161 -42.75 31.40 -63.21
C SER L 161 -43.65 30.16 -63.22
N LEU L 162 -44.19 29.79 -62.06
CA LEU L 162 -45.08 28.63 -62.01
C LEU L 162 -46.33 28.88 -62.83
N TYR L 163 -46.88 30.09 -62.78
CA TYR L 163 -48.05 30.43 -63.59
C TYR L 163 -47.75 30.28 -65.07
N HIS L 164 -46.67 30.92 -65.54
CA HIS L 164 -46.34 30.87 -66.95
C HIS L 164 -45.93 29.48 -67.40
N GLN L 165 -45.57 28.60 -66.45
CA GLN L 165 -45.33 27.21 -66.80
C GLN L 165 -46.63 26.42 -66.85
N ALA L 166 -47.58 26.75 -65.97
CA ALA L 166 -48.88 26.09 -65.99
C ALA L 166 -49.64 26.40 -67.27
N ILE L 167 -49.64 27.67 -67.69
CA ILE L 167 -50.31 28.03 -68.94
C ILE L 167 -49.69 27.28 -70.11
N LYS L 168 -48.46 26.81 -69.97
CA LYS L 168 -47.83 25.94 -70.95
C LYS L 168 -48.02 24.46 -70.61
N GLY L 169 -49.03 24.14 -69.81
CA GLY L 169 -49.30 22.76 -69.45
C GLY L 169 -48.29 22.13 -68.53
N VAL L 170 -47.87 22.84 -67.49
CA VAL L 170 -46.97 22.31 -66.47
C VAL L 170 -47.82 21.99 -65.26
N ARG L 171 -47.97 20.69 -64.96
CA ARG L 171 -48.78 20.25 -63.84
C ARG L 171 -47.94 19.92 -62.60
N LEU L 172 -46.63 19.73 -62.76
CA LEU L 172 -45.76 19.37 -61.65
C LEU L 172 -44.44 20.12 -61.82
N ALA L 173 -43.89 20.58 -60.69
CA ALA L 173 -42.63 21.29 -60.73
C ALA L 173 -41.83 20.94 -59.48
N TYR L 174 -40.51 20.94 -59.63
CA TYR L 174 -39.60 20.70 -58.51
C TYR L 174 -38.63 21.86 -58.41
N TRP L 175 -38.08 22.05 -57.21
CA TRP L 175 -37.23 23.21 -56.91
C TRP L 175 -36.18 22.75 -55.89
N VAL L 176 -34.98 22.46 -56.38
CA VAL L 176 -33.84 22.13 -55.53
C VAL L 176 -33.08 23.41 -55.26
N GLY L 177 -32.83 23.71 -53.98
CA GLY L 177 -32.14 24.93 -53.66
C GLY L 177 -31.81 25.05 -52.19
N PHE L 178 -31.51 26.28 -51.77
CA PHE L 178 -31.23 26.55 -50.37
C PHE L 178 -32.52 26.74 -49.60
N ASP L 179 -32.54 26.23 -48.37
CA ASP L 179 -33.70 26.41 -47.50
C ASP L 179 -33.98 27.90 -47.33
N THR L 180 -35.24 28.28 -47.44
CA THR L 180 -35.65 29.67 -47.36
C THR L 180 -36.06 30.10 -45.95
N THR L 181 -35.89 29.23 -44.96
CA THR L 181 -36.23 29.61 -43.60
C THR L 181 -35.47 30.83 -43.10
N PRO L 182 -34.16 30.97 -43.36
CA PRO L 182 -33.45 32.16 -42.84
C PRO L 182 -33.98 33.47 -43.38
N PHE L 183 -34.66 33.46 -44.52
CA PHE L 183 -35.21 34.69 -45.09
C PHE L 183 -36.65 34.94 -44.68
N MET L 184 -37.38 33.89 -44.28
CA MET L 184 -38.67 34.10 -43.64
C MET L 184 -38.53 34.59 -42.22
N TYR L 185 -37.41 34.29 -41.56
CA TYR L 185 -37.10 34.84 -40.25
C TYR L 185 -36.39 36.18 -40.32
N ASN L 186 -36.04 36.62 -41.53
CA ASN L 186 -35.41 37.92 -41.75
C ASN L 186 -34.10 38.05 -40.97
N ALA L 187 -33.16 37.19 -41.29
CA ALA L 187 -31.81 37.28 -40.75
C ALA L 187 -30.96 38.20 -41.62
N MET L 188 -30.11 39.00 -40.97
CA MET L 188 -29.23 39.88 -41.71
C MET L 188 -28.10 39.10 -42.39
N ALA L 189 -27.51 38.16 -41.67
CA ALA L 189 -26.44 37.32 -42.19
C ALA L 189 -26.70 35.88 -41.80
N GLY L 190 -26.09 34.96 -42.52
CA GLY L 190 -26.28 33.55 -42.22
C GLY L 190 -25.27 32.69 -42.94
N ALA L 191 -25.26 31.42 -42.55
CA ALA L 191 -24.32 30.46 -43.11
C ALA L 191 -25.03 29.14 -43.39
N TYR L 192 -24.46 28.38 -44.31
CA TYR L 192 -24.87 27.00 -44.59
C TYR L 192 -23.62 26.14 -44.43
N PRO L 193 -23.08 26.06 -43.20
CA PRO L 193 -21.70 25.57 -43.06
C PRO L 193 -21.58 24.06 -43.24
N SER L 194 -22.25 23.55 -44.27
CA SER L 194 -21.95 22.24 -44.84
C SER L 194 -21.91 22.25 -46.35
N TYR L 195 -22.43 23.30 -47.00
CA TYR L 195 -22.30 23.51 -48.43
C TYR L 195 -21.29 24.61 -48.75
N SER L 196 -20.47 24.99 -47.78
CA SER L 196 -19.43 26.00 -47.96
C SER L 196 -20.02 27.30 -48.48
N THR L 197 -21.15 27.71 -47.91
CA THR L 197 -21.82 28.93 -48.32
C THR L 197 -22.04 29.84 -47.13
N ASN L 198 -21.82 31.14 -47.36
CA ASN L 198 -22.22 32.17 -46.43
C ASN L 198 -23.07 33.18 -47.17
N TRP L 199 -23.77 34.04 -46.44
CA TRP L 199 -24.50 35.12 -47.10
C TRP L 199 -24.67 36.26 -46.11
N ALA L 200 -24.74 37.47 -46.66
CA ALA L 200 -24.91 38.64 -45.82
C ALA L 200 -25.69 39.71 -46.57
N ASP L 201 -26.44 40.51 -45.82
CA ASP L 201 -27.07 41.70 -46.36
C ASP L 201 -26.00 42.74 -46.68
N GLU L 202 -26.19 43.45 -47.78
CA GLU L 202 -25.20 44.43 -48.22
C GLU L 202 -24.89 45.46 -47.14
N GLN L 203 -25.74 45.59 -46.14
CA GLN L 203 -25.52 46.56 -45.06
C GLN L 203 -24.57 46.05 -43.98
N VAL L 204 -24.15 44.79 -44.05
CA VAL L 204 -23.25 44.22 -43.06
C VAL L 204 -22.01 43.61 -43.73
N LEU L 205 -21.74 43.97 -44.98
CA LEU L 205 -20.59 43.43 -45.68
C LEU L 205 -19.27 43.92 -45.09
N LYS L 206 -19.29 45.04 -44.36
CA LYS L 206 -18.10 45.57 -43.71
C LYS L 206 -18.12 45.30 -42.21
N ALA L 207 -18.73 44.18 -41.81
CA ALA L 207 -18.73 43.74 -40.42
C ALA L 207 -17.45 42.93 -40.15
N LYS L 208 -17.21 42.64 -38.88
CA LYS L 208 -15.96 42.03 -38.46
C LYS L 208 -16.02 40.50 -38.38
N ASN L 209 -17.06 39.95 -37.75
CA ASN L 209 -17.01 38.56 -37.32
C ASN L 209 -17.83 37.59 -38.17
N ILE L 210 -18.84 38.07 -38.91
CA ILE L 210 -19.64 37.14 -39.70
C ILE L 210 -18.76 36.48 -40.77
N GLY L 211 -19.24 35.35 -41.29
CA GLY L 211 -18.46 34.55 -42.20
C GLY L 211 -18.32 35.09 -43.60
N LEU L 212 -18.99 36.20 -43.92
CA LEU L 212 -18.85 36.87 -45.21
C LEU L 212 -18.79 38.37 -44.93
N CYS L 213 -17.57 38.88 -44.78
CA CYS L 213 -17.37 40.29 -44.47
C CYS L 213 -15.91 40.63 -44.67
N SER L 214 -15.60 41.92 -44.63
CA SER L 214 -14.23 42.40 -44.69
C SER L 214 -14.19 43.76 -44.02
N THR L 215 -13.63 43.81 -42.81
CA THR L 215 -13.54 45.06 -42.08
C THR L 215 -12.17 45.70 -42.34
N ASP L 216 -11.96 46.88 -41.76
CA ASP L 216 -10.71 47.62 -41.91
C ASP L 216 -10.13 47.91 -40.54
N LEU L 217 -8.80 47.90 -40.46
CA LEU L 217 -8.10 48.12 -39.20
C LEU L 217 -8.02 49.62 -38.92
N THR L 218 -9.18 50.18 -38.56
CA THR L 218 -9.28 51.60 -38.27
C THR L 218 -8.81 51.89 -36.84
N GLU L 219 -8.42 53.14 -36.62
CA GLU L 219 -7.99 53.60 -35.31
C GLU L 219 -9.15 54.13 -34.47
N GLY L 220 -10.38 54.04 -34.97
CA GLY L 220 -11.53 54.56 -34.27
C GLY L 220 -11.65 56.07 -34.37
N ARG L 221 -12.57 56.60 -33.57
CA ARG L 221 -12.82 58.04 -33.55
C ARG L 221 -13.65 58.43 -32.33
N GLY L 230 -28.60 57.52 -41.26
CA GLY L 230 -29.61 56.51 -41.02
C GLY L 230 -29.40 55.71 -39.75
N LYS L 231 -30.28 55.92 -38.77
CA LYS L 231 -30.21 55.21 -37.50
C LYS L 231 -31.06 53.94 -37.48
N LYS L 232 -31.35 53.34 -38.63
CA LYS L 232 -32.22 52.17 -38.70
C LYS L 232 -31.57 51.13 -39.60
N LEU L 233 -31.01 50.09 -38.99
CA LEU L 233 -30.42 48.97 -39.72
C LEU L 233 -31.43 47.84 -39.79
N GLU L 234 -32.01 47.64 -40.97
CA GLU L 234 -32.95 46.56 -41.22
C GLU L 234 -32.58 45.84 -42.50
N PRO L 235 -32.93 44.56 -42.62
CA PRO L 235 -32.59 43.82 -43.83
C PRO L 235 -33.16 44.49 -45.07
N CYS L 236 -32.35 44.52 -46.13
CA CYS L 236 -32.76 45.06 -47.41
C CYS L 236 -32.84 43.93 -48.43
N ASP L 237 -33.42 44.25 -49.60
CA ASP L 237 -33.71 43.22 -50.57
C ASP L 237 -32.43 42.56 -51.09
N ARG L 238 -31.38 43.34 -51.29
CA ARG L 238 -30.15 42.82 -51.88
C ARG L 238 -29.32 42.10 -50.82
N VAL L 239 -29.01 40.83 -51.08
CA VAL L 239 -28.12 40.05 -50.25
C VAL L 239 -27.09 39.38 -51.15
N LEU L 240 -25.97 39.00 -50.56
CA LEU L 240 -24.87 38.39 -51.29
C LEU L 240 -24.62 36.98 -50.74
N PHE L 241 -24.45 36.02 -51.65
CA PHE L 241 -24.17 34.64 -51.32
C PHE L 241 -22.76 34.30 -51.80
N SER L 242 -21.90 33.92 -50.87
CA SER L 242 -20.57 33.41 -51.20
C SER L 242 -20.63 31.89 -51.09
N VAL L 243 -20.81 31.23 -52.22
CA VAL L 243 -20.74 29.78 -52.30
C VAL L 243 -19.28 29.43 -52.58
N GLY L 244 -18.56 29.04 -51.53
CA GLY L 244 -17.13 28.88 -51.63
C GLY L 244 -16.47 30.20 -51.99
N SER L 245 -15.98 30.32 -53.21
CA SER L 245 -15.37 31.56 -53.69
C SER L 245 -16.22 32.25 -54.76
N THR L 246 -17.42 31.76 -55.03
CA THR L 246 -18.30 32.34 -56.05
C THR L 246 -19.32 33.26 -55.40
N LEU L 247 -19.56 34.40 -56.04
CA LEU L 247 -20.47 35.41 -55.54
C LEU L 247 -21.77 35.39 -56.33
N TYR L 248 -22.89 35.49 -55.61
CA TYR L 248 -24.23 35.51 -56.19
C TYR L 248 -25.05 36.61 -55.54
N PRO L 249 -25.39 37.67 -56.27
CA PRO L 249 -26.28 38.70 -55.72
C PRO L 249 -27.74 38.28 -55.87
N GLU L 250 -28.39 38.02 -54.74
CA GLU L 250 -29.76 37.55 -54.72
C GLU L 250 -30.67 38.58 -54.06
N SER L 251 -31.97 38.37 -54.22
CA SER L 251 -33.00 39.27 -53.72
C SER L 251 -33.76 38.61 -52.57
N ARG L 252 -33.96 39.35 -51.49
CA ARG L 252 -34.75 38.83 -50.38
C ARG L 252 -36.17 38.51 -50.82
N LYS L 253 -36.80 39.43 -51.57
CA LYS L 253 -38.20 39.25 -51.94
C LYS L 253 -38.37 38.06 -52.87
N LEU L 254 -37.42 37.84 -53.78
CA LEU L 254 -37.48 36.68 -54.64
C LEU L 254 -36.93 35.42 -53.97
N LEU L 255 -36.33 35.55 -52.79
CA LEU L 255 -36.05 34.38 -51.98
C LEU L 255 -37.24 34.03 -51.08
N LYS L 256 -37.88 35.05 -50.50
CA LYS L 256 -39.14 34.84 -49.81
C LYS L 256 -40.26 34.78 -50.83
N SER L 257 -40.06 33.97 -51.87
CA SER L 257 -41.09 33.67 -52.85
C SER L 257 -41.18 32.19 -53.19
N TRP L 258 -40.13 31.41 -52.98
CA TRP L 258 -40.20 29.96 -53.10
C TRP L 258 -40.49 29.29 -51.76
N HIS L 259 -40.67 30.08 -50.70
CA HIS L 259 -41.24 29.59 -49.45
C HIS L 259 -42.76 29.57 -49.57
N LEU L 260 -43.24 28.70 -50.44
CA LEU L 260 -44.65 28.70 -50.80
C LEU L 260 -45.47 28.00 -49.72
N PRO L 261 -46.70 28.44 -49.48
CA PRO L 261 -47.56 27.75 -48.52
C PRO L 261 -47.92 26.36 -49.02
N SER L 262 -48.54 25.59 -48.13
CA SER L 262 -48.91 24.22 -48.48
C SER L 262 -49.94 24.19 -49.59
N VAL L 263 -50.89 25.13 -49.55
CA VAL L 263 -51.90 25.27 -50.60
C VAL L 263 -51.98 26.75 -50.98
N PHE L 264 -51.81 27.05 -52.27
CA PHE L 264 -51.88 28.41 -52.76
C PHE L 264 -52.59 28.44 -54.10
N HIS L 265 -53.28 29.54 -54.36
CA HIS L 265 -54.10 29.70 -55.56
C HIS L 265 -53.45 30.70 -56.51
N LEU L 266 -53.34 30.30 -57.77
CA LEU L 266 -52.89 31.18 -58.85
C LEU L 266 -54.11 31.53 -59.69
N LYS L 267 -54.68 32.72 -59.44
CA LYS L 267 -55.94 33.14 -60.04
C LYS L 267 -55.67 34.20 -61.09
N GLY L 268 -55.87 33.85 -62.36
CA GLY L 268 -55.73 34.78 -63.47
C GLY L 268 -56.64 34.39 -64.60
N LYS L 269 -56.11 34.44 -65.83
CA LYS L 269 -56.89 33.95 -66.97
C LYS L 269 -57.21 32.48 -66.82
N LEU L 270 -56.24 31.69 -66.36
CA LEU L 270 -56.44 30.30 -65.99
C LEU L 270 -56.21 30.18 -64.49
N SER L 271 -57.21 29.67 -63.77
CA SER L 271 -57.12 29.53 -62.33
C SER L 271 -56.56 28.16 -61.97
N PHE L 272 -55.73 28.13 -60.93
CA PHE L 272 -55.11 26.88 -60.49
C PHE L 272 -55.02 26.86 -58.96
N THR L 273 -55.11 25.66 -58.40
CA THR L 273 -54.80 25.40 -57.01
C THR L 273 -53.58 24.51 -56.96
N CYS L 274 -52.61 24.87 -56.13
CA CYS L 274 -51.31 24.18 -56.12
C CYS L 274 -50.88 23.92 -54.69
N ARG L 275 -50.05 22.91 -54.52
CA ARG L 275 -49.53 22.52 -53.21
C ARG L 275 -48.01 22.41 -53.29
N CYS L 276 -47.33 22.97 -52.28
CA CYS L 276 -45.90 22.81 -52.13
C CYS L 276 -45.61 21.96 -50.89
N ASP L 277 -44.87 20.88 -51.08
CA ASP L 277 -44.50 20.01 -49.98
C ASP L 277 -43.01 19.70 -50.07
N THR L 278 -42.25 20.17 -49.07
CA THR L 278 -40.82 19.95 -49.03
C THR L 278 -40.55 18.46 -48.85
N VAL L 279 -39.98 17.83 -49.87
CA VAL L 279 -39.75 16.38 -49.86
C VAL L 279 -38.45 16.03 -49.16
N VAL L 280 -37.35 16.67 -49.55
CA VAL L 280 -36.03 16.37 -49.02
C VAL L 280 -35.45 17.63 -48.37
N SER L 281 -34.73 17.43 -47.27
CA SER L 281 -34.12 18.52 -46.52
C SER L 281 -32.85 18.03 -45.88
N CYS L 282 -31.73 18.69 -46.18
CA CYS L 282 -30.42 18.27 -45.69
C CYS L 282 -29.59 19.50 -45.36
N GLU L 283 -29.43 19.78 -44.06
CA GLU L 283 -28.44 20.72 -43.54
C GLU L 283 -28.54 22.11 -44.18
N GLY L 284 -29.65 22.40 -44.84
CA GLY L 284 -29.81 23.71 -45.45
C GLY L 284 -30.39 23.66 -46.85
N TYR L 285 -30.06 22.60 -47.58
CA TYR L 285 -30.67 22.40 -48.88
C TYR L 285 -32.05 21.77 -48.75
N VAL L 286 -32.93 22.09 -49.69
CA VAL L 286 -34.28 21.56 -49.73
C VAL L 286 -34.66 21.24 -51.17
N VAL L 287 -35.61 20.32 -51.31
CA VAL L 287 -36.14 19.92 -52.61
C VAL L 287 -37.66 20.04 -52.50
N LYS L 288 -38.19 21.20 -52.87
CA LYS L 288 -39.61 21.45 -52.81
C LYS L 288 -40.31 20.90 -54.05
N ARG L 289 -41.56 20.48 -53.88
CA ARG L 289 -42.38 19.97 -54.97
C ARG L 289 -43.70 20.72 -54.98
N ILE L 290 -44.05 21.30 -56.12
CA ILE L 290 -45.28 22.07 -56.28
C ILE L 290 -46.13 21.40 -57.36
N THR L 291 -47.35 21.02 -57.00
CA THR L 291 -48.29 20.43 -57.94
C THR L 291 -49.27 21.51 -58.41
N MET L 292 -49.40 21.66 -59.71
CA MET L 292 -50.23 22.71 -60.31
C MET L 292 -51.42 22.06 -61.02
N SER L 293 -52.61 22.58 -60.74
CA SER L 293 -53.84 22.07 -61.34
C SER L 293 -54.85 23.19 -61.48
N PRO L 294 -55.57 23.25 -62.60
CA PRO L 294 -56.58 24.30 -62.78
C PRO L 294 -57.76 24.11 -61.83
N GLY L 295 -58.47 25.19 -61.61
CA GLY L 295 -59.61 25.19 -60.70
C GLY L 295 -59.19 25.42 -59.26
N LEU L 296 -60.19 25.56 -58.40
CA LEU L 296 -60.00 25.78 -56.98
C LEU L 296 -60.45 24.53 -56.22
N TYR L 297 -59.56 24.00 -55.40
CA TYR L 297 -59.74 22.68 -54.79
C TYR L 297 -59.66 22.77 -53.27
N GLY L 298 -60.34 23.75 -52.69
CA GLY L 298 -60.39 23.90 -51.27
C GLY L 298 -60.14 25.35 -50.88
N LYS L 299 -59.92 25.56 -49.58
CA LYS L 299 -59.62 26.88 -49.04
C LYS L 299 -58.15 26.92 -48.61
N THR L 300 -57.47 28.00 -49.00
CA THR L 300 -56.05 28.15 -48.71
C THR L 300 -55.88 28.67 -47.28
N THR L 301 -55.15 27.92 -46.47
CA THR L 301 -54.89 28.32 -45.09
C THR L 301 -53.87 29.44 -45.00
N GLY L 302 -53.03 29.62 -46.02
CA GLY L 302 -52.01 30.64 -45.99
C GLY L 302 -50.91 30.39 -44.98
N TYR L 303 -50.48 29.14 -44.85
CA TYR L 303 -49.44 28.77 -43.89
C TYR L 303 -48.36 27.96 -44.59
N ALA L 304 -47.10 28.32 -44.33
CA ALA L 304 -45.94 27.58 -44.80
C ALA L 304 -45.32 26.88 -43.60
N VAL L 305 -45.05 25.58 -43.77
CA VAL L 305 -44.57 24.69 -42.72
C VAL L 305 -43.16 24.24 -43.08
N THR L 306 -42.24 24.40 -42.13
CA THR L 306 -40.87 23.93 -42.28
C THR L 306 -40.55 22.97 -41.15
N HIS L 307 -40.39 21.69 -41.47
CA HIS L 307 -40.01 20.70 -40.47
C HIS L 307 -38.49 20.74 -40.28
N HIS L 308 -38.04 21.13 -39.10
CA HIS L 308 -36.61 21.33 -38.85
C HIS L 308 -35.99 19.99 -38.48
N ALA L 309 -35.59 19.22 -39.49
CA ALA L 309 -34.94 17.94 -39.26
C ALA L 309 -33.65 18.10 -38.45
N ASP L 310 -33.03 19.27 -38.49
CA ASP L 310 -31.87 19.56 -37.68
C ASP L 310 -32.00 20.98 -37.12
N GLY L 311 -31.32 21.21 -36.00
CA GLY L 311 -31.43 22.49 -35.32
C GLY L 311 -31.22 23.69 -36.21
N PHE L 312 -32.04 24.71 -36.02
CA PHE L 312 -31.90 25.98 -36.74
C PHE L 312 -31.80 27.09 -35.71
N LEU L 313 -30.62 27.70 -35.62
CA LEU L 313 -30.39 28.79 -34.68
C LEU L 313 -30.42 30.12 -35.42
N MET L 314 -30.97 31.14 -34.76
CA MET L 314 -30.95 32.50 -35.32
C MET L 314 -30.88 33.44 -34.12
N CYS L 315 -29.74 34.10 -33.95
CA CYS L 315 -29.51 34.92 -32.77
CA CYS L 315 -29.51 34.93 -32.77
C CYS L 315 -29.04 36.31 -33.18
N LYS L 316 -29.32 37.29 -32.32
CA LYS L 316 -28.92 38.68 -32.56
C LYS L 316 -27.54 38.89 -31.96
N THR L 317 -26.53 38.97 -32.81
CA THR L 317 -25.16 39.21 -32.38
C THR L 317 -24.81 40.68 -32.56
N THR L 318 -23.95 41.16 -31.67
CA THR L 318 -23.45 42.53 -31.75
C THR L 318 -22.11 42.53 -32.46
N ASP L 319 -21.96 43.43 -33.43
CA ASP L 319 -20.76 43.55 -34.23
C ASP L 319 -20.42 45.02 -34.36
N THR L 320 -19.41 45.32 -35.17
CA THR L 320 -19.05 46.69 -35.50
C THR L 320 -18.97 46.80 -37.01
N VAL L 321 -19.79 47.68 -37.58
CA VAL L 321 -19.85 47.91 -39.02
C VAL L 321 -19.29 49.30 -39.28
N ASP L 322 -18.25 49.37 -40.12
CA ASP L 322 -17.57 50.63 -40.43
C ASP L 322 -17.12 51.33 -39.15
N GLY L 323 -16.73 50.56 -38.15
CA GLY L 323 -16.26 51.11 -36.89
C GLY L 323 -17.34 51.51 -35.91
N GLU L 324 -18.62 51.37 -36.27
CA GLU L 324 -19.73 51.76 -35.40
C GLU L 324 -20.38 50.51 -34.83
N ARG L 325 -20.60 50.52 -33.52
CA ARG L 325 -21.16 49.35 -32.85
C ARG L 325 -22.64 49.21 -33.20
N VAL L 326 -23.04 48.00 -33.61
CA VAL L 326 -24.41 47.72 -34.02
C VAL L 326 -24.76 46.30 -33.60
N SER L 327 -26.04 45.97 -33.75
CA SER L 327 -26.55 44.63 -33.46
C SER L 327 -27.43 44.16 -34.60
N PHE L 328 -27.25 42.92 -35.03
CA PHE L 328 -28.07 42.37 -36.10
C PHE L 328 -28.10 40.85 -35.98
N SER L 329 -29.03 40.24 -36.71
CA SER L 329 -29.35 38.83 -36.53
C SER L 329 -28.60 37.98 -37.55
N VAL L 330 -28.06 36.86 -37.08
CA VAL L 330 -27.36 35.89 -37.92
C VAL L 330 -27.90 34.50 -37.61
N CYS L 331 -28.04 33.68 -38.64
CA CYS L 331 -28.63 32.36 -38.51
C CYS L 331 -27.65 31.29 -38.99
N THR L 332 -27.90 30.06 -38.53
CA THR L 332 -27.07 28.91 -38.89
C THR L 332 -27.88 27.64 -38.67
N TYR L 333 -27.40 26.54 -39.25
CA TYR L 333 -28.04 25.24 -39.17
C TYR L 333 -27.14 24.30 -38.39
N VAL L 334 -27.40 24.17 -37.09
CA VAL L 334 -26.64 23.25 -36.25
C VAL L 334 -27.04 21.82 -36.60
N PRO L 335 -26.12 20.86 -36.54
CA PRO L 335 -26.50 19.47 -36.78
C PRO L 335 -27.36 18.93 -35.65
N ALA L 336 -28.16 17.91 -35.99
CA ALA L 336 -29.10 17.35 -35.02
C ALA L 336 -28.38 16.75 -33.83
N THR L 337 -27.27 16.04 -34.06
CA THR L 337 -26.57 15.38 -32.97
C THR L 337 -26.02 16.39 -31.97
N ILE L 338 -25.57 17.54 -32.45
CA ILE L 338 -25.07 18.58 -31.54
C ILE L 338 -26.19 19.02 -30.61
N CYS L 339 -27.39 19.26 -31.16
CA CYS L 339 -28.52 19.66 -30.34
C CYS L 339 -28.89 18.57 -29.35
N ASP L 340 -28.88 17.31 -29.79
CA ASP L 340 -29.21 16.20 -28.91
C ASP L 340 -28.25 16.16 -27.72
N GLN L 341 -26.94 16.21 -27.99
CA GLN L 341 -25.94 16.17 -26.93
C GLN L 341 -25.87 17.44 -26.11
N MET L 342 -26.42 18.55 -26.61
CA MET L 342 -26.49 19.79 -25.85
C MET L 342 -27.80 19.94 -25.08
N THR L 343 -28.75 19.02 -25.27
CA THR L 343 -29.99 19.06 -24.50
C THR L 343 -29.71 19.28 -23.02
N GLY L 344 -28.93 18.38 -22.40
CA GLY L 344 -28.72 18.46 -20.97
C GLY L 344 -28.06 19.76 -20.54
N ILE L 345 -27.00 20.16 -21.24
CA ILE L 345 -26.31 21.39 -20.88
C ILE L 345 -27.26 22.58 -21.00
N LEU L 346 -28.01 22.66 -22.11
CA LEU L 346 -28.98 23.73 -22.27
C LEU L 346 -30.06 23.69 -21.21
N ALA L 347 -30.25 22.54 -20.55
CA ALA L 347 -31.11 22.50 -19.38
C ALA L 347 -30.64 23.47 -18.31
N THR L 348 -29.35 23.81 -18.29
CA THR L 348 -28.78 24.74 -17.33
C THR L 348 -28.37 26.02 -18.04
N GLU L 349 -28.27 27.10 -17.26
CA GLU L 349 -27.70 28.34 -17.77
C GLU L 349 -26.22 28.13 -18.07
N VAL L 350 -25.85 28.16 -19.35
CA VAL L 350 -24.50 27.81 -19.78
C VAL L 350 -23.88 29.04 -20.44
N THR L 351 -22.66 29.36 -20.05
CA THR L 351 -21.96 30.51 -20.59
C THR L 351 -21.59 30.28 -22.05
N PRO L 352 -21.47 31.35 -22.83
CA PRO L 352 -20.94 31.19 -24.20
C PRO L 352 -19.58 30.53 -24.24
N GLU L 353 -18.71 30.84 -23.27
CA GLU L 353 -17.39 30.23 -23.23
C GLU L 353 -17.47 28.74 -22.93
N ASP L 354 -18.23 28.37 -21.90
CA ASP L 354 -18.36 26.95 -21.56
C ASP L 354 -19.12 26.20 -22.63
N ALA L 355 -20.14 26.82 -23.20
CA ALA L 355 -20.85 26.20 -24.33
C ALA L 355 -19.91 25.99 -25.50
N GLN L 356 -19.02 26.95 -25.76
CA GLN L 356 -18.04 26.81 -26.83
C GLN L 356 -17.09 25.66 -26.55
N LYS L 357 -16.64 25.53 -25.30
CA LYS L 357 -15.74 24.42 -24.95
C LYS L 357 -16.43 23.07 -25.13
N LEU L 358 -17.68 22.96 -24.68
CA LEU L 358 -18.41 21.70 -24.86
C LEU L 358 -18.67 21.43 -26.34
N LEU L 359 -18.94 22.48 -27.12
CA LEU L 359 -19.14 22.30 -28.56
C LEU L 359 -17.87 21.81 -29.24
N VAL L 360 -16.72 22.36 -28.86
CA VAL L 360 -15.45 21.90 -29.41
C VAL L 360 -15.22 20.44 -29.03
N GLY L 361 -15.46 20.09 -27.76
CA GLY L 361 -15.31 18.71 -27.35
C GLY L 361 -16.23 17.77 -28.13
N LEU L 362 -17.48 18.17 -28.32
CA LEU L 362 -18.43 17.35 -29.07
C LEU L 362 -17.99 17.21 -30.53
N ASN L 363 -17.40 18.26 -31.09
CA ASN L 363 -16.92 18.18 -32.47
C ASN L 363 -15.85 17.10 -32.60
N GLN L 364 -14.97 16.99 -31.61
CA GLN L 364 -13.98 15.92 -31.56
C GLN L 364 -13.08 16.09 -30.35
N THR L 376 -11.31 15.09 -37.45
CA THR L 376 -12.40 15.63 -38.27
C THR L 376 -13.39 16.39 -37.40
N ASN L 377 -14.34 17.07 -38.05
CA ASN L 377 -15.34 17.86 -37.36
C ASN L 377 -16.71 17.57 -37.94
N THR L 378 -17.75 17.80 -37.13
CA THR L 378 -19.13 17.70 -37.59
C THR L 378 -19.72 19.06 -37.92
N MET L 379 -19.29 20.11 -37.24
CA MET L 379 -19.67 21.48 -37.55
C MET L 379 -18.40 22.32 -37.67
N LYS L 380 -18.39 23.21 -38.66
CA LYS L 380 -17.21 24.03 -38.89
C LYS L 380 -17.00 24.98 -37.72
N ASN L 381 -15.73 25.19 -37.37
CA ASN L 381 -15.40 25.87 -36.11
C ASN L 381 -15.62 27.37 -36.17
N TYR L 382 -15.66 27.97 -37.36
CA TYR L 382 -15.93 29.40 -37.43
C TYR L 382 -17.35 29.76 -37.04
N MET L 383 -18.23 28.76 -36.95
CA MET L 383 -19.61 28.98 -36.50
C MET L 383 -19.81 28.71 -35.02
N ILE L 384 -18.99 27.84 -34.43
CA ILE L 384 -19.10 27.46 -33.02
C ILE L 384 -19.16 28.71 -32.13
N PRO L 385 -18.34 29.73 -32.38
CA PRO L 385 -18.41 30.92 -31.53
C PRO L 385 -19.78 31.58 -31.50
N VAL L 386 -20.55 31.48 -32.59
CA VAL L 386 -21.88 32.07 -32.61
C VAL L 386 -22.95 31.05 -32.24
N VAL L 387 -22.74 29.78 -32.56
CA VAL L 387 -23.65 28.73 -32.11
C VAL L 387 -23.72 28.71 -30.58
N ALA L 388 -22.56 28.82 -29.93
CA ALA L 388 -22.53 28.82 -28.47
C ALA L 388 -23.27 30.03 -27.90
N GLN L 389 -23.07 31.21 -28.51
CA GLN L 389 -23.77 32.39 -28.01
C GLN L 389 -25.28 32.25 -28.20
N ALA L 390 -25.71 31.70 -29.33
CA ALA L 390 -27.14 31.47 -29.53
C ALA L 390 -27.69 30.50 -28.50
N PHE L 391 -26.97 29.40 -28.25
CA PHE L 391 -27.41 28.43 -27.25
C PHE L 391 -27.53 29.09 -25.88
N SER L 392 -26.54 29.89 -25.50
CA SER L 392 -26.55 30.52 -24.18
C SER L 392 -27.69 31.51 -24.06
N LYS L 393 -27.91 32.34 -25.09
CA LYS L 393 -29.01 33.30 -25.03
C LYS L 393 -30.35 32.58 -24.97
N TRP L 394 -30.50 31.50 -25.73
CA TRP L 394 -31.75 30.74 -25.70
C TRP L 394 -31.98 30.13 -24.32
N ALA L 395 -30.94 29.55 -23.73
CA ALA L 395 -31.08 28.96 -22.40
C ALA L 395 -31.45 30.02 -21.37
N LYS L 396 -30.79 31.18 -21.43
CA LYS L 396 -31.11 32.24 -20.47
C LYS L 396 -32.54 32.73 -20.65
N GLU L 397 -32.98 32.88 -21.89
CA GLU L 397 -34.36 33.31 -22.12
C GLU L 397 -35.35 32.27 -21.62
N CYS L 398 -35.06 30.98 -21.85
CA CYS L 398 -35.93 29.93 -21.35
C CYS L 398 -36.02 29.96 -19.83
N ARG L 399 -34.89 30.11 -19.15
CA ARG L 399 -34.90 30.16 -17.69
C ARG L 399 -35.67 31.39 -17.19
N LYS L 400 -35.44 32.55 -17.81
CA LYS L 400 -36.19 33.74 -17.41
C LYS L 400 -37.68 33.57 -17.69
N ASP L 401 -38.02 32.74 -18.67
CA ASP L 401 -39.42 32.40 -18.92
C ASP L 401 -39.98 31.56 -17.79
N MET L 402 -39.28 30.49 -17.41
CA MET L 402 -39.73 29.63 -16.32
C MET L 402 -39.57 30.28 -14.95
N GLU L 403 -38.87 31.40 -14.87
CA GLU L 403 -38.70 32.12 -13.61
C GLU L 403 -39.79 33.16 -13.37
N ASP L 404 -40.70 33.32 -14.32
CA ASP L 404 -41.84 34.22 -14.17
C ASP L 404 -43.03 33.60 -14.86
N GLU L 405 -44.17 33.54 -14.16
CA GLU L 405 -45.38 32.90 -14.67
C GLU L 405 -46.56 33.82 -14.45
N LYS L 406 -47.35 34.04 -15.49
CA LYS L 406 -48.49 34.94 -15.43
C LYS L 406 -49.78 34.13 -15.27
N LEU L 407 -50.92 34.81 -15.33
CA LEU L 407 -52.21 34.16 -15.18
C LEU L 407 -52.59 33.44 -16.46
N LEU L 408 -52.98 32.17 -16.32
CA LEU L 408 -53.41 31.39 -17.47
C LEU L 408 -54.71 31.93 -18.04
N GLY L 409 -54.88 31.76 -19.35
CA GLY L 409 -56.12 32.13 -20.02
C GLY L 409 -56.25 33.58 -20.42
N VAL L 410 -55.35 34.45 -19.95
CA VAL L 410 -55.43 35.87 -20.21
C VAL L 410 -54.12 36.35 -20.81
N ARG L 411 -54.20 37.10 -21.91
CA ARG L 411 -53.05 37.78 -22.46
C ARG L 411 -52.89 39.11 -21.72
N GLU L 412 -52.08 39.10 -20.67
CA GLU L 412 -51.92 40.27 -19.81
C GLU L 412 -51.24 41.42 -20.53
N PHE L 423 -49.63 45.60 -24.92
CA PHE L 423 -48.90 44.76 -23.98
C PHE L 423 -47.43 45.18 -23.91
N LYS L 424 -46.78 44.88 -22.78
CA LYS L 424 -45.37 45.23 -22.59
C LYS L 424 -44.51 44.23 -23.36
N LYS L 425 -44.44 44.44 -24.67
CA LYS L 425 -43.59 43.61 -25.50
C LYS L 425 -42.15 43.69 -25.00
N GLN L 426 -41.49 42.54 -24.95
CA GLN L 426 -40.17 42.43 -24.33
C GLN L 426 -39.18 41.83 -25.33
N LYS L 427 -37.99 41.54 -24.83
CA LYS L 427 -36.89 41.07 -25.66
C LYS L 427 -37.14 39.67 -26.18
N THR L 428 -36.71 39.42 -27.42
CA THR L 428 -36.66 38.08 -28.01
C THR L 428 -35.40 38.06 -28.87
N HIS L 429 -34.30 37.60 -28.29
CA HIS L 429 -32.99 37.67 -28.92
C HIS L 429 -32.46 36.33 -29.40
N THR L 430 -33.30 35.30 -29.45
CA THR L 430 -32.88 34.03 -30.00
C THR L 430 -34.10 33.29 -30.58
N VAL L 431 -33.83 32.49 -31.60
CA VAL L 431 -34.83 31.59 -32.17
C VAL L 431 -34.13 30.27 -32.42
N TYR L 432 -34.36 29.29 -31.57
CA TYR L 432 -33.77 27.97 -31.68
C TYR L 432 -34.88 26.98 -32.02
N LYS L 433 -34.86 26.47 -33.24
CA LYS L 433 -35.82 25.46 -33.69
C LYS L 433 -35.10 24.12 -33.65
N ARG L 434 -35.28 23.40 -32.55
CA ARG L 434 -34.59 22.15 -32.33
C ARG L 434 -35.01 21.12 -33.38
N PRO L 435 -34.30 20.00 -33.46
CA PRO L 435 -34.71 18.96 -34.41
C PRO L 435 -36.09 18.43 -34.08
N ASP L 436 -36.86 18.12 -35.13
CA ASP L 436 -38.21 17.57 -35.05
C ASP L 436 -39.25 18.60 -34.65
N THR L 437 -38.90 19.89 -34.61
CA THR L 437 -39.91 20.93 -34.44
C THR L 437 -40.38 21.41 -35.81
N GLN L 438 -41.33 22.34 -35.82
CA GLN L 438 -41.85 22.86 -37.06
C GLN L 438 -42.03 24.37 -36.96
N SER L 439 -41.71 25.06 -38.04
CA SER L 439 -41.91 26.49 -38.16
C SER L 439 -43.16 26.74 -39.00
N ILE L 440 -43.97 27.71 -38.56
CA ILE L 440 -45.22 28.07 -39.20
C ILE L 440 -45.17 29.56 -39.50
N GLN L 441 -45.26 29.90 -40.79
CA GLN L 441 -45.31 31.30 -41.20
C GLN L 441 -46.54 31.57 -42.05
N LYS L 442 -47.26 32.64 -41.73
CA LYS L 442 -48.41 33.04 -42.52
C LYS L 442 -47.92 33.80 -43.76
N VAL L 443 -48.07 33.19 -44.93
CA VAL L 443 -47.58 33.77 -46.17
C VAL L 443 -48.74 34.02 -47.12
N GLN L 444 -48.46 34.59 -48.28
CA GLN L 444 -49.48 34.84 -49.27
C GLN L 444 -49.81 33.55 -50.01
N ALA L 445 -51.10 33.26 -50.14
CA ALA L 445 -51.56 32.03 -50.77
C ALA L 445 -52.43 32.27 -52.00
N GLU L 446 -52.81 33.52 -52.26
CA GLU L 446 -53.66 33.86 -53.41
C GLU L 446 -52.90 34.85 -54.29
N PHE L 447 -52.45 34.38 -55.44
CA PHE L 447 -51.72 35.21 -56.40
C PHE L 447 -52.56 35.41 -57.65
N ASP L 448 -52.74 36.66 -58.05
CA ASP L 448 -53.55 36.99 -59.21
C ASP L 448 -52.83 37.98 -60.12
N SER L 458 -32.76 35.72 -76.98
CA SER L 458 -32.95 37.07 -77.50
C SER L 458 -31.97 38.04 -76.87
N GLY L 459 -30.87 37.50 -76.33
CA GLY L 459 -29.85 38.33 -75.71
C GLY L 459 -28.45 37.95 -76.14
N LEU L 460 -28.33 36.88 -76.94
CA LEU L 460 -27.04 36.44 -77.42
C LEU L 460 -26.41 37.51 -78.31
N SER L 461 -25.12 37.72 -78.14
CA SER L 461 -24.39 38.73 -78.92
C SER L 461 -23.89 38.11 -80.23
N ILE L 462 -23.80 38.96 -81.25
CA ILE L 462 -23.34 38.50 -82.56
C ILE L 462 -21.92 37.95 -82.49
N PRO L 463 -20.94 38.64 -81.89
CA PRO L 463 -19.59 38.06 -81.81
C PRO L 463 -19.57 36.74 -81.04
N LEU L 464 -20.31 36.65 -79.94
CA LEU L 464 -20.36 35.39 -79.19
C LEU L 464 -21.01 34.29 -80.00
N ARG L 465 -22.11 34.60 -80.68
CA ARG L 465 -22.77 33.59 -81.52
C ARG L 465 -21.84 33.10 -82.60
N THR L 466 -21.11 34.01 -83.25
CA THR L 466 -20.16 33.60 -84.27
C THR L 466 -19.06 32.73 -83.68
N ARG L 467 -18.54 33.10 -82.51
CA ARG L 467 -17.45 32.35 -81.91
C ARG L 467 -17.89 30.94 -81.51
N ILE L 468 -19.08 30.80 -80.95
CA ILE L 468 -19.52 29.51 -80.44
C ILE L 468 -19.52 28.46 -81.55
N LYS L 469 -19.95 28.84 -82.74
CA LYS L 469 -19.96 27.93 -83.88
C LYS L 469 -18.58 27.30 -84.09
#